data_7QZU
#
_entry.id   7QZU
#
_cell.length_a   207.629
_cell.length_b   112.593
_cell.length_c   188.797
_cell.angle_alpha   90.000
_cell.angle_beta   91.580
_cell.angle_gamma   90.000
#
_symmetry.space_group_name_H-M   'C 1 2 1'
#
loop_
_entity.id
_entity.type
_entity.pdbx_description
1 polymer PKL
2 non-polymer 1,6-di-O-phosphono-beta-D-fructofuranose
3 non-polymer 'OXALATE ION'
4 non-polymer 'MAGNESIUM ION'
5 non-polymer 'POTASSIUM ION'
6 non-polymer '(2~{S})-2-[2-[4-[3,4-bis(oxidanyl)-9,10-bis(oxidanylidene)anthracen-2-yl]sulfonylpiperazin-1-yl]-2-oxidanylidene-ethyl]-2-oxidanyl-butanedioic acid'
7 water water
#
_entity_poly.entity_id   1
_entity_poly.type   'polypeptide(L)'
_entity_poly.pdbx_seq_one_letter_code
;GSMEGPAGYLRRADVAQLTQELGTAFFQQQQLPAAMADTFLEHLCLLDIDSEPVAARSTSIIATIGPASRSVERLKEMIK
AGMNIARLNFSHGSHEYHAESIANVREAVESFAGSPLSYRPVAIALDTKGPGSGPGLSEQDVRDLRFGVEHGVDIVFASF
VRKASDVAAVRAALGPEGHGIKIISKIENHEGVKRFDEILEVSDGIMVARGDLGIEIPAEKVFLAQKMMIGRCNLAGKPV
VCATQMLESMITKPRPTRAETSDVANAVLDGADCIMLSGETAKGNFPVEAVKMQHAIAREAEAAVYHRQLFEELRRAAPL
SRDPTEVTAIGAVEAAFKCCAAAIIVLTTTGRSAQLLSRYRPRAAVIAVTRSAQAARQVHLCRGVFPLLYREPPEAIWAD
DVDRRVQFGIESGKLRGFLRVGDLVIVVTGWRPGSGYTNIMRVLSIS
;
_entity_poly.pdbx_strand_id   A,B,C,D,E,F,G,H
#
# COMPACT_ATOMS: atom_id res chain seq x y z
N ALA A 25 -6.06 -30.55 -16.25
CA ALA A 25 -7.05 -31.19 -15.38
C ALA A 25 -6.46 -32.41 -14.68
N PHE A 26 -5.61 -33.18 -15.37
CA PHE A 26 -4.95 -34.36 -14.81
C PHE A 26 -4.14 -33.97 -13.57
N PHE A 27 -3.39 -32.86 -13.67
CA PHE A 27 -2.52 -32.41 -12.59
C PHE A 27 -3.23 -31.69 -11.45
N GLN A 28 -4.56 -31.50 -11.52
CA GLN A 28 -5.32 -30.90 -10.42
C GLN A 28 -5.97 -32.00 -9.54
N GLN A 29 -6.22 -33.20 -10.11
CA GLN A 29 -6.81 -34.35 -9.42
C GLN A 29 -5.78 -35.09 -8.57
N GLN A 30 -6.24 -36.05 -7.75
CA GLN A 30 -5.50 -36.96 -6.87
C GLN A 30 -4.37 -36.29 -6.06
N GLN A 31 -4.63 -35.06 -5.59
CA GLN A 31 -3.70 -34.25 -4.80
C GLN A 31 -2.35 -34.07 -5.47
N LEU A 32 -2.32 -34.02 -6.82
CA LEU A 32 -1.05 -33.86 -7.53
C LEU A 32 -0.35 -32.52 -7.22
N PRO A 33 -1.03 -31.37 -7.02
CA PRO A 33 -0.29 -30.16 -6.56
C PRO A 33 0.42 -30.40 -5.22
N ALA A 34 -0.22 -31.08 -4.26
CA ALA A 34 0.41 -31.41 -2.97
C ALA A 34 1.53 -32.45 -3.12
N ALA A 35 1.42 -33.33 -4.13
CA ALA A 35 2.41 -34.36 -4.43
C ALA A 35 3.70 -33.76 -4.97
N MET A 36 3.62 -32.63 -5.68
CA MET A 36 4.82 -31.99 -6.23
C MET A 36 5.55 -31.08 -5.24
N ALA A 37 5.01 -30.89 -4.02
CA ALA A 37 5.63 -30.00 -3.04
C ALA A 37 7.03 -30.41 -2.64
N ASP A 38 7.87 -29.43 -2.32
CA ASP A 38 9.28 -29.65 -1.96
C ASP A 38 9.51 -30.01 -0.49
N THR A 39 8.53 -29.76 0.37
CA THR A 39 8.61 -30.15 1.77
C THR A 39 7.27 -30.78 2.20
N PHE A 40 7.30 -31.55 3.28
CA PHE A 40 6.10 -32.14 3.84
C PHE A 40 5.12 -31.04 4.30
N LEU A 41 5.66 -29.96 4.89
CA LEU A 41 4.84 -28.84 5.33
C LEU A 41 4.11 -28.20 4.16
N GLU A 42 4.80 -27.94 3.04
CA GLU A 42 4.17 -27.37 1.84
C GLU A 42 3.16 -28.34 1.22
N HIS A 43 3.42 -29.65 1.33
CA HIS A 43 2.52 -30.69 0.88
C HIS A 43 1.19 -30.60 1.65
N LEU A 44 1.26 -30.42 2.97
CA LEU A 44 0.04 -30.27 3.79
C LEU A 44 -0.72 -29.02 3.38
N CYS A 45 0.00 -27.90 3.20
CA CYS A 45 -0.58 -26.62 2.79
C CYS A 45 -1.30 -26.70 1.43
N LEU A 46 -0.88 -27.64 0.57
CA LEU A 46 -1.47 -27.79 -0.77
C LEU A 46 -2.59 -28.82 -0.86
N LEU A 47 -2.94 -29.50 0.24
CA LEU A 47 -4.04 -30.48 0.21
C LEU A 47 -5.35 -29.76 -0.09
N ASP A 48 -6.12 -30.30 -1.03
CA ASP A 48 -7.30 -29.63 -1.56
C ASP A 48 -8.50 -30.52 -1.50
N ILE A 49 -9.57 -30.06 -0.79
CA ILE A 49 -10.81 -30.81 -0.69
C ILE A 49 -11.52 -30.96 -2.06
N ASP A 50 -11.20 -30.12 -3.04
CA ASP A 50 -11.77 -30.20 -4.39
C ASP A 50 -10.94 -31.08 -5.35
N SER A 51 -9.78 -31.58 -4.92
CA SER A 51 -8.95 -32.44 -5.76
C SER A 51 -9.49 -33.87 -5.58
N GLU A 52 -10.21 -34.37 -6.59
CA GLU A 52 -10.86 -35.67 -6.48
C GLU A 52 -9.93 -36.86 -6.66
N PRO A 53 -10.13 -37.92 -5.85
CA PRO A 53 -9.30 -39.12 -6.02
C PRO A 53 -9.65 -39.81 -7.34
N VAL A 54 -8.65 -40.29 -8.07
CA VAL A 54 -8.91 -40.96 -9.35
C VAL A 54 -8.47 -42.40 -9.31
N ALA A 55 -7.30 -42.67 -8.73
CA ALA A 55 -6.76 -44.01 -8.59
C ALA A 55 -7.69 -44.90 -7.75
N ALA A 56 -7.64 -46.21 -7.99
CA ALA A 56 -8.47 -47.17 -7.28
C ALA A 56 -8.03 -47.26 -5.82
N ARG A 57 -8.96 -47.55 -4.91
CA ARG A 57 -8.67 -47.65 -3.49
C ARG A 57 -7.70 -48.82 -3.24
N SER A 58 -6.52 -48.50 -2.69
CA SER A 58 -5.39 -49.38 -2.40
C SER A 58 -5.39 -50.09 -1.07
N THR A 59 -5.96 -49.49 0.00
CA THR A 59 -5.93 -50.10 1.33
C THR A 59 -7.08 -51.07 1.43
N SER A 60 -6.82 -52.35 1.73
CA SER A 60 -7.88 -53.34 1.81
C SER A 60 -8.74 -53.18 3.02
N ILE A 61 -10.02 -53.54 2.87
CA ILE A 61 -10.96 -53.48 3.97
C ILE A 61 -11.25 -54.89 4.45
N ILE A 62 -11.05 -55.12 5.74
CA ILE A 62 -11.36 -56.40 6.35
C ILE A 62 -12.69 -56.19 7.11
N ALA A 63 -13.73 -56.97 6.78
CA ALA A 63 -15.01 -56.84 7.46
C ALA A 63 -15.27 -58.10 8.27
N THR A 64 -15.62 -57.95 9.54
CA THR A 64 -15.93 -59.09 10.39
C THR A 64 -17.34 -59.57 10.06
N ILE A 65 -17.47 -60.86 9.71
CA ILE A 65 -18.76 -61.42 9.33
C ILE A 65 -19.47 -62.00 10.56
N GLY A 66 -20.66 -61.50 10.82
CA GLY A 66 -21.49 -61.94 11.95
C GLY A 66 -22.97 -61.85 11.63
N PRO A 67 -23.83 -61.80 12.66
CA PRO A 67 -25.28 -61.76 12.41
C PRO A 67 -25.78 -60.65 11.48
N ALA A 68 -25.18 -59.47 11.53
CA ALA A 68 -25.62 -58.34 10.70
C ALA A 68 -25.16 -58.39 9.23
N SER A 69 -24.20 -59.26 8.93
CA SER A 69 -23.60 -59.30 7.60
C SER A 69 -23.45 -60.72 7.05
N ARG A 70 -24.28 -61.65 7.51
CA ARG A 70 -24.18 -63.06 7.13
C ARG A 70 -24.91 -63.47 5.88
N SER A 71 -26.05 -62.86 5.58
CA SER A 71 -26.85 -63.27 4.45
C SER A 71 -26.13 -63.08 3.13
N VAL A 72 -26.41 -63.95 2.15
CA VAL A 72 -25.81 -63.90 0.83
C VAL A 72 -26.11 -62.56 0.14
N GLU A 73 -27.33 -62.05 0.31
CA GLU A 73 -27.72 -60.78 -0.30
C GLU A 73 -26.97 -59.59 0.32
N ARG A 74 -26.76 -59.63 1.65
CA ARG A 74 -26.04 -58.59 2.38
C ARG A 74 -24.54 -58.65 1.99
N LEU A 75 -23.98 -59.87 1.89
CA LEU A 75 -22.60 -60.08 1.49
C LEU A 75 -22.31 -59.60 0.08
N LYS A 76 -23.28 -59.70 -0.83
CA LYS A 76 -23.10 -59.18 -2.20
C LYS A 76 -22.96 -57.67 -2.16
N GLU A 77 -23.77 -56.99 -1.30
CA GLU A 77 -23.70 -55.55 -1.14
C GLU A 77 -22.37 -55.13 -0.51
N MET A 78 -21.86 -55.93 0.44
CA MET A 78 -20.58 -55.63 1.10
CA MET A 78 -20.58 -55.63 1.10
C MET A 78 -19.40 -55.79 0.15
N ILE A 79 -19.47 -56.76 -0.77
CA ILE A 79 -18.43 -56.97 -1.78
C ILE A 79 -18.43 -55.78 -2.72
N LYS A 80 -19.62 -55.34 -3.16
CA LYS A 80 -19.74 -54.18 -4.05
C LYS A 80 -19.30 -52.88 -3.35
N ALA A 81 -19.53 -52.78 -2.03
CA ALA A 81 -19.14 -51.61 -1.24
C ALA A 81 -17.60 -51.55 -1.04
N GLY A 82 -16.91 -52.69 -1.14
CA GLY A 82 -15.46 -52.70 -1.03
C GLY A 82 -14.80 -53.71 -0.13
N MET A 83 -15.56 -54.63 0.50
CA MET A 83 -14.96 -55.64 1.37
C MET A 83 -14.00 -56.55 0.58
N ASN A 84 -12.76 -56.69 1.05
CA ASN A 84 -11.76 -57.52 0.38
C ASN A 84 -11.45 -58.78 1.15
N ILE A 85 -11.54 -58.72 2.48
CA ILE A 85 -11.25 -59.85 3.35
C ILE A 85 -12.40 -60.02 4.35
N ALA A 86 -12.91 -61.24 4.48
CA ALA A 86 -13.98 -61.55 5.41
C ALA A 86 -13.34 -62.17 6.63
N ARG A 87 -13.53 -61.57 7.80
CA ARG A 87 -12.93 -62.06 9.03
C ARG A 87 -13.96 -62.84 9.84
N LEU A 88 -13.58 -64.03 10.33
CA LEU A 88 -14.46 -64.85 11.15
C LEU A 88 -13.83 -64.87 12.53
N ASN A 89 -14.48 -64.24 13.50
CA ASN A 89 -13.94 -64.15 14.84
C ASN A 89 -14.33 -65.38 15.64
N PHE A 90 -13.37 -66.29 15.83
CA PHE A 90 -13.62 -67.52 16.56
C PHE A 90 -13.71 -67.33 18.09
N SER A 91 -13.73 -66.09 18.57
CA SER A 91 -14.01 -65.82 19.98
C SER A 91 -15.54 -65.98 20.22
N HIS A 92 -16.37 -65.92 19.16
CA HIS A 92 -17.83 -66.03 19.21
C HIS A 92 -18.33 -67.08 18.21
N GLY A 93 -19.60 -67.45 18.31
CA GLY A 93 -20.22 -68.42 17.43
C GLY A 93 -19.71 -69.84 17.66
N SER A 94 -19.91 -70.68 16.66
CA SER A 94 -19.47 -72.07 16.70
C SER A 94 -18.89 -72.46 15.33
N HIS A 95 -18.31 -73.68 15.21
CA HIS A 95 -17.79 -74.14 13.92
C HIS A 95 -18.89 -74.19 12.87
N GLU A 96 -20.09 -74.64 13.27
CA GLU A 96 -21.23 -74.73 12.37
C GLU A 96 -21.65 -73.34 11.88
N TYR A 97 -21.67 -72.38 12.81
CA TYR A 97 -22.03 -71.01 12.48
C TYR A 97 -21.04 -70.39 11.49
N HIS A 98 -19.74 -70.50 11.79
CA HIS A 98 -18.69 -69.96 10.93
C HIS A 98 -18.60 -70.65 9.58
N ALA A 99 -18.90 -71.97 9.52
CA ALA A 99 -18.89 -72.67 8.23
C ALA A 99 -20.02 -72.15 7.35
N GLU A 100 -21.18 -71.82 7.95
CA GLU A 100 -22.30 -71.27 7.21
C GLU A 100 -21.96 -69.87 6.68
N SER A 101 -21.26 -69.06 7.49
CA SER A 101 -20.83 -67.72 7.09
C SER A 101 -19.87 -67.84 5.90
N ILE A 102 -18.88 -68.76 5.98
CA ILE A 102 -17.91 -69.00 4.90
C ILE A 102 -18.62 -69.38 3.61
N ALA A 103 -19.61 -70.31 3.70
CA ALA A 103 -20.38 -70.75 2.54
C ALA A 103 -21.14 -69.60 1.91
N ASN A 104 -21.69 -68.70 2.74
CA ASN A 104 -22.42 -67.53 2.24
C ASN A 104 -21.49 -66.54 1.58
N VAL A 105 -20.28 -66.35 2.15
CA VAL A 105 -19.27 -65.47 1.54
C VAL A 105 -18.91 -66.00 0.17
N ARG A 106 -18.56 -67.30 0.09
CA ARG A 106 -18.22 -67.95 -1.18
C ARG A 106 -19.36 -67.89 -2.20
N GLU A 107 -20.61 -68.05 -1.77
CA GLU A 107 -21.75 -67.97 -2.69
C GLU A 107 -21.90 -66.54 -3.23
N ALA A 108 -21.76 -65.55 -2.35
CA ALA A 108 -21.85 -64.14 -2.76
C ALA A 108 -20.70 -63.76 -3.69
N VAL A 109 -19.48 -64.25 -3.42
CA VAL A 109 -18.30 -63.97 -4.24
C VAL A 109 -18.43 -64.59 -5.62
N GLU A 110 -18.78 -65.89 -5.69
CA GLU A 110 -18.91 -66.59 -6.96
C GLU A 110 -20.11 -66.13 -7.81
N SER A 111 -21.06 -65.39 -7.22
CA SER A 111 -22.18 -64.85 -7.98
C SER A 111 -21.77 -63.77 -9.00
N PHE A 112 -20.51 -63.29 -8.95
CA PHE A 112 -19.99 -62.27 -9.88
C PHE A 112 -19.02 -62.85 -10.94
N ALA A 113 -18.66 -64.15 -10.84
CA ALA A 113 -17.74 -64.84 -11.75
C ALA A 113 -18.18 -64.86 -13.24
N GLY A 114 -19.39 -64.37 -13.53
CA GLY A 114 -19.91 -64.31 -14.89
C GLY A 114 -19.09 -63.44 -15.81
N SER A 115 -18.72 -62.23 -15.36
CA SER A 115 -17.87 -61.33 -16.16
C SER A 115 -16.42 -61.54 -15.71
N PRO A 116 -15.58 -62.13 -16.59
CA PRO A 116 -14.20 -62.43 -16.19
C PRO A 116 -13.30 -61.20 -16.03
N LEU A 117 -13.61 -60.12 -16.76
CA LEU A 117 -12.84 -58.89 -16.67
C LEU A 117 -13.29 -58.01 -15.48
N SER A 118 -14.17 -58.51 -14.58
CA SER A 118 -14.59 -57.70 -13.43
C SER A 118 -14.67 -58.48 -12.09
N TYR A 119 -14.47 -59.80 -12.12
CA TYR A 119 -14.51 -60.62 -10.90
C TYR A 119 -13.59 -60.12 -9.79
N ARG A 120 -14.11 -60.10 -8.55
CA ARG A 120 -13.32 -59.68 -7.40
C ARG A 120 -13.11 -60.77 -6.36
N PRO A 121 -11.87 -61.22 -6.20
CA PRO A 121 -11.59 -62.23 -5.17
C PRO A 121 -11.76 -61.66 -3.76
N VAL A 122 -12.17 -62.48 -2.80
CA VAL A 122 -12.36 -62.05 -1.42
C VAL A 122 -11.70 -63.10 -0.53
N ALA A 123 -10.75 -62.70 0.32
CA ALA A 123 -10.07 -63.63 1.21
C ALA A 123 -10.91 -64.00 2.42
N ILE A 124 -10.62 -65.14 3.05
CA ILE A 124 -11.31 -65.57 4.25
C ILE A 124 -10.25 -65.70 5.32
N ALA A 125 -10.41 -64.93 6.39
CA ALA A 125 -9.45 -64.91 7.47
C ALA A 125 -10.09 -65.45 8.73
N LEU A 126 -9.35 -66.26 9.48
CA LEU A 126 -9.84 -66.81 10.72
C LEU A 126 -9.13 -66.09 11.86
N ASP A 127 -9.87 -65.47 12.78
CA ASP A 127 -9.27 -64.79 13.91
C ASP A 127 -9.45 -65.69 15.13
N THR A 128 -8.35 -66.15 15.73
CA THR A 128 -8.41 -67.09 16.85
C THR A 128 -8.87 -66.47 18.17
N LYS A 129 -9.39 -67.32 19.08
CA LYS A 129 -9.82 -66.89 20.39
C LYS A 129 -8.62 -66.45 21.24
N GLY A 130 -7.53 -67.18 21.15
CA GLY A 130 -6.32 -66.82 21.89
C GLY A 130 -5.96 -67.78 23.00
N PRO A 131 -4.80 -67.56 23.64
CA PRO A 131 -4.36 -68.49 24.68
C PRO A 131 -5.00 -68.32 26.05
N GLY A 132 -5.60 -67.16 26.31
CA GLY A 132 -6.21 -66.89 27.61
C GLY A 132 -5.18 -66.90 28.71
N SER A 133 -5.50 -67.57 29.83
CA SER A 133 -4.62 -67.67 31.00
C SER A 133 -3.34 -68.51 30.74
N GLY A 134 -3.36 -69.33 29.70
CA GLY A 134 -2.22 -70.15 29.33
C GLY A 134 -1.51 -69.58 28.12
N GLY A 136 0.76 -72.05 26.46
CA GLY A 136 0.97 -72.11 25.01
C GLY A 136 -0.30 -71.99 24.19
N LEU A 137 -0.31 -72.65 23.01
CA LEU A 137 -1.47 -72.64 22.12
C LEU A 137 -2.60 -73.41 22.80
N SER A 138 -3.76 -72.77 22.94
CA SER A 138 -4.90 -73.40 23.61
C SER A 138 -5.49 -74.55 22.80
N GLU A 139 -6.22 -75.46 23.47
CA GLU A 139 -6.82 -76.60 22.78
C GLU A 139 -7.91 -76.15 21.83
N GLN A 140 -8.65 -75.07 22.17
CA GLN A 140 -9.68 -74.54 21.29
C GLN A 140 -9.04 -73.97 20.02
N ASP A 141 -7.89 -73.29 20.16
CA ASP A 141 -7.17 -72.74 19.02
C ASP A 141 -6.69 -73.87 18.11
N VAL A 142 -6.22 -75.00 18.66
CA VAL A 142 -5.80 -76.14 17.82
C VAL A 142 -6.97 -76.65 16.97
N ARG A 143 -8.16 -76.74 17.56
CA ARG A 143 -9.36 -77.19 16.85
C ARG A 143 -9.83 -76.18 15.82
N ASP A 144 -9.80 -74.89 16.17
CA ASP A 144 -10.22 -73.82 15.26
C ASP A 144 -9.25 -73.69 14.09
N LEU A 145 -7.95 -73.87 14.33
CA LEU A 145 -6.95 -73.83 13.27
C LEU A 145 -7.13 -75.00 12.32
N ARG A 146 -7.48 -76.19 12.87
CA ARG A 146 -7.78 -77.38 12.06
C ARG A 146 -9.01 -77.11 11.19
N PHE A 147 -10.03 -76.44 11.77
CA PHE A 147 -11.24 -76.05 11.05
C PHE A 147 -10.87 -75.16 9.86
N GLY A 148 -9.99 -74.20 10.10
CA GLY A 148 -9.52 -73.28 9.07
C GLY A 148 -8.89 -73.99 7.90
N VAL A 149 -7.99 -74.94 8.19
CA VAL A 149 -7.33 -75.73 7.15
C VAL A 149 -8.36 -76.52 6.34
N GLU A 150 -9.29 -77.20 7.05
CA GLU A 150 -10.33 -78.01 6.40
C GLU A 150 -11.29 -77.18 5.56
N HIS A 151 -11.52 -75.93 5.97
CA HIS A 151 -12.41 -75.05 5.22
C HIS A 151 -11.70 -74.12 4.22
N GLY A 152 -10.39 -74.31 4.05
CA GLY A 152 -9.60 -73.56 3.08
C GLY A 152 -9.47 -72.06 3.32
N VAL A 153 -9.29 -71.66 4.59
CA VAL A 153 -9.10 -70.24 4.89
C VAL A 153 -7.74 -69.78 4.33
N ASP A 154 -7.67 -68.51 3.96
CA ASP A 154 -6.47 -67.95 3.36
C ASP A 154 -5.51 -67.37 4.39
N ILE A 155 -6.05 -66.83 5.48
CA ILE A 155 -5.27 -66.11 6.49
C ILE A 155 -5.68 -66.49 7.89
N VAL A 156 -4.75 -66.44 8.83
CA VAL A 156 -5.03 -66.63 10.24
C VAL A 156 -4.57 -65.34 10.95
N PHE A 157 -5.46 -64.71 11.72
CA PHE A 157 -5.11 -63.57 12.55
C PHE A 157 -4.91 -64.23 13.91
N ALA A 158 -3.66 -64.46 14.31
CA ALA A 158 -3.36 -65.14 15.56
C ALA A 158 -3.40 -64.20 16.75
N SER A 159 -4.39 -64.39 17.64
CA SER A 159 -4.55 -63.55 18.82
C SER A 159 -3.44 -63.71 19.83
N PHE A 160 -3.15 -62.62 20.54
CA PHE A 160 -2.18 -62.50 21.62
C PHE A 160 -0.82 -63.15 21.34
N VAL A 161 -0.18 -62.79 20.22
CA VAL A 161 1.16 -63.30 19.93
C VAL A 161 2.14 -62.50 20.80
N ARG A 162 2.90 -63.19 21.66
CA ARG A 162 3.84 -62.56 22.60
C ARG A 162 5.32 -62.78 22.25
N LYS A 163 5.62 -63.79 21.42
CA LYS A 163 7.00 -64.17 21.09
C LYS A 163 7.00 -65.04 19.81
N ALA A 164 8.19 -65.25 19.22
CA ALA A 164 8.34 -66.05 18.00
C ALA A 164 7.81 -67.49 18.15
N SER A 165 7.95 -68.09 19.33
CA SER A 165 7.49 -69.47 19.54
C SER A 165 5.96 -69.61 19.48
N ASP A 166 5.21 -68.52 19.74
CA ASP A 166 3.76 -68.53 19.60
C ASP A 166 3.37 -68.69 18.12
N VAL A 167 4.13 -68.04 17.22
CA VAL A 167 3.89 -68.12 15.78
C VAL A 167 4.21 -69.55 15.30
N ALA A 168 5.32 -70.13 15.79
CA ALA A 168 5.71 -71.50 15.41
C ALA A 168 4.64 -72.49 15.81
N ALA A 169 4.03 -72.31 17.00
CA ALA A 169 2.94 -73.18 17.46
C ALA A 169 1.72 -73.10 16.54
N VAL A 170 1.37 -71.89 16.09
CA VAL A 170 0.24 -71.69 15.15
C VAL A 170 0.56 -72.37 13.82
N ARG A 171 1.79 -72.20 13.34
CA ARG A 171 2.26 -72.80 12.09
C ARG A 171 2.19 -74.34 12.17
N ALA A 172 2.59 -74.91 13.30
CA ALA A 172 2.54 -76.35 13.50
C ALA A 172 1.09 -76.86 13.52
N ALA A 173 0.18 -76.15 14.21
CA ALA A 173 -1.24 -76.52 14.28
C ALA A 173 -1.95 -76.45 12.92
N LEU A 174 -1.42 -75.66 11.98
CA LEU A 174 -1.99 -75.61 10.63
C LEU A 174 -1.59 -76.89 9.81
N GLY A 175 -0.55 -77.59 10.25
CA GLY A 175 -0.09 -78.83 9.65
C GLY A 175 0.46 -78.72 8.25
N PRO A 176 0.64 -79.89 7.59
CA PRO A 176 1.19 -79.88 6.22
C PRO A 176 0.21 -79.40 5.16
N GLU A 177 -1.12 -79.51 5.39
CA GLU A 177 -2.10 -79.03 4.41
C GLU A 177 -2.28 -77.49 4.45
N GLY A 178 -1.97 -76.89 5.61
CA GLY A 178 -2.09 -75.44 5.79
C GLY A 178 -0.75 -74.73 5.75
N HIS A 179 0.15 -75.17 4.87
CA HIS A 179 1.47 -74.54 4.72
C HIS A 179 1.37 -73.15 4.05
N GLY A 180 0.42 -73.01 3.14
CA GLY A 180 0.23 -71.79 2.36
C GLY A 180 -0.62 -70.71 3.00
N ILE A 181 -1.16 -70.98 4.20
CA ILE A 181 -1.98 -70.00 4.92
C ILE A 181 -1.10 -68.89 5.51
N LYS A 182 -1.49 -67.62 5.33
CA LYS A 182 -0.70 -66.51 5.88
C LYS A 182 -0.98 -66.34 7.36
N ILE A 183 0.05 -66.19 8.18
CA ILE A 183 -0.12 -65.95 9.59
C ILE A 183 0.16 -64.48 9.89
N ILE A 184 -0.88 -63.75 10.28
CA ILE A 184 -0.78 -62.35 10.67
C ILE A 184 -0.83 -62.34 12.18
N SER A 185 0.28 -62.01 12.83
CA SER A 185 0.33 -61.98 14.30
C SER A 185 -0.34 -60.74 14.86
N LYS A 186 -1.29 -60.93 15.79
CA LYS A 186 -1.93 -59.80 16.46
C LYS A 186 -1.08 -59.38 17.66
N ILE A 187 -0.69 -58.09 17.71
CA ILE A 187 0.10 -57.57 18.84
C ILE A 187 -0.91 -56.90 19.75
N GLU A 188 -1.13 -57.47 20.94
CA GLU A 188 -2.18 -57.02 21.84
C GLU A 188 -1.75 -56.68 23.25
N ASN A 189 -0.45 -56.77 23.56
CA ASN A 189 0.01 -56.48 24.91
C ASN A 189 1.44 -55.95 24.94
N HIS A 190 1.96 -55.61 26.14
CA HIS A 190 3.29 -55.05 26.27
C HIS A 190 4.37 -55.98 25.75
N GLU A 191 4.28 -57.29 26.07
CA GLU A 191 5.29 -58.24 25.63
C GLU A 191 5.38 -58.34 24.11
N GLY A 192 4.23 -58.35 23.45
CA GLY A 192 4.18 -58.39 21.99
C GLY A 192 4.84 -57.19 21.36
N VAL A 193 4.67 -55.99 21.96
CA VAL A 193 5.28 -54.76 21.48
C VAL A 193 6.80 -54.82 21.69
N LYS A 194 7.24 -55.25 22.88
CA LYS A 194 8.66 -55.34 23.19
C LYS A 194 9.40 -56.41 22.38
N ARG A 195 8.74 -57.51 22.09
CA ARG A 195 9.32 -58.57 21.28
C ARG A 195 8.87 -58.51 19.83
N PHE A 196 8.41 -57.33 19.37
CA PHE A 196 7.92 -57.10 18.00
C PHE A 196 8.86 -57.60 16.91
N ASP A 197 10.15 -57.25 16.97
CA ASP A 197 11.10 -57.63 15.94
C ASP A 197 11.20 -59.14 15.72
N GLU A 198 11.24 -59.92 16.81
CA GLU A 198 11.31 -61.38 16.67
C GLU A 198 10.00 -61.97 16.16
N ILE A 199 8.86 -61.33 16.46
CA ILE A 199 7.56 -61.79 16.00
C ILE A 199 7.40 -61.50 14.51
N LEU A 200 7.75 -60.28 14.08
CA LEU A 200 7.64 -59.89 12.68
C LEU A 200 8.52 -60.78 11.80
N GLU A 201 9.72 -61.10 12.28
CA GLU A 201 10.67 -61.95 11.56
C GLU A 201 10.08 -63.30 11.12
N VAL A 202 9.28 -63.93 11.99
CA VAL A 202 8.68 -65.23 11.66
C VAL A 202 7.22 -65.17 11.20
N SER A 203 6.60 -63.98 11.17
CA SER A 203 5.21 -63.85 10.75
C SER A 203 5.14 -63.38 9.31
N ASP A 204 4.00 -63.60 8.67
CA ASP A 204 3.76 -63.06 7.33
C ASP A 204 3.36 -61.56 7.40
N GLY A 205 2.86 -61.12 8.55
CA GLY A 205 2.43 -59.75 8.76
C GLY A 205 1.95 -59.53 10.18
N ILE A 206 1.49 -58.31 10.45
CA ILE A 206 1.08 -57.92 11.80
C ILE A 206 -0.31 -57.26 11.82
N MET A 207 -0.97 -57.34 12.97
CA MET A 207 -2.23 -56.65 13.17
C MET A 207 -2.06 -55.87 14.45
N VAL A 208 -2.27 -54.55 14.39
CA VAL A 208 -2.21 -53.71 15.58
C VAL A 208 -3.62 -53.84 16.18
N ALA A 209 -3.74 -54.71 17.18
CA ALA A 209 -5.02 -55.04 17.81
C ALA A 209 -5.23 -54.07 18.95
N ARG A 210 -5.75 -52.89 18.63
CA ARG A 210 -5.88 -51.77 19.57
C ARG A 210 -6.83 -51.98 20.73
N GLY A 211 -7.83 -52.88 20.59
CA GLY A 211 -8.77 -53.17 21.66
C GLY A 211 -8.06 -53.66 22.91
N ASP A 212 -7.40 -54.82 22.82
CA ASP A 212 -6.65 -55.35 23.95
C ASP A 212 -5.45 -54.50 24.26
N LEU A 213 -4.75 -53.99 23.24
CA LEU A 213 -3.57 -53.14 23.45
C LEU A 213 -3.89 -51.91 24.33
N GLY A 214 -5.05 -51.31 24.11
CA GLY A 214 -5.52 -50.16 24.87
C GLY A 214 -5.90 -50.42 26.32
N ILE A 215 -6.01 -51.71 26.68
CA ILE A 215 -6.28 -52.16 28.05
C ILE A 215 -4.99 -52.69 28.68
N GLU A 216 -4.11 -53.30 27.88
CA GLU A 216 -2.84 -53.87 28.34
C GLU A 216 -1.79 -52.82 28.62
N ILE A 217 -1.78 -51.75 27.82
CA ILE A 217 -0.85 -50.62 28.01
C ILE A 217 -1.70 -49.35 28.19
N PRO A 218 -1.14 -48.23 28.73
CA PRO A 218 -1.94 -47.00 28.86
C PRO A 218 -2.57 -46.59 27.52
N ALA A 219 -3.87 -46.24 27.53
CA ALA A 219 -4.59 -45.89 26.32
C ALA A 219 -3.91 -44.79 25.50
N GLU A 220 -3.30 -43.83 26.19
CA GLU A 220 -2.59 -42.71 25.55
C GLU A 220 -1.28 -43.10 24.88
N LYS A 221 -0.85 -44.37 24.99
CA LYS A 221 0.38 -44.85 24.36
C LYS A 221 0.11 -45.72 23.13
N VAL A 222 -1.15 -46.12 22.87
CA VAL A 222 -1.47 -46.98 21.74
C VAL A 222 -1.03 -46.41 20.41
N PHE A 223 -1.20 -45.09 20.19
CA PHE A 223 -0.79 -44.48 18.92
C PHE A 223 0.72 -44.62 18.66
N LEU A 224 1.55 -44.66 19.70
CA LEU A 224 2.99 -44.85 19.54
C LEU A 224 3.27 -46.26 19.07
N ALA A 225 2.59 -47.26 19.66
CA ALA A 225 2.74 -48.66 19.27
C ALA A 225 2.26 -48.86 17.85
N GLN A 226 1.12 -48.24 17.49
CA GLN A 226 0.58 -48.34 16.13
C GLN A 226 1.54 -47.76 15.11
N LYS A 227 2.03 -46.53 15.32
CA LYS A 227 2.91 -45.88 14.37
C LYS A 227 4.26 -46.58 14.23
N MET A 228 4.81 -47.08 15.34
CA MET A 228 6.07 -47.83 15.35
C MET A 228 5.92 -49.14 14.56
N MET A 229 4.85 -49.92 14.83
CA MET A 229 4.65 -51.20 14.16
C MET A 229 4.37 -51.06 12.70
N ILE A 230 3.62 -50.03 12.32
CA ILE A 230 3.34 -49.77 10.92
C ILE A 230 4.64 -49.39 10.20
N GLY A 231 5.45 -48.52 10.81
CA GLY A 231 6.74 -48.12 10.24
C GLY A 231 7.67 -49.30 10.07
N ARG A 232 7.77 -50.18 11.08
CA ARG A 232 8.63 -51.36 11.01
C ARG A 232 8.14 -52.39 9.99
N CYS A 233 6.82 -52.53 9.82
CA CYS A 233 6.28 -53.44 8.81
C CYS A 233 6.53 -52.88 7.43
N ASN A 234 6.39 -51.55 7.25
CA ASN A 234 6.65 -50.90 5.96
C ASN A 234 8.14 -51.10 5.59
N LEU A 235 9.02 -50.99 6.58
CA LEU A 235 10.46 -51.18 6.39
CA LEU A 235 10.46 -51.19 6.41
C LEU A 235 10.76 -52.63 5.99
N ALA A 236 10.09 -53.60 6.63
CA ALA A 236 10.27 -55.02 6.35
C ALA A 236 9.58 -55.48 5.07
N GLY A 237 8.67 -54.67 4.51
CA GLY A 237 7.92 -55.06 3.33
C GLY A 237 6.86 -56.11 3.66
N LYS A 238 6.32 -56.10 4.90
CA LYS A 238 5.31 -57.06 5.32
C LYS A 238 3.97 -56.39 5.65
N PRO A 239 2.83 -57.04 5.33
CA PRO A 239 1.53 -56.40 5.62
C PRO A 239 1.27 -56.04 7.07
N VAL A 240 0.63 -54.89 7.28
CA VAL A 240 0.23 -54.46 8.63
C VAL A 240 -1.24 -54.03 8.58
N VAL A 241 -2.02 -54.50 9.53
CA VAL A 241 -3.46 -54.20 9.61
C VAL A 241 -3.70 -53.27 10.78
N CYS A 242 -4.50 -52.21 10.58
CA CYS A 242 -4.90 -51.38 11.72
C CYS A 242 -6.30 -51.84 12.09
N ALA A 243 -6.52 -52.16 13.37
CA ALA A 243 -7.81 -52.72 13.77
C ALA A 243 -8.40 -52.10 15.03
N THR A 244 -9.75 -52.23 15.17
CA THR A 244 -10.59 -51.99 16.34
C THR A 244 -11.00 -50.54 16.61
N GLN A 245 -12.32 -50.33 16.66
CA GLN A 245 -13.02 -49.09 16.97
C GLN A 245 -12.75 -47.98 15.98
N MET A 246 -12.42 -48.32 14.73
CA MET A 246 -12.14 -47.32 13.70
C MET A 246 -13.38 -46.49 13.39
N LEU A 247 -14.56 -47.14 13.31
CA LEU A 247 -15.83 -46.46 13.05
C LEU A 247 -16.88 -46.94 14.09
N GLU A 248 -16.47 -47.13 15.33
CA GLU A 248 -17.26 -47.67 16.42
C GLU A 248 -18.70 -47.12 16.54
N SER A 249 -18.88 -45.81 16.47
CA SER A 249 -20.21 -45.20 16.58
C SER A 249 -21.18 -45.68 15.46
N MET A 250 -20.63 -46.15 14.31
CA MET A 250 -21.48 -46.65 13.23
C MET A 250 -22.14 -48.00 13.54
N ILE A 251 -21.90 -48.58 14.72
CA ILE A 251 -22.62 -49.76 15.16
C ILE A 251 -24.12 -49.37 15.34
N THR A 252 -24.39 -48.15 15.89
CA THR A 252 -25.75 -47.69 16.09
C THR A 252 -26.13 -46.46 15.26
N LYS A 253 -25.14 -45.70 14.74
CA LYS A 253 -25.45 -44.47 13.99
C LYS A 253 -25.09 -44.55 12.52
N PRO A 254 -25.86 -43.90 11.63
CA PRO A 254 -25.56 -44.00 10.18
C PRO A 254 -24.32 -43.26 9.69
N ARG A 255 -23.80 -42.31 10.51
CA ARG A 255 -22.63 -41.52 10.17
C ARG A 255 -21.62 -41.61 11.31
N PRO A 256 -20.31 -41.64 10.99
CA PRO A 256 -19.31 -41.72 12.05
C PRO A 256 -19.00 -40.36 12.70
N THR A 257 -18.24 -40.38 13.81
CA THR A 257 -17.80 -39.15 14.43
C THR A 257 -16.58 -38.58 13.65
N ARG A 258 -16.20 -37.33 13.96
CA ARG A 258 -15.06 -36.67 13.34
C ARG A 258 -13.75 -37.38 13.73
N ALA A 259 -13.66 -37.93 14.93
CA ALA A 259 -12.48 -38.66 15.37
C ALA A 259 -12.32 -39.96 14.59
N GLU A 260 -13.44 -40.62 14.26
CA GLU A 260 -13.44 -41.88 13.53
C GLU A 260 -12.97 -41.73 12.10
N THR A 261 -13.45 -40.72 11.37
CA THR A 261 -12.98 -40.52 9.99
C THR A 261 -11.49 -40.16 9.98
N SER A 262 -11.05 -39.37 10.97
CA SER A 262 -9.68 -38.97 11.14
C SER A 262 -8.81 -40.21 11.43
N ASP A 263 -9.29 -41.12 12.28
CA ASP A 263 -8.57 -42.34 12.62
C ASP A 263 -8.35 -43.23 11.40
N VAL A 264 -9.37 -43.38 10.57
CA VAL A 264 -9.24 -44.19 9.35
C VAL A 264 -8.22 -43.54 8.41
N ALA A 265 -8.36 -42.23 8.19
CA ALA A 265 -7.45 -41.51 7.30
C ALA A 265 -6.00 -41.59 7.80
N ASN A 266 -5.80 -41.42 9.12
CA ASN A 266 -4.47 -41.45 9.72
C ASN A 266 -3.87 -42.84 9.71
N ALA A 267 -4.67 -43.92 9.81
CA ALA A 267 -4.12 -45.28 9.68
C ALA A 267 -3.54 -45.46 8.28
N VAL A 268 -4.25 -44.98 7.26
CA VAL A 268 -3.79 -45.05 5.88
C VAL A 268 -2.52 -44.19 5.69
N LEU A 269 -2.51 -42.94 6.22
CA LEU A 269 -1.34 -42.06 6.13
C LEU A 269 -0.14 -42.61 6.91
N ASP A 270 -0.37 -43.35 7.99
CA ASP A 270 0.68 -43.99 8.78
C ASP A 270 1.40 -45.07 7.94
N GLY A 271 0.69 -45.70 7.00
CA GLY A 271 1.23 -46.74 6.15
C GLY A 271 0.57 -48.11 6.28
N ALA A 272 -0.65 -48.19 6.87
CA ALA A 272 -1.32 -49.48 7.04
C ALA A 272 -1.69 -50.08 5.69
N ASP A 273 -1.46 -51.39 5.53
CA ASP A 273 -1.85 -52.07 4.29
C ASP A 273 -3.35 -52.35 4.29
N CYS A 274 -3.93 -52.67 5.48
CA CYS A 274 -5.34 -52.99 5.65
C CYS A 274 -5.94 -52.22 6.80
N ILE A 275 -7.25 -51.96 6.71
CA ILE A 275 -8.03 -51.36 7.79
C ILE A 275 -9.18 -52.33 8.08
N MET A 276 -9.59 -52.40 9.35
CA MET A 276 -10.58 -53.38 9.76
C MET A 276 -11.86 -52.81 10.38
N LEU A 277 -12.95 -53.57 10.24
CA LEU A 277 -14.24 -53.30 10.86
C LEU A 277 -14.59 -54.54 11.69
N SER A 278 -14.98 -54.33 12.95
CA SER A 278 -15.32 -55.43 13.85
C SER A 278 -16.84 -55.43 14.10
N GLY A 279 -17.31 -54.88 15.24
CA GLY A 279 -18.72 -54.78 15.56
C GLY A 279 -19.50 -53.99 14.53
N GLU A 280 -18.83 -53.07 13.81
CA GLU A 280 -19.44 -52.25 12.77
C GLU A 280 -20.06 -53.10 11.69
N THR A 281 -19.47 -54.25 11.37
CA THR A 281 -20.04 -55.13 10.35
C THR A 281 -20.58 -56.45 10.95
N ALA A 282 -20.04 -56.89 12.08
CA ALA A 282 -20.47 -58.13 12.69
C ALA A 282 -21.87 -58.04 13.30
N LYS A 283 -22.17 -56.96 14.05
CA LYS A 283 -23.45 -56.86 14.73
C LYS A 283 -24.18 -55.53 14.57
N GLY A 284 -23.55 -54.54 13.96
CA GLY A 284 -24.13 -53.21 13.84
C GLY A 284 -25.28 -53.07 12.89
N ASN A 285 -25.95 -51.92 12.95
CA ASN A 285 -27.08 -51.62 12.09
C ASN A 285 -26.70 -51.09 10.72
N PHE A 286 -25.43 -50.71 10.51
CA PHE A 286 -25.01 -50.16 9.22
C PHE A 286 -23.76 -50.85 8.65
N PRO A 287 -23.76 -52.20 8.48
CA PRO A 287 -22.54 -52.87 7.97
C PRO A 287 -22.08 -52.40 6.60
N VAL A 288 -23.01 -52.24 5.64
CA VAL A 288 -22.65 -51.83 4.28
C VAL A 288 -22.16 -50.39 4.29
N GLU A 289 -22.82 -49.51 5.06
CA GLU A 289 -22.45 -48.11 5.18
C GLU A 289 -21.06 -47.95 5.81
N ALA A 290 -20.70 -48.82 6.77
CA ALA A 290 -19.39 -48.77 7.41
C ALA A 290 -18.29 -49.14 6.41
N VAL A 291 -18.55 -50.12 5.51
CA VAL A 291 -17.59 -50.50 4.48
C VAL A 291 -17.44 -49.35 3.49
N LYS A 292 -18.56 -48.73 3.08
CA LYS A 292 -18.54 -47.61 2.14
C LYS A 292 -17.79 -46.42 2.70
N MET A 293 -17.93 -46.17 4.01
CA MET A 293 -17.24 -45.06 4.67
C MET A 293 -15.74 -45.32 4.69
N GLN A 294 -15.29 -46.56 5.05
CA GLN A 294 -13.87 -46.87 5.02
C GLN A 294 -13.31 -46.75 3.61
N HIS A 295 -14.09 -47.15 2.59
CA HIS A 295 -13.65 -47.06 1.20
C HIS A 295 -13.44 -45.59 0.81
N ALA A 296 -14.44 -44.74 1.09
CA ALA A 296 -14.40 -43.32 0.75
C ALA A 296 -13.22 -42.62 1.45
N ILE A 297 -13.00 -42.88 2.74
CA ILE A 297 -11.90 -42.26 3.48
C ILE A 297 -10.54 -42.73 2.94
N ALA A 298 -10.36 -44.05 2.80
CA ALA A 298 -9.09 -44.60 2.30
C ALA A 298 -8.69 -44.04 0.95
N ARG A 299 -9.64 -43.85 0.01
CA ARG A 299 -9.36 -43.29 -1.30
C ARG A 299 -8.79 -41.88 -1.16
N GLU A 300 -9.43 -41.07 -0.31
CA GLU A 300 -8.99 -39.69 -0.09
C GLU A 300 -7.62 -39.67 0.57
N ALA A 301 -7.38 -40.54 1.57
CA ALA A 301 -6.12 -40.58 2.30
C ALA A 301 -4.97 -41.10 1.49
N GLU A 302 -5.21 -42.04 0.57
CA GLU A 302 -4.15 -42.56 -0.29
C GLU A 302 -3.63 -41.51 -1.26
N ALA A 303 -4.51 -40.66 -1.78
CA ALA A 303 -4.08 -39.58 -2.66
C ALA A 303 -3.29 -38.51 -1.88
N ALA A 304 -3.56 -38.36 -0.57
CA ALA A 304 -2.87 -37.39 0.30
C ALA A 304 -1.52 -37.89 0.83
N VAL A 305 -1.09 -39.11 0.46
CA VAL A 305 0.21 -39.62 0.88
C VAL A 305 1.30 -38.80 0.16
N TYR A 306 2.34 -38.37 0.89
CA TYR A 306 3.41 -37.58 0.30
C TYR A 306 4.42 -38.55 -0.30
N HIS A 307 4.15 -39.09 -1.50
CA HIS A 307 5.00 -40.08 -2.17
C HIS A 307 6.42 -39.66 -2.38
N ARG A 308 6.67 -38.36 -2.60
CA ARG A 308 8.04 -37.89 -2.83
C ARG A 308 8.98 -38.23 -1.67
N GLN A 309 8.52 -38.02 -0.43
CA GLN A 309 9.32 -38.37 0.73
C GLN A 309 9.23 -39.87 1.02
N LEU A 310 8.02 -40.42 0.95
CA LEU A 310 7.80 -41.84 1.25
C LEU A 310 8.66 -42.77 0.36
N PHE A 311 8.64 -42.56 -0.96
CA PHE A 311 9.42 -43.37 -1.88
C PHE A 311 10.90 -43.22 -1.62
N GLU A 312 11.38 -41.98 -1.42
CA GLU A 312 12.79 -41.80 -1.14
C GLU A 312 13.25 -42.49 0.11
N GLU A 313 12.44 -42.42 1.17
CA GLU A 313 12.78 -43.06 2.43
C GLU A 313 12.71 -44.57 2.32
N LEU A 314 11.70 -45.11 1.64
CA LEU A 314 11.58 -46.57 1.47
C LEU A 314 12.71 -47.09 0.62
N ARG A 315 13.06 -46.36 -0.44
CA ARG A 315 14.15 -46.68 -1.35
C ARG A 315 15.47 -46.71 -0.57
N ARG A 316 15.83 -45.64 0.17
CA ARG A 316 17.07 -45.53 0.93
C ARG A 316 17.20 -46.62 1.97
N ALA A 317 16.09 -46.94 2.67
CA ALA A 317 16.09 -47.92 3.75
C ALA A 317 16.05 -49.36 3.30
N ALA A 318 15.52 -49.63 2.09
CA ALA A 318 15.46 -51.01 1.58
C ALA A 318 16.88 -51.46 1.28
N PRO A 319 17.29 -52.63 1.79
CA PRO A 319 18.69 -53.02 1.63
C PRO A 319 19.08 -53.34 0.22
N LEU A 320 20.40 -53.28 -0.07
CA LEU A 320 20.92 -53.68 -1.38
C LEU A 320 20.65 -55.17 -1.55
N SER A 321 20.34 -55.61 -2.77
CA SER A 321 19.94 -56.99 -2.97
C SER A 321 20.42 -57.53 -4.24
N ARG A 322 20.72 -58.81 -4.25
CA ARG A 322 21.08 -59.50 -5.48
CA ARG A 322 21.10 -59.51 -5.47
C ARG A 322 19.96 -60.46 -5.96
N ASP A 323 18.75 -60.34 -5.38
CA ASP A 323 17.58 -61.12 -5.76
C ASP A 323 16.94 -60.39 -6.94
N PRO A 324 16.87 -61.04 -8.11
CA PRO A 324 16.32 -60.37 -9.29
C PRO A 324 14.89 -59.87 -9.16
N THR A 325 14.04 -60.52 -8.34
CA THR A 325 12.68 -60.03 -8.16
C THR A 325 12.71 -58.68 -7.44
N GLU A 326 13.52 -58.57 -6.37
CA GLU A 326 13.68 -57.35 -5.58
C GLU A 326 14.27 -56.21 -6.47
N VAL A 327 15.30 -56.53 -7.28
CA VAL A 327 15.94 -55.58 -8.18
C VAL A 327 14.96 -55.09 -9.25
N THR A 328 14.18 -56.02 -9.83
CA THR A 328 13.20 -55.66 -10.85
C THR A 328 12.09 -54.81 -10.25
N ALA A 329 11.65 -55.12 -9.03
CA ALA A 329 10.58 -54.39 -8.35
C ALA A 329 10.90 -52.90 -8.17
N ILE A 330 12.12 -52.57 -7.70
CA ILE A 330 12.49 -51.17 -7.51
C ILE A 330 12.66 -50.45 -8.85
N GLY A 331 13.17 -51.14 -9.85
CA GLY A 331 13.29 -50.58 -11.19
C GLY A 331 11.92 -50.28 -11.78
N ALA A 332 10.95 -51.18 -11.57
CA ALA A 332 9.59 -51.02 -12.07
C ALA A 332 8.86 -49.88 -11.38
N VAL A 333 9.04 -49.73 -10.06
CA VAL A 333 8.39 -48.64 -9.32
C VAL A 333 9.00 -47.28 -9.69
N GLU A 334 10.33 -47.24 -9.89
CA GLU A 334 11.00 -46.03 -10.34
C GLU A 334 10.50 -45.64 -11.72
N ALA A 335 10.39 -46.63 -12.65
CA ALA A 335 9.90 -46.41 -14.01
C ALA A 335 8.45 -45.92 -13.98
N ALA A 336 7.60 -46.50 -13.12
CA ALA A 336 6.18 -46.09 -13.01
C ALA A 336 6.04 -44.62 -12.59
N PHE A 337 6.85 -44.17 -11.60
CA PHE A 337 6.79 -42.78 -11.17
C PHE A 337 7.29 -41.83 -12.26
N LYS A 338 8.31 -42.23 -13.02
CA LYS A 338 8.88 -41.42 -14.11
C LYS A 338 7.87 -41.04 -15.18
N CYS A 339 6.97 -41.97 -15.52
CA CYS A 339 6.00 -41.73 -16.59
C CYS A 339 4.57 -41.57 -16.10
N CYS A 340 4.32 -41.52 -14.78
CA CYS A 340 2.95 -41.44 -14.26
C CYS A 340 2.13 -42.64 -14.75
N ALA A 341 2.75 -43.84 -14.72
CA ALA A 341 2.12 -45.05 -15.22
C ALA A 341 0.81 -45.31 -14.54
N ALA A 342 -0.21 -45.68 -15.31
CA ALA A 342 -1.53 -45.95 -14.76
C ALA A 342 -1.51 -47.22 -13.91
N ALA A 343 -0.68 -48.20 -14.30
CA ALA A 343 -0.58 -49.46 -13.57
C ALA A 343 0.78 -50.16 -13.79
N ILE A 344 1.10 -51.09 -12.90
CA ILE A 344 2.20 -52.01 -13.01
C ILE A 344 1.49 -53.37 -13.08
N ILE A 345 1.54 -54.05 -14.23
CA ILE A 345 0.91 -55.36 -14.39
C ILE A 345 1.97 -56.39 -14.09
N VAL A 346 1.75 -57.26 -13.11
CA VAL A 346 2.74 -58.25 -12.72
C VAL A 346 2.14 -59.63 -12.77
N LEU A 347 2.90 -60.60 -13.29
CA LEU A 347 2.46 -62.00 -13.32
C LEU A 347 3.06 -62.59 -12.05
N THR A 348 2.23 -63.26 -11.25
CA THR A 348 2.72 -63.85 -10.01
C THR A 348 2.03 -65.17 -9.70
N THR A 349 2.77 -66.11 -9.12
CA THR A 349 2.24 -67.40 -8.78
C THR A 349 1.81 -67.40 -7.31
N THR A 350 2.71 -66.96 -6.43
CA THR A 350 2.49 -66.92 -4.98
C THR A 350 2.05 -65.54 -4.45
N GLY A 351 2.17 -64.51 -5.27
CA GLY A 351 1.92 -63.15 -4.84
C GLY A 351 3.20 -62.38 -4.50
N ARG A 352 4.34 -63.08 -4.35
CA ARG A 352 5.61 -62.46 -3.94
C ARG A 352 6.10 -61.30 -4.83
N SER A 353 6.04 -61.43 -6.16
CA SER A 353 6.48 -60.35 -7.04
C SER A 353 5.59 -59.11 -6.86
N ALA A 354 4.29 -59.30 -6.57
CA ALA A 354 3.37 -58.17 -6.34
C ALA A 354 3.68 -57.52 -4.98
N GLN A 355 4.02 -58.32 -3.98
CA GLN A 355 4.36 -57.85 -2.66
C GLN A 355 5.63 -56.99 -2.71
N LEU A 356 6.64 -57.42 -3.49
CA LEU A 356 7.87 -56.66 -3.60
C LEU A 356 7.68 -55.32 -4.32
N LEU A 357 6.67 -55.21 -5.19
CA LEU A 357 6.34 -53.95 -5.84
C LEU A 357 5.60 -53.05 -4.81
N SER A 358 4.65 -53.63 -4.06
CA SER A 358 3.84 -52.96 -3.04
C SER A 358 4.66 -52.32 -1.92
N ARG A 359 5.77 -52.94 -1.55
CA ARG A 359 6.63 -52.41 -0.49
C ARG A 359 7.22 -51.02 -0.83
N TYR A 360 7.32 -50.67 -2.12
CA TYR A 360 7.83 -49.35 -2.53
C TYR A 360 6.73 -48.30 -2.66
N ARG A 361 5.49 -48.64 -2.29
CA ARG A 361 4.31 -47.79 -2.32
C ARG A 361 4.16 -46.99 -3.61
N PRO A 362 4.09 -47.67 -4.77
CA PRO A 362 3.88 -46.93 -6.02
C PRO A 362 2.50 -46.26 -6.01
N ARG A 363 2.37 -45.13 -6.70
CA ARG A 363 1.07 -44.50 -6.88
C ARG A 363 0.29 -45.36 -7.94
N ALA A 364 1.01 -45.96 -8.93
CA ALA A 364 0.45 -46.85 -9.94
C ALA A 364 -0.14 -48.08 -9.28
N ALA A 365 -1.34 -48.50 -9.69
CA ALA A 365 -1.97 -49.71 -9.18
C ALA A 365 -1.14 -50.92 -9.58
N VAL A 366 -0.98 -51.90 -8.70
CA VAL A 366 -0.24 -53.11 -9.04
C VAL A 366 -1.29 -54.16 -9.38
N ILE A 367 -1.50 -54.41 -10.68
CA ILE A 367 -2.49 -55.38 -11.14
C ILE A 367 -1.80 -56.74 -11.19
N ALA A 368 -2.13 -57.64 -10.26
CA ALA A 368 -1.45 -58.93 -10.19
C ALA A 368 -2.29 -60.00 -10.91
N VAL A 369 -1.84 -60.47 -12.11
CA VAL A 369 -2.49 -61.51 -12.91
C VAL A 369 -1.96 -62.88 -12.44
N THR A 370 -2.79 -63.69 -11.76
CA THR A 370 -2.39 -65.00 -11.22
C THR A 370 -3.42 -66.08 -11.56
N ARG A 371 -2.94 -67.32 -11.67
CA ARG A 371 -3.81 -68.48 -11.86
C ARG A 371 -4.23 -69.06 -10.50
N SER A 372 -3.45 -68.78 -9.42
CA SER A 372 -3.75 -69.27 -8.09
C SER A 372 -4.90 -68.49 -7.45
N ALA A 373 -6.05 -69.15 -7.22
CA ALA A 373 -7.18 -68.52 -6.57
C ALA A 373 -6.81 -68.11 -5.13
N GLN A 374 -6.00 -68.92 -4.44
CA GLN A 374 -5.56 -68.58 -3.09
C GLN A 374 -4.64 -67.36 -3.08
N ALA A 375 -3.67 -67.29 -4.01
CA ALA A 375 -2.77 -66.13 -4.06
C ALA A 375 -3.56 -64.88 -4.39
N ALA A 376 -4.56 -64.97 -5.27
CA ALA A 376 -5.41 -63.83 -5.62
C ALA A 376 -6.12 -63.29 -4.37
N ARG A 377 -6.56 -64.17 -3.47
CA ARG A 377 -7.23 -63.74 -2.25
C ARG A 377 -6.25 -63.16 -1.26
N GLN A 378 -5.11 -63.80 -1.06
CA GLN A 378 -4.15 -63.36 -0.07
C GLN A 378 -3.42 -62.05 -0.40
N VAL A 379 -3.21 -61.70 -1.69
CA VAL A 379 -2.53 -60.44 -2.02
C VAL A 379 -3.34 -59.19 -1.65
N HIS A 380 -4.59 -59.36 -1.16
CA HIS A 380 -5.35 -58.25 -0.62
C HIS A 380 -4.64 -57.72 0.65
N LEU A 381 -3.77 -58.52 1.30
CA LEU A 381 -3.02 -58.07 2.45
C LEU A 381 -1.99 -56.95 2.10
N CYS A 382 -1.58 -56.85 0.82
CA CYS A 382 -0.57 -55.88 0.38
C CYS A 382 -1.20 -54.69 -0.24
N ARG A 383 -0.92 -53.48 0.29
CA ARG A 383 -1.51 -52.27 -0.24
C ARG A 383 -1.23 -52.07 -1.72
N GLY A 384 -2.26 -51.69 -2.46
CA GLY A 384 -2.16 -51.36 -3.86
C GLY A 384 -2.05 -52.53 -4.80
N VAL A 385 -2.30 -53.76 -4.31
CA VAL A 385 -2.29 -54.94 -5.18
C VAL A 385 -3.73 -55.32 -5.50
N PHE A 386 -4.08 -55.29 -6.79
CA PHE A 386 -5.39 -55.61 -7.34
C PHE A 386 -5.30 -56.96 -8.05
N PRO A 387 -5.77 -58.02 -7.37
CA PRO A 387 -5.66 -59.37 -7.97
C PRO A 387 -6.67 -59.66 -9.08
N LEU A 388 -6.18 -60.31 -10.14
CA LEU A 388 -7.00 -60.73 -11.26
C LEU A 388 -6.79 -62.21 -11.39
N LEU A 389 -7.86 -62.99 -11.27
CA LEU A 389 -7.74 -64.44 -11.40
C LEU A 389 -7.87 -64.83 -12.89
N TYR A 390 -6.80 -65.40 -13.47
CA TYR A 390 -6.74 -65.77 -14.89
C TYR A 390 -7.54 -67.02 -15.26
N ARG A 391 -8.61 -66.87 -16.07
CA ARG A 391 -9.46 -68.00 -16.47
C ARG A 391 -9.70 -68.13 -17.99
N GLU A 392 -8.64 -67.91 -18.77
CA GLU A 392 -8.72 -68.03 -20.22
CA GLU A 392 -8.71 -68.02 -20.22
C GLU A 392 -7.91 -69.26 -20.65
N PRO A 393 -8.17 -69.85 -21.85
CA PRO A 393 -7.41 -71.06 -22.27
C PRO A 393 -5.89 -70.89 -22.37
N PRO A 394 -5.08 -71.87 -21.87
CA PRO A 394 -3.61 -71.69 -21.92
C PRO A 394 -3.03 -71.81 -23.32
N GLU A 395 -2.15 -70.90 -23.70
CA GLU A 395 -1.52 -70.94 -25.03
C GLU A 395 -0.46 -72.06 -25.06
N ALA A 396 -0.22 -72.61 -26.26
CA ALA A 396 0.73 -73.69 -26.48
C ALA A 396 2.17 -73.18 -26.25
N ILE A 397 2.45 -71.97 -26.76
CA ILE A 397 3.76 -71.34 -26.60
C ILE A 397 3.77 -70.56 -25.28
N TRP A 398 4.68 -70.88 -24.35
CA TRP A 398 4.76 -70.16 -23.07
C TRP A 398 4.93 -68.63 -23.25
N ALA A 399 5.72 -68.22 -24.24
CA ALA A 399 5.89 -66.80 -24.52
C ALA A 399 4.53 -66.15 -24.94
N ASP A 400 3.68 -66.91 -25.64
CA ASP A 400 2.35 -66.44 -26.06
C ASP A 400 1.34 -66.50 -24.90
N ASP A 401 1.54 -67.40 -23.93
CA ASP A 401 0.70 -67.56 -22.75
C ASP A 401 0.86 -66.30 -21.89
N VAL A 402 2.12 -65.89 -21.64
CA VAL A 402 2.53 -64.71 -20.89
C VAL A 402 1.89 -63.49 -21.52
N ASP A 403 1.94 -63.36 -22.86
CA ASP A 403 1.34 -62.22 -23.55
CA ASP A 403 1.34 -62.22 -23.58
C ASP A 403 -0.17 -62.17 -23.39
N ARG A 404 -0.84 -63.35 -23.36
CA ARG A 404 -2.29 -63.41 -23.15
C ARG A 404 -2.63 -62.94 -21.73
N ARG A 405 -1.82 -63.36 -20.74
CA ARG A 405 -2.02 -62.95 -19.35
C ARG A 405 -1.82 -61.43 -19.17
N VAL A 406 -0.86 -60.84 -19.88
CA VAL A 406 -0.63 -59.40 -19.83
C VAL A 406 -1.79 -58.65 -20.48
N GLN A 407 -2.28 -59.15 -21.64
CA GLN A 407 -3.45 -58.58 -22.34
C GLN A 407 -4.72 -58.74 -21.52
N PHE A 408 -4.82 -59.80 -20.70
CA PHE A 408 -5.95 -59.98 -19.80
C PHE A 408 -5.94 -58.84 -18.76
N GLY A 409 -4.76 -58.56 -18.18
CA GLY A 409 -4.55 -57.50 -17.22
C GLY A 409 -4.95 -56.15 -17.78
N ILE A 410 -4.60 -55.92 -19.05
CA ILE A 410 -4.94 -54.69 -19.75
C ILE A 410 -6.45 -54.59 -19.99
N GLU A 411 -7.09 -55.67 -20.49
CA GLU A 411 -8.53 -55.67 -20.73
C GLU A 411 -9.35 -55.52 -19.44
N SER A 412 -8.92 -56.19 -18.35
CA SER A 412 -9.61 -56.03 -17.06
C SER A 412 -9.42 -54.60 -16.54
N GLY A 413 -8.22 -54.06 -16.70
CA GLY A 413 -7.91 -52.70 -16.28
C GLY A 413 -8.74 -51.68 -17.01
N LYS A 414 -8.95 -51.88 -18.31
CA LYS A 414 -9.77 -50.96 -19.12
C LYS A 414 -11.22 -51.02 -18.66
N LEU A 415 -11.75 -52.23 -18.46
CA LEU A 415 -13.12 -52.42 -18.02
C LEU A 415 -13.37 -51.81 -16.65
N ARG A 416 -12.40 -51.96 -15.72
CA ARG A 416 -12.57 -51.45 -14.36
C ARG A 416 -12.22 -49.98 -14.17
N GLY A 417 -11.69 -49.32 -15.20
CA GLY A 417 -11.36 -47.90 -15.11
C GLY A 417 -9.93 -47.57 -14.74
N PHE A 418 -9.08 -48.59 -14.52
CA PHE A 418 -7.66 -48.38 -14.19
C PHE A 418 -6.90 -47.82 -15.39
N LEU A 419 -7.24 -48.30 -16.61
CA LEU A 419 -6.50 -47.96 -17.81
C LEU A 419 -7.36 -47.41 -18.92
N ARG A 420 -6.74 -46.60 -19.77
CA ARG A 420 -7.33 -46.02 -20.96
C ARG A 420 -6.31 -46.07 -22.10
N VAL A 421 -6.77 -45.99 -23.35
CA VAL A 421 -5.88 -45.99 -24.52
C VAL A 421 -4.95 -44.77 -24.43
N GLY A 422 -3.66 -44.98 -24.66
CA GLY A 422 -2.69 -43.91 -24.55
C GLY A 422 -1.94 -43.92 -23.22
N ASP A 423 -2.44 -44.65 -22.23
CA ASP A 423 -1.74 -44.75 -20.94
C ASP A 423 -0.45 -45.57 -21.09
N LEU A 424 0.51 -45.35 -20.19
CA LEU A 424 1.71 -46.16 -20.14
C LEU A 424 1.56 -47.10 -18.95
N VAL A 425 1.94 -48.35 -19.13
CA VAL A 425 1.95 -49.33 -18.06
C VAL A 425 3.34 -49.95 -17.98
N ILE A 426 3.69 -50.43 -16.80
CA ILE A 426 4.93 -51.15 -16.58
C ILE A 426 4.51 -52.59 -16.43
N VAL A 427 5.15 -53.52 -17.16
CA VAL A 427 4.79 -54.93 -17.10
C VAL A 427 5.96 -55.72 -16.51
N VAL A 428 5.70 -56.47 -15.46
CA VAL A 428 6.72 -57.23 -14.76
C VAL A 428 6.50 -58.73 -14.94
N THR A 429 7.46 -59.41 -15.58
CA THR A 429 7.40 -60.84 -15.86
C THR A 429 8.76 -61.54 -15.53
N GLY A 430 8.79 -62.87 -15.64
CA GLY A 430 9.99 -63.67 -15.41
C GLY A 430 10.55 -64.27 -16.70
N TRP A 431 11.71 -64.93 -16.59
CA TRP A 431 12.39 -65.51 -17.76
C TRP A 431 12.05 -67.00 -18.01
N ARG A 432 11.50 -67.69 -17.00
CA ARG A 432 11.10 -69.07 -17.10
C ARG A 432 9.87 -69.34 -16.20
N PRO A 433 9.01 -70.33 -16.52
CA PRO A 433 7.83 -70.58 -15.68
C PRO A 433 8.17 -71.03 -14.26
N GLY A 434 7.21 -70.92 -13.37
CA GLY A 434 7.42 -71.24 -11.97
C GLY A 434 7.76 -70.00 -11.16
N SER A 435 7.51 -70.08 -9.86
CA SER A 435 7.75 -69.01 -8.91
C SER A 435 9.24 -68.73 -8.69
N GLY A 436 9.58 -67.47 -8.46
CA GLY A 436 10.95 -67.07 -8.12
C GLY A 436 11.84 -66.56 -9.24
N TYR A 437 11.32 -66.42 -10.45
CA TYR A 437 12.15 -66.03 -11.59
C TYR A 437 11.80 -64.70 -12.21
N THR A 438 11.13 -63.81 -11.45
CA THR A 438 10.81 -62.46 -11.96
C THR A 438 12.13 -61.70 -12.21
N ASN A 439 12.30 -61.14 -13.41
CA ASN A 439 13.53 -60.43 -13.75
C ASN A 439 13.35 -59.45 -14.91
N ILE A 440 12.10 -59.20 -15.35
CA ILE A 440 11.87 -58.38 -16.53
C ILE A 440 10.87 -57.26 -16.30
N MET A 441 11.23 -56.06 -16.76
CA MET A 441 10.33 -54.92 -16.68
CA MET A 441 10.39 -54.88 -16.66
C MET A 441 10.23 -54.32 -18.08
N ARG A 442 9.01 -54.08 -18.54
CA ARG A 442 8.76 -53.55 -19.88
C ARG A 442 7.88 -52.32 -19.79
N VAL A 443 8.09 -51.34 -20.67
CA VAL A 443 7.25 -50.15 -20.73
C VAL A 443 6.32 -50.34 -21.92
N LEU A 444 5.02 -50.42 -21.67
CA LEU A 444 4.02 -50.66 -22.71
C LEU A 444 3.02 -49.51 -22.85
N SER A 445 2.70 -49.16 -24.08
CA SER A 445 1.69 -48.13 -24.35
C SER A 445 0.37 -48.85 -24.60
N ILE A 446 -0.69 -48.41 -23.93
CA ILE A 446 -2.01 -49.05 -24.07
C ILE A 446 -2.67 -48.69 -25.39
N SER A 447 -3.03 -49.76 -26.16
CA SER A 447 -3.72 -49.78 -27.45
C SER A 447 -3.03 -48.95 -28.56
N ARG B 12 24.19 -49.35 8.21
CA ARG B 12 24.65 -50.73 8.09
C ARG B 12 23.56 -51.72 7.67
N ALA B 13 22.34 -51.59 8.20
CA ALA B 13 21.23 -52.50 7.87
C ALA B 13 20.87 -52.52 6.38
N ASP B 14 21.05 -51.38 5.70
CA ASP B 14 20.78 -51.28 4.26
C ASP B 14 21.87 -51.98 3.41
N VAL B 15 23.01 -52.37 3.99
CA VAL B 15 24.07 -53.06 3.26
C VAL B 15 24.53 -54.37 3.93
N ALA B 16 23.96 -54.76 5.07
CA ALA B 16 24.39 -55.93 5.86
C ALA B 16 24.36 -57.27 5.10
N GLN B 17 23.24 -57.60 4.44
CA GLN B 17 23.13 -58.84 3.69
C GLN B 17 24.07 -58.83 2.51
N LEU B 18 24.19 -57.72 1.78
CA LEU B 18 25.11 -57.65 0.64
C LEU B 18 26.58 -57.62 1.07
N THR B 19 26.89 -57.16 2.29
CA THR B 19 28.24 -57.16 2.84
C THR B 19 28.60 -58.61 3.19
N GLN B 20 27.68 -59.38 3.77
CA GLN B 20 27.93 -60.79 4.05
C GLN B 20 28.15 -61.56 2.75
N GLU B 21 27.39 -61.24 1.70
CA GLU B 21 27.50 -61.91 0.40
C GLU B 21 28.72 -61.52 -0.43
N LEU B 22 28.94 -60.21 -0.66
CA LEU B 22 30.07 -59.75 -1.46
C LEU B 22 31.37 -59.63 -0.66
N GLY B 23 31.26 -59.51 0.65
CA GLY B 23 32.41 -59.41 1.52
C GLY B 23 32.77 -58.00 1.91
N THR B 24 33.48 -57.86 3.04
CA THR B 24 33.89 -56.55 3.52
C THR B 24 34.94 -55.94 2.61
N ALA B 25 35.76 -56.75 1.93
CA ALA B 25 36.77 -56.24 1.01
C ALA B 25 36.14 -55.51 -0.16
N PHE B 26 35.03 -56.04 -0.70
CA PHE B 26 34.30 -55.42 -1.80
C PHE B 26 33.83 -54.00 -1.41
N PHE B 27 33.30 -53.87 -0.18
CA PHE B 27 32.76 -52.63 0.32
C PHE B 27 33.82 -51.63 0.80
N GLN B 28 35.12 -51.99 0.78
CA GLN B 28 36.17 -51.04 1.13
C GLN B 28 36.74 -50.38 -0.13
N GLN B 29 36.63 -51.03 -1.31
CA GLN B 29 37.11 -50.53 -2.59
C GLN B 29 36.15 -49.49 -3.19
N GLN B 30 36.59 -48.83 -4.28
CA GLN B 30 35.91 -47.83 -5.08
C GLN B 30 35.12 -46.78 -4.28
N GLN B 31 35.69 -46.33 -3.16
CA GLN B 31 35.10 -45.34 -2.26
C GLN B 31 33.69 -45.70 -1.82
N LEU B 32 33.39 -47.00 -1.69
CA LEU B 32 32.07 -47.42 -1.26
C LEU B 32 31.73 -46.95 0.15
N PRO B 33 32.65 -46.86 1.16
CA PRO B 33 32.24 -46.29 2.46
C PRO B 33 31.79 -44.84 2.29
N ALA B 34 32.49 -44.04 1.45
CA ALA B 34 32.10 -42.65 1.19
C ALA B 34 30.79 -42.57 0.40
N ALA B 35 30.53 -43.56 -0.45
CA ALA B 35 29.32 -43.63 -1.26
C ALA B 35 28.08 -43.87 -0.42
N MET B 36 28.21 -44.60 0.68
CA MET B 36 27.06 -44.89 1.55
C MET B 36 26.77 -43.78 2.56
N ALA B 37 27.57 -42.70 2.60
CA ALA B 37 27.38 -41.62 3.57
C ALA B 37 26.05 -40.93 3.43
N ASP B 38 25.51 -40.44 4.55
CA ASP B 38 24.20 -39.79 4.57
C ASP B 38 24.25 -38.31 4.21
N THR B 39 25.44 -37.69 4.26
CA THR B 39 25.58 -36.29 3.87
C THR B 39 26.83 -36.13 2.99
N PHE B 40 26.90 -35.06 2.21
CA PHE B 40 28.05 -34.76 1.39
C PHE B 40 29.29 -34.53 2.27
N LEU B 41 29.13 -33.87 3.41
CA LEU B 41 30.21 -33.64 4.34
C LEU B 41 30.78 -34.97 4.86
N GLU B 42 29.91 -35.90 5.28
CA GLU B 42 30.38 -37.20 5.75
C GLU B 42 31.02 -38.00 4.60
N HIS B 43 30.53 -37.83 3.35
CA HIS B 43 31.08 -38.47 2.18
C HIS B 43 32.54 -38.01 1.98
N LEU B 44 32.81 -36.68 2.14
CA LEU B 44 34.18 -36.17 2.01
C LEU B 44 35.05 -36.75 3.10
N CYS B 45 34.56 -36.76 4.36
CA CYS B 45 35.27 -37.31 5.50
C CYS B 45 35.64 -38.78 5.34
N LEU B 46 34.86 -39.53 4.53
CA LEU B 46 35.10 -40.96 4.32
C LEU B 46 35.93 -41.28 3.10
N LEU B 47 36.38 -40.28 2.32
CA LEU B 47 37.23 -40.54 1.15
C LEU B 47 38.56 -41.13 1.66
N ASP B 48 39.01 -42.19 1.03
CA ASP B 48 40.13 -42.97 1.50
C ASP B 48 41.15 -43.19 0.42
N ILE B 49 42.40 -42.76 0.65
CA ILE B 49 43.47 -42.99 -0.34
C ILE B 49 43.80 -44.49 -0.50
N ASP B 50 43.42 -45.33 0.47
CA ASP B 50 43.62 -46.78 0.38
C ASP B 50 42.47 -47.53 -0.30
N SER B 51 41.38 -46.83 -0.65
CA SER B 51 40.25 -47.44 -1.33
C SER B 51 40.54 -47.42 -2.81
N GLU B 52 40.92 -48.55 -3.38
CA GLU B 52 41.32 -48.60 -4.78
C GLU B 52 40.19 -48.59 -5.78
N PRO B 53 40.36 -47.87 -6.89
CA PRO B 53 39.31 -47.88 -7.92
C PRO B 53 39.25 -49.26 -8.59
N VAL B 54 38.06 -49.77 -8.85
CA VAL B 54 37.86 -51.09 -9.47
C VAL B 54 37.24 -50.91 -10.86
N ALA B 55 36.26 -50.02 -10.99
CA ALA B 55 35.55 -49.78 -12.23
C ALA B 55 36.43 -49.30 -13.34
N ALA B 56 36.04 -49.60 -14.60
CA ALA B 56 36.74 -49.12 -15.80
C ALA B 56 36.54 -47.59 -15.86
N ARG B 57 37.55 -46.89 -16.37
CA ARG B 57 37.50 -45.43 -16.44
C ARG B 57 36.41 -44.98 -17.38
N SER B 58 35.51 -44.15 -16.87
CA SER B 58 34.34 -43.75 -17.59
C SER B 58 34.39 -42.37 -18.28
N THR B 59 35.27 -41.44 -17.84
CA THR B 59 35.38 -40.13 -18.49
C THR B 59 36.32 -40.29 -19.68
N SER B 60 35.88 -39.92 -20.87
CA SER B 60 36.71 -40.06 -22.06
C SER B 60 37.83 -39.09 -22.13
N ILE B 61 38.93 -39.53 -22.73
CA ILE B 61 40.10 -38.69 -22.89
C ILE B 61 40.19 -38.30 -24.34
N ILE B 62 40.24 -36.99 -24.58
CA ILE B 62 40.41 -36.45 -25.92
C ILE B 62 41.87 -36.04 -26.01
N ALA B 63 42.63 -36.62 -26.95
CA ALA B 63 44.04 -36.24 -27.12
C ALA B 63 44.20 -35.51 -28.43
N THR B 64 44.85 -34.36 -28.42
CA THR B 64 45.09 -33.61 -29.65
C THR B 64 46.27 -34.26 -30.38
N ILE B 65 46.05 -34.62 -31.64
CA ILE B 65 47.08 -35.30 -32.42
C ILE B 65 47.91 -34.28 -33.18
N GLY B 66 49.21 -34.30 -32.94
CA GLY B 66 50.15 -33.41 -33.59
C GLY B 66 51.50 -34.07 -33.78
N PRO B 67 52.56 -33.25 -33.95
CA PRO B 67 53.90 -33.82 -34.19
C PRO B 67 54.42 -34.82 -33.16
N ALA B 68 54.06 -34.65 -31.88
CA ALA B 68 54.55 -35.56 -30.84
C ALA B 68 53.77 -36.87 -30.72
N SER B 69 52.62 -36.97 -31.38
CA SER B 69 51.74 -38.12 -31.22
C SER B 69 51.17 -38.65 -32.54
N ARG B 70 51.89 -38.43 -33.64
CA ARG B 70 51.42 -38.75 -34.98
C ARG B 70 51.75 -40.10 -35.54
N SER B 71 52.88 -40.67 -35.13
CA SER B 71 53.30 -41.94 -35.66
C SER B 71 52.35 -43.07 -35.26
N VAL B 72 52.22 -44.07 -36.12
CA VAL B 72 51.36 -45.22 -35.88
C VAL B 72 51.76 -45.95 -34.61
N GLU B 73 53.07 -46.09 -34.36
CA GLU B 73 53.56 -46.78 -33.16
C GLU B 73 53.23 -45.99 -31.90
N ARG B 74 53.33 -44.65 -31.94
CA ARG B 74 53.04 -43.76 -30.82
C ARG B 74 51.52 -43.81 -30.56
N LEU B 75 50.70 -43.76 -31.62
CA LEU B 75 49.26 -43.83 -31.52
C LEU B 75 48.77 -45.12 -30.93
N LYS B 76 49.45 -46.25 -31.18
CA LYS B 76 49.08 -47.53 -30.58
C LYS B 76 49.29 -47.46 -29.06
N GLU B 77 50.39 -46.81 -28.62
CA GLU B 77 50.66 -46.64 -27.19
C GLU B 77 49.63 -45.72 -26.55
N MET B 78 49.17 -44.66 -27.27
CA MET B 78 48.17 -43.74 -26.75
CA MET B 78 48.17 -43.74 -26.75
C MET B 78 46.80 -44.38 -26.63
N ILE B 79 46.45 -45.30 -27.57
CA ILE B 79 45.19 -46.03 -27.51
C ILE B 79 45.25 -46.95 -26.29
N LYS B 80 46.37 -47.65 -26.08
CA LYS B 80 46.55 -48.54 -24.93
C LYS B 80 46.53 -47.77 -23.61
N ALA B 81 47.08 -46.53 -23.60
CA ALA B 81 47.10 -45.66 -22.43
C ALA B 81 45.70 -45.12 -22.07
N GLY B 82 44.78 -45.07 -23.04
CA GLY B 82 43.41 -44.64 -22.78
C GLY B 82 42.77 -43.60 -23.69
N MET B 83 43.45 -43.17 -24.74
CA MET B 83 42.87 -42.18 -25.65
C MET B 83 41.58 -42.73 -26.33
N ASN B 84 40.48 -41.99 -26.24
CA ASN B 84 39.21 -42.42 -26.83
C ASN B 84 38.82 -41.58 -28.03
N ILE B 85 39.22 -40.31 -28.05
CA ILE B 85 38.91 -39.36 -29.12
C ILE B 85 40.20 -38.67 -29.56
N ALA B 86 40.47 -38.66 -30.86
CA ALA B 86 41.64 -38.00 -31.43
C ALA B 86 41.17 -36.66 -31.96
N ARG B 87 41.73 -35.57 -31.47
CA ARG B 87 41.34 -34.23 -31.89
C ARG B 87 42.34 -33.69 -32.89
N LEU B 88 41.83 -33.10 -33.98
CA LEU B 88 42.69 -32.49 -35.00
C LEU B 88 42.36 -31.03 -34.98
N ASN B 89 43.34 -30.21 -34.59
CA ASN B 89 43.13 -28.78 -34.46
C ASN B 89 43.46 -28.09 -35.76
N PHE B 90 42.40 -27.68 -36.47
CA PHE B 90 42.56 -27.01 -37.76
C PHE B 90 43.02 -25.55 -37.66
N SER B 91 43.42 -25.09 -36.46
CA SER B 91 44.06 -23.80 -36.32
C SER B 91 45.54 -23.91 -36.80
N HIS B 92 46.11 -25.14 -36.85
CA HIS B 92 47.48 -25.45 -37.24
C HIS B 92 47.50 -26.54 -38.33
N GLY B 93 48.67 -26.76 -38.93
CA GLY B 93 48.85 -27.76 -39.97
C GLY B 93 48.14 -27.41 -41.26
N SER B 94 47.90 -28.41 -42.08
CA SER B 94 47.20 -28.25 -43.36
C SER B 94 46.26 -29.44 -43.57
N HIS B 95 45.44 -29.43 -44.64
CA HIS B 95 44.55 -30.55 -44.94
C HIS B 95 45.36 -31.84 -45.15
N GLU B 96 46.51 -31.73 -45.83
CA GLU B 96 47.39 -32.86 -46.10
C GLU B 96 47.94 -33.43 -44.79
N TYR B 97 48.36 -32.55 -43.89
CA TYR B 97 48.92 -32.95 -42.61
C TYR B 97 47.87 -33.69 -41.77
N HIS B 98 46.68 -33.10 -41.64
CA HIS B 98 45.60 -33.69 -40.86
C HIS B 98 45.07 -34.98 -41.47
N ALA B 99 45.07 -35.11 -42.82
CA ALA B 99 44.65 -36.36 -43.45
C ALA B 99 45.63 -37.48 -43.14
N GLU B 100 46.93 -37.17 -43.07
CA GLU B 100 47.93 -38.16 -42.73
C GLU B 100 47.79 -38.60 -41.27
N SER B 101 47.47 -37.64 -40.36
CA SER B 101 47.26 -37.95 -38.94
C SER B 101 46.05 -38.88 -38.81
N ILE B 102 44.93 -38.57 -39.50
CA ILE B 102 43.72 -39.39 -39.50
C ILE B 102 44.03 -40.82 -39.96
N ALA B 103 44.80 -40.95 -41.07
CA ALA B 103 45.18 -42.27 -41.61
C ALA B 103 46.01 -43.06 -40.60
N ASN B 104 46.91 -42.38 -39.87
CA ASN B 104 47.73 -43.04 -38.85
C ASN B 104 46.91 -43.47 -37.65
N VAL B 105 45.92 -42.63 -37.25
CA VAL B 105 44.99 -42.98 -36.16
C VAL B 105 44.22 -44.24 -36.57
N ARG B 106 43.61 -44.23 -37.76
CA ARG B 106 42.87 -45.38 -38.29
C ARG B 106 43.73 -46.65 -38.41
N GLU B 107 45.00 -46.51 -38.83
CA GLU B 107 45.88 -47.67 -38.92
C GLU B 107 46.19 -48.24 -37.52
N ALA B 108 46.45 -47.35 -36.55
CA ALA B 108 46.72 -47.78 -35.17
C ALA B 108 45.48 -48.41 -34.55
N VAL B 109 44.29 -47.87 -34.81
CA VAL B 109 43.02 -48.39 -34.29
C VAL B 109 42.72 -49.75 -34.89
N GLU B 110 42.86 -49.88 -36.21
CA GLU B 110 42.56 -51.14 -36.89
C GLU B 110 43.59 -52.23 -36.63
N SER B 111 44.76 -51.90 -36.07
CA SER B 111 45.75 -52.93 -35.71
C SER B 111 45.25 -53.83 -34.57
N PHE B 112 44.23 -53.39 -33.79
CA PHE B 112 43.66 -54.18 -32.71
C PHE B 112 42.31 -54.83 -33.12
N ALA B 113 41.87 -54.67 -34.39
CA ALA B 113 40.60 -55.18 -34.91
C ALA B 113 40.52 -56.70 -35.08
N GLY B 114 41.55 -57.43 -34.65
CA GLY B 114 41.55 -58.88 -34.76
C GLY B 114 40.62 -59.60 -33.80
N SER B 115 40.13 -58.89 -32.76
CA SER B 115 39.26 -59.50 -31.77
C SER B 115 38.41 -58.44 -31.07
N PRO B 116 37.15 -58.77 -30.68
CA PRO B 116 36.34 -57.79 -29.95
C PRO B 116 36.81 -57.56 -28.52
N LEU B 117 37.72 -58.39 -27.99
CA LEU B 117 38.22 -58.16 -26.64
C LEU B 117 39.57 -57.36 -26.65
N SER B 118 40.10 -57.03 -27.84
CA SER B 118 41.27 -56.17 -27.99
C SER B 118 40.94 -54.87 -28.77
N TYR B 119 39.81 -54.85 -29.52
CA TYR B 119 39.45 -53.69 -30.33
C TYR B 119 39.00 -52.51 -29.48
N ARG B 120 39.39 -51.30 -29.85
CA ARG B 120 38.98 -50.10 -29.13
C ARG B 120 38.59 -49.04 -30.16
N PRO B 121 37.28 -48.75 -30.33
CA PRO B 121 36.92 -47.67 -31.26
C PRO B 121 37.48 -46.33 -30.77
N VAL B 122 37.95 -45.51 -31.69
CA VAL B 122 38.50 -44.21 -31.36
C VAL B 122 37.83 -43.20 -32.27
N ALA B 123 37.18 -42.17 -31.71
CA ALA B 123 36.52 -41.16 -32.52
C ALA B 123 37.52 -40.16 -33.09
N ILE B 124 37.15 -39.50 -34.19
CA ILE B 124 38.00 -38.49 -34.81
C ILE B 124 37.22 -37.21 -34.79
N ALA B 125 37.77 -36.21 -34.12
CA ALA B 125 37.11 -34.93 -33.96
C ALA B 125 37.88 -33.86 -34.68
N LEU B 126 37.18 -32.96 -35.35
CA LEU B 126 37.81 -31.85 -36.05
C LEU B 126 37.52 -30.60 -35.25
N ASP B 127 38.56 -29.86 -34.84
CA ASP B 127 38.38 -28.62 -34.09
C ASP B 127 38.64 -27.48 -35.07
N THR B 128 37.65 -26.63 -35.32
CA THR B 128 37.76 -25.55 -36.29
C THR B 128 38.62 -24.37 -35.84
N LYS B 129 39.15 -23.61 -36.81
CA LYS B 129 39.93 -22.42 -36.54
C LYS B 129 39.07 -21.34 -35.89
N GLY B 130 37.85 -21.16 -36.39
CA GLY B 130 36.94 -20.18 -35.82
C GLY B 130 36.63 -19.02 -36.73
N PRO B 131 35.74 -18.13 -36.30
CA PRO B 131 35.35 -17.00 -37.15
C PRO B 131 36.32 -15.82 -37.19
N GLY B 132 37.24 -15.73 -36.23
CA GLY B 132 38.15 -14.59 -36.17
C GLY B 132 37.40 -13.32 -35.85
N SER B 133 37.68 -12.23 -36.58
CA SER B 133 36.97 -10.97 -36.35
C SER B 133 35.58 -10.96 -36.99
N PRO B 135 32.23 -12.40 -38.05
CA PRO B 135 30.95 -12.65 -37.37
C PRO B 135 30.30 -13.98 -37.76
N GLY B 136 30.16 -14.24 -39.06
CA GLY B 136 29.58 -15.49 -39.53
C GLY B 136 30.60 -16.60 -39.65
N LEU B 137 30.22 -17.72 -40.28
CA LEU B 137 31.13 -18.85 -40.48
C LEU B 137 32.20 -18.41 -41.49
N SER B 138 33.47 -18.56 -41.13
CA SER B 138 34.56 -18.14 -42.01
C SER B 138 34.70 -19.06 -43.23
N GLU B 139 35.35 -18.56 -44.29
CA GLU B 139 35.56 -19.33 -45.51
C GLU B 139 36.48 -20.52 -45.26
N GLN B 140 37.48 -20.35 -44.37
CA GLN B 140 38.39 -21.46 -44.02
C GLN B 140 37.62 -22.55 -43.28
N ASP B 141 36.70 -22.16 -42.39
CA ASP B 141 35.87 -23.12 -41.67
C ASP B 141 34.99 -23.91 -42.63
N VAL B 142 34.42 -23.25 -43.66
CA VAL B 142 33.60 -23.95 -44.67
C VAL B 142 34.42 -25.04 -45.38
N ARG B 143 35.67 -24.73 -45.74
CA ARG B 143 36.54 -25.70 -46.39
C ARG B 143 36.98 -26.82 -45.46
N ASP B 144 37.31 -26.48 -44.20
CA ASP B 144 37.73 -27.47 -43.20
C ASP B 144 36.56 -28.40 -42.83
N LEU B 145 35.35 -27.85 -42.74
CA LEU B 145 34.16 -28.65 -42.46
C LEU B 145 33.87 -29.61 -43.62
N ARG B 146 34.08 -29.14 -44.88
CA ARG B 146 33.94 -29.99 -46.06
C ARG B 146 34.98 -31.13 -46.01
N PHE B 147 36.22 -30.83 -45.56
CA PHE B 147 37.28 -31.82 -45.40
C PHE B 147 36.84 -32.88 -44.38
N GLY B 148 36.24 -32.44 -43.27
CA GLY B 148 35.76 -33.33 -42.23
C GLY B 148 34.75 -34.34 -42.73
N VAL B 149 33.77 -33.87 -43.49
CA VAL B 149 32.75 -34.73 -44.08
C VAL B 149 33.39 -35.74 -45.03
N GLU B 150 34.27 -35.27 -45.93
CA GLU B 150 34.95 -36.13 -46.89
C GLU B 150 35.85 -37.15 -46.23
N HIS B 151 36.43 -36.82 -45.07
CA HIS B 151 37.29 -37.76 -44.36
C HIS B 151 36.58 -38.58 -43.27
N GLY B 152 35.26 -38.46 -43.17
CA GLY B 152 34.46 -39.23 -42.24
C GLY B 152 34.70 -38.97 -40.76
N VAL B 153 34.89 -37.69 -40.39
CA VAL B 153 35.07 -37.36 -38.98
C VAL B 153 33.76 -37.61 -38.22
N ASP B 154 33.87 -37.96 -36.94
CA ASP B 154 32.71 -38.27 -36.13
C ASP B 154 32.15 -37.05 -35.42
N ILE B 155 33.02 -36.10 -35.06
CA ILE B 155 32.63 -34.94 -34.25
C ILE B 155 33.27 -33.66 -34.77
N VAL B 156 32.60 -32.55 -34.59
CA VAL B 156 33.15 -31.24 -34.88
C VAL B 156 33.13 -30.44 -33.57
N PHE B 157 34.29 -29.90 -33.17
CA PHE B 157 34.37 -29.01 -32.02
C PHE B 157 34.35 -27.63 -32.68
N ALA B 158 33.20 -26.98 -32.67
CA ALA B 158 33.05 -25.67 -33.33
C ALA B 158 33.54 -24.53 -32.47
N SER B 159 34.63 -23.88 -32.88
CA SER B 159 35.22 -22.77 -32.15
C SER B 159 34.34 -21.53 -32.12
N PHE B 160 34.43 -20.78 -31.02
CA PHE B 160 33.76 -19.51 -30.77
C PHE B 160 32.26 -19.48 -31.12
N VAL B 161 31.47 -20.44 -30.59
CA VAL B 161 30.03 -20.42 -30.80
C VAL B 161 29.44 -19.35 -29.87
N ARG B 162 28.72 -18.37 -30.42
CA ARG B 162 28.16 -17.27 -29.64
C ARG B 162 26.64 -17.22 -29.59
N LYS B 163 25.97 -17.96 -30.47
CA LYS B 163 24.51 -17.97 -30.55
C LYS B 163 24.05 -19.20 -31.35
N ALA B 164 22.75 -19.52 -31.28
CA ALA B 164 22.17 -20.68 -31.97
C ALA B 164 22.44 -20.67 -33.48
N SER B 165 22.43 -19.49 -34.12
CA SER B 165 22.64 -19.41 -35.57
C SER B 165 24.06 -19.82 -35.99
N ASP B 166 25.04 -19.73 -35.08
CA ASP B 166 26.40 -20.17 -35.40
C ASP B 166 26.43 -21.68 -35.56
N VAL B 167 25.68 -22.42 -34.74
CA VAL B 167 25.67 -23.89 -34.85
C VAL B 167 24.86 -24.29 -36.11
N ALA B 168 23.78 -23.54 -36.47
CA ALA B 168 23.03 -23.83 -37.70
C ALA B 168 23.93 -23.65 -38.93
N ALA B 169 24.81 -22.62 -38.92
CA ALA B 169 25.76 -22.39 -40.01
C ALA B 169 26.74 -23.57 -40.13
N VAL B 170 27.24 -24.10 -38.99
CA VAL B 170 28.15 -25.25 -39.01
C VAL B 170 27.43 -26.49 -39.57
N ARG B 171 26.17 -26.68 -39.15
CA ARG B 171 25.34 -27.79 -39.60
CA ARG B 171 25.35 -27.81 -39.61
C ARG B 171 25.14 -27.72 -41.11
N ALA B 172 24.86 -26.51 -41.64
CA ALA B 172 24.66 -26.29 -43.08
C ALA B 172 25.96 -26.57 -43.85
N ALA B 173 27.11 -26.08 -43.36
CA ALA B 173 28.40 -26.34 -44.00
C ALA B 173 28.79 -27.81 -44.03
N LEU B 174 28.26 -28.62 -43.11
CA LEU B 174 28.51 -30.06 -43.12
C LEU B 174 27.72 -30.75 -44.28
N GLY B 175 26.63 -30.13 -44.74
CA GLY B 175 25.85 -30.63 -45.85
C GLY B 175 24.96 -31.81 -45.56
N PRO B 176 24.34 -32.38 -46.62
CA PRO B 176 23.46 -33.55 -46.41
C PRO B 176 24.23 -34.82 -46.06
N GLU B 177 25.52 -34.91 -46.41
CA GLU B 177 26.32 -36.09 -46.08
C GLU B 177 26.90 -36.09 -44.66
N GLY B 178 26.86 -34.95 -43.98
CA GLY B 178 27.39 -34.85 -42.62
C GLY B 178 26.34 -34.67 -41.55
N HIS B 179 25.11 -35.14 -41.81
CA HIS B 179 24.02 -35.03 -40.85
C HIS B 179 24.26 -35.83 -39.56
N GLY B 180 25.03 -36.91 -39.66
CA GLY B 180 25.33 -37.77 -38.54
C GLY B 180 26.47 -37.33 -37.65
N ILE B 181 27.23 -36.30 -38.07
CA ILE B 181 28.36 -35.77 -37.31
C ILE B 181 27.87 -35.00 -36.08
N LYS B 182 28.46 -35.25 -34.90
CA LYS B 182 28.06 -34.54 -33.69
C LYS B 182 28.70 -33.16 -33.65
N ILE B 183 27.92 -32.13 -33.33
CA ILE B 183 28.45 -30.79 -33.21
C ILE B 183 28.56 -30.43 -31.73
N ILE B 184 29.80 -30.26 -31.26
CA ILE B 184 30.07 -29.86 -29.89
C ILE B 184 30.45 -28.39 -29.96
N SER B 185 29.60 -27.51 -29.44
CA SER B 185 29.86 -26.08 -29.46
C SER B 185 30.88 -25.67 -28.39
N LYS B 186 31.96 -24.98 -28.79
CA LYS B 186 32.95 -24.48 -27.84
C LYS B 186 32.49 -23.12 -27.32
N ILE B 187 32.36 -22.97 -25.99
CA ILE B 187 31.97 -21.70 -25.38
C ILE B 187 33.26 -21.04 -24.94
N GLU B 188 33.60 -19.93 -25.58
CA GLU B 188 34.90 -19.29 -25.40
C GLU B 188 34.87 -17.83 -25.03
N ASN B 189 33.69 -17.23 -24.89
CA ASN B 189 33.59 -15.82 -24.56
C ASN B 189 32.34 -15.47 -23.75
N HIS B 190 32.18 -14.21 -23.36
CA HIS B 190 31.06 -13.77 -22.56
C HIS B 190 29.72 -14.01 -23.26
N GLU B 191 29.61 -13.69 -24.55
CA GLU B 191 28.36 -13.90 -25.28
C GLU B 191 27.92 -15.36 -25.30
N GLY B 192 28.86 -16.28 -25.52
CA GLY B 192 28.57 -17.70 -25.50
C GLY B 192 28.03 -18.17 -24.16
N VAL B 193 28.57 -17.62 -23.05
CA VAL B 193 28.13 -17.96 -21.70
C VAL B 193 26.72 -17.41 -21.46
N LYS B 194 26.50 -16.15 -21.85
CA LYS B 194 25.19 -15.51 -21.67
C LYS B 194 24.08 -16.12 -22.54
N ARG B 195 24.42 -16.57 -23.73
CA ARG B 195 23.47 -17.23 -24.62
C ARG B 195 23.58 -18.76 -24.57
N PHE B 196 24.15 -19.31 -23.49
CA PHE B 196 24.37 -20.73 -23.32
C PHE B 196 23.13 -21.59 -23.57
N ASP B 197 21.98 -21.25 -22.98
CA ASP B 197 20.77 -22.08 -23.13
C ASP B 197 20.33 -22.27 -24.57
N GLU B 198 20.36 -21.20 -25.38
CA GLU B 198 19.98 -21.31 -26.79
C GLU B 198 21.00 -22.10 -27.59
N ILE B 199 22.28 -22.05 -27.20
CA ILE B 199 23.35 -22.80 -27.88
C ILE B 199 23.24 -24.29 -27.56
N LEU B 200 23.06 -24.63 -26.28
CA LEU B 200 22.95 -26.02 -25.87
C LEU B 200 21.75 -26.69 -26.52
N GLU B 201 20.63 -25.97 -26.63
CA GLU B 201 19.41 -26.47 -27.24
C GLU B 201 19.62 -27.02 -28.64
N VAL B 202 20.43 -26.35 -29.46
CA VAL B 202 20.67 -26.79 -30.84
C VAL B 202 21.98 -27.56 -31.06
N SER B 203 22.81 -27.73 -30.01
CA SER B 203 24.08 -28.45 -30.15
C SER B 203 23.93 -29.88 -29.64
N ASP B 204 24.83 -30.76 -30.06
CA ASP B 204 24.89 -32.12 -29.50
C ASP B 204 25.57 -32.14 -28.13
N GLY B 205 26.40 -31.13 -27.85
CA GLY B 205 27.13 -31.01 -26.60
C GLY B 205 27.94 -29.74 -26.54
N ILE B 206 28.69 -29.57 -25.46
CA ILE B 206 29.43 -28.34 -25.23
C ILE B 206 30.86 -28.60 -24.85
N MET B 207 31.70 -27.61 -25.12
CA MET B 207 33.08 -27.66 -24.68
C MET B 207 33.36 -26.41 -23.92
N VAL B 208 33.82 -26.54 -22.68
CA VAL B 208 34.24 -25.38 -21.89
C VAL B 208 35.68 -25.11 -22.34
N ALA B 209 35.86 -24.21 -23.29
CA ALA B 209 37.18 -23.89 -23.84
C ALA B 209 37.74 -22.83 -22.97
N ARG B 210 38.50 -23.24 -21.95
CA ARG B 210 39.02 -22.35 -20.93
C ARG B 210 40.16 -21.44 -21.36
N GLY B 211 40.90 -21.78 -22.41
CA GLY B 211 41.97 -20.93 -22.90
C GLY B 211 41.48 -19.56 -23.31
N ASP B 212 40.57 -19.51 -24.30
CA ASP B 212 39.98 -18.23 -24.73
C ASP B 212 39.07 -17.67 -23.68
N LEU B 213 38.30 -18.52 -23.00
CA LEU B 213 37.38 -18.04 -21.95
C LEU B 213 38.13 -17.25 -20.85
N GLY B 214 39.33 -17.73 -20.48
CA GLY B 214 40.19 -17.09 -19.49
C GLY B 214 40.79 -15.75 -19.90
N ILE B 215 40.70 -15.42 -21.20
CA ILE B 215 41.16 -14.14 -21.75
C ILE B 215 39.93 -13.24 -22.05
N GLU B 216 38.81 -13.84 -22.43
CA GLU B 216 37.59 -13.11 -22.75
C GLU B 216 36.85 -12.61 -21.53
N ILE B 217 36.88 -13.40 -20.44
CA ILE B 217 36.28 -12.98 -19.16
C ILE B 217 37.39 -12.98 -18.09
N PRO B 218 37.20 -12.33 -16.93
CA PRO B 218 38.24 -12.38 -15.89
C PRO B 218 38.63 -13.81 -15.54
N ALA B 219 39.93 -14.09 -15.45
CA ALA B 219 40.44 -15.43 -15.19
C ALA B 219 39.85 -16.05 -13.93
N GLU B 220 39.60 -15.23 -12.90
CA GLU B 220 39.02 -15.70 -11.64
C GLU B 220 37.55 -16.10 -11.75
N LYS B 221 36.90 -15.89 -12.90
CA LYS B 221 35.50 -16.26 -13.09
C LYS B 221 35.32 -17.51 -13.94
N VAL B 222 36.38 -18.03 -14.57
CA VAL B 222 36.27 -19.21 -15.45
C VAL B 222 35.66 -20.42 -14.74
N PHE B 223 36.04 -20.67 -13.48
CA PHE B 223 35.49 -21.82 -12.74
C PHE B 223 33.98 -21.73 -12.58
N LEU B 224 33.41 -20.51 -12.50
CA LEU B 224 31.96 -20.35 -12.37
C LEU B 224 31.30 -20.75 -13.68
N ALA B 225 31.87 -20.34 -14.82
CA ALA B 225 31.35 -20.66 -16.14
C ALA B 225 31.46 -22.17 -16.38
N GLN B 226 32.60 -22.77 -15.99
CA GLN B 226 32.80 -24.21 -16.13
C GLN B 226 31.75 -24.99 -15.32
N LYS B 227 31.59 -24.68 -14.04
CA LYS B 227 30.65 -25.40 -13.17
C LYS B 227 29.19 -25.21 -13.60
N MET B 228 28.84 -23.99 -14.03
CA MET B 228 27.49 -23.70 -14.53
C MET B 228 27.18 -24.52 -15.81
N MET B 229 28.10 -24.50 -16.79
CA MET B 229 27.88 -25.19 -18.05
C MET B 229 27.87 -26.70 -17.90
N ILE B 230 28.70 -27.23 -17.01
CA ILE B 230 28.72 -28.66 -16.77
C ILE B 230 27.40 -29.07 -16.10
N GLY B 231 26.94 -28.29 -15.12
CA GLY B 231 25.68 -28.56 -14.43
C GLY B 231 24.50 -28.51 -15.39
N ARG B 232 24.46 -27.51 -16.30
CA ARG B 232 23.37 -27.39 -17.25
C ARG B 232 23.39 -28.51 -18.28
N CYS B 233 24.59 -28.96 -18.70
CA CYS B 233 24.70 -30.08 -19.64
C CYS B 233 24.27 -31.37 -18.97
N ASN B 234 24.64 -31.56 -17.70
CA ASN B 234 24.24 -32.75 -16.93
C ASN B 234 22.70 -32.78 -16.80
N LEU B 235 22.10 -31.62 -16.55
CA LEU B 235 20.65 -31.50 -16.43
C LEU B 235 19.97 -31.80 -17.79
N ALA B 236 20.55 -31.34 -18.90
CA ALA B 236 20.03 -31.58 -20.25
C ALA B 236 20.33 -32.99 -20.78
N GLY B 237 21.25 -33.71 -20.15
CA GLY B 237 21.65 -35.03 -20.63
C GLY B 237 22.50 -34.95 -21.89
N LYS B 238 23.26 -33.87 -22.06
CA LYS B 238 24.13 -33.72 -23.23
C LYS B 238 25.62 -33.69 -22.85
N PRO B 239 26.50 -34.26 -23.70
CA PRO B 239 27.94 -34.28 -23.36
C PRO B 239 28.58 -32.91 -23.13
N VAL B 240 29.48 -32.83 -22.15
CA VAL B 240 30.23 -31.61 -21.89
C VAL B 240 31.71 -31.99 -21.75
N VAL B 241 32.59 -31.25 -22.41
CA VAL B 241 34.03 -31.50 -22.39
C VAL B 241 34.70 -30.40 -21.57
N CYS B 242 35.63 -30.76 -20.69
CA CYS B 242 36.42 -29.75 -19.99
C CYS B 242 37.75 -29.71 -20.75
N ALA B 243 38.19 -28.51 -21.15
CA ALA B 243 39.41 -28.41 -21.97
C ALA B 243 40.38 -27.33 -21.52
N THR B 244 41.67 -27.50 -21.92
CA THR B 244 42.79 -26.56 -21.90
C THR B 244 43.52 -26.37 -20.57
N GLN B 245 44.84 -26.62 -20.63
CA GLN B 245 45.81 -26.48 -19.56
C GLN B 245 45.55 -27.38 -18.38
N MET B 246 44.88 -28.51 -18.60
CA MET B 246 44.60 -29.44 -17.52
C MET B 246 45.88 -30.04 -16.94
N LEU B 247 46.86 -30.39 -17.80
CA LEU B 247 48.14 -30.94 -17.37
C LEU B 247 49.27 -30.19 -18.08
N GLU B 248 49.12 -28.87 -18.25
CA GLU B 248 50.03 -28.00 -18.99
C GLU B 248 51.52 -28.25 -18.75
N SER B 249 51.96 -28.35 -17.49
CA SER B 249 53.37 -28.55 -17.18
C SER B 249 53.93 -29.86 -17.75
N MET B 250 53.07 -30.86 -18.04
CA MET B 250 53.52 -32.11 -18.65
C MET B 250 53.94 -31.97 -20.13
N ILE B 251 53.85 -30.76 -20.71
CA ILE B 251 54.39 -30.51 -22.03
C ILE B 251 55.93 -30.68 -21.96
N THR B 252 56.57 -30.22 -20.85
CA THR B 252 58.01 -30.34 -20.68
C THR B 252 58.42 -31.23 -19.52
N LYS B 253 57.52 -31.50 -18.55
CA LYS B 253 57.90 -32.30 -17.37
C LYS B 253 57.21 -33.65 -17.31
N PRO B 254 57.87 -34.69 -16.77
CA PRO B 254 57.24 -36.02 -16.74
C PRO B 254 56.10 -36.18 -15.73
N ARG B 255 56.00 -35.26 -14.73
CA ARG B 255 54.98 -35.29 -13.69
C ARG B 255 54.25 -33.95 -13.63
N PRO B 256 52.93 -33.94 -13.38
CA PRO B 256 52.21 -32.68 -13.33
C PRO B 256 52.33 -31.97 -11.97
N THR B 257 51.85 -30.73 -11.91
CA THR B 257 51.82 -30.00 -10.65
C THR B 257 50.60 -30.47 -9.80
N ARG B 258 50.55 -30.05 -8.53
CA ARG B 258 49.45 -30.38 -7.64
C ARG B 258 48.16 -29.71 -8.08
N ALA B 259 48.24 -28.54 -8.70
CA ALA B 259 47.06 -27.83 -9.20
C ALA B 259 46.47 -28.57 -10.40
N GLU B 260 47.32 -29.14 -11.25
CA GLU B 260 46.91 -29.88 -12.45
C GLU B 260 46.19 -31.17 -12.13
N THR B 261 46.67 -31.97 -11.19
CA THR B 261 45.96 -33.20 -10.84
C THR B 261 44.61 -32.87 -10.20
N SER B 262 44.58 -31.81 -9.39
CA SER B 262 43.40 -31.33 -8.74
C SER B 262 42.38 -30.86 -9.80
N ASP B 263 42.83 -30.15 -10.81
CA ASP B 263 41.97 -29.64 -11.88
C ASP B 263 41.30 -30.78 -12.65
N VAL B 264 42.05 -31.84 -12.96
CA VAL B 264 41.51 -32.99 -13.67
C VAL B 264 40.47 -33.68 -12.79
N ALA B 265 40.80 -33.91 -11.52
CA ALA B 265 39.89 -34.57 -10.61
C ALA B 265 38.60 -33.77 -10.42
N ASN B 266 38.73 -32.43 -10.29
CA ASN B 266 37.59 -31.56 -10.09
C ASN B 266 36.74 -31.42 -11.33
N ALA B 267 37.30 -31.53 -12.54
CA ALA B 267 36.48 -31.52 -13.77
C ALA B 267 35.57 -32.76 -13.79
N VAL B 268 36.12 -33.92 -13.39
CA VAL B 268 35.36 -35.15 -13.31
C VAL B 268 34.29 -35.04 -12.22
N LEU B 269 34.66 -34.50 -11.02
CA LEU B 269 33.69 -34.35 -9.94
C LEU B 269 32.60 -33.33 -10.29
N ASP B 270 32.93 -32.31 -11.09
CA ASP B 270 31.96 -31.31 -11.55
C ASP B 270 30.88 -31.97 -12.42
N GLY B 271 31.23 -33.02 -13.16
CA GLY B 271 30.31 -33.75 -14.03
C GLY B 271 30.70 -33.77 -15.50
N ALA B 272 31.97 -33.49 -15.83
CA ALA B 272 32.37 -33.48 -17.23
C ALA B 272 32.32 -34.89 -17.83
N ASP B 273 31.81 -35.01 -19.05
CA ASP B 273 31.76 -36.30 -19.73
C ASP B 273 33.14 -36.64 -20.29
N CYS B 274 33.87 -35.63 -20.81
CA CYS B 274 35.20 -35.78 -21.39
C CYS B 274 36.17 -34.79 -20.79
N ILE B 275 37.45 -35.18 -20.79
CA ILE B 275 38.54 -34.29 -20.40
C ILE B 275 39.50 -34.25 -21.61
N MET B 276 40.17 -33.12 -21.81
CA MET B 276 41.01 -32.96 -22.98
C MET B 276 42.47 -32.66 -22.70
N LEU B 277 43.35 -33.03 -23.63
CA LEU B 277 44.77 -32.73 -23.66
C LEU B 277 45.03 -32.02 -24.99
N SER B 278 45.73 -30.88 -24.94
CA SER B 278 46.04 -30.08 -26.12
C SER B 278 47.54 -30.19 -26.42
N GLY B 279 48.36 -29.20 -26.03
CA GLY B 279 49.80 -29.23 -26.21
C GLY B 279 50.46 -30.41 -25.52
N GLU B 280 49.83 -30.93 -24.44
CA GLU B 280 50.33 -32.08 -23.72
C GLU B 280 50.54 -33.29 -24.62
N THR B 281 49.66 -33.47 -25.64
CA THR B 281 49.81 -34.61 -26.56
C THR B 281 50.21 -34.15 -27.97
N ALA B 282 49.85 -32.94 -28.36
CA ALA B 282 50.15 -32.44 -29.69
C ALA B 282 51.64 -32.18 -29.90
N LYS B 283 52.29 -31.51 -28.95
CA LYS B 283 53.69 -31.11 -29.12
C LYS B 283 54.61 -31.45 -27.96
N GLY B 284 54.07 -31.88 -26.84
CA GLY B 284 54.86 -32.13 -25.65
C GLY B 284 55.78 -33.33 -25.70
N ASN B 285 56.64 -33.42 -24.70
CA ASN B 285 57.61 -34.51 -24.59
C ASN B 285 57.05 -35.75 -23.95
N PHE B 286 55.87 -35.67 -23.30
CA PHE B 286 55.31 -36.84 -22.64
C PHE B 286 53.85 -37.11 -23.05
N PRO B 287 53.53 -37.27 -24.35
CA PRO B 287 52.13 -37.50 -24.74
C PRO B 287 51.47 -38.72 -24.13
N VAL B 288 52.17 -39.86 -24.11
CA VAL B 288 51.61 -41.09 -23.57
C VAL B 288 51.43 -40.98 -22.05
N GLU B 289 52.42 -40.38 -21.38
CA GLU B 289 52.38 -40.18 -19.92
C GLU B 289 51.23 -39.24 -19.53
N ALA B 290 50.95 -38.21 -20.35
CA ALA B 290 49.84 -37.28 -20.10
C ALA B 290 48.49 -38.00 -20.18
N VAL B 291 48.33 -38.93 -21.15
CA VAL B 291 47.11 -39.72 -21.29
C VAL B 291 46.99 -40.65 -20.08
N LYS B 292 48.09 -41.30 -19.67
CA LYS B 292 48.09 -42.20 -18.52
C LYS B 292 47.73 -41.46 -17.24
N MET B 293 48.19 -40.21 -17.09
CA MET B 293 47.93 -39.39 -15.91
C MET B 293 46.45 -39.01 -15.86
N GLN B 294 45.87 -38.58 -16.99
CA GLN B 294 44.43 -38.28 -17.02
C GLN B 294 43.61 -39.52 -16.73
N HIS B 295 44.03 -40.69 -17.23
CA HIS B 295 43.33 -41.96 -16.99
C HIS B 295 43.35 -42.29 -15.49
N ALA B 296 44.54 -42.24 -14.85
CA ALA B 296 44.68 -42.55 -13.43
C ALA B 296 43.88 -41.59 -12.56
N ILE B 297 43.90 -40.28 -12.84
CA ILE B 297 43.14 -39.31 -12.05
C ILE B 297 41.63 -39.50 -12.24
N ALA B 298 41.16 -39.63 -13.49
CA ALA B 298 39.73 -39.83 -13.76
C ALA B 298 39.17 -41.06 -13.07
N ARG B 299 39.92 -42.17 -13.01
CA ARG B 299 39.46 -43.37 -12.32
C ARG B 299 39.29 -43.14 -10.82
N GLU B 300 40.20 -42.37 -10.21
CA GLU B 300 40.10 -42.07 -8.80
C GLU B 300 38.92 -41.14 -8.55
N ALA B 301 38.72 -40.14 -9.42
CA ALA B 301 37.68 -39.12 -9.26
C ALA B 301 36.30 -39.65 -9.50
N GLU B 302 36.15 -40.61 -10.44
CA GLU B 302 34.84 -41.21 -10.71
C GLU B 302 34.34 -41.99 -9.53
N ALA B 303 35.22 -42.72 -8.83
CA ALA B 303 34.82 -43.46 -7.65
C ALA B 303 34.45 -42.50 -6.49
N ALA B 304 35.01 -41.28 -6.46
CA ALA B 304 34.77 -40.27 -5.42
C ALA B 304 33.51 -39.44 -5.66
N VAL B 305 32.77 -39.67 -6.77
CA VAL B 305 31.54 -38.95 -7.04
C VAL B 305 30.49 -39.40 -5.98
N TYR B 306 29.74 -38.46 -5.40
CA TYR B 306 28.73 -38.78 -4.40
C TYR B 306 27.44 -39.11 -5.15
N HIS B 307 27.34 -40.36 -5.65
CA HIS B 307 26.20 -40.82 -6.43
C HIS B 307 24.87 -40.70 -5.74
N ARG B 308 24.82 -40.87 -4.41
CA ARG B 308 23.58 -40.80 -3.66
C ARG B 308 22.88 -39.46 -3.85
N GLN B 309 23.64 -38.35 -3.77
CA GLN B 309 23.04 -37.04 -3.99
C GLN B 309 22.86 -36.77 -5.46
N LEU B 310 23.85 -37.11 -6.28
CA LEU B 310 23.78 -36.88 -7.71
C LEU B 310 22.54 -37.54 -8.36
N PHE B 311 22.30 -38.83 -8.07
CA PHE B 311 21.17 -39.54 -8.62
C PHE B 311 19.83 -38.96 -8.14
N GLU B 312 19.73 -38.63 -6.84
CA GLU B 312 18.52 -38.01 -6.27
C GLU B 312 18.22 -36.65 -6.92
N GLU B 313 19.27 -35.85 -7.16
CA GLU B 313 19.12 -34.54 -7.78
C GLU B 313 18.80 -34.63 -9.26
N LEU B 314 19.39 -35.58 -9.99
CA LEU B 314 19.09 -35.80 -11.41
C LEU B 314 17.62 -36.23 -11.53
N ARG B 315 17.10 -37.04 -10.60
CA ARG B 315 15.68 -37.44 -10.59
C ARG B 315 14.73 -36.32 -10.26
N ARG B 316 15.01 -35.55 -9.19
CA ARG B 316 14.17 -34.42 -8.77
C ARG B 316 14.09 -33.39 -9.92
N ALA B 317 15.22 -33.12 -10.60
CA ALA B 317 15.26 -32.08 -11.63
C ALA B 317 14.75 -32.52 -12.97
N ALA B 318 14.88 -33.82 -13.30
CA ALA B 318 14.44 -34.31 -14.60
C ALA B 318 12.93 -34.33 -14.63
N PRO B 319 12.34 -33.79 -15.70
CA PRO B 319 10.88 -33.80 -15.79
C PRO B 319 10.34 -35.21 -16.05
N LEU B 320 9.05 -35.42 -15.76
CA LEU B 320 8.40 -36.70 -16.04
C LEU B 320 8.47 -36.97 -17.54
N SER B 321 8.58 -38.22 -17.93
CA SER B 321 8.71 -38.54 -19.33
C SER B 321 7.81 -39.66 -19.73
N ARG B 322 7.24 -39.54 -20.92
CA ARG B 322 6.43 -40.62 -21.47
C ARG B 322 7.19 -41.35 -22.61
N ASP B 323 8.50 -41.08 -22.78
CA ASP B 323 9.34 -41.73 -23.77
C ASP B 323 9.82 -43.04 -23.14
N PRO B 324 9.48 -44.18 -23.74
CA PRO B 324 9.87 -45.46 -23.15
C PRO B 324 11.38 -45.68 -23.00
N THR B 325 12.22 -45.07 -23.86
CA THR B 325 13.67 -45.22 -23.73
C THR B 325 14.12 -44.55 -22.43
N GLU B 326 13.60 -43.33 -22.17
CA GLU B 326 13.92 -42.56 -20.98
C GLU B 326 13.42 -43.27 -19.73
N VAL B 327 12.18 -43.79 -19.76
CA VAL B 327 11.59 -44.52 -18.65
C VAL B 327 12.38 -45.81 -18.35
N THR B 328 12.80 -46.53 -19.39
CA THR B 328 13.56 -47.76 -19.21
C THR B 328 14.94 -47.43 -18.64
N ALA B 329 15.57 -46.35 -19.12
CA ALA B 329 16.89 -45.93 -18.67
C ALA B 329 16.94 -45.64 -17.17
N ILE B 330 15.94 -44.92 -16.61
CA ILE B 330 15.93 -44.63 -15.17
C ILE B 330 15.66 -45.90 -14.36
N GLY B 331 14.79 -46.78 -14.87
CA GLY B 331 14.52 -48.05 -14.21
C GLY B 331 15.76 -48.92 -14.20
N ALA B 332 16.52 -48.94 -15.30
CA ALA B 332 17.76 -49.72 -15.39
C ALA B 332 18.85 -49.20 -14.47
N VAL B 333 19.00 -47.87 -14.36
CA VAL B 333 20.00 -47.27 -13.47
C VAL B 333 19.61 -47.51 -12.01
N GLU B 334 18.32 -47.41 -11.68
CA GLU B 334 17.84 -47.69 -10.33
C GLU B 334 18.13 -49.14 -9.97
N ALA B 335 17.83 -50.07 -10.91
CA ALA B 335 18.07 -51.50 -10.71
C ALA B 335 19.56 -51.79 -10.54
N ALA B 336 20.42 -51.16 -11.35
CA ALA B 336 21.86 -51.35 -11.26
C ALA B 336 22.41 -50.94 -9.87
N PHE B 337 21.95 -49.79 -9.33
CA PHE B 337 22.40 -49.34 -8.01
C PHE B 337 21.93 -50.31 -6.92
N LYS B 338 20.70 -50.85 -7.03
CA LYS B 338 20.12 -51.75 -6.03
C LYS B 338 20.94 -53.02 -5.81
N CYS B 339 21.53 -53.56 -6.89
CA CYS B 339 22.30 -54.81 -6.79
C CYS B 339 23.78 -54.65 -6.98
N CYS B 340 24.30 -53.40 -7.09
CA CYS B 340 25.72 -53.16 -7.34
C CYS B 340 26.12 -53.85 -8.63
N ALA B 341 25.27 -53.74 -9.69
CA ALA B 341 25.48 -54.38 -10.99
C ALA B 341 26.81 -53.99 -11.55
N ALA B 342 27.49 -54.98 -12.11
CA ALA B 342 28.79 -54.76 -12.70
C ALA B 342 28.66 -53.94 -13.99
N ALA B 343 27.56 -54.14 -14.74
CA ALA B 343 27.36 -53.45 -16.01
C ALA B 343 25.87 -53.38 -16.39
N ILE B 344 25.54 -52.45 -17.29
CA ILE B 344 24.28 -52.31 -17.94
C ILE B 344 24.61 -52.54 -19.42
N ILE B 345 24.12 -53.64 -20.01
CA ILE B 345 24.38 -53.92 -21.42
C ILE B 345 23.23 -53.40 -22.22
N VAL B 346 23.46 -52.51 -23.17
CA VAL B 346 22.40 -51.90 -23.94
C VAL B 346 22.63 -52.08 -25.44
N LEU B 347 21.56 -52.40 -26.18
CA LEU B 347 21.65 -52.52 -27.64
C LEU B 347 21.27 -51.15 -28.16
N THR B 348 22.09 -50.58 -29.05
CA THR B 348 21.79 -49.25 -29.58
C THR B 348 22.22 -49.11 -31.04
N THR B 349 21.42 -48.38 -31.81
CA THR B 349 21.73 -48.14 -33.22
C THR B 349 22.48 -46.81 -33.35
N THR B 350 21.92 -45.74 -32.76
CA THR B 350 22.48 -44.39 -32.85
C THR B 350 23.32 -43.99 -31.62
N GLY B 351 23.24 -44.76 -30.55
CA GLY B 351 23.89 -44.43 -29.29
C GLY B 351 22.92 -43.82 -28.29
N ARG B 352 21.69 -43.41 -28.73
CA ARG B 352 20.72 -42.71 -27.88
C ARG B 352 20.32 -43.46 -26.59
N SER B 353 20.05 -44.77 -26.66
CA SER B 353 19.67 -45.52 -25.47
C SER B 353 20.83 -45.53 -24.45
N ALA B 354 22.09 -45.57 -24.93
CA ALA B 354 23.25 -45.56 -24.05
C ALA B 354 23.42 -44.16 -23.42
N GLN B 355 23.13 -43.10 -24.20
CA GLN B 355 23.20 -41.73 -23.74
C GLN B 355 22.16 -41.48 -22.63
N LEU B 356 20.95 -42.04 -22.79
CA LEU B 356 19.93 -41.85 -21.76
C LEU B 356 20.25 -42.60 -20.46
N LEU B 357 21.03 -43.68 -20.53
CA LEU B 357 21.48 -44.38 -19.34
C LEU B 357 22.58 -43.52 -18.67
N SER B 358 23.54 -43.03 -19.47
CA SER B 358 24.66 -42.21 -19.06
C SER B 358 24.24 -40.92 -18.32
N ARG B 359 23.12 -40.28 -18.71
CA ARG B 359 22.65 -39.05 -18.08
C ARG B 359 22.29 -39.25 -16.57
N TYR B 360 21.98 -40.49 -16.14
CA TYR B 360 21.68 -40.75 -14.74
C TYR B 360 22.91 -41.12 -13.91
N ARG B 361 24.09 -41.07 -14.54
CA ARG B 361 25.38 -41.34 -13.94
C ARG B 361 25.44 -42.62 -13.15
N PRO B 362 25.14 -43.78 -13.77
CA PRO B 362 25.26 -45.03 -13.02
C PRO B 362 26.72 -45.30 -12.69
N ARG B 363 26.94 -46.01 -11.59
CA ARG B 363 28.27 -46.45 -11.23
C ARG B 363 28.62 -47.68 -12.16
N ALA B 364 27.61 -48.49 -12.55
CA ALA B 364 27.76 -49.62 -13.46
C ALA B 364 28.19 -49.13 -14.84
N ALA B 365 29.14 -49.83 -15.46
CA ALA B 365 29.61 -49.51 -16.83
C ALA B 365 28.46 -49.74 -17.80
N VAL B 366 28.26 -48.84 -18.76
CA VAL B 366 27.23 -49.02 -19.77
C VAL B 366 27.93 -49.62 -21.00
N ILE B 367 27.76 -50.92 -21.21
CA ILE B 367 28.36 -51.60 -22.36
C ILE B 367 27.39 -51.48 -23.53
N ALA B 368 27.72 -50.66 -24.54
CA ALA B 368 26.81 -50.43 -25.64
C ALA B 368 27.17 -51.28 -26.87
N VAL B 369 26.28 -52.23 -27.23
CA VAL B 369 26.49 -53.13 -28.37
C VAL B 369 25.82 -52.53 -29.58
N THR B 370 26.61 -52.22 -30.60
CA THR B 370 26.09 -51.60 -31.80
C THR B 370 26.73 -52.16 -33.06
N ARG B 371 25.99 -52.11 -34.18
CA ARG B 371 26.52 -52.48 -35.49
C ARG B 371 27.12 -51.23 -36.19
N SER B 372 26.73 -50.02 -35.75
CA SER B 372 27.21 -48.78 -36.34
C SER B 372 28.62 -48.45 -35.84
N ALA B 373 29.61 -48.48 -36.74
CA ALA B 373 30.98 -48.11 -36.39
C ALA B 373 31.05 -46.64 -35.95
N GLN B 374 30.27 -45.77 -36.60
CA GLN B 374 30.23 -44.36 -36.23
C GLN B 374 29.61 -44.14 -34.84
N ALA B 375 28.50 -44.82 -34.52
CA ALA B 375 27.88 -44.69 -33.21
C ALA B 375 28.84 -45.23 -32.13
N ALA B 376 29.58 -46.31 -32.42
CA ALA B 376 30.55 -46.85 -31.48
C ALA B 376 31.63 -45.80 -31.14
N ARG B 377 32.05 -45.00 -32.13
CA ARG B 377 33.05 -43.96 -31.91
C ARG B 377 32.43 -42.77 -31.17
N GLN B 378 31.22 -42.35 -31.58
CA GLN B 378 30.59 -41.18 -30.99
C GLN B 378 30.11 -41.33 -29.54
N VAL B 379 29.75 -42.56 -29.10
CA VAL B 379 29.29 -42.71 -27.73
C VAL B 379 30.39 -42.45 -26.68
N HIS B 380 31.66 -42.31 -27.12
CA HIS B 380 32.75 -41.93 -26.22
C HIS B 380 32.46 -40.53 -25.61
N LEU B 381 31.61 -39.71 -26.25
CA LEU B 381 31.24 -38.40 -25.72
C LEU B 381 30.42 -38.52 -24.41
N CYS B 382 29.80 -39.67 -24.15
CA CYS B 382 28.93 -39.89 -23.00
C CYS B 382 29.64 -40.64 -21.93
N ARG B 383 29.72 -40.04 -20.72
CA ARG B 383 30.42 -40.69 -19.62
C ARG B 383 29.93 -42.08 -19.31
N GLY B 384 30.86 -43.02 -19.17
CA GLY B 384 30.53 -44.37 -18.75
C GLY B 384 30.02 -45.30 -19.82
N VAL B 385 30.10 -44.88 -21.09
CA VAL B 385 29.67 -45.74 -22.19
C VAL B 385 30.87 -46.41 -22.86
N PHE B 386 30.90 -47.75 -22.84
CA PHE B 386 31.94 -48.60 -23.40
C PHE B 386 31.39 -49.26 -24.68
N PRO B 387 31.75 -48.73 -25.85
CA PRO B 387 31.24 -49.28 -27.11
C PRO B 387 31.83 -50.63 -27.55
N LEU B 388 30.97 -51.54 -28.00
CA LEU B 388 31.35 -52.83 -28.57
C LEU B 388 30.79 -52.87 -29.95
N LEU B 389 31.67 -52.98 -30.95
CA LEU B 389 31.22 -53.05 -32.32
C LEU B 389 30.93 -54.51 -32.69
N TYR B 390 29.65 -54.80 -32.99
CA TYR B 390 29.16 -56.13 -33.37
C TYR B 390 29.28 -56.25 -34.89
N ARG B 391 30.00 -57.27 -35.38
CA ARG B 391 30.23 -57.39 -36.81
C ARG B 391 29.48 -58.54 -37.50
N GLU B 392 28.85 -59.44 -36.74
CA GLU B 392 28.13 -60.58 -37.32
C GLU B 392 26.90 -60.19 -38.12
N PRO B 393 26.63 -60.94 -39.23
CA PRO B 393 25.44 -60.63 -40.02
C PRO B 393 24.16 -61.00 -39.27
N PRO B 394 23.05 -60.30 -39.56
CA PRO B 394 21.80 -60.59 -38.84
C PRO B 394 21.26 -62.00 -38.95
N GLU B 395 20.80 -62.56 -37.81
CA GLU B 395 20.13 -63.85 -37.74
C GLU B 395 18.78 -63.75 -38.44
N ALA B 396 18.25 -64.88 -38.91
CA ALA B 396 16.94 -64.92 -39.59
C ALA B 396 15.83 -64.49 -38.62
N ILE B 397 15.88 -64.97 -37.38
CA ILE B 397 14.89 -64.59 -36.38
C ILE B 397 15.44 -63.40 -35.58
N TRP B 398 14.74 -62.26 -35.62
CA TRP B 398 15.16 -61.03 -34.93
C TRP B 398 15.43 -61.25 -33.44
N ALA B 399 14.57 -61.97 -32.73
CA ALA B 399 14.77 -62.25 -31.31
C ALA B 399 16.10 -62.99 -31.05
N ASP B 400 16.52 -63.86 -31.98
CA ASP B 400 17.79 -64.57 -31.86
C ASP B 400 18.95 -63.62 -32.11
N ASP B 401 18.79 -62.67 -33.03
CA ASP B 401 19.82 -61.69 -33.33
C ASP B 401 20.07 -60.79 -32.09
N VAL B 402 18.98 -60.40 -31.41
CA VAL B 402 19.03 -59.60 -30.19
C VAL B 402 19.78 -60.37 -29.11
N ASP B 403 19.39 -61.64 -28.88
CA ASP B 403 20.03 -62.51 -27.90
C ASP B 403 21.53 -62.71 -28.16
N ARG B 404 21.91 -62.86 -29.44
CA ARG B 404 23.31 -63.02 -29.80
C ARG B 404 24.12 -61.79 -29.45
N ARG B 405 23.53 -60.61 -29.69
CA ARG B 405 24.19 -59.35 -29.36
C ARG B 405 24.36 -59.17 -27.85
N VAL B 406 23.35 -59.56 -27.06
CA VAL B 406 23.43 -59.48 -25.61
C VAL B 406 24.53 -60.43 -25.09
N GLN B 407 24.58 -61.66 -25.65
CA GLN B 407 25.60 -62.65 -25.29
C GLN B 407 26.99 -62.20 -25.70
N PHE B 408 27.11 -61.45 -26.81
CA PHE B 408 28.38 -60.87 -27.25
C PHE B 408 28.87 -59.86 -26.20
N GLY B 409 27.95 -59.04 -25.67
CA GLY B 409 28.26 -58.06 -24.64
C GLY B 409 28.71 -58.73 -23.36
N ILE B 410 28.06 -59.86 -22.99
CA ILE B 410 28.41 -60.63 -21.80
C ILE B 410 29.77 -61.28 -21.94
N GLU B 411 30.02 -61.93 -23.08
CA GLU B 411 31.30 -62.57 -23.36
C GLU B 411 32.43 -61.57 -23.45
N SER B 412 32.23 -60.42 -24.12
CA SER B 412 33.25 -59.38 -24.16
C SER B 412 33.50 -58.84 -22.74
N GLY B 413 32.42 -58.68 -21.97
CA GLY B 413 32.46 -58.20 -20.60
C GLY B 413 33.28 -59.09 -19.70
N LYS B 414 33.15 -60.41 -19.87
CA LYS B 414 33.89 -61.38 -19.08
C LYS B 414 35.36 -61.37 -19.47
N LEU B 415 35.63 -61.35 -20.78
CA LEU B 415 36.98 -61.34 -21.30
C LEU B 415 37.75 -60.11 -20.92
N ARG B 416 37.10 -58.93 -20.88
CA ARG B 416 37.76 -57.67 -20.54
C ARG B 416 37.86 -57.39 -19.04
N GLY B 417 37.20 -58.19 -18.21
CA GLY B 417 37.26 -57.99 -16.77
C GLY B 417 36.12 -57.19 -16.17
N PHE B 418 35.18 -56.69 -17.00
CA PHE B 418 34.01 -55.95 -16.52
C PHE B 418 33.08 -56.88 -15.76
N LEU B 419 32.95 -58.13 -16.21
CA LEU B 419 32.02 -59.07 -15.61
C LEU B 419 32.69 -60.34 -15.13
N ARG B 420 32.19 -60.86 -14.03
CA ARG B 420 32.66 -62.11 -13.45
C ARG B 420 31.46 -63.01 -13.17
N VAL B 421 31.69 -64.32 -13.06
CA VAL B 421 30.62 -65.26 -12.74
C VAL B 421 30.03 -64.90 -11.35
N GLY B 422 28.71 -64.85 -11.27
CA GLY B 422 28.03 -64.44 -10.04
C GLY B 422 27.59 -62.98 -10.05
N ASP B 423 28.13 -62.18 -11.00
CA ASP B 423 27.72 -60.78 -11.10
C ASP B 423 26.29 -60.67 -11.63
N LEU B 424 25.65 -59.56 -11.31
CA LEU B 424 24.36 -59.23 -11.87
C LEU B 424 24.60 -58.16 -12.91
N VAL B 425 23.93 -58.28 -14.04
CA VAL B 425 24.00 -57.28 -15.10
C VAL B 425 22.54 -56.89 -15.45
N ILE B 426 22.38 -55.66 -15.90
CA ILE B 426 21.08 -55.16 -16.32
C ILE B 426 21.18 -55.11 -17.83
N VAL B 427 20.17 -55.63 -18.55
CA VAL B 427 20.19 -55.67 -20.01
C VAL B 427 19.05 -54.83 -20.55
N VAL B 428 19.37 -53.87 -21.39
CA VAL B 428 18.40 -52.94 -21.96
C VAL B 428 18.23 -53.16 -23.47
N THR B 429 16.99 -53.53 -23.87
CA THR B 429 16.62 -53.84 -25.26
C THR B 429 15.28 -53.17 -25.64
N GLY B 430 14.86 -53.32 -26.91
CA GLY B 430 13.59 -52.80 -27.42
C GLY B 430 12.66 -53.89 -27.95
N TRP B 431 11.42 -53.52 -28.27
CA TRP B 431 10.39 -54.47 -28.68
C TRP B 431 10.34 -54.78 -30.19
N ARG B 432 10.96 -53.96 -31.01
CA ARG B 432 11.00 -54.15 -32.46
C ARG B 432 12.31 -53.59 -33.03
N PRO B 433 12.71 -53.98 -34.26
CA PRO B 433 13.95 -53.45 -34.82
C PRO B 433 13.89 -51.96 -35.08
N GLY B 434 15.04 -51.34 -35.30
CA GLY B 434 15.11 -49.92 -35.59
C GLY B 434 15.31 -49.08 -34.34
N SER B 435 15.85 -47.88 -34.54
CA SER B 435 16.12 -46.91 -33.48
C SER B 435 14.83 -46.35 -32.88
N GLY B 436 14.84 -46.09 -31.57
CA GLY B 436 13.73 -45.45 -30.87
C GLY B 436 12.73 -46.33 -30.15
N TYR B 437 12.99 -47.65 -30.07
CA TYR B 437 12.01 -48.55 -29.47
C TYR B 437 12.49 -49.28 -28.23
N THR B 438 13.52 -48.74 -27.53
CA THR B 438 13.99 -49.35 -26.29
C THR B 438 12.89 -49.22 -25.25
N ASN B 439 12.54 -50.32 -24.60
CA ASN B 439 11.49 -50.35 -23.60
C ASN B 439 11.61 -51.55 -22.67
N ILE B 440 12.71 -52.32 -22.73
CA ILE B 440 12.86 -53.49 -21.89
C ILE B 440 14.09 -53.44 -20.98
N MET B 441 13.95 -53.90 -19.76
CA MET B 441 15.06 -54.01 -18.84
CA MET B 441 15.02 -53.98 -18.77
C MET B 441 14.97 -55.38 -18.19
N ARG B 442 16.09 -56.13 -18.19
CA ARG B 442 16.14 -57.47 -17.61
C ARG B 442 17.29 -57.57 -16.64
N VAL B 443 17.12 -58.35 -15.57
CA VAL B 443 18.16 -58.58 -14.59
C VAL B 443 18.71 -59.97 -14.85
N LEU B 444 19.98 -60.07 -15.25
CA LEU B 444 20.60 -61.36 -15.55
CA LEU B 444 20.59 -61.34 -15.57
C LEU B 444 21.76 -61.69 -14.62
N SER B 445 21.84 -62.96 -14.21
CA SER B 445 22.94 -63.42 -13.36
C SER B 445 23.99 -64.04 -14.28
N ILE B 446 25.25 -63.65 -14.13
CA ILE B 446 26.33 -64.16 -14.97
C ILE B 446 26.74 -65.58 -14.54
N SER B 447 26.66 -66.54 -15.45
CA SER B 447 27.07 -67.91 -15.14
C SER B 447 28.33 -68.33 -15.92
N GLU C 21 27.85 -36.59 31.66
CA GLU C 21 27.44 -35.22 31.97
C GLU C 21 25.91 -35.14 32.11
N LEU C 22 25.16 -35.78 31.19
CA LEU C 22 23.71 -35.81 31.23
C LEU C 22 23.24 -37.22 31.63
N GLY C 23 23.78 -38.23 30.95
CA GLY C 23 23.46 -39.62 31.22
C GLY C 23 22.69 -40.32 30.12
N THR C 24 22.83 -41.65 30.06
CA THR C 24 22.11 -42.47 29.07
C THR C 24 20.61 -42.49 29.35
N ALA C 25 20.20 -42.35 30.63
CA ALA C 25 18.79 -42.34 31.03
C ALA C 25 18.08 -41.13 30.42
N PHE C 26 18.77 -39.97 30.38
CA PHE C 26 18.22 -38.74 29.79
C PHE C 26 17.86 -38.96 28.32
N PHE C 27 18.76 -39.63 27.60
CA PHE C 27 18.59 -39.86 26.17
C PHE C 27 17.63 -41.00 25.81
N GLN C 28 17.07 -41.70 26.80
CA GLN C 28 16.08 -42.73 26.53
C GLN C 28 14.64 -42.19 26.70
N GLN C 29 14.46 -41.11 27.52
CA GLN C 29 13.18 -40.45 27.77
C GLN C 29 12.79 -39.52 26.60
N GLN C 30 11.53 -39.01 26.64
CA GLN C 30 10.90 -38.06 25.72
C GLN C 30 11.16 -38.36 24.24
N GLN C 31 11.16 -39.65 23.87
CA GLN C 31 11.38 -40.14 22.50
C GLN C 31 12.65 -39.59 21.88
N LEU C 32 13.70 -39.37 22.69
CA LEU C 32 14.95 -38.85 22.16
C LEU C 32 15.61 -39.81 21.17
N PRO C 33 15.57 -41.16 21.29
CA PRO C 33 16.11 -42.00 20.20
C PRO C 33 15.37 -41.75 18.87
N ALA C 34 14.02 -41.60 18.90
CA ALA C 34 13.25 -41.30 17.68
C ALA C 34 13.53 -39.88 17.16
N ALA C 35 13.86 -38.95 18.05
CA ALA C 35 14.19 -37.56 17.71
C ALA C 35 15.49 -37.46 16.95
N MET C 36 16.45 -38.34 17.23
CA MET C 36 17.75 -38.31 16.55
C MET C 36 17.74 -39.01 15.19
N ALA C 37 16.65 -39.65 14.78
CA ALA C 37 16.60 -40.39 13.53
C ALA C 37 16.85 -39.53 12.32
N ASP C 38 17.47 -40.12 11.28
CA ASP C 38 17.83 -39.41 10.05
C ASP C 38 16.70 -39.31 9.03
N THR C 39 15.65 -40.13 9.18
CA THR C 39 14.48 -40.04 8.29
C THR C 39 13.20 -40.12 9.16
N PHE C 40 12.08 -39.66 8.59
CA PHE C 40 10.80 -39.73 9.27
C PHE C 40 10.40 -41.21 9.49
N LEU C 41 10.67 -42.07 8.51
CA LEU C 41 10.36 -43.50 8.63
C LEU C 41 11.15 -44.12 9.78
N GLU C 42 12.45 -43.85 9.89
CA GLU C 42 13.26 -44.36 11.01
C GLU C 42 12.77 -43.76 12.35
N HIS C 43 12.31 -42.51 12.34
CA HIS C 43 11.76 -41.85 13.52
C HIS C 43 10.53 -42.62 14.02
N LEU C 44 9.62 -43.02 13.10
CA LEU C 44 8.44 -43.80 13.49
C LEU C 44 8.87 -45.16 14.07
N CYS C 45 9.83 -45.83 13.40
CA CYS C 45 10.33 -47.14 13.82
C CYS C 45 10.97 -47.08 15.23
N LEU C 46 11.46 -45.91 15.65
CA LEU C 46 12.10 -45.75 16.95
C LEU C 46 11.18 -45.28 18.07
N LEU C 47 9.89 -45.03 17.79
CA LEU C 47 8.94 -44.60 18.83
C LEU C 47 8.79 -45.73 19.83
N ASP C 48 8.86 -45.40 21.10
CA ASP C 48 8.92 -46.38 22.17
C ASP C 48 7.87 -46.10 23.23
N ILE C 49 6.98 -47.07 23.48
CA ILE C 49 5.95 -46.93 24.53
C ILE C 49 6.57 -46.82 25.93
N ASP C 50 7.82 -47.26 26.12
CA ASP C 50 8.51 -47.16 27.42
C ASP C 50 9.29 -45.85 27.58
N SER C 51 9.38 -45.01 26.54
CA SER C 51 10.08 -43.75 26.63
C SER C 51 9.10 -42.73 27.22
N GLU C 52 9.28 -42.37 28.49
CA GLU C 52 8.34 -41.51 29.19
C GLU C 52 8.48 -40.04 28.86
N PRO C 53 7.33 -39.33 28.72
CA PRO C 53 7.40 -37.88 28.47
C PRO C 53 7.92 -37.17 29.71
N VAL C 54 8.78 -36.17 29.51
CA VAL C 54 9.32 -35.43 30.66
C VAL C 54 8.88 -33.97 30.62
N ALA C 55 8.86 -33.38 29.43
CA ALA C 55 8.45 -32.00 29.28
C ALA C 55 6.99 -31.76 29.69
N ALA C 56 6.69 -30.53 30.11
CA ALA C 56 5.34 -30.14 30.47
C ALA C 56 4.49 -30.16 29.17
N ARG C 57 3.20 -30.46 29.31
CA ARG C 57 2.29 -30.53 28.17
C ARG C 57 2.15 -29.15 27.53
N SER C 58 2.42 -29.07 26.26
CA SER C 58 2.50 -27.83 25.53
C SER C 58 1.27 -27.48 24.70
N THR C 59 0.41 -28.45 24.31
CA THR C 59 -0.81 -28.16 23.54
C THR C 59 -1.91 -27.77 24.52
N SER C 60 -2.47 -26.57 24.39
CA SER C 60 -3.51 -26.12 25.31
C SER C 60 -4.81 -26.85 25.16
N ILE C 61 -5.50 -27.01 26.27
CA ILE C 61 -6.79 -27.68 26.28
C ILE C 61 -7.86 -26.62 26.46
N ILE C 62 -8.81 -26.59 25.53
CA ILE C 62 -9.96 -25.69 25.63
C ILE C 62 -11.13 -26.55 26.11
N ALA C 63 -11.74 -26.20 27.24
CA ALA C 63 -12.91 -26.97 27.72
C ALA C 63 -14.15 -26.10 27.65
N THR C 64 -15.22 -26.63 27.08
CA THR C 64 -16.48 -25.89 26.99
C THR C 64 -17.17 -25.95 28.34
N ILE C 65 -17.48 -24.79 28.92
CA ILE C 65 -18.12 -24.71 30.22
C ILE C 65 -19.63 -24.69 30.10
N GLY C 66 -20.27 -25.69 30.70
CA GLY C 66 -21.71 -25.84 30.68
C GLY C 66 -22.24 -26.43 31.97
N PRO C 67 -23.45 -27.01 31.94
CA PRO C 67 -24.02 -27.56 33.20
C PRO C 67 -23.15 -28.57 33.94
N ALA C 68 -22.41 -29.42 33.22
CA ALA C 68 -21.57 -30.46 33.85
C ALA C 68 -20.25 -29.97 34.41
N SER C 69 -19.87 -28.73 34.11
CA SER C 69 -18.56 -28.21 34.50
C SER C 69 -18.61 -26.78 35.00
N ARG C 70 -19.76 -26.31 35.45
CA ARG C 70 -20.05 -24.92 35.85
C ARG C 70 -19.70 -24.53 37.27
N SER C 71 -19.77 -25.48 38.21
CA SER C 71 -19.52 -25.20 39.62
C SER C 71 -18.07 -24.88 39.90
N VAL C 72 -17.84 -24.03 40.90
CA VAL C 72 -16.51 -23.60 41.32
C VAL C 72 -15.65 -24.80 41.70
N GLU C 73 -16.24 -25.79 42.40
CA GLU C 73 -15.49 -26.97 42.80
C GLU C 73 -15.11 -27.86 41.63
N ARG C 74 -16.01 -27.99 40.66
CA ARG C 74 -15.75 -28.77 39.45
C ARG C 74 -14.67 -28.06 38.61
N LEU C 75 -14.75 -26.73 38.49
CA LEU C 75 -13.79 -25.91 37.76
C LEU C 75 -12.39 -25.99 38.35
N LYS C 76 -12.28 -26.11 39.69
CA LYS C 76 -10.97 -26.27 40.32
C LYS C 76 -10.35 -27.60 39.91
N GLU C 77 -11.16 -28.65 39.83
CA GLU C 77 -10.68 -29.96 39.39
C GLU C 77 -10.27 -29.93 37.93
N MET C 78 -11.00 -29.18 37.08
CA MET C 78 -10.67 -29.07 35.66
CA MET C 78 -10.67 -29.07 35.66
C MET C 78 -9.39 -28.29 35.42
N ILE C 79 -9.12 -27.27 36.26
CA ILE C 79 -7.90 -26.49 36.18
C ILE C 79 -6.73 -27.40 36.56
N LYS C 80 -6.89 -28.20 37.63
CA LYS C 80 -5.86 -29.15 38.07
C LYS C 80 -5.61 -30.24 37.03
N ALA C 81 -6.67 -30.66 36.33
CA ALA C 81 -6.56 -31.66 35.28
C ALA C 81 -5.85 -31.12 34.01
N GLY C 82 -5.82 -29.79 33.82
CA GLY C 82 -5.13 -29.20 32.68
C GLY C 82 -5.86 -28.20 31.80
N MET C 83 -7.10 -27.84 32.13
CA MET C 83 -7.84 -26.84 31.33
C MET C 83 -7.12 -25.50 31.31
N ASN C 84 -6.84 -24.96 30.10
CA ASN C 84 -6.15 -23.67 29.98
C ASN C 84 -7.06 -22.55 29.49
N ILE C 85 -8.09 -22.92 28.71
CA ILE C 85 -9.03 -21.97 28.12
C ILE C 85 -10.44 -22.49 28.39
N ALA C 86 -11.29 -21.61 28.92
CA ALA C 86 -12.70 -21.92 29.19
C ALA C 86 -13.52 -21.35 28.04
N ARG C 87 -14.23 -22.20 27.32
CA ARG C 87 -15.03 -21.78 26.19
C ARG C 87 -16.50 -21.63 26.61
N LEU C 88 -17.12 -20.52 26.23
CA LEU C 88 -18.54 -20.29 26.50
C LEU C 88 -19.23 -20.25 25.18
N ASN C 89 -20.11 -21.23 24.93
CA ASN C 89 -20.80 -21.33 23.66
C ASN C 89 -22.07 -20.55 23.71
N PHE C 90 -22.09 -19.43 23.00
CA PHE C 90 -23.26 -18.57 22.96
C PHE C 90 -24.36 -19.09 22.03
N SER C 91 -24.24 -20.32 21.51
CA SER C 91 -25.33 -20.97 20.79
C SER C 91 -26.40 -21.48 21.80
N HIS C 92 -26.03 -21.64 23.09
CA HIS C 92 -26.87 -22.12 24.17
C HIS C 92 -26.79 -21.16 25.37
N GLY C 93 -27.66 -21.36 26.35
CA GLY C 93 -27.70 -20.55 27.57
C GLY C 93 -28.16 -19.14 27.33
N SER C 94 -27.82 -18.24 28.24
CA SER C 94 -28.17 -16.83 28.14
C SER C 94 -26.98 -15.97 28.62
N HIS C 95 -27.06 -14.62 28.50
CA HIS C 95 -26.00 -13.75 29.01
C HIS C 95 -25.82 -13.95 30.51
N GLU C 96 -26.93 -14.08 31.24
CA GLU C 96 -26.89 -14.25 32.68
C GLU C 96 -26.23 -15.58 33.05
N TYR C 97 -26.56 -16.65 32.33
CA TYR C 97 -25.98 -17.98 32.57
C TYR C 97 -24.46 -17.95 32.31
N HIS C 98 -24.03 -17.40 31.17
CA HIS C 98 -22.62 -17.32 30.82
C HIS C 98 -21.84 -16.40 31.73
N ALA C 99 -22.46 -15.30 32.24
CA ALA C 99 -21.76 -14.42 33.17
C ALA C 99 -21.49 -15.16 34.47
N GLU C 100 -22.44 -16.01 34.91
CA GLU C 100 -22.26 -16.79 36.12
C GLU C 100 -21.13 -17.83 35.92
N SER C 101 -21.07 -18.46 34.73
CA SER C 101 -20.01 -19.41 34.42
C SER C 101 -18.64 -18.70 34.43
N ILE C 102 -18.54 -17.50 33.82
CA ILE C 102 -17.30 -16.70 33.81
C ILE C 102 -16.87 -16.36 35.25
N ALA C 103 -17.81 -15.92 36.11
CA ALA C 103 -17.51 -15.60 37.50
C ALA C 103 -16.98 -16.84 38.26
N ASN C 104 -17.56 -18.01 37.98
CA ASN C 104 -17.13 -19.27 38.62
C ASN C 104 -15.74 -19.66 38.13
N VAL C 105 -15.44 -19.46 36.81
CA VAL C 105 -14.11 -19.73 36.29
C VAL C 105 -13.09 -18.84 37.01
N ARG C 106 -13.34 -17.52 37.09
CA ARG C 106 -12.41 -16.62 37.76
C ARG C 106 -12.28 -16.90 39.26
N GLU C 107 -13.35 -17.36 39.91
CA GLU C 107 -13.26 -17.71 41.34
C GLU C 107 -12.40 -18.96 41.50
N ALA C 108 -12.58 -19.97 40.63
CA ALA C 108 -11.81 -21.19 40.69
C ALA C 108 -10.34 -20.90 40.38
N VAL C 109 -10.05 -20.00 39.42
CA VAL C 109 -8.67 -19.64 39.04
C VAL C 109 -7.98 -18.91 40.18
N GLU C 110 -8.67 -17.91 40.77
CA GLU C 110 -8.07 -17.14 41.86
C GLU C 110 -7.96 -17.89 43.19
N SER C 111 -8.61 -19.04 43.32
CA SER C 111 -8.47 -19.85 44.53
C SER C 111 -7.04 -20.47 44.66
N PHE C 112 -6.24 -20.44 43.57
CA PHE C 112 -4.88 -20.95 43.58
C PHE C 112 -3.84 -19.84 43.62
N ALA C 113 -4.22 -18.56 43.78
CA ALA C 113 -3.22 -17.49 43.83
C ALA C 113 -2.29 -17.55 45.09
N GLY C 114 -2.69 -18.31 46.11
CA GLY C 114 -1.89 -18.49 47.32
C GLY C 114 -0.78 -19.53 47.22
N SER C 115 -0.74 -20.29 46.11
CA SER C 115 0.27 -21.31 45.85
C SER C 115 0.82 -21.18 44.43
N PRO C 116 2.09 -20.72 44.29
CA PRO C 116 2.68 -20.55 42.95
C PRO C 116 2.75 -21.83 42.11
N LEU C 117 2.93 -22.97 42.77
CA LEU C 117 3.00 -24.29 42.17
C LEU C 117 1.67 -24.74 41.52
N SER C 118 0.53 -24.12 41.93
CA SER C 118 -0.80 -24.43 41.38
C SER C 118 -1.47 -23.27 40.61
N TYR C 119 -1.14 -21.99 40.90
CA TYR C 119 -1.76 -20.87 40.19
C TYR C 119 -1.44 -20.92 38.70
N ARG C 120 -2.48 -20.93 37.88
CA ARG C 120 -2.35 -20.92 36.43
C ARG C 120 -3.38 -19.98 35.81
N PRO C 121 -2.96 -19.05 34.95
CA PRO C 121 -3.94 -18.22 34.24
C PRO C 121 -4.83 -19.11 33.35
N VAL C 122 -6.10 -18.73 33.23
CA VAL C 122 -7.04 -19.48 32.40
C VAL C 122 -7.73 -18.45 31.50
N ALA C 123 -7.67 -18.61 30.17
CA ALA C 123 -8.31 -17.68 29.26
C ALA C 123 -9.82 -17.92 29.19
N ILE C 124 -10.57 -16.89 28.81
CA ILE C 124 -12.01 -17.02 28.64
C ILE C 124 -12.32 -16.71 27.19
N ALA C 125 -12.88 -17.66 26.50
CA ALA C 125 -13.18 -17.52 25.09
C ALA C 125 -14.71 -17.53 24.87
N LEU C 126 -15.21 -16.64 24.03
CA LEU C 126 -16.61 -16.59 23.71
C LEU C 126 -16.81 -17.19 22.31
N ASP C 127 -17.64 -18.24 22.17
CA ASP C 127 -17.92 -18.84 20.87
C ASP C 127 -19.29 -18.31 20.38
N THR C 128 -19.32 -17.55 19.28
CA THR C 128 -20.57 -16.95 18.79
C THR C 128 -21.57 -17.96 18.18
N LYS C 129 -22.85 -17.58 18.18
CA LYS C 129 -23.89 -18.38 17.57
C LYS C 129 -23.69 -18.48 16.06
N GLY C 130 -23.36 -17.38 15.42
CA GLY C 130 -23.12 -17.38 13.98
C GLY C 130 -24.16 -16.62 13.18
N PRO C 131 -23.93 -16.46 11.87
CA PRO C 131 -24.84 -15.68 11.02
C PRO C 131 -26.12 -16.41 10.64
N GLY C 134 -28.52 -15.73 7.71
CA GLY C 134 -28.45 -14.36 7.23
C GLY C 134 -27.13 -14.03 6.55
N PRO C 135 -27.02 -12.82 5.98
CA PRO C 135 -25.77 -12.44 5.30
C PRO C 135 -24.62 -12.06 6.25
N GLY C 136 -24.57 -10.80 6.72
CA GLY C 136 -23.51 -10.32 7.59
C GLY C 136 -23.56 -10.82 9.02
N LEU C 137 -22.99 -10.02 9.92
CA LEU C 137 -22.97 -10.32 11.35
C LEU C 137 -24.40 -10.24 11.92
N SER C 138 -24.87 -11.28 12.61
CA SER C 138 -26.24 -11.29 13.15
C SER C 138 -26.39 -10.33 14.33
N GLU C 139 -27.64 -9.91 14.59
CA GLU C 139 -27.95 -9.01 15.70
C GLU C 139 -27.53 -9.62 17.03
N GLN C 140 -27.78 -10.93 17.19
CA GLN C 140 -27.45 -11.62 18.40
C GLN C 140 -25.93 -11.66 18.58
N ASP C 141 -25.17 -11.87 17.50
CA ASP C 141 -23.71 -11.86 17.57
C ASP C 141 -23.19 -10.49 17.99
N VAL C 142 -23.78 -9.39 17.48
CA VAL C 142 -23.38 -8.03 17.91
C VAL C 142 -23.55 -7.86 19.43
N ARG C 143 -24.66 -8.36 19.98
CA ARG C 143 -24.93 -8.26 21.41
C ARG C 143 -24.05 -9.18 22.23
N ASP C 144 -23.79 -10.41 21.74
CA ASP C 144 -22.93 -11.36 22.43
C ASP C 144 -21.47 -10.89 22.42
N LEU C 145 -21.03 -10.28 21.32
CA LEU C 145 -19.68 -9.72 21.23
C LEU C 145 -19.54 -8.56 22.21
N ARG C 146 -20.59 -7.74 22.36
CA ARG C 146 -20.59 -6.63 23.30
C ARG C 146 -20.53 -7.17 24.72
N PHE C 147 -21.23 -8.27 24.99
CA PHE C 147 -21.17 -8.93 26.30
C PHE C 147 -19.71 -9.37 26.60
N GLY C 148 -19.04 -9.93 25.59
CA GLY C 148 -17.65 -10.35 25.70
C GLY C 148 -16.72 -9.22 26.09
N VAL C 149 -16.86 -8.06 25.42
CA VAL C 149 -16.06 -6.89 25.73
C VAL C 149 -16.31 -6.42 27.15
N GLU C 150 -17.59 -6.34 27.55
CA GLU C 150 -17.96 -5.87 28.88
C GLU C 150 -17.51 -6.80 29.97
N HIS C 151 -17.47 -8.11 29.69
CA HIS C 151 -17.02 -9.10 30.66
C HIS C 151 -15.52 -9.43 30.56
N GLY C 152 -14.80 -8.73 29.71
CA GLY C 152 -13.35 -8.85 29.58
C GLY C 152 -12.83 -10.16 29.05
N VAL C 153 -13.56 -10.81 28.10
CA VAL C 153 -13.11 -12.05 27.51
C VAL C 153 -11.78 -11.83 26.74
N ASP C 154 -10.99 -12.89 26.65
CA ASP C 154 -9.69 -12.81 26.01
C ASP C 154 -9.75 -13.17 24.54
N ILE C 155 -10.66 -14.06 24.16
CA ILE C 155 -10.71 -14.61 22.81
C ILE C 155 -12.14 -14.70 22.31
N VAL C 156 -12.33 -14.58 20.99
CA VAL C 156 -13.61 -14.80 20.36
C VAL C 156 -13.40 -15.92 19.34
N PHE C 157 -14.20 -17.00 19.41
CA PHE C 157 -14.19 -18.02 18.39
C PHE C 157 -15.37 -17.62 17.50
N ALA C 158 -15.10 -17.01 16.35
CA ALA C 158 -16.15 -16.51 15.47
C ALA C 158 -16.70 -17.59 14.56
N SER C 159 -17.97 -17.96 14.76
CA SER C 159 -18.60 -19.00 13.99
C SER C 159 -18.82 -18.64 12.54
N PHE C 160 -18.74 -19.65 11.66
CA PHE C 160 -19.02 -19.58 10.23
C PHE C 160 -18.34 -18.42 9.51
N VAL C 161 -17.01 -18.27 9.67
CA VAL C 161 -16.28 -17.22 8.96
C VAL C 161 -16.10 -17.73 7.55
N ARG C 162 -16.56 -16.95 6.57
CA ARG C 162 -16.52 -17.37 5.17
C ARG C 162 -15.59 -16.56 4.31
N LYS C 163 -15.28 -15.32 4.74
CA LYS C 163 -14.45 -14.39 3.97
C LYS C 163 -13.84 -13.35 4.91
N ALA C 164 -12.85 -12.56 4.42
CA ALA C 164 -12.19 -11.54 5.22
C ALA C 164 -13.15 -10.50 5.79
N SER C 165 -14.22 -10.15 5.08
CA SER C 165 -15.17 -9.14 5.57
C SER C 165 -15.97 -9.62 6.79
N ASP C 166 -16.12 -10.94 6.97
CA ASP C 166 -16.77 -11.48 8.16
C ASP C 166 -15.89 -11.19 9.40
N VAL C 167 -14.57 -11.29 9.25
CA VAL C 167 -13.64 -11.02 10.35
C VAL C 167 -13.65 -9.52 10.66
N ALA C 168 -13.68 -8.66 9.62
CA ALA C 168 -13.73 -7.21 9.82
C ALA C 168 -14.98 -6.82 10.58
N ALA C 169 -16.12 -7.47 10.28
CA ALA C 169 -17.36 -7.18 11.00
C ALA C 169 -17.24 -7.56 12.49
N VAL C 170 -16.61 -8.71 12.79
CA VAL C 170 -16.40 -9.12 14.18
C VAL C 170 -15.48 -8.13 14.90
N ARG C 171 -14.41 -7.73 14.22
CA ARG C 171 -13.43 -6.78 14.73
C ARG C 171 -14.10 -5.44 15.05
N ALA C 172 -14.94 -4.94 14.12
CA ALA C 172 -15.69 -3.69 14.30
C ALA C 172 -16.63 -3.79 15.50
N ALA C 173 -17.26 -4.95 15.70
CA ALA C 173 -18.20 -5.18 16.83
C ALA C 173 -17.51 -5.25 18.19
N LEU C 174 -16.17 -5.44 18.21
CA LEU C 174 -15.46 -5.51 19.49
C LEU C 174 -15.22 -4.08 20.09
N GLY C 175 -16.08 -3.12 19.68
CA GLY C 175 -16.29 -1.75 20.12
C GLY C 175 -15.02 -1.00 20.30
N PRO C 176 -15.05 0.10 21.04
CA PRO C 176 -13.80 0.84 21.25
C PRO C 176 -12.88 0.17 22.29
N GLU C 177 -13.41 -0.69 23.17
CA GLU C 177 -12.65 -1.27 24.29
C GLU C 177 -12.04 -2.65 24.06
N GLY C 178 -12.43 -3.38 23.00
CA GLY C 178 -12.01 -4.76 22.81
C GLY C 178 -11.08 -5.08 21.66
N HIS C 179 -10.29 -4.11 21.20
CA HIS C 179 -9.35 -4.34 20.11
C HIS C 179 -8.23 -5.31 20.46
N GLY C 180 -7.95 -5.53 21.75
CA GLY C 180 -6.95 -6.50 22.19
C GLY C 180 -7.45 -7.95 22.29
N ILE C 181 -8.75 -8.18 22.03
CA ILE C 181 -9.32 -9.53 22.06
C ILE C 181 -8.86 -10.30 20.82
N LYS C 182 -8.45 -11.57 20.99
CA LYS C 182 -7.99 -12.35 19.84
C LYS C 182 -9.20 -12.91 19.09
N ILE C 183 -9.20 -12.81 17.77
CA ILE C 183 -10.27 -13.37 16.96
C ILE C 183 -9.76 -14.62 16.32
N ILE C 184 -10.32 -15.75 16.70
CA ILE C 184 -10.00 -17.04 16.11
C ILE C 184 -11.18 -17.36 15.17
N SER C 185 -10.93 -17.36 13.86
CA SER C 185 -12.00 -17.61 12.89
C SER C 185 -12.28 -19.07 12.77
N LYS C 186 -13.55 -19.48 12.94
CA LYS C 186 -13.92 -20.89 12.79
C LYS C 186 -14.22 -21.16 11.32
N ILE C 187 -13.57 -22.16 10.73
CA ILE C 187 -13.79 -22.55 9.34
C ILE C 187 -14.71 -23.74 9.42
N GLU C 188 -15.95 -23.55 8.94
CA GLU C 188 -17.00 -24.55 9.10
C GLU C 188 -17.68 -24.97 7.81
N ASN C 189 -17.27 -24.42 6.65
CA ASN C 189 -17.94 -24.78 5.40
C ASN C 189 -16.98 -24.70 4.20
N HIS C 190 -17.46 -25.04 3.00
CA HIS C 190 -16.66 -25.04 1.79
C HIS C 190 -16.08 -23.68 1.49
N GLU C 191 -16.89 -22.62 1.59
CA GLU C 191 -16.43 -21.27 1.30
C GLU C 191 -15.27 -20.83 2.23
N GLY C 192 -15.37 -21.09 3.52
CA GLY C 192 -14.30 -20.75 4.46
C GLY C 192 -13.01 -21.47 4.12
N VAL C 193 -13.09 -22.75 3.69
CA VAL C 193 -11.91 -23.52 3.29
C VAL C 193 -11.29 -22.90 2.02
N LYS C 194 -12.14 -22.59 1.03
CA LYS C 194 -11.67 -22.02 -0.24
C LYS C 194 -11.12 -20.62 -0.09
N ARG C 195 -11.69 -19.82 0.82
CA ARG C 195 -11.18 -18.48 1.07
C ARG C 195 -10.27 -18.42 2.31
N PHE C 196 -9.70 -19.57 2.73
CA PHE C 196 -8.85 -19.67 3.90
C PHE C 196 -7.71 -18.64 3.97
N ASP C 197 -6.95 -18.45 2.90
CA ASP C 197 -5.81 -17.53 2.93
C ASP C 197 -6.20 -16.10 3.28
N GLU C 198 -7.29 -15.59 2.69
CA GLU C 198 -7.75 -14.24 3.01
C GLU C 198 -8.30 -14.13 4.44
N ILE C 199 -8.85 -15.22 4.98
CA ILE C 199 -9.39 -15.23 6.33
C ILE C 199 -8.24 -15.27 7.34
N LEU C 200 -7.26 -16.14 7.13
CA LEU C 200 -6.11 -16.27 8.03
C LEU C 200 -5.33 -14.96 8.09
N GLU C 201 -5.19 -14.28 6.95
CA GLU C 201 -4.47 -13.00 6.88
C GLU C 201 -4.99 -11.96 7.86
N VAL C 202 -6.31 -11.87 8.04
CA VAL C 202 -6.90 -10.88 8.94
C VAL C 202 -7.30 -11.43 10.33
N SER C 203 -7.13 -12.74 10.57
CA SER C 203 -7.52 -13.34 11.84
C SER C 203 -6.30 -13.51 12.72
N ASP C 204 -6.51 -13.62 14.03
CA ASP C 204 -5.41 -13.95 14.94
C ASP C 204 -5.08 -15.45 14.93
N GLY C 205 -6.04 -16.27 14.50
CA GLY C 205 -5.88 -17.71 14.43
C GLY C 205 -7.10 -18.38 13.83
N ILE C 206 -7.09 -19.70 13.78
CA ILE C 206 -8.12 -20.46 13.12
C ILE C 206 -8.61 -21.58 14.00
N MET C 207 -9.92 -21.88 13.92
CA MET C 207 -10.44 -23.08 14.57
C MET C 207 -10.93 -24.01 13.43
N VAL C 208 -10.49 -25.27 13.38
CA VAL C 208 -11.00 -26.25 12.41
C VAL C 208 -12.24 -26.80 13.10
N ALA C 209 -13.41 -26.24 12.77
CA ALA C 209 -14.67 -26.62 13.41
C ALA C 209 -15.27 -27.79 12.66
N ARG C 210 -14.82 -29.00 13.01
CA ARG C 210 -15.13 -30.23 12.30
C ARG C 210 -16.59 -30.67 12.34
N GLY C 211 -17.37 -30.22 13.31
CA GLY C 211 -18.79 -30.57 13.40
C GLY C 211 -19.56 -30.11 12.18
N ASP C 212 -19.61 -28.80 11.95
CA ASP C 212 -20.27 -28.25 10.79
C ASP C 212 -19.52 -28.58 9.54
N LEU C 213 -18.18 -28.57 9.56
CA LEU C 213 -17.39 -28.89 8.37
C LEU C 213 -17.73 -30.29 7.81
N GLY C 214 -17.94 -31.25 8.71
CA GLY C 214 -18.30 -32.62 8.36
C GLY C 214 -19.70 -32.80 7.80
N ILE C 215 -20.54 -31.76 7.87
CA ILE C 215 -21.90 -31.72 7.32
C ILE C 215 -21.89 -30.87 6.04
N GLU C 216 -21.07 -29.81 6.00
CA GLU C 216 -20.98 -28.90 4.87
C GLU C 216 -20.20 -29.48 3.70
N ILE C 217 -19.16 -30.26 3.99
CA ILE C 217 -18.38 -30.93 2.96
C ILE C 217 -18.46 -32.46 3.23
N PRO C 218 -18.12 -33.33 2.26
CA PRO C 218 -18.14 -34.78 2.54
C PRO C 218 -17.33 -35.14 3.77
N ALA C 219 -17.87 -35.96 4.66
CA ALA C 219 -17.23 -36.32 5.91
C ALA C 219 -15.81 -36.89 5.71
N GLU C 220 -15.62 -37.63 4.62
CA GLU C 220 -14.33 -38.24 4.29
C GLU C 220 -13.27 -37.23 3.84
N LYS C 221 -13.63 -35.94 3.65
CA LYS C 221 -12.69 -34.91 3.23
C LYS C 221 -12.25 -34.01 4.39
N VAL C 222 -12.89 -34.10 5.58
CA VAL C 222 -12.56 -33.24 6.70
C VAL C 222 -11.09 -33.30 7.10
N PHE C 223 -10.48 -34.50 7.10
CA PHE C 223 -9.06 -34.63 7.45
C PHE C 223 -8.13 -33.83 6.52
N LEU C 224 -8.51 -33.66 5.24
CA LEU C 224 -7.70 -32.89 4.29
C LEU C 224 -7.77 -31.42 4.66
N ALA C 225 -8.96 -30.92 5.01
CA ALA C 225 -9.15 -29.54 5.39
C ALA C 225 -8.41 -29.28 6.72
N GLN C 226 -8.49 -30.21 7.67
CA GLN C 226 -7.81 -30.07 8.95
C GLN C 226 -6.28 -29.99 8.76
N LYS C 227 -5.70 -30.93 8.01
CA LYS C 227 -4.26 -30.96 7.81
C LYS C 227 -3.76 -29.75 7.05
N MET C 228 -4.52 -29.30 6.04
CA MET C 228 -4.16 -28.14 5.24
C MET C 228 -4.16 -26.86 6.10
N MET C 229 -5.24 -26.62 6.87
CA MET C 229 -5.34 -25.43 7.68
C MET C 229 -4.33 -25.40 8.80
N ILE C 230 -4.04 -26.56 9.41
CA ILE C 230 -3.02 -26.62 10.46
C ILE C 230 -1.64 -26.30 9.86
N GLY C 231 -1.34 -26.89 8.71
CA GLY C 231 -0.07 -26.62 8.01
C GLY C 231 0.08 -25.15 7.65
N ARG C 232 -0.99 -24.52 7.13
CA ARG C 232 -0.94 -23.12 6.73
C ARG C 232 -0.82 -22.19 7.94
N CYS C 233 -1.46 -22.54 9.06
CA CYS C 233 -1.34 -21.75 10.30
C CYS C 233 0.06 -21.89 10.86
N ASN C 234 0.65 -23.10 10.80
CA ASN C 234 2.02 -23.32 11.28
C ASN C 234 2.99 -22.49 10.45
N LEU C 235 2.79 -22.44 9.15
CA LEU C 235 3.61 -21.66 8.24
C LEU C 235 3.46 -20.15 8.51
N ALA C 236 2.25 -19.68 8.82
CA ALA C 236 1.99 -18.27 9.12
C ALA C 236 2.37 -17.89 10.56
N GLY C 237 2.62 -18.84 11.43
CA GLY C 237 2.94 -18.58 12.82
C GLY C 237 1.72 -18.11 13.61
N LYS C 238 0.52 -18.60 13.25
CA LYS C 238 -0.70 -18.23 13.93
C LYS C 238 -1.37 -19.42 14.59
N PRO C 239 -1.97 -19.25 15.77
CA PRO C 239 -2.60 -20.40 16.46
C PRO C 239 -3.70 -21.12 15.69
N VAL C 240 -3.74 -22.45 15.80
CA VAL C 240 -4.78 -23.22 15.16
C VAL C 240 -5.35 -24.21 16.20
N VAL C 241 -6.68 -24.26 16.30
CA VAL C 241 -7.37 -25.13 17.23
C VAL C 241 -7.99 -26.30 16.48
N CYS C 242 -7.83 -27.54 16.98
CA CYS C 242 -8.56 -28.66 16.41
C CYS C 242 -9.77 -28.87 17.31
N ALA C 243 -10.98 -28.91 16.74
CA ALA C 243 -12.17 -29.02 17.57
C ALA C 243 -13.17 -30.08 17.11
N THR C 244 -14.03 -30.52 18.04
CA THR C 244 -15.26 -31.30 17.89
C THR C 244 -15.10 -32.81 17.73
N GLN C 245 -15.76 -33.54 18.64
CA GLN C 245 -15.85 -35.01 18.71
C GLN C 245 -14.51 -35.70 18.92
N MET C 246 -13.53 -34.98 19.52
CA MET C 246 -12.22 -35.58 19.78
C MET C 246 -12.30 -36.75 20.75
N LEU C 247 -13.13 -36.64 21.81
CA LEU C 247 -13.35 -37.71 22.78
C LEU C 247 -14.86 -37.90 23.00
N GLU C 248 -15.66 -37.81 21.93
CA GLU C 248 -17.11 -37.85 21.94
C GLU C 248 -17.73 -38.93 22.82
N SER C 249 -17.25 -40.17 22.74
CA SER C 249 -17.79 -41.27 23.55
C SER C 249 -17.66 -41.01 25.06
N MET C 250 -16.72 -40.15 25.48
CA MET C 250 -16.57 -39.81 26.90
C MET C 250 -17.70 -38.93 27.46
N ILE C 251 -18.68 -38.56 26.63
CA ILE C 251 -19.87 -37.86 27.12
C ILE C 251 -20.65 -38.85 28.04
N THR C 252 -20.70 -40.14 27.65
CA THR C 252 -21.40 -41.17 28.43
C THR C 252 -20.49 -42.26 28.99
N LYS C 253 -19.27 -42.44 28.46
CA LYS C 253 -18.38 -43.51 28.92
C LYS C 253 -17.12 -43.00 29.61
N PRO C 254 -16.61 -43.71 30.62
CA PRO C 254 -15.42 -43.21 31.35
C PRO C 254 -14.09 -43.29 30.60
N ARG C 255 -14.03 -44.08 29.53
CA ARG C 255 -12.83 -44.26 28.71
C ARG C 255 -13.17 -44.02 27.25
N PRO C 256 -12.23 -43.44 26.48
CA PRO C 256 -12.52 -43.18 25.07
C PRO C 256 -12.29 -44.38 24.16
N THR C 257 -12.72 -44.27 22.90
CA THR C 257 -12.47 -45.32 21.93
C THR C 257 -11.00 -45.18 21.39
N ARG C 258 -10.54 -46.20 20.66
CA ARG C 258 -9.20 -46.20 20.08
C ARG C 258 -9.08 -45.14 19.00
N ALA C 259 -10.16 -44.83 18.29
CA ALA C 259 -10.15 -43.81 17.26
C ALA C 259 -10.03 -42.41 17.88
N GLU C 260 -10.65 -42.20 19.05
CA GLU C 260 -10.61 -40.94 19.76
C GLU C 260 -9.23 -40.59 20.30
N THR C 261 -8.53 -41.54 20.94
CA THR C 261 -7.17 -41.26 21.42
C THR C 261 -6.24 -40.99 20.24
N SER C 262 -6.44 -41.71 19.13
CA SER C 262 -5.65 -41.55 17.92
C SER C 262 -5.90 -40.14 17.34
N ASP C 263 -7.16 -39.69 17.33
CA ASP C 263 -7.53 -38.39 16.81
C ASP C 263 -6.85 -37.25 17.59
N VAL C 264 -6.83 -37.36 18.92
CA VAL C 264 -6.18 -36.35 19.75
C VAL C 264 -4.66 -36.33 19.46
N ALA C 265 -4.04 -37.51 19.44
CA ALA C 265 -2.60 -37.62 19.18
C ALA C 265 -2.24 -37.09 17.81
N ASN C 266 -3.05 -37.40 16.77
CA ASN C 266 -2.81 -36.95 15.41
C ASN C 266 -3.05 -35.47 15.24
N ALA C 267 -3.97 -34.85 16.00
CA ALA C 267 -4.15 -33.39 15.92
C ALA C 267 -2.88 -32.71 16.42
N VAL C 268 -2.27 -33.23 17.50
CA VAL C 268 -1.02 -32.70 18.03
C VAL C 268 0.12 -32.92 17.02
N LEU C 269 0.24 -34.14 16.45
CA LEU C 269 1.27 -34.42 15.44
C LEU C 269 1.07 -33.61 14.15
N ASP C 270 -0.18 -33.26 13.79
CA ASP C 270 -0.47 -32.42 12.62
C ASP C 270 0.10 -31.02 12.83
N GLY C 271 0.13 -30.54 14.08
CA GLY C 271 0.66 -29.22 14.41
C GLY C 271 -0.31 -28.30 15.11
N ALA C 272 -1.40 -28.83 15.67
CA ALA C 272 -2.39 -27.98 16.35
C ALA C 272 -1.82 -27.34 17.60
N ASP C 273 -2.10 -26.07 17.81
CA ASP C 273 -1.67 -25.36 18.99
C ASP C 273 -2.57 -25.71 20.16
N CYS C 274 -3.88 -25.86 19.91
CA CYS C 274 -4.88 -26.19 20.91
C CYS C 274 -5.75 -27.35 20.47
N ILE C 275 -6.26 -28.09 21.44
CA ILE C 275 -7.25 -29.13 21.22
C ILE C 275 -8.48 -28.76 22.09
N MET C 276 -9.67 -29.14 21.62
CA MET C 276 -10.89 -28.73 22.31
C MET C 276 -11.78 -29.88 22.75
N LEU C 277 -12.58 -29.62 23.77
CA LEU C 277 -13.62 -30.50 24.27
C LEU C 277 -14.92 -29.67 24.25
N SER C 278 -16.00 -30.25 23.73
CA SER C 278 -17.29 -29.56 23.62
C SER C 278 -18.29 -30.23 24.58
N GLY C 279 -19.16 -31.13 24.09
CA GLY C 279 -20.12 -31.86 24.93
C GLY C 279 -19.45 -32.68 26.00
N GLU C 280 -18.18 -33.10 25.77
CA GLU C 280 -17.39 -33.87 26.73
C GLU C 280 -17.28 -33.16 28.05
N THR C 281 -17.18 -31.83 28.05
CA THR C 281 -17.07 -31.07 29.29
C THR C 281 -18.32 -30.22 29.58
N ALA C 282 -19.06 -29.82 28.54
CA ALA C 282 -20.24 -28.99 28.70
C ALA C 282 -21.41 -29.75 29.36
N LYS C 283 -21.68 -30.97 28.89
CA LYS C 283 -22.84 -31.71 29.38
C LYS C 283 -22.60 -33.17 29.77
N GLY C 284 -21.41 -33.69 29.47
CA GLY C 284 -21.12 -35.11 29.73
C GLY C 284 -20.96 -35.50 31.18
N ASN C 285 -20.88 -36.81 31.41
CA ASN C 285 -20.74 -37.38 32.74
C ASN C 285 -19.31 -37.42 33.26
N PHE C 286 -18.31 -37.21 32.38
CA PHE C 286 -16.91 -37.29 32.77
C PHE C 286 -16.10 -36.07 32.30
N PRO C 287 -16.48 -34.83 32.68
CA PRO C 287 -15.73 -33.65 32.21
C PRO C 287 -14.27 -33.62 32.63
N VAL C 288 -13.97 -33.92 33.92
CA VAL C 288 -12.61 -33.90 34.43
C VAL C 288 -11.77 -35.00 33.78
N GLU C 289 -12.36 -36.19 33.60
CA GLU C 289 -11.68 -37.32 32.99
C GLU C 289 -11.35 -37.03 31.52
N ALA C 290 -12.24 -36.31 30.81
CA ALA C 290 -12.00 -35.95 29.41
C ALA C 290 -10.80 -34.98 29.31
N VAL C 291 -10.67 -34.04 30.26
CA VAL C 291 -9.53 -33.12 30.29
C VAL C 291 -8.25 -33.90 30.57
N LYS C 292 -8.30 -34.83 31.54
CA LYS C 292 -7.14 -35.65 31.91
C LYS C 292 -6.68 -36.51 30.74
N MET C 293 -7.63 -37.03 29.97
CA MET C 293 -7.32 -37.87 28.82
C MET C 293 -6.63 -37.04 27.73
N GLN C 294 -7.13 -35.82 27.44
CA GLN C 294 -6.47 -34.96 26.45
C GLN C 294 -5.07 -34.57 26.90
N HIS C 295 -4.90 -34.31 28.20
CA HIS C 295 -3.60 -33.96 28.76
C HIS C 295 -2.60 -35.11 28.56
N ALA C 296 -2.99 -36.34 28.96
CA ALA C 296 -2.15 -37.51 28.86
C ALA C 296 -1.74 -37.80 27.40
N ILE C 297 -2.70 -37.75 26.47
CA ILE C 297 -2.39 -38.01 25.08
C ILE C 297 -1.47 -36.93 24.48
N ALA C 298 -1.79 -35.63 24.71
CA ALA C 298 -0.98 -34.54 24.16
C ALA C 298 0.48 -34.60 24.62
N ARG C 299 0.75 -34.93 25.90
CA ARG C 299 2.12 -35.06 26.38
C ARG C 299 2.87 -36.16 25.61
N GLU C 300 2.23 -37.30 25.39
CA GLU C 300 2.84 -38.40 24.64
C GLU C 300 3.10 -38.01 23.19
N ALA C 301 2.12 -37.32 22.56
CA ALA C 301 2.21 -36.92 21.16
C ALA C 301 3.23 -35.83 20.92
N GLU C 302 3.39 -34.90 21.86
CA GLU C 302 4.37 -33.83 21.70
C GLU C 302 5.80 -34.36 21.70
N ALA C 303 6.08 -35.38 22.53
CA ALA C 303 7.42 -35.97 22.54
C ALA C 303 7.68 -36.75 21.23
N ALA C 304 6.61 -37.24 20.57
CA ALA C 304 6.72 -37.97 19.30
C ALA C 304 6.83 -37.09 18.07
N VAL C 305 6.82 -35.76 18.22
CA VAL C 305 6.95 -34.87 17.07
C VAL C 305 8.38 -34.99 16.52
N TYR C 306 8.54 -35.07 15.19
CA TYR C 306 9.85 -35.21 14.56
C TYR C 306 10.41 -33.82 14.33
N HIS C 307 10.94 -33.20 15.40
CA HIS C 307 11.46 -31.85 15.37
C HIS C 307 12.55 -31.60 14.34
N ARG C 308 13.39 -32.59 14.04
CA ARG C 308 14.47 -32.43 13.08
C ARG C 308 13.96 -31.99 11.72
N GLN C 309 12.88 -32.62 11.25
CA GLN C 309 12.30 -32.24 9.96
C GLN C 309 11.43 -31.00 10.12
N LEU C 310 10.63 -30.94 11.18
CA LEU C 310 9.74 -29.81 11.43
C LEU C 310 10.49 -28.48 11.48
N PHE C 311 11.56 -28.41 12.26
CA PHE C 311 12.37 -27.19 12.37
C PHE C 311 13.00 -26.81 11.05
N GLU C 312 13.58 -27.79 10.34
CA GLU C 312 14.22 -27.54 9.03
C GLU C 312 13.20 -27.00 8.01
N GLU C 313 11.99 -27.56 8.01
CA GLU C 313 10.95 -27.12 7.09
C GLU C 313 10.36 -25.76 7.46
N LEU C 314 10.19 -25.48 8.77
CA LEU C 314 9.67 -24.19 9.23
C LEU C 314 10.70 -23.11 8.85
N ARG C 315 12.00 -23.41 9.05
CA ARG C 315 13.13 -22.56 8.71
C ARG C 315 13.14 -22.26 7.22
N ARG C 316 13.17 -23.29 6.36
CA ARG C 316 13.22 -23.14 4.90
C ARG C 316 12.02 -22.38 4.33
N ALA C 317 10.83 -22.60 4.89
CA ALA C 317 9.62 -21.96 4.38
C ALA C 317 9.42 -20.54 4.87
N ALA C 318 9.93 -20.23 6.07
CA ALA C 318 9.76 -18.90 6.64
C ALA C 318 10.65 -17.94 5.87
N PRO C 319 10.10 -16.80 5.46
CA PRO C 319 10.92 -15.85 4.69
C PRO C 319 11.94 -15.15 5.56
N LEU C 320 12.97 -14.57 4.92
CA LEU C 320 13.99 -13.80 5.62
C LEU C 320 13.33 -12.61 6.29
N SER C 321 13.85 -12.19 7.43
CA SER C 321 13.22 -11.12 8.17
C SER C 321 14.22 -10.14 8.70
N ARG C 322 13.85 -8.87 8.70
CA ARG C 322 14.66 -7.84 9.31
C ARG C 322 14.04 -7.36 10.65
N ASP C 323 13.04 -8.08 11.18
CA ASP C 323 12.43 -7.75 12.46
C ASP C 323 13.28 -8.44 13.54
N PRO C 324 13.86 -7.65 14.45
CA PRO C 324 14.71 -8.25 15.49
C PRO C 324 14.04 -9.30 16.33
N THR C 325 12.74 -9.18 16.62
CA THR C 325 12.03 -10.18 17.43
C THR C 325 12.03 -11.52 16.72
N GLU C 326 11.77 -11.52 15.42
CA GLU C 326 11.75 -12.73 14.60
CA GLU C 326 11.74 -12.73 14.61
C GLU C 326 13.15 -13.34 14.48
N VAL C 327 14.15 -12.49 14.24
CA VAL C 327 15.54 -12.94 14.11
C VAL C 327 16.05 -13.53 15.44
N THR C 328 15.73 -12.88 16.57
CA THR C 328 16.14 -13.36 17.90
C THR C 328 15.47 -14.67 18.21
N ALA C 329 14.17 -14.81 17.84
CA ALA C 329 13.40 -16.01 18.10
C ALA C 329 14.00 -17.24 17.44
N ILE C 330 14.38 -17.15 16.15
CA ILE C 330 14.96 -18.31 15.46
C ILE C 330 16.36 -18.64 16.03
N GLY C 331 17.15 -17.63 16.39
CA GLY C 331 18.45 -17.84 17.02
C GLY C 331 18.29 -18.52 18.36
N ALA C 332 17.28 -18.13 19.15
CA ALA C 332 17.01 -18.70 20.47
C ALA C 332 16.55 -20.15 20.35
N VAL C 333 15.71 -20.47 19.37
CA VAL C 333 15.22 -21.84 19.18
C VAL C 333 16.37 -22.74 18.69
N GLU C 334 17.23 -22.21 17.81
CA GLU C 334 18.41 -22.95 17.35
CA GLU C 334 18.41 -22.95 17.35
C GLU C 334 19.32 -23.24 18.55
N ALA C 335 19.57 -22.22 19.40
CA ALA C 335 20.40 -22.36 20.60
C ALA C 335 19.80 -23.39 21.57
N ALA C 336 18.47 -23.35 21.78
CA ALA C 336 17.80 -24.29 22.67
C ALA C 336 17.97 -25.75 22.22
N PHE C 337 17.82 -26.01 20.90
CA PHE C 337 18.03 -27.37 20.36
C PHE C 337 19.49 -27.84 20.54
N LYS C 338 20.45 -26.94 20.34
CA LYS C 338 21.87 -27.25 20.43
C LYS C 338 22.28 -27.77 21.80
N CYS C 339 21.70 -27.24 22.89
CA CYS C 339 22.08 -27.64 24.23
C CYS C 339 21.02 -28.42 24.96
N CYS C 340 19.90 -28.80 24.31
CA CYS C 340 18.78 -29.47 24.97
C CYS C 340 18.28 -28.63 26.14
N ALA C 341 18.15 -27.30 25.94
CA ALA C 341 17.76 -26.35 26.99
C ALA C 341 16.47 -26.76 27.61
N ALA C 342 16.41 -26.69 28.93
CA ALA C 342 15.21 -27.05 29.68
C ALA C 342 14.06 -26.04 29.37
N ALA C 343 14.40 -24.78 29.07
CA ALA C 343 13.38 -23.76 28.80
C ALA C 343 14.00 -22.57 28.06
N ILE C 344 13.12 -21.78 27.41
CA ILE C 344 13.42 -20.50 26.83
C ILE C 344 12.58 -19.53 27.65
N ILE C 345 13.20 -18.64 28.42
CA ILE C 345 12.48 -17.69 29.23
C ILE C 345 12.41 -16.41 28.45
N VAL C 346 11.21 -15.89 28.20
CA VAL C 346 11.05 -14.68 27.41
C VAL C 346 10.25 -13.63 28.16
N LEU C 347 10.68 -12.40 28.08
CA LEU C 347 9.95 -11.29 28.68
C LEU C 347 9.06 -10.74 27.56
N THR C 348 7.75 -10.64 27.82
CA THR C 348 6.81 -10.17 26.82
C THR C 348 5.67 -9.37 27.45
N THR C 349 5.25 -8.27 26.78
CA THR C 349 4.14 -7.48 27.29
C THR C 349 2.86 -7.82 26.58
N THR C 350 2.92 -8.04 25.26
CA THR C 350 1.75 -8.39 24.45
C THR C 350 1.65 -9.90 24.17
N GLY C 351 2.73 -10.65 24.41
CA GLY C 351 2.79 -12.08 24.09
C GLY C 351 3.50 -12.34 22.77
N ARG C 352 3.75 -11.29 21.95
CA ARG C 352 4.31 -11.46 20.60
C ARG C 352 5.68 -12.15 20.56
N SER C 353 6.61 -11.79 21.46
CA SER C 353 7.93 -12.44 21.48
C SER C 353 7.81 -13.94 21.79
N ALA C 354 6.82 -14.32 22.64
CA ALA C 354 6.60 -15.73 22.97
C ALA C 354 5.99 -16.46 21.77
N GLN C 355 5.08 -15.79 21.05
CA GLN C 355 4.44 -16.35 19.85
C GLN C 355 5.47 -16.61 18.75
N LEU C 356 6.41 -15.68 18.55
CA LEU C 356 7.46 -15.87 17.55
C LEU C 356 8.42 -17.00 17.90
N LEU C 357 8.60 -17.32 19.19
CA LEU C 357 9.43 -18.46 19.59
C LEU C 357 8.63 -19.76 19.31
N SER C 358 7.34 -19.76 19.70
CA SER C 358 6.41 -20.87 19.53
C SER C 358 6.26 -21.33 18.07
N ARG C 359 6.33 -20.40 17.12
CA ARG C 359 6.17 -20.74 15.70
C ARG C 359 7.28 -21.68 15.19
N TYR C 360 8.47 -21.69 15.85
CA TYR C 360 9.55 -22.58 15.44
C TYR C 360 9.53 -23.93 16.13
N ARG C 361 8.48 -24.19 16.91
CA ARG C 361 8.22 -25.42 17.62
C ARG C 361 9.42 -25.94 18.40
N PRO C 362 9.94 -25.15 19.35
CA PRO C 362 11.06 -25.67 20.16
C PRO C 362 10.58 -26.80 21.04
N ARG C 363 11.47 -27.73 21.34
CA ARG C 363 11.16 -28.79 22.30
C ARG C 363 11.20 -28.13 23.72
N ALA C 364 12.09 -27.13 23.94
CA ALA C 364 12.19 -26.43 25.23
C ALA C 364 10.87 -25.67 25.49
N ALA C 365 10.41 -25.70 26.73
CA ALA C 365 9.21 -24.95 27.16
C ALA C 365 9.50 -23.45 27.02
N VAL C 366 8.54 -22.67 26.53
CA VAL C 366 8.70 -21.23 26.42
C VAL C 366 8.02 -20.63 27.64
N ILE C 367 8.80 -20.20 28.64
CA ILE C 367 8.26 -19.62 29.84
C ILE C 367 8.13 -18.11 29.58
N ALA C 368 6.88 -17.61 29.48
CA ALA C 368 6.68 -16.20 29.16
C ALA C 368 6.37 -15.40 30.41
N VAL C 369 7.24 -14.46 30.77
CA VAL C 369 7.06 -13.63 31.95
C VAL C 369 6.48 -12.32 31.51
N THR C 370 5.31 -12.01 32.04
CA THR C 370 4.61 -10.82 31.65
C THR C 370 3.90 -10.12 32.80
N ARG C 371 3.75 -8.80 32.71
CA ARG C 371 2.94 -8.04 33.69
C ARG C 371 1.46 -7.94 33.24
N SER C 372 1.15 -8.29 31.99
CA SER C 372 -0.21 -8.22 31.45
C SER C 372 -0.99 -9.47 31.77
N ALA C 373 -2.03 -9.36 32.59
CA ALA C 373 -2.87 -10.52 32.90
C ALA C 373 -3.58 -11.03 31.63
N GLN C 374 -3.93 -10.12 30.70
CA GLN C 374 -4.59 -10.52 29.46
C GLN C 374 -3.63 -11.29 28.57
N ALA C 375 -2.38 -10.79 28.42
CA ALA C 375 -1.40 -11.49 27.59
C ALA C 375 -1.09 -12.85 28.18
N ALA C 376 -1.01 -12.96 29.51
CA ALA C 376 -0.79 -14.25 30.18
C ALA C 376 -1.85 -15.27 29.83
N ARG C 377 -3.14 -14.84 29.78
CA ARG C 377 -4.22 -15.74 29.43
C ARG C 377 -4.19 -16.05 27.93
N GLN C 378 -3.94 -15.03 27.08
CA GLN C 378 -4.00 -15.22 25.63
C GLN C 378 -2.90 -16.06 25.04
N VAL C 379 -1.69 -16.08 25.66
CA VAL C 379 -0.60 -16.87 25.09
C VAL C 379 -0.83 -18.38 25.21
N HIS C 380 -1.89 -18.81 25.93
CA HIS C 380 -2.30 -20.22 25.93
C HIS C 380 -2.67 -20.67 24.50
N LEU C 381 -3.01 -19.74 23.59
CA LEU C 381 -3.29 -20.10 22.19
C LEU C 381 -2.03 -20.63 21.46
N CYS C 382 -0.83 -20.31 21.96
CA CYS C 382 0.41 -20.69 21.29
C CYS C 382 1.02 -21.87 21.92
N ARG C 383 1.24 -22.95 21.13
CA ARG C 383 1.83 -24.17 21.66
C ARG C 383 3.16 -23.95 22.37
N GLY C 384 3.27 -24.52 23.54
CA GLY C 384 4.49 -24.51 24.29
C GLY C 384 4.78 -23.26 25.06
N VAL C 385 3.79 -22.36 25.19
CA VAL C 385 3.98 -21.13 25.95
C VAL C 385 3.36 -21.28 27.32
N PHE C 386 4.19 -21.17 28.38
CA PHE C 386 3.80 -21.30 29.78
C PHE C 386 3.85 -19.91 30.39
N PRO C 387 2.67 -19.27 30.55
CA PRO C 387 2.66 -17.89 31.04
C PRO C 387 2.86 -17.76 32.53
N LEU C 388 3.62 -16.75 32.92
CA LEU C 388 3.82 -16.44 34.32
C LEU C 388 3.46 -14.98 34.47
N LEU C 389 2.40 -14.70 35.25
CA LEU C 389 1.99 -13.32 35.50
C LEU C 389 2.84 -12.77 36.66
N TYR C 390 3.56 -11.67 36.43
CA TYR C 390 4.48 -11.01 37.38
C TYR C 390 3.81 -9.77 37.92
N ARG C 391 3.71 -9.66 39.22
CA ARG C 391 3.00 -8.57 39.88
C ARG C 391 3.85 -7.69 40.79
N GLU C 392 5.16 -7.90 40.80
CA GLU C 392 6.05 -7.08 41.61
C GLU C 392 6.09 -5.64 41.11
N PRO C 393 6.28 -4.66 41.99
CA PRO C 393 6.38 -3.27 41.51
C PRO C 393 7.68 -3.04 40.74
N PRO C 394 7.64 -2.19 39.70
CA PRO C 394 8.85 -1.98 38.88
C PRO C 394 10.00 -1.40 39.62
N GLU C 395 11.21 -1.90 39.35
CA GLU C 395 12.46 -1.39 39.94
C GLU C 395 12.76 -0.03 39.27
N ALA C 396 13.47 0.83 39.97
CA ALA C 396 13.87 2.14 39.43
C ALA C 396 14.88 1.96 38.30
N ILE C 397 15.79 0.98 38.41
CA ILE C 397 16.73 0.70 37.33
C ILE C 397 16.14 -0.41 36.43
N TRP C 398 15.91 -0.09 35.16
CA TRP C 398 15.27 -1.01 34.24
C TRP C 398 16.01 -2.35 34.12
N ALA C 399 17.34 -2.36 33.94
CA ALA C 399 18.12 -3.58 33.88
C ALA C 399 17.89 -4.47 35.12
N ASP C 400 17.67 -3.87 36.31
CA ASP C 400 17.39 -4.64 37.53
C ASP C 400 15.99 -5.22 37.48
N ASP C 401 15.02 -4.48 36.93
CA ASP C 401 13.64 -4.97 36.80
C ASP C 401 13.63 -6.17 35.81
N VAL C 402 14.45 -6.10 34.75
CA VAL C 402 14.61 -7.19 33.79
C VAL C 402 15.20 -8.42 34.50
N ASP C 403 16.29 -8.26 35.27
CA ASP C 403 16.91 -9.37 35.99
C ASP C 403 15.98 -9.98 37.00
N ARG C 404 15.17 -9.17 37.71
CA ARG C 404 14.19 -9.71 38.63
C ARG C 404 13.16 -10.60 37.91
N ARG C 405 12.74 -10.20 36.68
CA ARG C 405 11.76 -10.99 35.96
C ARG C 405 12.36 -12.24 35.41
N VAL C 406 13.63 -12.20 34.97
CA VAL C 406 14.33 -13.38 34.48
C VAL C 406 14.47 -14.41 35.60
N GLN C 407 14.89 -13.98 36.80
CA GLN C 407 14.99 -14.86 37.95
C GLN C 407 13.65 -15.36 38.45
N PHE C 408 12.58 -14.55 38.27
CA PHE C 408 11.24 -15.04 38.61
C PHE C 408 10.86 -16.23 37.70
N GLY C 409 11.24 -16.17 36.43
CA GLY C 409 10.98 -17.26 35.50
C GLY C 409 11.78 -18.49 35.87
N ILE C 410 13.06 -18.31 36.23
CA ILE C 410 13.90 -19.42 36.67
C ILE C 410 13.35 -20.06 37.97
N GLU C 411 13.03 -19.26 38.99
CA GLU C 411 12.53 -19.77 40.26
C GLU C 411 11.16 -20.40 40.12
N SER C 412 10.29 -19.89 39.23
CA SER C 412 9.00 -20.55 38.99
C SER C 412 9.26 -21.89 38.27
N GLY C 413 10.21 -21.89 37.32
CA GLY C 413 10.57 -23.09 36.58
C GLY C 413 11.13 -24.16 37.48
N LYS C 414 11.97 -23.77 38.45
CA LYS C 414 12.57 -24.68 39.44
C LYS C 414 11.44 -25.29 40.29
N LEU C 415 10.55 -24.45 40.80
CA LEU C 415 9.42 -24.84 41.64
C LEU C 415 8.46 -25.79 40.91
N ARG C 416 8.21 -25.54 39.62
CA ARG C 416 7.28 -26.37 38.86
C ARG C 416 7.88 -27.63 38.24
N GLY C 417 9.20 -27.81 38.35
CA GLY C 417 9.82 -29.00 37.78
C GLY C 417 10.46 -28.84 36.40
N PHE C 418 10.30 -27.67 35.75
CA PHE C 418 10.90 -27.40 34.43
C PHE C 418 12.45 -27.35 34.52
N LEU C 419 12.99 -26.77 35.60
CA LEU C 419 14.42 -26.51 35.72
C LEU C 419 15.08 -27.01 37.00
N ARG C 420 16.37 -27.27 36.91
CA ARG C 420 17.19 -27.71 38.04
C ARG C 420 18.52 -26.96 37.95
N VAL C 421 19.24 -26.84 39.05
CA VAL C 421 20.57 -26.24 39.08
C VAL C 421 21.50 -27.03 38.14
N GLY C 422 22.27 -26.35 37.32
CA GLY C 422 23.11 -27.00 36.33
C GLY C 422 22.50 -27.07 34.94
N ASP C 423 21.18 -26.82 34.82
CA ASP C 423 20.53 -26.79 33.50
C ASP C 423 20.94 -25.55 32.70
N LEU C 424 20.78 -25.62 31.38
CA LEU C 424 20.99 -24.46 30.54
C LEU C 424 19.61 -23.94 30.12
N VAL C 425 19.43 -22.64 30.15
CA VAL C 425 18.21 -21.99 29.68
C VAL C 425 18.60 -20.88 28.70
N ILE C 426 17.71 -20.58 27.77
CA ILE C 426 17.91 -19.49 26.82
C ILE C 426 17.01 -18.39 27.31
N VAL C 427 17.49 -17.16 27.34
CA VAL C 427 16.70 -16.05 27.87
C VAL C 427 16.61 -15.03 26.79
N VAL C 428 15.37 -14.65 26.46
CA VAL C 428 15.09 -13.68 25.43
C VAL C 428 14.54 -12.39 26.00
N THR C 429 15.22 -11.29 25.71
CA THR C 429 14.83 -9.96 26.20
C THR C 429 15.06 -8.91 25.08
N GLY C 430 14.79 -7.65 25.36
CA GLY C 430 15.03 -6.54 24.45
C GLY C 430 15.97 -5.55 25.08
N TRP C 431 16.43 -4.57 24.29
CA TRP C 431 17.43 -3.59 24.69
C TRP C 431 16.89 -2.36 25.41
N ARG C 432 15.57 -2.15 25.35
CA ARG C 432 14.91 -1.03 26.01
C ARG C 432 13.48 -1.43 26.42
N PRO C 433 12.88 -0.72 27.40
CA PRO C 433 11.52 -1.08 27.81
C PRO C 433 10.50 -0.75 26.71
N GLY C 434 9.35 -1.37 26.81
CA GLY C 434 8.29 -1.21 25.85
C GLY C 434 8.26 -2.41 24.93
N SER C 435 7.10 -2.73 24.48
CA SER C 435 6.86 -3.82 23.58
C SER C 435 7.48 -3.50 22.19
N GLY C 436 7.86 -4.53 21.46
CA GLY C 436 8.41 -4.36 20.12
C GLY C 436 9.91 -4.26 19.94
N TYR C 437 10.70 -4.36 21.01
CA TYR C 437 12.16 -4.23 20.95
C TYR C 437 12.94 -5.49 21.25
N THR C 438 12.35 -6.70 21.24
CA THR C 438 13.13 -7.92 21.52
C THR C 438 14.30 -8.06 20.51
N ASN C 439 15.51 -8.21 21.02
CA ASN C 439 16.67 -8.34 20.14
C ASN C 439 17.86 -9.05 20.82
N ILE C 440 17.65 -9.67 21.98
CA ILE C 440 18.73 -10.30 22.73
C ILE C 440 18.39 -11.71 23.10
N MET C 441 19.36 -12.59 22.94
CA MET C 441 19.24 -13.97 23.36
C MET C 441 20.52 -14.26 24.18
N ARG C 442 20.34 -14.84 25.37
CA ARG C 442 21.47 -15.15 26.25
C ARG C 442 21.38 -16.61 26.67
N VAL C 443 22.53 -17.24 26.89
CA VAL C 443 22.61 -18.61 27.36
C VAL C 443 22.99 -18.55 28.81
N LEU C 444 22.09 -18.99 29.68
CA LEU C 444 22.33 -18.95 31.11
C LEU C 444 22.40 -20.34 31.72
N SER C 445 23.31 -20.51 32.66
CA SER C 445 23.46 -21.75 33.43
CA SER C 445 23.44 -21.76 33.41
C SER C 445 22.67 -21.51 34.71
N ILE C 446 21.76 -22.42 35.07
CA ILE C 446 20.95 -22.26 36.27
C ILE C 446 21.79 -22.49 37.53
N SER C 447 21.79 -21.50 38.43
CA SER C 447 22.48 -21.58 39.71
C SER C 447 21.46 -21.53 40.87
N GLY D 23 16.17 -4.49 -1.88
CA GLY D 23 16.22 -4.22 -3.30
C GLY D 23 16.52 -5.44 -4.16
N THR D 24 16.06 -5.40 -5.41
CA THR D 24 16.29 -6.49 -6.37
C THR D 24 17.77 -6.64 -6.73
N ALA D 25 18.50 -5.50 -6.76
CA ALA D 25 19.92 -5.49 -7.08
C ALA D 25 20.72 -6.28 -6.06
N PHE D 26 20.35 -6.17 -4.76
CA PHE D 26 21.00 -6.89 -3.67
C PHE D 26 20.93 -8.40 -3.91
N PHE D 27 19.75 -8.89 -4.33
CA PHE D 27 19.51 -10.31 -4.55
C PHE D 27 20.08 -10.88 -5.87
N GLN D 28 20.69 -10.03 -6.70
CA GLN D 28 21.34 -10.51 -7.93
C GLN D 28 22.88 -10.70 -7.71
N GLN D 29 23.45 -9.97 -6.73
CA GLN D 29 24.88 -10.02 -6.39
C GLN D 29 25.18 -11.25 -5.51
N GLN D 30 26.49 -11.52 -5.28
CA GLN D 30 27.08 -12.57 -4.44
C GLN D 30 26.43 -13.95 -4.62
N GLN D 31 26.07 -14.29 -5.86
CA GLN D 31 25.48 -15.55 -6.25
C GLN D 31 24.23 -15.89 -5.44
N LEU D 32 23.46 -14.86 -5.04
CA LEU D 32 22.25 -15.09 -4.25
C LEU D 32 21.20 -15.92 -5.03
N PRO D 33 21.00 -15.79 -6.35
CA PRO D 33 20.08 -16.73 -7.05
C PRO D 33 20.56 -18.20 -6.89
N ALA D 34 21.87 -18.48 -7.01
CA ALA D 34 22.39 -19.82 -6.83
C ALA D 34 22.28 -20.29 -5.35
N ALA D 35 22.35 -19.34 -4.41
CA ALA D 35 22.25 -19.61 -2.98
C ALA D 35 20.85 -20.07 -2.58
N MET D 36 19.82 -19.58 -3.27
CA MET D 36 18.44 -19.96 -2.97
C MET D 36 18.00 -21.28 -3.59
N ALA D 37 18.84 -21.90 -4.43
CA ALA D 37 18.45 -23.13 -5.12
C ALA D 37 18.10 -24.27 -4.18
N ASP D 38 17.18 -25.13 -4.61
CA ASP D 38 16.70 -26.25 -3.80
C ASP D 38 17.59 -27.49 -3.87
N THR D 39 18.48 -27.58 -4.86
CA THR D 39 19.41 -28.68 -4.97
C THR D 39 20.81 -28.12 -5.32
N PHE D 40 21.85 -28.90 -5.06
CA PHE D 40 23.22 -28.54 -5.41
C PHE D 40 23.35 -28.44 -6.95
N LEU D 41 22.70 -29.33 -7.69
CA LEU D 41 22.72 -29.29 -9.16
C LEU D 41 22.12 -27.98 -9.67
N GLU D 42 20.96 -27.58 -9.16
CA GLU D 42 20.34 -26.31 -9.58
C GLU D 42 21.18 -25.11 -9.14
N HIS D 43 21.87 -25.22 -7.99
CA HIS D 43 22.79 -24.20 -7.49
C HIS D 43 23.92 -23.98 -8.52
N LEU D 44 24.50 -25.07 -9.05
CA LEU D 44 25.56 -24.97 -10.06
C LEU D 44 25.02 -24.31 -11.32
N CYS D 45 23.83 -24.73 -11.77
CA CYS D 45 23.17 -24.20 -12.96
C CYS D 45 22.89 -22.71 -12.85
N LEU D 46 22.74 -22.18 -11.62
CA LEU D 46 22.45 -20.77 -11.39
C LEU D 46 23.67 -19.88 -11.15
N LEU D 47 24.89 -20.45 -11.16
CA LEU D 47 26.10 -19.66 -10.96
C LEU D 47 26.24 -18.70 -12.13
N ASP D 48 26.51 -17.44 -11.83
CA ASP D 48 26.50 -16.38 -12.81
C ASP D 48 27.81 -15.60 -12.78
N ILE D 49 28.53 -15.56 -13.91
CA ILE D 49 29.76 -14.78 -14.00
C ILE D 49 29.52 -13.26 -13.85
N ASP D 50 28.29 -12.79 -14.05
CA ASP D 50 27.95 -11.39 -13.87
C ASP D 50 27.51 -11.05 -12.45
N SER D 51 27.35 -12.04 -11.55
CA SER D 51 26.94 -11.79 -10.18
C SER D 51 28.21 -11.45 -9.42
N GLU D 52 28.40 -10.18 -9.09
CA GLU D 52 29.62 -9.72 -8.44
C GLU D 52 29.71 -10.02 -6.95
N PRO D 53 30.90 -10.42 -6.48
CA PRO D 53 31.05 -10.67 -5.05
C PRO D 53 30.96 -9.36 -4.27
N VAL D 54 30.30 -9.37 -3.12
CA VAL D 54 30.11 -8.16 -2.30
C VAL D 54 30.85 -8.30 -0.98
N ALA D 55 30.74 -9.46 -0.36
CA ALA D 55 31.37 -9.73 0.93
C ALA D 55 32.89 -9.64 0.85
N ALA D 56 33.52 -9.32 1.98
CA ALA D 56 34.96 -9.30 2.07
C ALA D 56 35.48 -10.74 1.95
N ARG D 57 36.69 -10.89 1.38
CA ARG D 57 37.30 -12.18 1.18
C ARG D 57 37.58 -12.84 2.53
N SER D 58 37.08 -14.04 2.71
CA SER D 58 37.11 -14.71 3.98
C SER D 58 38.19 -15.80 4.12
N THR D 59 38.70 -16.37 3.02
CA THR D 59 39.80 -17.36 3.10
C THR D 59 41.13 -16.63 3.25
N SER D 60 41.91 -16.92 4.32
CA SER D 60 43.18 -16.24 4.52
CA SER D 60 43.19 -16.25 4.55
C SER D 60 44.24 -16.66 3.54
N ILE D 61 45.14 -15.73 3.24
CA ILE D 61 46.24 -16.00 2.34
C ILE D 61 47.53 -16.07 3.15
N ILE D 62 48.24 -17.17 3.04
CA ILE D 62 49.53 -17.34 3.68
C ILE D 62 50.59 -17.12 2.58
N ALA D 63 51.50 -16.15 2.79
CA ALA D 63 52.56 -15.91 1.81
C ALA D 63 53.88 -16.28 2.44
N THR D 64 54.69 -17.07 1.74
CA THR D 64 56.00 -17.46 2.21
C THR D 64 56.96 -16.33 1.93
N ILE D 65 57.77 -15.98 2.94
CA ILE D 65 58.73 -14.92 2.86
C ILE D 65 60.04 -15.45 2.32
N GLY D 66 60.64 -14.72 1.42
CA GLY D 66 61.92 -15.05 0.84
C GLY D 66 62.53 -13.83 0.20
N PRO D 67 63.57 -14.03 -0.62
CA PRO D 67 64.19 -12.88 -1.33
C PRO D 67 63.26 -12.02 -2.19
N ALA D 68 62.18 -12.59 -2.75
CA ALA D 68 61.23 -11.82 -3.54
C ALA D 68 60.22 -11.04 -2.68
N SER D 69 60.20 -11.24 -1.36
CA SER D 69 59.17 -10.60 -0.54
C SER D 69 59.69 -10.10 0.80
N ARG D 70 60.99 -9.80 0.89
CA ARG D 70 61.59 -9.43 2.16
C ARG D 70 61.68 -7.99 2.41
N SER D 71 61.73 -7.15 1.36
CA SER D 71 61.86 -5.72 1.60
C SER D 71 60.62 -5.17 2.28
N VAL D 72 60.82 -4.20 3.18
CA VAL D 72 59.73 -3.57 3.92
C VAL D 72 58.71 -2.95 2.99
N GLU D 73 59.18 -2.33 1.91
CA GLU D 73 58.28 -1.70 0.93
C GLU D 73 57.48 -2.72 0.14
N ARG D 74 58.09 -3.85 -0.19
CA ARG D 74 57.39 -4.92 -0.91
C ARG D 74 56.34 -5.57 0.06
N LEU D 75 56.74 -5.79 1.32
CA LEU D 75 55.83 -6.33 2.32
C LEU D 75 54.60 -5.45 2.57
N LYS D 76 54.73 -4.10 2.45
CA LYS D 76 53.60 -3.19 2.60
C LYS D 76 52.62 -3.39 1.45
N GLU D 77 53.14 -3.62 0.23
CA GLU D 77 52.29 -3.89 -0.92
C GLU D 77 51.58 -5.23 -0.78
N MET D 78 52.25 -6.24 -0.21
CA MET D 78 51.64 -7.56 -0.02
CA MET D 78 51.65 -7.56 -0.02
C MET D 78 50.55 -7.53 1.03
N ILE D 79 50.70 -6.70 2.08
CA ILE D 79 49.68 -6.57 3.11
C ILE D 79 48.45 -5.92 2.49
N LYS D 80 48.66 -4.86 1.66
CA LYS D 80 47.56 -4.19 0.95
C LYS D 80 46.88 -5.12 -0.05
N ALA D 81 47.64 -6.02 -0.70
CA ALA D 81 47.10 -7.01 -1.65
C ALA D 81 46.25 -8.11 -0.97
N GLY D 82 46.48 -8.33 0.32
CA GLY D 82 45.69 -9.33 1.05
C GLY D 82 46.43 -10.38 1.87
N MET D 83 47.78 -10.32 1.98
CA MET D 83 48.52 -11.29 2.78
C MET D 83 48.11 -11.19 4.24
N ASN D 84 47.72 -12.33 4.85
CA ASN D 84 47.30 -12.33 6.25
C ASN D 84 48.30 -12.99 7.16
N ILE D 85 49.04 -13.97 6.64
CA ILE D 85 49.99 -14.74 7.40
C ILE D 85 51.28 -14.80 6.63
N ALA D 86 52.38 -14.50 7.27
CA ALA D 86 53.69 -14.56 6.65
C ALA D 86 54.35 -15.83 7.16
N ARG D 87 54.70 -16.73 6.25
CA ARG D 87 55.31 -17.99 6.56
C ARG D 87 56.85 -17.90 6.41
N LEU D 88 57.57 -18.33 7.43
CA LEU D 88 59.03 -18.41 7.47
C LEU D 88 59.40 -19.85 7.27
N ASN D 89 60.09 -20.18 6.17
CA ASN D 89 60.40 -21.57 5.88
C ASN D 89 61.78 -21.87 6.39
N PHE D 90 61.84 -22.59 7.54
CA PHE D 90 63.09 -22.96 8.21
C PHE D 90 63.84 -24.09 7.53
N SER D 91 63.38 -24.56 6.36
CA SER D 91 64.16 -25.47 5.55
C SER D 91 65.31 -24.70 4.85
N HIS D 92 65.20 -23.35 4.73
CA HIS D 92 66.19 -22.47 4.09
C HIS D 92 66.57 -21.32 5.02
N GLY D 93 67.79 -20.83 4.92
CA GLY D 93 68.26 -19.72 5.71
C GLY D 93 68.59 -20.02 7.16
N SER D 94 69.38 -19.17 7.75
CA SER D 94 69.81 -19.29 9.16
C SER D 94 68.83 -18.59 10.11
N HIS D 95 69.07 -18.68 11.43
CA HIS D 95 68.28 -17.94 12.42
C HIS D 95 68.39 -16.43 12.18
N GLU D 96 69.56 -15.96 11.72
CA GLU D 96 69.79 -14.54 11.46
C GLU D 96 68.93 -14.05 10.32
N TYR D 97 68.73 -14.88 9.30
CA TYR D 97 67.93 -14.55 8.14
C TYR D 97 66.46 -14.48 8.61
N HIS D 98 66.00 -15.44 9.40
CA HIS D 98 64.61 -15.47 9.84
C HIS D 98 64.27 -14.34 10.80
N ALA D 99 65.21 -13.97 11.67
CA ALA D 99 65.05 -12.83 12.58
C ALA D 99 64.94 -11.52 11.77
N GLU D 100 65.72 -11.35 10.69
CA GLU D 100 65.59 -10.16 9.83
C GLU D 100 64.23 -10.18 9.13
N SER D 101 63.73 -11.36 8.70
CA SER D 101 62.43 -11.51 8.04
C SER D 101 61.33 -11.06 8.96
N ILE D 102 61.39 -11.48 10.22
CA ILE D 102 60.40 -11.15 11.25
C ILE D 102 60.37 -9.64 11.46
N ALA D 103 61.56 -9.04 11.60
CA ALA D 103 61.68 -7.61 11.85
C ALA D 103 61.09 -6.81 10.68
N ASN D 104 61.36 -7.25 9.44
CA ASN D 104 60.84 -6.57 8.25
C ASN D 104 59.32 -6.69 8.15
N VAL D 105 58.78 -7.86 8.48
CA VAL D 105 57.33 -8.07 8.46
C VAL D 105 56.69 -7.15 9.49
N ARG D 106 57.18 -7.19 10.72
CA ARG D 106 56.68 -6.32 11.80
C ARG D 106 56.78 -4.84 11.45
N GLU D 107 57.87 -4.40 10.81
CA GLU D 107 58.00 -2.99 10.42
C GLU D 107 56.95 -2.62 9.39
N ALA D 108 56.71 -3.49 8.38
CA ALA D 108 55.71 -3.19 7.36
C ALA D 108 54.30 -3.20 7.97
N VAL D 109 54.02 -4.14 8.87
CA VAL D 109 52.70 -4.24 9.52
C VAL D 109 52.45 -3.03 10.42
N GLU D 110 53.42 -2.67 11.26
CA GLU D 110 53.27 -1.54 12.17
C GLU D 110 53.30 -0.19 11.49
N SER D 111 53.68 -0.11 10.20
CA SER D 111 53.61 1.16 9.47
C SER D 111 52.17 1.63 9.26
N PHE D 112 51.20 0.73 9.36
CA PHE D 112 49.78 1.09 9.22
C PHE D 112 49.08 1.23 10.60
N ALA D 113 49.80 1.10 11.71
CA ALA D 113 49.21 1.19 13.05
C ALA D 113 48.71 2.59 13.45
N GLY D 114 49.15 3.63 12.73
CA GLY D 114 48.75 5.01 12.97
C GLY D 114 47.28 5.26 12.64
N SER D 115 46.67 4.38 11.82
CA SER D 115 45.24 4.47 11.50
C SER D 115 44.58 3.19 12.07
N PRO D 116 44.17 3.22 13.36
CA PRO D 116 43.64 2.00 13.97
C PRO D 116 42.39 1.40 13.34
N LEU D 117 41.56 2.19 12.68
CA LEU D 117 40.34 1.69 12.06
C LEU D 117 40.57 0.86 10.80
N SER D 118 41.79 0.93 10.22
CA SER D 118 42.10 0.19 9.00
C SER D 118 43.29 -0.77 9.16
N TYR D 119 44.01 -0.71 10.30
CA TYR D 119 45.16 -1.54 10.63
C TYR D 119 44.82 -3.03 10.46
N ARG D 120 45.69 -3.75 9.75
CA ARG D 120 45.51 -5.16 9.52
C ARG D 120 46.58 -5.94 10.24
N PRO D 121 46.20 -6.75 11.25
CA PRO D 121 47.20 -7.64 11.85
C PRO D 121 47.67 -8.67 10.81
N VAL D 122 48.91 -9.14 10.97
CA VAL D 122 49.49 -10.15 10.09
C VAL D 122 50.20 -11.16 10.98
N ALA D 123 49.85 -12.47 10.87
CA ALA D 123 50.49 -13.47 11.70
C ALA D 123 51.87 -13.85 11.13
N ILE D 124 52.73 -14.37 11.99
CA ILE D 124 54.03 -14.89 11.59
C ILE D 124 54.01 -16.36 11.99
N ALA D 125 54.16 -17.23 11.00
CA ALA D 125 54.17 -18.67 11.15
C ALA D 125 55.57 -19.21 10.87
N LEU D 126 56.04 -20.15 11.68
CA LEU D 126 57.34 -20.76 11.49
C LEU D 126 57.08 -22.15 10.92
N ASP D 127 57.65 -22.47 9.75
CA ASP D 127 57.45 -23.77 9.13
C ASP D 127 58.77 -24.55 9.34
N THR D 128 58.71 -25.63 10.12
CA THR D 128 59.91 -26.37 10.48
C THR D 128 60.52 -27.16 9.34
N LYS D 129 61.83 -27.45 9.47
CA LYS D 129 62.55 -28.25 8.50
C LYS D 129 62.01 -29.68 8.49
N GLY D 130 61.72 -30.21 9.68
CA GLY D 130 61.15 -31.54 9.77
C GLY D 130 62.09 -32.59 10.34
N PRO D 131 61.62 -33.83 10.35
CA PRO D 131 62.42 -34.90 10.96
C PRO D 131 63.52 -35.51 10.11
N GLY D 132 63.41 -35.41 8.80
CA GLY D 132 64.38 -36.03 7.90
C GLY D 132 64.34 -37.55 8.02
N SER D 133 65.52 -38.19 8.12
CA SER D 133 65.57 -39.67 8.26
C SER D 133 65.26 -40.10 9.69
N GLY D 134 65.07 -39.14 10.60
CA GLY D 134 64.89 -39.48 12.03
C GLY D 134 63.48 -39.84 12.45
N PRO D 135 63.34 -40.46 13.64
CA PRO D 135 62.07 -41.02 14.11
C PRO D 135 61.05 -39.97 14.57
N GLY D 136 61.51 -38.76 14.88
CA GLY D 136 60.62 -37.72 15.42
C GLY D 136 61.25 -36.34 15.40
N LEU D 137 61.16 -35.60 16.51
CA LEU D 137 61.64 -34.19 16.54
C LEU D 137 63.16 -34.10 16.45
N SER D 138 63.64 -33.46 15.39
CA SER D 138 65.09 -33.25 15.17
C SER D 138 65.61 -32.26 16.22
N GLU D 139 66.93 -32.13 16.31
CA GLU D 139 67.54 -31.19 17.26
C GLU D 139 67.55 -29.80 16.64
N GLN D 140 67.62 -29.72 15.31
CA GLN D 140 67.51 -28.41 14.61
C GLN D 140 66.10 -27.87 14.85
N ASP D 141 65.09 -28.73 14.77
CA ASP D 141 63.69 -28.32 15.01
C ASP D 141 63.56 -27.79 16.43
N VAL D 142 64.20 -28.46 17.40
CA VAL D 142 64.18 -27.99 18.81
C VAL D 142 64.74 -26.56 18.90
N ARG D 143 65.88 -26.32 18.27
CA ARG D 143 66.52 -24.98 18.26
C ARG D 143 65.63 -23.96 17.55
N ASP D 144 65.07 -24.33 16.40
CA ASP D 144 64.21 -23.41 15.61
C ASP D 144 62.93 -23.08 16.38
N LEU D 145 62.38 -24.07 17.08
CA LEU D 145 61.13 -23.87 17.84
C LEU D 145 61.42 -22.92 19.01
N ARG D 146 62.60 -23.03 19.60
CA ARG D 146 62.99 -22.10 20.70
C ARG D 146 63.17 -20.70 20.13
N PHE D 147 63.76 -20.58 18.93
CA PHE D 147 63.91 -19.27 18.25
C PHE D 147 62.52 -18.64 18.05
N GLY D 148 61.56 -19.46 17.65
CA GLY D 148 60.19 -18.96 17.43
C GLY D 148 59.59 -18.37 18.69
N VAL D 149 59.65 -19.11 19.80
CA VAL D 149 59.14 -18.61 21.10
C VAL D 149 59.85 -17.30 21.43
N GLU D 150 61.18 -17.29 21.33
CA GLU D 150 62.00 -16.09 21.66
C GLU D 150 61.64 -14.90 20.76
N HIS D 151 61.23 -15.16 19.51
CA HIS D 151 60.92 -14.08 18.55
C HIS D 151 59.40 -13.84 18.45
N GLY D 152 58.59 -14.55 19.22
CA GLY D 152 57.13 -14.30 19.28
C GLY D 152 56.31 -14.74 18.08
N VAL D 153 56.66 -15.88 17.49
CA VAL D 153 55.84 -16.42 16.37
C VAL D 153 54.45 -16.78 16.90
N ASP D 154 53.44 -16.72 16.04
CA ASP D 154 52.04 -16.97 16.44
C ASP D 154 51.64 -18.41 16.11
N ILE D 155 52.30 -19.00 15.12
CA ILE D 155 51.88 -20.33 14.63
C ILE D 155 53.09 -21.17 14.25
N VAL D 156 53.00 -22.48 14.47
CA VAL D 156 54.06 -23.38 13.96
C VAL D 156 53.42 -24.30 12.93
N PHE D 157 54.04 -24.39 11.77
CA PHE D 157 53.59 -25.37 10.75
C PHE D 157 54.56 -26.52 10.92
N ALA D 158 54.15 -27.56 11.65
CA ALA D 158 55.04 -28.71 11.95
C ALA D 158 55.14 -29.66 10.76
N SER D 159 56.35 -29.81 10.21
CA SER D 159 56.56 -30.63 9.00
C SER D 159 56.55 -32.13 9.30
N PHE D 160 55.99 -32.93 8.40
CA PHE D 160 55.97 -34.42 8.49
C PHE D 160 55.45 -34.92 9.84
N VAL D 161 54.27 -34.48 10.23
CA VAL D 161 53.63 -35.02 11.47
C VAL D 161 53.04 -36.39 11.11
N ARG D 162 53.46 -37.45 11.80
CA ARG D 162 53.01 -38.82 11.46
C ARG D 162 52.12 -39.42 12.57
N LYS D 163 52.10 -38.82 13.76
CA LYS D 163 51.33 -39.38 14.87
C LYS D 163 51.16 -38.32 15.96
N ALA D 164 50.25 -38.56 16.93
CA ALA D 164 50.00 -37.62 18.01
C ALA D 164 51.24 -37.27 18.82
N SER D 165 52.16 -38.23 19.01
CA SER D 165 53.37 -37.98 19.80
C SER D 165 54.32 -36.97 19.14
N ASP D 166 54.26 -36.82 17.82
CA ASP D 166 55.05 -35.80 17.10
C ASP D 166 54.56 -34.41 17.50
N VAL D 167 53.23 -34.22 17.67
CA VAL D 167 52.65 -32.95 18.08
C VAL D 167 53.03 -32.65 19.52
N ALA D 168 52.98 -33.66 20.41
CA ALA D 168 53.35 -33.48 21.82
C ALA D 168 54.80 -33.05 21.93
N ALA D 169 55.68 -33.61 21.10
CA ALA D 169 57.10 -33.25 21.10
C ALA D 169 57.29 -31.80 20.68
N VAL D 170 56.51 -31.30 19.68
CA VAL D 170 56.58 -29.92 19.24
C VAL D 170 56.12 -29.00 20.35
N ARG D 171 55.03 -29.38 21.02
CA ARG D 171 54.46 -28.63 22.13
C ARG D 171 55.48 -28.53 23.28
N ALA D 172 56.17 -29.63 23.61
CA ALA D 172 57.18 -29.65 24.67
C ALA D 172 58.37 -28.75 24.30
N ALA D 173 58.84 -28.81 23.03
CA ALA D 173 59.95 -27.96 22.55
C ALA D 173 59.63 -26.48 22.57
N LEU D 174 58.33 -26.11 22.51
CA LEU D 174 57.92 -24.72 22.63
C LEU D 174 58.06 -24.24 24.10
N GLY D 175 57.99 -25.15 25.07
CA GLY D 175 58.17 -24.83 26.48
C GLY D 175 57.01 -24.13 27.13
N PRO D 176 57.21 -23.66 28.38
CA PRO D 176 56.13 -22.96 29.09
C PRO D 176 55.83 -21.58 28.54
N GLU D 177 56.79 -20.95 27.83
CA GLU D 177 56.56 -19.64 27.25
C GLU D 177 55.82 -19.68 25.90
N GLY D 178 55.75 -20.85 25.27
CA GLY D 178 55.07 -20.99 23.97
C GLY D 178 53.74 -21.71 24.02
N HIS D 179 53.05 -21.67 25.19
CA HIS D 179 51.75 -22.35 25.36
CA HIS D 179 51.76 -22.35 25.34
C HIS D 179 50.68 -21.76 24.44
N GLY D 180 50.77 -20.46 24.14
CA GLY D 180 49.79 -19.79 23.31
C GLY D 180 50.01 -19.93 21.80
N ILE D 181 51.15 -20.50 21.36
CA ILE D 181 51.43 -20.69 19.93
C ILE D 181 50.54 -21.79 19.34
N LYS D 182 49.94 -21.54 18.16
CA LYS D 182 49.10 -22.56 17.51
C LYS D 182 49.96 -23.56 16.77
N ILE D 183 49.66 -24.86 16.93
CA ILE D 183 50.40 -25.89 16.21
C ILE D 183 49.53 -26.43 15.09
N ILE D 184 49.94 -26.17 13.85
CA ILE D 184 49.23 -26.66 12.67
C ILE D 184 50.08 -27.81 12.16
N SER D 185 49.54 -29.03 12.22
CA SER D 185 50.28 -30.19 11.78
C SER D 185 50.23 -30.34 10.27
N LYS D 186 51.39 -30.46 9.64
CA LYS D 186 51.46 -30.68 8.20
C LYS D 186 51.34 -32.18 7.93
N ILE D 187 50.39 -32.58 7.07
CA ILE D 187 50.21 -33.97 6.72
C ILE D 187 50.89 -34.12 5.38
N GLU D 188 51.99 -34.87 5.33
CA GLU D 188 52.81 -34.96 4.14
C GLU D 188 53.09 -36.37 3.64
N ASN D 189 52.57 -37.40 4.30
CA ASN D 189 52.85 -38.77 3.89
C ASN D 189 51.69 -39.71 4.23
N HIS D 190 51.79 -40.98 3.83
CA HIS D 190 50.76 -41.97 4.06
C HIS D 190 50.43 -42.15 5.53
N GLU D 191 51.45 -42.26 6.40
CA GLU D 191 51.20 -42.44 7.83
C GLU D 191 50.41 -41.29 8.44
N GLY D 192 50.74 -40.05 8.08
CA GLY D 192 50.01 -38.89 8.54
C GLY D 192 48.54 -38.92 8.14
N VAL D 193 48.25 -39.37 6.90
CA VAL D 193 46.87 -39.48 6.42
C VAL D 193 46.13 -40.60 7.20
N LYS D 194 46.78 -41.75 7.38
CA LYS D 194 46.18 -42.87 8.12
C LYS D 194 45.97 -42.60 9.60
N ARG D 195 46.87 -41.83 10.21
CA ARG D 195 46.73 -41.45 11.60
C ARG D 195 46.15 -40.05 11.77
N PHE D 196 45.46 -39.52 10.74
CA PHE D 196 44.87 -38.18 10.74
C PHE D 196 44.02 -37.88 11.96
N ASP D 197 43.10 -38.77 12.34
CA ASP D 197 42.20 -38.48 13.46
C ASP D 197 42.93 -38.23 14.78
N GLU D 198 43.96 -39.03 15.09
CA GLU D 198 44.72 -38.82 16.32
C GLU D 198 45.58 -37.55 16.26
N ILE D 199 46.03 -37.17 15.06
CA ILE D 199 46.83 -35.96 14.88
C ILE D 199 45.93 -34.71 15.04
N LEU D 200 44.76 -34.71 14.39
CA LEU D 200 43.83 -33.59 14.47
C LEU D 200 43.38 -33.34 15.90
N GLU D 201 43.14 -34.43 16.65
CA GLU D 201 42.70 -34.35 18.04
C GLU D 201 43.62 -33.52 18.91
N VAL D 202 44.94 -33.64 18.72
CA VAL D 202 45.90 -32.89 19.55
C VAL D 202 46.47 -31.62 18.87
N SER D 203 46.10 -31.36 17.61
CA SER D 203 46.61 -30.20 16.90
C SER D 203 45.60 -29.07 16.95
N ASP D 204 46.06 -27.83 16.75
CA ASP D 204 45.16 -26.71 16.60
C ASP D 204 44.55 -26.67 15.17
N GLY D 205 45.20 -27.30 14.21
CA GLY D 205 44.74 -27.34 12.83
C GLY D 205 45.66 -28.17 11.95
N ILE D 206 45.36 -28.21 10.64
CA ILE D 206 46.10 -29.06 9.71
C ILE D 206 46.53 -28.29 8.47
N MET D 207 47.68 -28.63 7.89
CA MET D 207 48.06 -28.15 6.59
C MET D 207 48.11 -29.36 5.66
N VAL D 208 47.42 -29.32 4.51
CA VAL D 208 47.49 -30.37 3.50
C VAL D 208 48.73 -29.97 2.69
N ALA D 209 49.89 -30.55 3.01
CA ALA D 209 51.15 -30.21 2.39
C ALA D 209 51.30 -31.08 1.15
N ARG D 210 50.72 -30.62 0.03
CA ARG D 210 50.61 -31.38 -1.21
C ARG D 210 51.93 -31.67 -1.92
N GLY D 211 52.97 -30.88 -1.66
CA GLY D 211 54.29 -31.10 -2.27
C GLY D 211 54.83 -32.49 -1.94
N ASP D 212 55.08 -32.72 -0.64
CA ASP D 212 55.55 -34.00 -0.19
C ASP D 212 54.51 -35.07 -0.32
N LEU D 213 53.24 -34.75 -0.03
CA LEU D 213 52.15 -35.72 -0.15
C LEU D 213 52.07 -36.32 -1.57
N GLY D 214 52.28 -35.49 -2.58
CA GLY D 214 52.25 -35.92 -3.97
C GLY D 214 53.43 -36.77 -4.42
N ILE D 215 54.46 -36.89 -3.58
CA ILE D 215 55.64 -37.74 -3.80
C ILE D 215 55.54 -38.99 -2.89
N GLU D 216 54.95 -38.86 -1.69
CA GLU D 216 54.81 -39.94 -0.73
C GLU D 216 53.69 -40.90 -1.09
N ILE D 217 52.59 -40.38 -1.67
CA ILE D 217 51.48 -41.20 -2.14
C ILE D 217 51.32 -40.95 -3.65
N PRO D 218 50.60 -41.82 -4.39
CA PRO D 218 50.40 -41.55 -5.84
C PRO D 218 49.81 -40.16 -6.08
N ALA D 219 50.36 -39.42 -7.03
CA ALA D 219 49.93 -38.06 -7.32
C ALA D 219 48.43 -37.94 -7.55
N GLU D 220 47.84 -38.92 -8.21
CA GLU D 220 46.42 -38.96 -8.55
C GLU D 220 45.50 -39.19 -7.34
N LYS D 221 46.06 -39.48 -6.16
CA LYS D 221 45.29 -39.66 -4.95
C LYS D 221 45.31 -38.43 -4.03
N VAL D 222 46.17 -37.42 -4.30
CA VAL D 222 46.28 -36.26 -3.42
C VAL D 222 44.94 -35.53 -3.22
N PHE D 223 44.14 -35.37 -4.29
CA PHE D 223 42.84 -34.71 -4.16
C PHE D 223 41.91 -35.41 -3.17
N LEU D 224 41.99 -36.75 -3.03
CA LEU D 224 41.16 -37.48 -2.09
C LEU D 224 41.62 -37.15 -0.66
N ALA D 225 42.95 -37.09 -0.43
CA ALA D 225 43.50 -36.79 0.90
C ALA D 225 43.14 -35.34 1.25
N GLN D 226 43.26 -34.41 0.31
CA GLN D 226 42.93 -33.00 0.53
C GLN D 226 41.46 -32.85 0.90
N LYS D 227 40.54 -33.45 0.11
CA LYS D 227 39.11 -33.33 0.37
C LYS D 227 38.68 -33.98 1.68
N MET D 228 39.29 -35.13 2.00
CA MET D 228 38.99 -35.83 3.25
C MET D 228 39.42 -34.99 4.46
N MET D 229 40.65 -34.47 4.43
CA MET D 229 41.18 -33.71 5.56
C MET D 229 40.47 -32.40 5.75
N ILE D 230 40.09 -31.74 4.66
CA ILE D 230 39.34 -30.49 4.74
C ILE D 230 37.94 -30.77 5.36
N GLY D 231 37.28 -31.82 4.89
CA GLY D 231 35.97 -32.22 5.42
C GLY D 231 36.04 -32.55 6.90
N ARG D 232 37.08 -33.32 7.33
CA ARG D 232 37.23 -33.67 8.74
C ARG D 232 37.60 -32.47 9.63
N CYS D 233 38.38 -31.51 9.10
CA CYS D 233 38.71 -30.30 9.84
C CYS D 233 37.48 -29.42 9.96
N ASN D 234 36.65 -29.34 8.91
CA ASN D 234 35.42 -28.56 8.93
C ASN D 234 34.46 -29.16 9.98
N LEU D 235 34.36 -30.48 10.02
CA LEU D 235 33.53 -31.18 10.99
C LEU D 235 34.04 -30.93 12.43
N ALA D 236 35.36 -30.93 12.64
CA ALA D 236 35.96 -30.68 13.95
C ALA D 236 35.99 -29.22 14.35
N GLY D 237 35.73 -28.30 13.42
CA GLY D 237 35.81 -26.86 13.68
C GLY D 237 37.24 -26.38 13.88
N LYS D 238 38.19 -27.02 13.19
CA LYS D 238 39.61 -26.64 13.30
C LYS D 238 40.17 -26.18 11.97
N PRO D 239 41.04 -25.15 11.97
CA PRO D 239 41.57 -24.64 10.69
C PRO D 239 42.29 -25.64 9.81
N VAL D 240 42.06 -25.54 8.48
CA VAL D 240 42.76 -26.38 7.52
C VAL D 240 43.35 -25.49 6.43
N VAL D 241 44.63 -25.71 6.10
CA VAL D 241 45.32 -24.93 5.08
C VAL D 241 45.53 -25.79 3.84
N CYS D 242 45.23 -25.27 2.64
CA CYS D 242 45.56 -25.99 1.43
C CYS D 242 46.87 -25.36 0.94
N ALA D 243 47.89 -26.18 0.67
CA ALA D 243 49.20 -25.63 0.29
C ALA D 243 49.83 -26.29 -0.90
N THR D 244 50.76 -25.55 -1.59
CA THR D 244 51.74 -25.97 -2.58
C THR D 244 51.26 -26.10 -4.02
N GLN D 245 51.94 -25.33 -4.89
CA GLN D 245 51.77 -25.26 -6.33
C GLN D 245 50.40 -24.77 -6.76
N MET D 246 49.71 -24.00 -5.90
CA MET D 246 48.39 -23.47 -6.23
C MET D 246 48.44 -22.51 -7.42
N LEU D 247 49.48 -21.65 -7.50
CA LEU D 247 49.66 -20.73 -8.64
C LEU D 247 51.13 -20.85 -9.11
N GLU D 248 51.67 -22.06 -9.18
CA GLU D 248 53.07 -22.35 -9.50
C GLU D 248 53.63 -21.60 -10.71
N SER D 249 52.89 -21.55 -11.81
CA SER D 249 53.34 -20.88 -13.00
C SER D 249 53.58 -19.39 -12.79
N MET D 250 52.93 -18.77 -11.77
CA MET D 250 53.15 -17.35 -11.46
C MET D 250 54.51 -17.06 -10.83
N ILE D 251 55.36 -18.08 -10.61
CA ILE D 251 56.74 -17.85 -10.18
C ILE D 251 57.48 -17.09 -11.32
N THR D 252 57.20 -17.45 -12.58
CA THR D 252 57.84 -16.81 -13.73
C THR D 252 56.86 -16.09 -14.67
N LYS D 253 55.54 -16.40 -14.61
CA LYS D 253 54.57 -15.77 -15.53
C LYS D 253 53.58 -14.85 -14.82
N PRO D 254 53.17 -13.76 -15.47
CA PRO D 254 52.27 -12.79 -14.80
C PRO D 254 50.82 -13.25 -14.58
N ARG D 255 50.39 -14.30 -15.31
CA ARG D 255 49.05 -14.83 -15.21
C ARG D 255 49.13 -16.35 -14.96
N PRO D 256 48.21 -16.90 -14.15
CA PRO D 256 48.26 -18.34 -13.89
C PRO D 256 47.59 -19.17 -15.00
N THR D 257 47.78 -20.49 -14.96
CA THR D 257 47.13 -21.38 -15.90
C THR D 257 45.64 -21.58 -15.47
N ARG D 258 44.83 -22.19 -16.35
CA ARG D 258 43.43 -22.49 -16.08
C ARG D 258 43.30 -23.51 -14.96
N ALA D 259 44.26 -24.45 -14.85
CA ALA D 259 44.25 -25.44 -13.78
C ALA D 259 44.52 -24.80 -12.43
N GLU D 260 45.38 -23.77 -12.39
CA GLU D 260 45.76 -23.08 -11.17
C GLU D 260 44.62 -22.26 -10.58
N THR D 261 43.91 -21.49 -11.39
CA THR D 261 42.77 -20.73 -10.87
C THR D 261 41.68 -21.69 -10.37
N SER D 262 41.49 -22.81 -11.07
CA SER D 262 40.52 -23.81 -10.72
C SER D 262 40.93 -24.46 -9.39
N ASP D 263 42.21 -24.75 -9.18
CA ASP D 263 42.72 -25.36 -7.96
C ASP D 263 42.46 -24.44 -6.74
N VAL D 264 42.70 -23.13 -6.89
CA VAL D 264 42.46 -22.19 -5.80
C VAL D 264 40.95 -22.14 -5.50
N ALA D 265 40.10 -22.02 -6.55
CA ALA D 265 38.67 -21.93 -6.36
C ALA D 265 38.13 -23.19 -5.71
N ASN D 266 38.62 -24.36 -6.14
CA ASN D 266 38.18 -25.64 -5.59
C ASN D 266 38.67 -25.86 -4.16
N ALA D 267 39.85 -25.36 -3.78
CA ALA D 267 40.30 -25.45 -2.38
C ALA D 267 39.30 -24.68 -1.47
N VAL D 268 38.87 -23.47 -1.93
CA VAL D 268 37.88 -22.70 -1.19
C VAL D 268 36.52 -23.41 -1.15
N LEU D 269 36.06 -23.96 -2.29
CA LEU D 269 34.79 -24.70 -2.32
C LEU D 269 34.85 -25.98 -1.46
N ASP D 270 36.01 -26.61 -1.36
CA ASP D 270 36.21 -27.80 -0.54
C ASP D 270 35.99 -27.47 0.95
N GLY D 271 36.32 -26.23 1.36
CA GLY D 271 36.17 -25.78 2.74
C GLY D 271 37.45 -25.36 3.42
N ALA D 272 38.54 -25.10 2.64
CA ALA D 272 39.80 -24.68 3.27
C ALA D 272 39.65 -23.34 3.97
N ASP D 273 40.21 -23.22 5.16
CA ASP D 273 40.21 -21.95 5.88
C ASP D 273 41.27 -21.03 5.29
N CYS D 274 42.42 -21.58 4.89
CA CYS D 274 43.55 -20.81 4.35
C CYS D 274 44.03 -21.42 3.06
N ILE D 275 44.62 -20.56 2.22
CA ILE D 275 45.28 -21.00 1.01
C ILE D 275 46.71 -20.43 1.08
N MET D 276 47.68 -21.15 0.52
CA MET D 276 49.06 -20.76 0.64
C MET D 276 49.79 -20.50 -0.67
N LEU D 277 50.81 -19.65 -0.60
CA LEU D 277 51.74 -19.36 -1.67
C LEU D 277 53.16 -19.68 -1.13
N SER D 278 53.96 -20.40 -1.90
CA SER D 278 55.30 -20.79 -1.49
C SER D 278 56.32 -20.05 -2.37
N GLY D 279 56.85 -20.69 -3.41
CA GLY D 279 57.77 -20.06 -4.33
C GLY D 279 57.18 -18.86 -5.04
N GLU D 280 55.82 -18.82 -5.17
CA GLU D 280 55.12 -17.70 -5.80
C GLU D 280 55.42 -16.40 -5.10
N THR D 281 55.60 -16.42 -3.78
CA THR D 281 55.94 -15.18 -3.06
C THR D 281 57.38 -15.20 -2.53
N ALA D 282 57.96 -16.38 -2.29
CA ALA D 282 59.30 -16.45 -1.71
C ALA D 282 60.38 -16.09 -2.67
N LYS D 283 60.27 -16.52 -3.92
CA LYS D 283 61.33 -16.35 -4.89
C LYS D 283 60.89 -15.90 -6.27
N GLY D 284 59.59 -15.87 -6.52
CA GLY D 284 59.09 -15.54 -7.85
C GLY D 284 59.17 -14.09 -8.26
N ASN D 285 58.83 -13.83 -9.52
CA ASN D 285 58.83 -12.48 -10.08
C ASN D 285 57.52 -11.72 -9.86
N PHE D 286 56.46 -12.41 -9.41
CA PHE D 286 55.18 -11.76 -9.22
C PHE D 286 54.58 -12.01 -7.84
N PRO D 287 55.30 -11.73 -6.73
CA PRO D 287 54.75 -12.01 -5.40
C PRO D 287 53.46 -11.27 -5.08
N VAL D 288 53.39 -9.95 -5.39
CA VAL D 288 52.20 -9.16 -5.09
C VAL D 288 51.03 -9.61 -5.97
N GLU D 289 51.31 -9.89 -7.25
CA GLU D 289 50.28 -10.34 -8.18
C GLU D 289 49.73 -11.71 -7.79
N ALA D 290 50.58 -12.60 -7.24
CA ALA D 290 50.12 -13.91 -6.82
C ALA D 290 49.15 -13.78 -5.64
N VAL D 291 49.41 -12.82 -4.72
CA VAL D 291 48.53 -12.58 -3.59
C VAL D 291 47.21 -12.00 -4.10
N LYS D 292 47.27 -11.05 -5.05
CA LYS D 292 46.08 -10.45 -5.65
C LYS D 292 45.23 -11.49 -6.39
N MET D 293 45.87 -12.43 -7.07
CA MET D 293 45.16 -13.48 -7.80
C MET D 293 44.44 -14.43 -6.82
N GLN D 294 45.10 -14.85 -5.72
CA GLN D 294 44.45 -15.69 -4.72
C GLN D 294 43.29 -14.95 -4.09
N HIS D 295 43.44 -13.63 -3.82
CA HIS D 295 42.40 -12.80 -3.26
C HIS D 295 41.17 -12.77 -4.19
N ALA D 296 41.39 -12.46 -5.48
CA ALA D 296 40.31 -12.36 -6.46
C ALA D 296 39.57 -13.68 -6.63
N ILE D 297 40.30 -14.81 -6.71
CA ILE D 297 39.66 -16.11 -6.87
C ILE D 297 38.85 -16.50 -5.63
N ALA D 298 39.45 -16.35 -4.44
CA ALA D 298 38.79 -16.71 -3.19
C ALA D 298 37.48 -15.97 -2.97
N ARG D 299 37.42 -14.66 -3.27
CA ARG D 299 36.18 -13.89 -3.19
C ARG D 299 35.08 -14.47 -4.08
N GLU D 300 35.42 -14.83 -5.32
CA GLU D 300 34.46 -15.41 -6.25
C GLU D 300 33.98 -16.78 -5.75
N ALA D 301 34.92 -17.60 -5.22
CA ALA D 301 34.60 -18.94 -4.79
C ALA D 301 33.77 -18.97 -3.53
N GLU D 302 34.00 -18.02 -2.61
CA GLU D 302 33.25 -17.96 -1.36
C GLU D 302 31.78 -17.63 -1.62
N ALA D 303 31.49 -16.76 -2.58
CA ALA D 303 30.10 -16.46 -2.95
C ALA D 303 29.41 -17.66 -3.59
N ALA D 304 30.18 -18.55 -4.26
CA ALA D 304 29.68 -19.76 -4.92
C ALA D 304 29.47 -20.95 -3.96
N VAL D 305 29.77 -20.79 -2.68
CA VAL D 305 29.56 -21.86 -1.69
C VAL D 305 28.05 -22.05 -1.51
N TYR D 306 27.57 -23.31 -1.53
CA TYR D 306 26.15 -23.59 -1.36
C TYR D 306 25.84 -23.67 0.14
N HIS D 307 25.70 -22.50 0.79
CA HIS D 307 25.48 -22.41 2.24
C HIS D 307 24.25 -23.16 2.74
N ARG D 308 23.21 -23.29 1.91
CA ARG D 308 21.99 -24.00 2.33
C ARG D 308 22.30 -25.44 2.75
N GLN D 309 23.11 -26.14 1.94
CA GLN D 309 23.48 -27.51 2.27
C GLN D 309 24.59 -27.53 3.31
N LEU D 310 25.60 -26.66 3.16
CA LEU D 310 26.71 -26.60 4.10
C LEU D 310 26.26 -26.35 5.54
N PHE D 311 25.41 -25.34 5.78
CA PHE D 311 24.94 -25.05 7.14
C PHE D 311 24.12 -26.20 7.70
N GLU D 312 23.24 -26.78 6.90
CA GLU D 312 22.42 -27.91 7.33
C GLU D 312 23.29 -29.13 7.71
N GLU D 313 24.33 -29.40 6.93
CA GLU D 313 25.22 -30.52 7.21
C GLU D 313 26.13 -30.27 8.39
N LEU D 314 26.62 -29.02 8.57
CA LEU D 314 27.45 -28.68 9.73
C LEU D 314 26.63 -28.81 11.00
N ARG D 315 25.37 -28.34 10.97
CA ARG D 315 24.48 -28.42 12.13
C ARG D 315 24.16 -29.88 12.47
N ARG D 316 23.73 -30.68 11.47
CA ARG D 316 23.38 -32.08 11.68
C ARG D 316 24.55 -32.89 12.23
N ALA D 317 25.76 -32.61 11.77
CA ALA D 317 26.94 -33.36 12.19
C ALA D 317 27.50 -32.91 13.50
N ALA D 318 27.35 -31.64 13.84
CA ALA D 318 27.90 -31.11 15.10
C ALA D 318 27.12 -31.69 16.26
N PRO D 319 27.84 -32.22 17.26
CA PRO D 319 27.14 -32.80 18.41
C PRO D 319 26.47 -31.75 19.29
N LEU D 320 25.55 -32.18 20.16
CA LEU D 320 24.92 -31.27 21.13
C LEU D 320 26.02 -30.71 22.04
N SER D 321 25.87 -29.48 22.50
CA SER D 321 26.86 -28.87 23.35
C SER D 321 26.27 -28.20 24.53
N ARG D 322 26.95 -28.30 25.67
CA ARG D 322 26.55 -27.56 26.85
C ARG D 322 27.46 -26.36 27.14
N ASP D 323 28.32 -25.99 26.19
CA ASP D 323 29.23 -24.88 26.32
C ASP D 323 28.50 -23.65 25.82
N PRO D 324 28.32 -22.65 26.69
CA PRO D 324 27.58 -21.44 26.30
C PRO D 324 28.15 -20.67 25.13
N THR D 325 29.48 -20.71 24.92
CA THR D 325 30.07 -20.01 23.77
C THR D 325 29.62 -20.70 22.47
N GLU D 326 29.65 -22.03 22.45
CA GLU D 326 29.25 -22.81 21.29
C GLU D 326 27.74 -22.64 21.02
N VAL D 327 26.93 -22.67 22.08
CA VAL D 327 25.48 -22.50 21.96
C VAL D 327 25.14 -21.07 21.43
N THR D 328 25.85 -20.04 21.93
CA THR D 328 25.63 -18.68 21.47
C THR D 328 26.05 -18.56 20.00
N ALA D 329 27.20 -19.18 19.63
CA ALA D 329 27.71 -19.15 18.25
C ALA D 329 26.71 -19.68 17.23
N ILE D 330 26.08 -20.85 17.48
CA ILE D 330 25.12 -21.40 16.52
C ILE D 330 23.86 -20.53 16.44
N GLY D 331 23.43 -19.96 17.57
CA GLY D 331 22.29 -19.06 17.62
C GLY D 331 22.58 -17.81 16.81
N ALA D 332 23.81 -17.26 16.95
CA ALA D 332 24.22 -16.05 16.25
C ALA D 332 24.31 -16.29 14.74
N VAL D 333 24.81 -17.46 14.31
CA VAL D 333 24.94 -17.78 12.89
C VAL D 333 23.54 -17.98 12.29
N GLU D 334 22.63 -18.63 13.02
CA GLU D 334 21.25 -18.81 12.58
CA GLU D 334 21.26 -18.82 12.58
C GLU D 334 20.58 -17.45 12.43
N ALA D 335 20.75 -16.57 13.43
CA ALA D 335 20.22 -15.21 13.39
C ALA D 335 20.78 -14.42 12.19
N ALA D 336 22.10 -14.51 11.94
CA ALA D 336 22.74 -13.80 10.84
C ALA D 336 22.16 -14.20 9.47
N PHE D 337 21.93 -15.51 9.27
CA PHE D 337 21.37 -15.99 8.02
C PHE D 337 19.89 -15.51 7.85
N LYS D 338 19.13 -15.48 8.94
CA LYS D 338 17.73 -15.07 8.92
C LYS D 338 17.51 -13.65 8.41
N CYS D 339 18.41 -12.73 8.78
CA CYS D 339 18.27 -11.33 8.38
C CYS D 339 19.25 -10.86 7.35
N CYS D 340 20.10 -11.75 6.78
CA CYS D 340 21.15 -11.34 5.83
C CYS D 340 22.06 -10.31 6.48
N ALA D 341 22.47 -10.59 7.74
CA ALA D 341 23.33 -9.67 8.50
C ALA D 341 24.63 -9.39 7.73
N ALA D 342 25.06 -8.13 7.68
CA ALA D 342 26.30 -7.75 7.01
C ALA D 342 27.51 -8.31 7.80
N ALA D 343 27.40 -8.40 9.13
CA ALA D 343 28.49 -8.89 9.96
C ALA D 343 28.00 -9.46 11.30
N ILE D 344 28.84 -10.26 11.94
CA ILE D 344 28.70 -10.75 13.30
C ILE D 344 29.90 -10.12 14.02
N ILE D 345 29.67 -9.17 14.94
CA ILE D 345 30.77 -8.53 15.64
C ILE D 345 30.95 -9.28 16.95
N VAL D 346 32.13 -9.85 17.19
CA VAL D 346 32.36 -10.62 18.39
C VAL D 346 33.55 -10.07 19.18
N LEU D 347 33.41 -10.02 20.50
CA LEU D 347 34.51 -9.60 21.37
C LEU D 347 35.20 -10.88 21.77
N THR D 348 36.53 -10.94 21.62
CA THR D 348 37.25 -12.17 21.98
C THR D 348 38.62 -11.89 22.58
N THR D 349 39.03 -12.69 23.58
CA THR D 349 40.34 -12.51 24.21
C THR D 349 41.35 -13.45 23.55
N THR D 350 40.99 -14.73 23.40
CA THR D 350 41.88 -15.73 22.84
C THR D 350 41.61 -16.03 21.35
N GLY D 351 40.49 -15.53 20.81
CA GLY D 351 40.04 -15.85 19.47
C GLY D 351 38.98 -16.97 19.45
N ARG D 352 38.81 -17.69 20.56
CA ARG D 352 37.91 -18.84 20.60
C ARG D 352 36.45 -18.56 20.22
N SER D 353 35.85 -17.46 20.72
CA SER D 353 34.44 -17.14 20.37
C SER D 353 34.32 -16.89 18.86
N ALA D 354 35.37 -16.30 18.22
CA ALA D 354 35.34 -16.07 16.77
C ALA D 354 35.47 -17.38 16.01
N GLN D 355 36.30 -18.28 16.50
CA GLN D 355 36.50 -19.59 15.89
C GLN D 355 35.22 -20.41 15.93
N LEU D 356 34.48 -20.33 17.05
CA LEU D 356 33.21 -21.08 17.16
C LEU D 356 32.12 -20.52 16.24
N LEU D 357 32.18 -19.24 15.89
CA LEU D 357 31.25 -18.66 14.92
C LEU D 357 31.64 -19.14 13.50
N SER D 358 32.94 -19.08 13.18
CA SER D 358 33.55 -19.47 11.91
C SER D 358 33.26 -20.95 11.53
N ARG D 359 33.21 -21.84 12.50
CA ARG D 359 32.97 -23.25 12.23
C ARG D 359 31.59 -23.52 11.57
N TYR D 360 30.62 -22.59 11.77
CA TYR D 360 29.29 -22.74 11.15
C TYR D 360 29.20 -22.08 9.78
N ARG D 361 30.31 -21.56 9.26
CA ARG D 361 30.44 -20.97 7.96
C ARG D 361 29.36 -19.95 7.65
N PRO D 362 29.23 -18.90 8.47
CA PRO D 362 28.26 -17.85 8.14
C PRO D 362 28.69 -17.12 6.86
N ARG D 363 27.71 -16.60 6.13
CA ARG D 363 27.99 -15.75 4.99
C ARG D 363 28.40 -14.36 5.54
N ALA D 364 27.81 -13.93 6.70
CA ALA D 364 28.17 -12.68 7.36
C ALA D 364 29.62 -12.72 7.82
N ALA D 365 30.37 -11.63 7.60
CA ALA D 365 31.77 -11.52 8.03
C ALA D 365 31.80 -11.56 9.57
N VAL D 366 32.77 -12.25 10.16
CA VAL D 366 32.90 -12.28 11.62
C VAL D 366 33.98 -11.28 11.97
N ILE D 367 33.58 -10.10 12.44
CA ILE D 367 34.51 -9.06 12.82
C ILE D 367 34.89 -9.30 14.28
N ALA D 368 36.14 -9.72 14.53
CA ALA D 368 36.57 -10.05 15.89
C ALA D 368 37.36 -8.91 16.52
N VAL D 369 36.84 -8.32 17.58
CA VAL D 369 37.51 -7.23 18.26
C VAL D 369 38.24 -7.77 19.46
N THR D 370 39.55 -7.51 19.50
CA THR D 370 40.37 -8.03 20.60
C THR D 370 41.45 -7.06 20.99
N ARG D 371 41.89 -7.15 22.26
CA ARG D 371 43.06 -6.39 22.72
C ARG D 371 44.33 -7.21 22.57
N SER D 372 44.24 -8.53 22.43
CA SER D 372 45.40 -9.39 22.30
C SER D 372 45.94 -9.31 20.89
N ALA D 373 47.15 -8.76 20.72
CA ALA D 373 47.78 -8.65 19.42
C ALA D 373 48.04 -10.07 18.85
N GLN D 374 48.41 -11.01 19.71
CA GLN D 374 48.61 -12.40 19.27
C GLN D 374 47.31 -13.06 18.79
N ALA D 375 46.21 -12.91 19.53
CA ALA D 375 44.94 -13.48 19.11
C ALA D 375 44.48 -12.86 17.80
N ALA D 376 44.69 -11.56 17.63
CA ALA D 376 44.31 -10.87 16.39
C ALA D 376 45.04 -11.47 15.19
N ARG D 377 46.33 -11.84 15.38
CA ARG D 377 47.09 -12.47 14.32
C ARG D 377 46.63 -13.91 14.07
N GLN D 378 46.46 -14.69 15.14
CA GLN D 378 46.07 -16.10 15.02
C GLN D 378 44.69 -16.37 14.45
N VAL D 379 43.68 -15.50 14.68
CA VAL D 379 42.34 -15.78 14.15
C VAL D 379 42.27 -15.77 12.62
N HIS D 380 43.33 -15.30 11.93
CA HIS D 380 43.41 -15.39 10.47
C HIS D 380 43.35 -16.87 10.04
N LEU D 381 43.66 -17.82 10.92
CA LEU D 381 43.56 -19.25 10.58
C LEU D 381 42.11 -19.67 10.35
N CYS D 382 41.12 -18.93 10.87
CA CYS D 382 39.70 -19.29 10.77
C CYS D 382 39.01 -18.54 9.70
N ARG D 383 38.39 -19.26 8.75
CA ARG D 383 37.71 -18.60 7.64
C ARG D 383 36.64 -17.62 8.06
N GLY D 384 36.69 -16.45 7.44
CA GLY D 384 35.69 -15.43 7.65
C GLY D 384 35.86 -14.63 8.91
N VAL D 385 37.01 -14.74 9.56
CA VAL D 385 37.26 -13.94 10.76
C VAL D 385 38.19 -12.78 10.39
N PHE D 386 37.70 -11.54 10.60
CA PHE D 386 38.40 -10.30 10.32
C PHE D 386 38.81 -9.69 11.66
N PRO D 387 40.07 -9.86 12.06
CA PRO D 387 40.52 -9.32 13.35
C PRO D 387 40.77 -7.83 13.40
N LEU D 388 40.33 -7.20 14.49
CA LEU D 388 40.53 -5.79 14.72
C LEU D 388 41.23 -5.69 16.03
N LEU D 389 42.42 -5.08 16.04
CA LEU D 389 43.16 -4.90 17.26
C LEU D 389 42.75 -3.59 17.94
N TYR D 390 42.15 -3.71 19.13
CA TYR D 390 41.69 -2.56 19.91
C TYR D 390 42.82 -2.14 20.82
N ARG D 391 43.20 -0.85 20.77
CA ARG D 391 44.36 -0.39 21.53
C ARG D 391 44.04 0.47 22.74
N GLU D 392 42.81 0.95 22.88
CA GLU D 392 42.45 1.82 24.00
C GLU D 392 42.49 1.11 25.35
N PRO D 393 42.93 1.80 26.41
CA PRO D 393 42.92 1.18 27.74
C PRO D 393 41.47 1.01 28.23
N PRO D 394 41.25 0.01 29.09
CA PRO D 394 39.90 -0.24 29.59
C PRO D 394 39.19 0.91 30.28
N GLU D 395 37.89 1.10 29.97
CA GLU D 395 37.00 2.05 30.63
C GLU D 395 36.79 1.56 32.07
N ALA D 396 36.46 2.49 32.98
CA ALA D 396 36.21 2.12 34.38
C ALA D 396 34.95 1.26 34.48
N ILE D 397 33.91 1.57 33.68
CA ILE D 397 32.70 0.77 33.69
C ILE D 397 32.81 -0.28 32.59
N TRP D 398 32.80 -1.57 32.98
CA TRP D 398 32.97 -2.68 32.05
C TRP D 398 31.98 -2.67 30.90
N ALA D 399 30.71 -2.42 31.18
CA ALA D 399 29.70 -2.34 30.13
C ALA D 399 30.01 -1.24 29.11
N ASP D 400 30.62 -0.12 29.53
CA ASP D 400 31.03 0.93 28.60
C ASP D 400 32.22 0.48 27.76
N ASP D 401 33.14 -0.27 28.35
CA ASP D 401 34.31 -0.76 27.64
C ASP D 401 33.87 -1.73 26.53
N VAL D 402 32.87 -2.58 26.82
CA VAL D 402 32.30 -3.53 25.88
C VAL D 402 31.66 -2.76 24.73
N ASP D 403 30.82 -1.75 25.04
CA ASP D 403 30.17 -0.90 24.05
C ASP D 403 31.18 -0.15 23.17
N ARG D 404 32.26 0.36 23.76
CA ARG D 404 33.29 1.06 22.98
C ARG D 404 33.96 0.13 21.98
N ARG D 405 34.19 -1.12 22.38
CA ARG D 405 34.78 -2.11 21.48
C ARG D 405 33.82 -2.49 20.36
N VAL D 406 32.51 -2.62 20.64
CA VAL D 406 31.51 -2.91 19.62
C VAL D 406 31.45 -1.75 18.62
N GLN D 407 31.49 -0.50 19.12
CA GLN D 407 31.49 0.70 18.28
C GLN D 407 32.74 0.82 17.44
N PHE D 408 33.87 0.37 17.96
CA PHE D 408 35.11 0.31 17.19
C PHE D 408 34.96 -0.69 16.01
N GLY D 409 34.30 -1.83 16.25
CA GLY D 409 34.02 -2.83 15.21
C GLY D 409 33.12 -2.25 14.13
N ILE D 410 32.11 -1.48 14.53
CA ILE D 410 31.19 -0.83 13.61
C ILE D 410 31.90 0.25 12.78
N GLU D 411 32.67 1.14 13.43
CA GLU D 411 33.42 2.19 12.74
C GLU D 411 34.48 1.64 11.80
N SER D 412 35.18 0.56 12.19
CA SER D 412 36.17 -0.07 11.30
C SER D 412 35.44 -0.69 10.12
N GLY D 413 34.31 -1.36 10.39
CA GLY D 413 33.49 -1.99 9.37
C GLY D 413 32.96 -1.01 8.35
N LYS D 414 32.55 0.19 8.79
CA LYS D 414 32.05 1.22 7.88
C LYS D 414 33.21 1.72 7.00
N LEU D 415 34.35 2.00 7.61
CA LEU D 415 35.53 2.48 6.88
C LEU D 415 36.01 1.47 5.85
N ARG D 416 35.99 0.17 6.19
CA ARG D 416 36.47 -0.85 5.28
C ARG D 416 35.45 -1.34 4.25
N GLY D 417 34.19 -0.91 4.35
CA GLY D 417 33.16 -1.30 3.40
C GLY D 417 32.30 -2.48 3.81
N PHE D 418 32.54 -3.07 5.00
CA PHE D 418 31.75 -4.20 5.48
C PHE D 418 30.32 -3.76 5.83
N LEU D 419 30.17 -2.55 6.37
CA LEU D 419 28.91 -2.08 6.89
C LEU D 419 28.51 -0.73 6.35
N ARG D 420 27.21 -0.51 6.33
CA ARG D 420 26.57 0.73 5.94
C ARG D 420 25.41 0.98 6.89
N VAL D 421 24.97 2.23 7.00
CA VAL D 421 23.79 2.62 7.78
C VAL D 421 22.57 1.84 7.26
N GLY D 422 21.80 1.26 8.17
CA GLY D 422 20.65 0.46 7.78
C GLY D 422 20.91 -1.03 7.80
N ASP D 423 22.18 -1.44 7.80
CA ASP D 423 22.52 -2.87 7.88
C ASP D 423 22.16 -3.45 9.26
N LEU D 424 21.91 -4.74 9.30
CA LEU D 424 21.71 -5.44 10.56
C LEU D 424 23.00 -6.18 10.87
N VAL D 425 23.43 -6.14 12.12
CA VAL D 425 24.59 -6.87 12.57
C VAL D 425 24.18 -7.70 13.81
N ILE D 426 24.85 -8.83 14.01
CA ILE D 426 24.67 -9.66 15.18
C ILE D 426 25.89 -9.35 16.06
N VAL D 427 25.70 -9.06 17.35
CA VAL D 427 26.79 -8.71 18.26
C VAL D 427 26.88 -9.78 19.34
N VAL D 428 28.07 -10.40 19.47
CA VAL D 428 28.31 -11.48 20.38
C VAL D 428 29.28 -11.05 21.46
N THR D 429 28.83 -11.09 22.69
CA THR D 429 29.61 -10.66 23.85
C THR D 429 29.39 -11.67 25.00
N GLY D 430 29.95 -11.41 26.18
CA GLY D 430 29.82 -12.26 27.35
C GLY D 430 29.36 -11.53 28.61
N TRP D 431 29.08 -12.27 29.66
CA TRP D 431 28.49 -11.71 30.87
C TRP D 431 29.48 -11.17 31.89
N ARG D 432 30.78 -11.46 31.73
CA ARG D 432 31.79 -10.94 32.62
C ARG D 432 33.15 -10.84 31.90
N PRO D 433 34.09 -10.06 32.45
CA PRO D 433 35.42 -9.95 31.81
C PRO D 433 36.17 -11.28 31.82
N GLY D 434 37.21 -11.37 31.00
CA GLY D 434 37.99 -12.58 30.91
C GLY D 434 37.43 -13.54 29.87
N SER D 435 38.31 -14.41 29.38
CA SER D 435 38.01 -15.43 28.37
CA SER D 435 37.95 -15.40 28.35
C SER D 435 37.09 -16.53 28.90
N GLY D 436 36.24 -17.08 28.02
CA GLY D 436 35.40 -18.23 28.33
C GLY D 436 33.98 -17.94 28.75
N TYR D 437 33.54 -16.67 28.72
CA TYR D 437 32.22 -16.31 29.20
C TYR D 437 31.30 -15.73 28.16
N THR D 438 31.56 -15.97 26.86
CA THR D 438 30.63 -15.53 25.81
C THR D 438 29.27 -16.23 26.02
N ASN D 439 28.21 -15.45 26.01
CA ASN D 439 26.90 -16.04 26.21
C ASN D 439 25.73 -15.19 25.67
N ILE D 440 26.01 -14.09 24.99
CA ILE D 440 24.97 -13.17 24.55
C ILE D 440 25.09 -12.88 23.07
N MET D 441 23.95 -12.87 22.41
CA MET D 441 23.82 -12.54 21.01
C MET D 441 22.74 -11.43 20.91
N ARG D 442 23.05 -10.34 20.16
CA ARG D 442 22.12 -9.24 20.04
C ARG D 442 22.00 -8.70 18.58
N VAL D 443 20.76 -8.39 18.15
CA VAL D 443 20.49 -7.90 16.80
C VAL D 443 20.49 -6.39 16.82
N LEU D 444 21.46 -5.79 16.13
CA LEU D 444 21.67 -4.35 16.13
C LEU D 444 21.51 -3.74 14.74
N SER D 445 20.85 -2.60 14.67
CA SER D 445 20.69 -1.89 13.41
C SER D 445 21.78 -0.83 13.35
N ILE D 446 22.52 -0.77 12.23
CA ILE D 446 23.58 0.22 12.09
C ILE D 446 23.03 1.63 11.85
N SER D 447 23.43 2.57 12.69
CA SER D 447 23.01 3.98 12.56
C SER D 447 24.23 4.89 12.21
N ALA E 25 13.67 32.51 -0.65
CA ALA E 25 12.97 33.17 -1.74
C ALA E 25 12.02 34.26 -1.26
N PHE E 26 11.74 35.23 -2.14
CA PHE E 26 10.81 36.33 -1.88
C PHE E 26 9.43 35.78 -1.53
N PHE E 27 8.97 34.76 -2.28
CA PHE E 27 7.65 34.19 -2.10
C PHE E 27 7.52 33.23 -0.91
N GLN E 28 8.62 32.97 -0.19
CA GLN E 28 8.55 32.14 1.02
C GLN E 28 8.46 32.99 2.30
N GLN E 29 8.93 34.25 2.24
CA GLN E 29 8.90 35.21 3.35
C GLN E 29 7.51 35.85 3.49
N GLN E 30 7.31 36.62 4.58
CA GLN E 30 6.11 37.38 4.97
C GLN E 30 4.79 36.65 4.75
N GLN E 31 4.78 35.32 5.03
CA GLN E 31 3.61 34.45 4.90
C GLN E 31 2.98 34.51 3.53
N LEU E 32 3.78 34.73 2.48
CA LEU E 32 3.24 34.80 1.11
C LEU E 32 2.58 33.48 0.67
N PRO E 33 3.07 32.26 1.00
CA PRO E 33 2.28 31.05 0.68
C PRO E 33 0.88 31.08 1.32
N ALA E 34 0.74 31.52 2.58
CA ALA E 34 -0.57 31.63 3.25
C ALA E 34 -1.43 32.74 2.63
N ALA E 35 -0.78 33.81 2.12
CA ALA E 35 -1.45 34.93 1.48
C ALA E 35 -2.11 34.53 0.16
N MET E 36 -1.52 33.59 -0.56
CA MET E 36 -2.07 33.14 -1.85
C MET E 36 -3.19 32.10 -1.74
N ALA E 37 -3.49 31.62 -0.52
CA ALA E 37 -4.51 30.59 -0.32
C ALA E 37 -5.89 31.01 -0.82
N ASP E 38 -6.67 30.04 -1.28
CA ASP E 38 -8.01 30.29 -1.82
C ASP E 38 -9.10 30.37 -0.76
N THR E 39 -8.84 29.87 0.45
CA THR E 39 -9.82 29.98 1.55
C THR E 39 -9.09 30.43 2.82
N PHE E 40 -9.82 30.95 3.80
CA PHE E 40 -9.29 31.35 5.08
C PHE E 40 -8.74 30.11 5.81
N LEU E 41 -9.45 28.97 5.74
CA LEU E 41 -8.99 27.73 6.34
C LEU E 41 -7.63 27.29 5.75
N GLU E 42 -7.49 27.30 4.42
CA GLU E 42 -6.21 26.95 3.76
CA GLU E 42 -6.21 26.95 3.77
C GLU E 42 -5.11 27.95 4.16
N HIS E 43 -5.48 29.23 4.32
CA HIS E 43 -4.56 30.29 4.71
C HIS E 43 -3.98 29.96 6.10
N LEU E 44 -4.84 29.54 7.05
CA LEU E 44 -4.37 29.15 8.40
C LEU E 44 -3.44 27.96 8.31
N CYS E 45 -3.82 26.93 7.52
CA CYS E 45 -3.02 25.74 7.32
C CYS E 45 -1.63 26.03 6.75
N LEU E 46 -1.48 27.14 6.00
CA LEU E 46 -0.22 27.51 5.37
C LEU E 46 0.65 28.47 6.18
N LEU E 47 0.20 28.90 7.38
CA LEU E 47 1.00 29.80 8.22
C LEU E 47 2.27 29.05 8.64
N ASP E 48 3.41 29.71 8.52
CA ASP E 48 4.71 29.07 8.71
C ASP E 48 5.55 29.84 9.69
N ILE E 49 5.96 29.17 10.77
CA ILE E 49 6.84 29.82 11.79
C ILE E 49 8.24 30.16 11.22
N ASP E 50 8.64 29.55 10.10
CA ASP E 50 9.92 29.83 9.46
C ASP E 50 9.82 30.94 8.39
N SER E 51 8.61 31.44 8.08
CA SER E 51 8.43 32.50 7.10
C SER E 51 8.66 33.82 7.85
N GLU E 52 9.81 34.46 7.61
CA GLU E 52 10.17 35.66 8.34
C GLU E 52 9.48 36.93 7.85
N PRO E 53 9.06 37.79 8.79
CA PRO E 53 8.43 39.06 8.38
C PRO E 53 9.48 39.96 7.73
N VAL E 54 9.11 40.65 6.65
CA VAL E 54 10.05 41.53 5.96
C VAL E 54 9.59 42.97 6.03
N ALA E 55 8.29 43.19 5.90
CA ALA E 55 7.72 44.52 5.96
C ALA E 55 7.90 45.18 7.32
N ALA E 56 7.94 46.51 7.31
CA ALA E 56 8.05 47.28 8.54
C ALA E 56 6.78 47.09 9.37
N ARG E 57 6.91 47.16 10.70
CA ARG E 57 5.78 47.00 11.60
C ARG E 57 4.82 48.16 11.41
N SER E 58 3.58 47.87 11.10
CA SER E 58 2.60 48.88 10.76
C SER E 58 1.59 49.22 11.86
N THR E 59 1.39 48.37 12.87
CA THR E 59 0.47 48.68 13.97
C THR E 59 1.26 49.53 14.97
N SER E 60 0.80 50.76 15.23
CA SER E 60 1.50 51.64 16.17
C SER E 60 1.43 51.17 17.60
N ILE E 61 2.44 51.53 18.38
CA ILE E 61 2.50 51.19 19.79
C ILE E 61 2.34 52.46 20.61
N ILE E 62 1.37 52.46 21.51
CA ILE E 62 1.15 53.56 22.42
C ILE E 62 1.74 53.13 23.77
N ALA E 63 2.69 53.89 24.31
CA ALA E 63 3.27 53.56 25.62
C ALA E 63 2.88 54.62 26.63
N THR E 64 2.38 54.20 27.79
CA THR E 64 2.00 55.15 28.84
C THR E 64 3.25 55.58 29.57
N ILE E 65 3.49 56.90 29.63
CA ILE E 65 4.68 57.44 30.28
C ILE E 65 4.43 57.72 31.74
N GLY E 66 5.22 57.09 32.60
CA GLY E 66 5.13 57.26 34.05
C GLY E 66 6.49 57.12 34.71
N PRO E 67 6.51 56.82 36.03
CA PRO E 67 7.81 56.73 36.74
C PRO E 67 8.86 55.80 36.14
N ALA E 68 8.43 54.67 35.55
CA ALA E 68 9.37 53.70 34.98
C ALA E 68 9.89 54.05 33.61
N SER E 69 9.31 55.03 32.94
CA SER E 69 9.66 55.35 31.56
C SER E 69 9.79 56.85 31.30
N ARG E 70 10.04 57.63 32.35
CA ARG E 70 10.11 59.09 32.31
C ARG E 70 11.40 59.71 31.88
N SER E 71 12.55 59.09 32.19
CA SER E 71 13.85 59.68 31.90
C SER E 71 14.13 59.80 30.41
N VAL E 72 14.89 60.81 30.01
CA VAL E 72 15.26 61.04 28.62
C VAL E 72 16.02 59.85 28.03
N GLU E 73 16.90 59.23 28.81
CA GLU E 73 17.68 58.08 28.34
C GLU E 73 16.79 56.84 28.15
N ARG E 74 15.81 56.65 29.04
CA ARG E 74 14.87 55.53 28.95
C ARG E 74 13.95 55.75 27.73
N LEU E 75 13.48 56.98 27.54
CA LEU E 75 12.63 57.35 26.41
C LEU E 75 13.32 57.17 25.08
N LYS E 76 14.64 57.38 25.00
CA LYS E 76 15.37 57.16 23.74
C LYS E 76 15.36 55.67 23.41
N GLU E 77 15.52 54.80 24.41
CA GLU E 77 15.47 53.35 24.21
C GLU E 77 14.07 52.91 23.80
N MET E 78 13.02 53.54 24.35
CA MET E 78 11.64 53.19 24.01
CA MET E 78 11.64 53.20 24.01
C MET E 78 11.29 53.62 22.59
N ILE E 79 11.84 54.75 22.11
CA ILE E 79 11.63 55.22 20.75
C ILE E 79 12.31 54.22 19.81
N LYS E 80 13.53 53.80 20.13
CA LYS E 80 14.26 52.83 19.30
C LYS E 80 13.56 51.45 19.30
N ALA E 81 12.97 51.06 20.43
CA ALA E 81 12.24 49.81 20.59
C ALA E 81 10.92 49.81 19.77
N GLY E 82 10.36 50.99 19.48
CA GLY E 82 9.17 51.07 18.64
C GLY E 82 8.03 51.96 19.08
N MET E 83 8.16 52.67 20.22
CA MET E 83 7.08 53.54 20.69
C MET E 83 6.77 54.63 19.66
N ASN E 84 5.49 54.77 19.28
CA ASN E 84 5.08 55.79 18.30
C ASN E 84 4.27 56.91 18.94
N ILE E 85 3.54 56.59 20.01
CA ILE E 85 2.68 57.53 20.71
C ILE E 85 2.96 57.43 22.22
N ALA E 86 3.19 58.58 22.86
CA ALA E 86 3.42 58.64 24.31
C ALA E 86 2.12 59.06 24.96
N ARG E 87 1.58 58.21 25.85
CA ARG E 87 0.30 58.50 26.50
C ARG E 87 0.54 59.05 27.90
N LEU E 88 -0.16 60.12 28.26
CA LEU E 88 -0.07 60.70 29.61
C LEU E 88 -1.41 60.52 30.25
N ASN E 89 -1.47 59.71 31.30
CA ASN E 89 -2.72 59.39 31.96
C ASN E 89 -3.01 60.43 33.06
N PHE E 90 -3.95 61.34 32.79
CA PHE E 90 -4.29 62.40 33.74
C PHE E 90 -5.17 61.91 34.90
N SER E 91 -5.37 60.59 35.04
CA SER E 91 -6.01 60.04 36.22
C SER E 91 -4.99 60.03 37.40
N HIS E 92 -3.67 60.13 37.11
CA HIS E 92 -2.58 60.13 38.07
C HIS E 92 -1.65 61.33 37.82
N GLY E 93 -0.73 61.57 38.75
CA GLY E 93 0.23 62.66 38.65
C GLY E 93 -0.40 64.03 38.78
N SER E 94 0.29 65.03 38.28
CA SER E 94 -0.18 66.42 38.32
C SER E 94 0.20 67.11 37.00
N HIS E 95 -0.25 68.36 36.77
CA HIS E 95 0.11 69.09 35.55
C HIS E 95 1.62 69.27 35.46
N GLU E 96 2.27 69.55 36.60
CA GLU E 96 3.73 69.73 36.65
C GLU E 96 4.44 68.44 36.29
N TYR E 97 3.97 67.32 36.82
CA TYR E 97 4.55 66.00 36.54
C TYR E 97 4.44 65.65 35.05
N HIS E 98 3.23 65.79 34.48
CA HIS E 98 3.01 65.49 33.08
C HIS E 98 3.73 66.43 32.13
N ALA E 99 3.90 67.73 32.51
CA ALA E 99 4.65 68.65 31.67
C ALA E 99 6.12 68.24 31.60
N GLU E 100 6.66 67.74 32.72
CA GLU E 100 8.04 67.29 32.76
C GLU E 100 8.21 66.04 31.89
N SER E 101 7.22 65.12 31.94
CA SER E 101 7.24 63.92 31.10
C SER E 101 7.21 64.30 29.62
N ILE E 102 6.32 65.24 29.24
CA ILE E 102 6.22 65.73 27.85
C ILE E 102 7.56 66.31 27.38
N ALA E 103 8.20 67.16 28.22
CA ALA E 103 9.48 67.77 27.88
C ALA E 103 10.54 66.71 27.67
N ASN E 104 10.54 65.66 28.50
CA ASN E 104 11.51 64.56 28.36
C ASN E 104 11.25 63.75 27.08
N VAL E 105 9.97 63.52 26.74
CA VAL E 105 9.61 62.83 25.49
C VAL E 105 10.13 63.65 24.31
N ARG E 106 9.82 64.95 24.33
CA ARG E 106 10.25 65.87 23.28
C ARG E 106 11.75 65.97 23.14
N GLU E 107 12.50 65.90 24.27
CA GLU E 107 13.95 65.95 24.23
C GLU E 107 14.51 64.65 23.65
N ALA E 108 13.93 63.50 24.05
CA ALA E 108 14.35 62.21 23.51
C ALA E 108 14.05 62.10 22.02
N VAL E 109 12.88 62.60 21.58
CA VAL E 109 12.48 62.57 20.17
C VAL E 109 13.36 63.47 19.33
N GLU E 110 13.61 64.71 19.80
CA GLU E 110 14.41 65.66 19.05
C GLU E 110 15.90 65.32 19.03
N SER E 111 16.37 64.39 19.88
CA SER E 111 17.76 63.96 19.85
C SER E 111 18.09 63.21 18.55
N PHE E 112 17.07 62.71 17.81
CA PHE E 112 17.27 62.02 16.54
C PHE E 112 16.94 62.94 15.30
N ALA E 113 16.50 64.20 15.53
CA ALA E 113 16.12 65.13 14.45
C ALA E 113 17.26 65.61 13.55
N GLY E 114 18.50 65.40 13.99
CA GLY E 114 19.70 65.75 13.25
C GLY E 114 19.90 64.95 11.98
N SER E 115 19.23 63.79 11.88
CA SER E 115 19.24 62.95 10.69
C SER E 115 17.78 62.91 10.17
N PRO E 116 17.38 63.90 9.33
CA PRO E 116 15.99 63.96 8.85
C PRO E 116 15.48 62.73 8.08
N LEU E 117 16.39 61.99 7.43
CA LEU E 117 16.09 60.79 6.64
C LEU E 117 15.68 59.59 7.53
N SER E 118 15.95 59.64 8.84
CA SER E 118 15.63 58.55 9.75
C SER E 118 14.81 58.99 10.99
N TYR E 119 14.58 60.31 11.16
CA TYR E 119 13.83 60.87 12.29
C TYR E 119 12.44 60.25 12.41
N ARG E 120 12.08 59.81 13.62
CA ARG E 120 10.78 59.23 13.84
C ARG E 120 9.92 60.15 14.68
N PRO E 121 8.86 60.73 14.07
CA PRO E 121 7.91 61.53 14.85
C PRO E 121 7.25 60.69 15.96
N VAL E 122 6.97 61.27 17.13
CA VAL E 122 6.30 60.56 18.22
C VAL E 122 5.13 61.44 18.65
N ALA E 123 3.89 60.92 18.63
CA ALA E 123 2.75 61.71 19.05
C ALA E 123 2.64 61.79 20.58
N ILE E 124 1.95 62.82 21.08
CA ILE E 124 1.72 62.98 22.51
C ILE E 124 0.22 62.97 22.73
N ALA E 125 -0.26 62.01 23.50
CA ALA E 125 -1.67 61.84 23.73
C ALA E 125 -1.99 62.09 25.19
N LEU E 126 -3.09 62.78 25.45
CA LEU E 126 -3.53 63.07 26.80
C LEU E 126 -4.73 62.20 27.07
N ASP E 127 -4.69 61.38 28.12
CA ASP E 127 -5.81 60.54 28.48
C ASP E 127 -6.51 61.19 29.69
N THR E 128 -7.77 61.59 29.54
CA THR E 128 -8.48 62.28 30.60
C THR E 128 -8.90 61.40 31.77
N LYS E 129 -9.16 62.02 32.92
CA LYS E 129 -9.59 61.27 34.12
C LYS E 129 -11.05 60.85 33.96
N GLY E 130 -11.83 61.62 33.22
CA GLY E 130 -13.21 61.20 32.94
C GLY E 130 -14.28 62.04 33.61
N PRO E 131 -15.58 61.75 33.37
CA PRO E 131 -16.66 62.58 33.90
C PRO E 131 -17.12 62.18 35.30
N GLY E 132 -16.65 61.04 35.79
CA GLY E 132 -17.02 60.55 37.13
C GLY E 132 -18.51 60.35 37.30
N SER E 133 -19.08 60.89 38.38
CA SER E 133 -20.52 60.64 38.69
C SER E 133 -21.40 61.74 38.08
N GLY E 134 -20.83 62.61 37.26
CA GLY E 134 -21.59 63.69 36.62
C GLY E 134 -21.82 63.43 35.14
N GLY E 136 -21.65 64.91 32.74
CA GLY E 136 -21.16 66.24 32.31
C GLY E 136 -19.64 66.25 32.26
N LEU E 137 -19.05 67.01 31.33
CA LEU E 137 -17.59 67.10 31.35
C LEU E 137 -17.19 67.66 32.70
N SER E 138 -16.32 66.95 33.43
CA SER E 138 -15.90 67.36 34.76
C SER E 138 -15.02 68.61 34.73
N GLU E 139 -14.93 69.33 35.87
CA GLU E 139 -14.11 70.53 35.98
C GLU E 139 -12.64 70.20 35.82
N GLN E 140 -12.18 69.05 36.33
CA GLN E 140 -10.79 68.63 36.20
C GLN E 140 -10.47 68.35 34.73
N ASP E 141 -11.41 67.74 33.99
CA ASP E 141 -11.22 67.48 32.57
C ASP E 141 -11.10 68.77 31.80
N VAL E 142 -11.90 69.81 32.14
CA VAL E 142 -11.79 71.11 31.46
C VAL E 142 -10.38 71.70 31.63
N ARG E 143 -9.82 71.61 32.84
CA ARG E 143 -8.49 72.11 33.12
C ARG E 143 -7.40 71.29 32.43
N ASP E 144 -7.53 69.95 32.45
CA ASP E 144 -6.57 69.05 31.82
C ASP E 144 -6.59 69.20 30.29
N LEU E 145 -7.77 69.42 29.71
CA LEU E 145 -7.89 69.65 28.27
C LEU E 145 -7.24 70.97 27.87
N ARG E 146 -7.39 72.02 28.71
CA ARG E 146 -6.74 73.31 28.50
C ARG E 146 -5.21 73.12 28.58
N PHE E 147 -4.73 72.29 29.53
CA PHE E 147 -3.31 71.95 29.66
C PHE E 147 -2.79 71.32 28.36
N GLY E 148 -3.59 70.40 27.80
CA GLY E 148 -3.23 69.73 26.55
C GLY E 148 -3.05 70.69 25.40
N VAL E 149 -4.00 71.62 25.25
CA VAL E 149 -3.91 72.65 24.19
C VAL E 149 -2.66 73.51 24.39
N GLU E 150 -2.42 73.96 25.62
CA GLU E 150 -1.25 74.79 25.93
C GLU E 150 0.07 74.07 25.73
N HIS E 151 0.09 72.75 25.95
CA HIS E 151 1.30 71.97 25.77
C HIS E 151 1.42 71.32 24.38
N GLY E 152 0.51 71.62 23.46
CA GLY E 152 0.54 71.13 22.08
C GLY E 152 0.37 69.64 21.89
N VAL E 153 -0.52 69.01 22.68
CA VAL E 153 -0.75 67.57 22.52
C VAL E 153 -1.41 67.30 21.18
N ASP E 154 -1.15 66.14 20.60
CA ASP E 154 -1.69 65.77 19.30
C ASP E 154 -3.03 65.08 19.39
N ILE E 155 -3.25 64.31 20.46
CA ILE E 155 -4.41 63.46 20.59
C ILE E 155 -4.98 63.54 21.99
N VAL E 156 -6.29 63.39 22.10
CA VAL E 156 -6.96 63.28 23.38
C VAL E 156 -7.67 61.91 23.39
N PHE E 157 -7.39 61.09 24.40
CA PHE E 157 -8.11 59.85 24.61
C PHE E 157 -9.17 60.26 25.64
N ALA E 158 -10.40 60.48 25.20
CA ALA E 158 -11.46 60.92 26.10
C ALA E 158 -12.10 59.78 26.87
N SER E 159 -11.89 59.73 28.19
CA SER E 159 -12.42 58.67 29.02
C SER E 159 -13.94 58.68 29.13
N PHE E 160 -14.51 57.47 29.28
CA PHE E 160 -15.93 57.21 29.48
C PHE E 160 -16.87 57.97 28.55
N VAL E 161 -16.63 57.92 27.23
CA VAL E 161 -17.54 58.55 26.27
C VAL E 161 -18.79 57.66 26.18
N ARG E 162 -19.97 58.23 26.44
CA ARG E 162 -21.23 57.49 26.45
C ARG E 162 -22.21 57.90 25.34
N LYS E 163 -21.99 59.05 24.71
CA LYS E 163 -22.88 59.57 23.68
C LYS E 163 -22.16 60.66 22.87
N ALA E 164 -22.72 61.06 21.72
CA ALA E 164 -22.13 62.08 20.86
C ALA E 164 -21.90 63.42 21.56
N SER E 165 -22.80 63.80 22.50
CA SER E 165 -22.66 65.08 23.19
C SER E 165 -21.43 65.12 24.12
N ASP E 166 -20.94 63.95 24.58
CA ASP E 166 -19.72 63.89 25.39
C ASP E 166 -18.51 64.30 24.53
N VAL E 167 -18.49 63.91 23.24
CA VAL E 167 -17.42 64.26 22.32
C VAL E 167 -17.47 65.76 22.03
N ALA E 168 -18.68 66.31 21.81
CA ALA E 168 -18.86 67.74 21.55
C ALA E 168 -18.35 68.57 22.73
N ALA E 169 -18.60 68.10 23.96
CA ALA E 169 -18.12 68.80 25.17
C ALA E 169 -16.59 68.82 25.22
N VAL E 170 -15.93 67.71 24.86
CA VAL E 170 -14.47 67.64 24.84
C VAL E 170 -13.93 68.59 23.77
N ARG E 171 -14.58 68.61 22.60
CA ARG E 171 -14.19 69.47 21.49
C ARG E 171 -14.30 70.95 21.89
N ALA E 172 -15.38 71.32 22.61
CA ALA E 172 -15.61 72.69 23.08
C ALA E 172 -14.54 73.09 24.11
N ALA E 173 -14.21 72.19 25.05
CA ALA E 173 -13.17 72.45 26.06
C ALA E 173 -11.77 72.63 25.45
N LEU E 174 -11.54 72.06 24.26
CA LEU E 174 -10.25 72.25 23.57
C LEU E 174 -10.16 73.69 22.98
N GLY E 175 -11.31 74.31 22.72
CA GLY E 175 -11.38 75.68 22.24
C GLY E 175 -11.02 75.88 20.79
N PRO E 176 -10.92 77.15 20.35
CA PRO E 176 -10.55 77.43 18.96
C PRO E 176 -9.08 77.12 18.64
N GLU E 177 -8.21 77.05 19.65
CA GLU E 177 -6.79 76.72 19.41
C GLU E 177 -6.51 75.21 19.33
N GLY E 178 -7.46 74.37 19.78
CA GLY E 178 -7.27 72.92 19.76
C GLY E 178 -8.13 72.20 18.75
N HIS E 179 -8.54 72.88 17.68
CA HIS E 179 -9.37 72.29 16.64
C HIS E 179 -8.64 71.16 15.88
N GLY E 180 -7.31 71.21 15.82
CA GLY E 180 -6.52 70.21 15.12
C GLY E 180 -6.21 68.95 15.92
N ILE E 181 -6.51 68.94 17.21
CA ILE E 181 -6.26 67.78 18.07
C ILE E 181 -7.24 66.64 17.74
N LYS E 182 -6.75 65.39 17.63
CA LYS E 182 -7.61 64.25 17.34
C LYS E 182 -8.30 63.79 18.60
N ILE E 183 -9.62 63.55 18.54
CA ILE E 183 -10.33 63.05 19.70
C ILE E 183 -10.63 61.56 19.47
N ILE E 184 -10.02 60.72 20.30
CA ILE E 184 -10.23 59.28 20.25
C ILE E 184 -11.12 58.97 21.43
N SER E 185 -12.37 58.60 21.17
CA SER E 185 -13.31 58.29 22.25
C SER E 185 -13.06 56.93 22.85
N LYS E 186 -12.90 56.87 24.18
CA LYS E 186 -12.73 55.61 24.87
C LYS E 186 -14.09 55.02 25.18
N ILE E 187 -14.34 53.77 24.76
CA ILE E 187 -15.60 53.09 25.03
C ILE E 187 -15.32 52.19 26.21
N GLU E 188 -15.95 52.49 27.35
CA GLU E 188 -15.64 51.80 28.61
C GLU E 188 -16.81 51.23 29.34
N ASN E 189 -18.02 51.35 28.80
CA ASN E 189 -19.21 50.82 29.49
C ASN E 189 -20.32 50.40 28.53
N HIS E 190 -21.43 49.85 29.05
CA HIS E 190 -22.53 49.38 28.22
C HIS E 190 -23.12 50.47 27.34
N GLU E 191 -23.34 51.66 27.89
CA GLU E 191 -23.92 52.76 27.11
C GLU E 191 -23.05 53.17 25.93
N GLY E 192 -21.74 53.23 26.14
CA GLY E 192 -20.80 53.56 25.08
C GLY E 192 -20.86 52.54 23.94
N VAL E 193 -21.00 51.26 24.28
CA VAL E 193 -21.09 50.18 23.29
C VAL E 193 -22.40 50.29 22.52
N LYS E 194 -23.52 50.51 23.26
CA LYS E 194 -24.84 50.64 22.63
C LYS E 194 -24.99 51.89 21.76
N ARG E 195 -24.35 52.99 22.15
CA ARG E 195 -24.36 54.21 21.37
C ARG E 195 -23.11 54.38 20.52
N PHE E 196 -22.38 53.29 20.25
CA PHE E 196 -21.15 53.29 19.46
C PHE E 196 -21.24 54.04 18.13
N ASP E 197 -22.26 53.77 17.30
CA ASP E 197 -22.36 54.40 15.99
C ASP E 197 -22.42 55.91 16.06
N GLU E 198 -23.20 56.47 16.99
CA GLU E 198 -23.29 57.93 17.11
C GLU E 198 -21.99 58.53 17.64
N ILE E 199 -21.23 57.78 18.47
CA ILE E 199 -19.97 58.23 19.02
C ILE E 199 -18.88 58.22 17.94
N LEU E 200 -18.80 57.13 17.16
CA LEU E 200 -17.82 57.00 16.09
C LEU E 200 -18.02 58.08 15.04
N GLU E 201 -19.28 58.41 14.72
CA GLU E 201 -19.62 59.41 13.72
C GLU E 201 -18.97 60.78 14.01
N VAL E 202 -18.94 61.20 15.28
CA VAL E 202 -18.36 62.49 15.65
C VAL E 202 -16.93 62.43 16.20
N SER E 203 -16.35 61.22 16.33
CA SER E 203 -15.00 61.09 16.86
C SER E 203 -14.01 60.89 15.72
N ASP E 204 -12.74 61.14 16.00
CA ASP E 204 -11.68 60.84 15.02
C ASP E 204 -11.31 59.35 15.04
N GLY E 205 -11.61 58.67 16.14
CA GLY E 205 -11.32 57.26 16.33
C GLY E 205 -11.80 56.75 17.67
N ILE E 206 -11.55 55.46 17.95
CA ILE E 206 -12.02 54.82 19.16
C ILE E 206 -10.90 54.07 19.91
N MET E 207 -11.02 53.96 21.23
CA MET E 207 -10.15 53.14 22.03
C MET E 207 -11.05 52.12 22.72
N VAL E 208 -10.78 50.83 22.54
CA VAL E 208 -11.52 49.77 23.22
C VAL E 208 -10.80 49.70 24.59
N ALA E 209 -11.35 50.40 25.59
CA ALA E 209 -10.74 50.51 26.93
C ALA E 209 -11.22 49.32 27.75
N ARG E 210 -10.54 48.17 27.60
CA ARG E 210 -10.94 46.91 28.18
C ARG E 210 -10.91 46.82 29.71
N GLY E 211 -10.13 47.66 30.38
CA GLY E 211 -10.06 47.69 31.84
C GLY E 211 -11.43 47.96 32.45
N ASP E 212 -11.99 49.15 32.17
CA ASP E 212 -13.31 49.49 32.66
C ASP E 212 -14.38 48.68 32.00
N LEU E 213 -14.25 48.43 30.69
CA LEU E 213 -15.25 47.63 29.96
C LEU E 213 -15.44 46.24 30.57
N GLY E 214 -14.36 45.62 31.03
CA GLY E 214 -14.37 44.31 31.68
C GLY E 214 -14.99 44.28 33.07
N ILE E 215 -15.22 45.46 33.67
CA ILE E 215 -15.88 45.61 34.96
C ILE E 215 -17.33 46.09 34.74
N GLU E 216 -17.57 46.90 33.70
CA GLU E 216 -18.89 47.44 33.39
C GLU E 216 -19.81 46.42 32.74
N ILE E 217 -19.24 45.54 31.91
CA ILE E 217 -20.01 44.46 31.28
C ILE E 217 -19.37 43.12 31.70
N PRO E 218 -20.05 41.96 31.57
CA PRO E 218 -19.42 40.68 31.94
C PRO E 218 -18.08 40.50 31.25
N ALA E 219 -17.05 40.07 31.99
CA ALA E 219 -15.70 39.93 31.45
C ALA E 219 -15.64 39.04 30.20
N GLU E 220 -16.47 37.99 30.17
CA GLU E 220 -16.53 37.08 29.04
C GLU E 220 -17.16 37.69 27.77
N LYS E 221 -17.68 38.93 27.84
CA LYS E 221 -18.28 39.58 26.67
C LYS E 221 -17.36 40.63 26.05
N VAL E 222 -16.27 41.01 26.72
CA VAL E 222 -15.37 42.05 26.21
C VAL E 222 -14.85 41.76 24.80
N PHE E 223 -14.49 40.50 24.50
CA PHE E 223 -13.98 40.17 23.16
C PHE E 223 -15.02 40.46 22.05
N LEU E 224 -16.32 40.35 22.36
CA LEU E 224 -17.36 40.66 21.37
C LEU E 224 -17.40 42.16 21.11
N ALA E 225 -17.31 42.96 22.18
CA ALA E 225 -17.30 44.42 22.06
C ALA E 225 -16.05 44.85 21.30
N GLN E 226 -14.88 44.26 21.62
CA GLN E 226 -13.62 44.57 20.92
C GLN E 226 -13.72 44.26 19.44
N LYS E 227 -14.14 43.05 19.08
CA LYS E 227 -14.21 42.64 17.67
C LYS E 227 -15.24 43.45 16.87
N MET E 228 -16.38 43.77 17.50
CA MET E 228 -17.42 44.59 16.88
C MET E 228 -16.90 46.01 16.59
N MET E 229 -16.30 46.66 17.59
CA MET E 229 -15.82 48.04 17.45
C MET E 229 -14.66 48.13 16.48
N ILE E 230 -13.78 47.12 16.46
CA ILE E 230 -12.67 47.13 15.51
C ILE E 230 -13.21 46.98 14.09
N GLY E 231 -14.16 46.07 13.89
CA GLY E 231 -14.78 45.86 12.59
C GLY E 231 -15.50 47.11 12.11
N ARG E 232 -16.24 47.80 12.99
CA ARG E 232 -16.96 49.02 12.61
C ARG E 232 -16.02 50.18 12.32
N CYS E 233 -14.89 50.28 13.04
CA CYS E 233 -13.91 51.32 12.77
C CYS E 233 -13.21 51.04 11.46
N ASN E 234 -12.90 49.77 11.17
CA ASN E 234 -12.27 49.39 9.90
C ASN E 234 -13.22 49.73 8.73
N LEU E 235 -14.52 49.48 8.92
CA LEU E 235 -15.52 49.78 7.91
C LEU E 235 -15.64 51.31 7.69
N ALA E 236 -15.57 52.10 8.78
CA ALA E 236 -15.62 53.56 8.71
C ALA E 236 -14.30 54.21 8.24
N GLY E 237 -13.20 53.46 8.23
CA GLY E 237 -11.90 53.99 7.87
C GLY E 237 -11.35 54.90 8.96
N LYS E 238 -11.68 54.63 10.23
CA LYS E 238 -11.23 55.46 11.37
C LYS E 238 -10.36 54.66 12.34
N PRO E 239 -9.31 55.26 12.91
CA PRO E 239 -8.43 54.51 13.82
C PRO E 239 -9.11 53.88 15.03
N VAL E 240 -8.64 52.68 15.39
CA VAL E 240 -9.14 51.98 16.56
C VAL E 240 -7.93 51.46 17.35
N VAL E 241 -7.93 51.69 18.67
CA VAL E 241 -6.85 51.28 19.56
C VAL E 241 -7.33 50.13 20.42
N CYS E 242 -6.53 49.07 20.56
CA CYS E 242 -6.85 48.03 21.52
C CYS E 242 -6.03 48.32 22.76
N ALA E 243 -6.66 48.37 23.95
CA ALA E 243 -5.93 48.75 25.15
C ALA E 243 -6.19 47.87 26.35
N THR E 244 -5.24 47.87 27.31
CA THR E 244 -5.28 47.37 28.68
C THR E 244 -5.05 45.86 28.86
N GLN E 245 -4.03 45.57 29.67
CA GLN E 245 -3.60 44.25 30.11
C GLN E 245 -3.12 43.36 28.97
N MET E 246 -2.64 43.95 27.87
CA MET E 246 -2.14 43.19 26.74
C MET E 246 -0.92 42.38 27.11
N LEU E 247 0.00 42.94 27.92
CA LEU E 247 1.21 42.25 28.37
C LEU E 247 1.36 42.44 29.89
N GLU E 248 0.25 42.40 30.63
CA GLU E 248 0.16 42.67 32.06
C GLU E 248 1.24 42.02 32.91
N SER E 249 1.52 40.73 32.70
CA SER E 249 2.52 40.03 33.51
C SER E 249 3.92 40.63 33.36
N MET E 250 4.20 41.35 32.24
CA MET E 250 5.49 42.00 32.04
C MET E 250 5.72 43.21 32.97
N ILE E 251 4.74 43.55 33.83
CA ILE E 251 4.94 44.58 34.85
C ILE E 251 6.00 44.05 35.85
N THR E 252 5.94 42.73 36.19
CA THR E 252 6.92 42.13 37.09
C THR E 252 7.83 41.05 36.44
N LYS E 253 7.45 40.51 35.26
CA LYS E 253 8.24 39.44 34.63
C LYS E 253 8.86 39.84 33.32
N PRO E 254 10.08 39.33 33.01
CA PRO E 254 10.75 39.75 31.75
C PRO E 254 10.15 39.20 30.47
N ARG E 255 9.33 38.13 30.56
CA ARG E 255 8.68 37.50 29.40
C ARG E 255 7.17 37.42 29.66
N PRO E 256 6.34 37.60 28.61
CA PRO E 256 4.89 37.55 28.83
C PRO E 256 4.35 36.11 28.86
N THR E 257 3.08 35.96 29.25
CA THR E 257 2.43 34.67 29.23
C THR E 257 1.99 34.35 27.78
N ARG E 258 1.59 33.08 27.55
CA ARG E 258 1.12 32.62 26.24
C ARG E 258 -0.19 33.31 25.87
N ALA E 259 -1.02 33.66 26.85
CA ALA E 259 -2.28 34.37 26.57
C ALA E 259 -2.02 35.81 26.14
N GLU E 260 -0.98 36.43 26.69
CA GLU E 260 -0.62 37.81 26.38
C GLU E 260 -0.10 37.99 24.97
N THR E 261 0.80 37.09 24.51
CA THR E 261 1.29 37.18 23.13
C THR E 261 0.16 36.93 22.14
N SER E 262 -0.73 36.01 22.48
CA SER E 262 -1.90 35.67 21.68
C SER E 262 -2.83 36.87 21.60
N ASP E 263 -3.06 37.57 22.73
CA ASP E 263 -3.92 38.76 22.79
C ASP E 263 -3.41 39.87 21.88
N VAL E 264 -2.09 40.12 21.89
CA VAL E 264 -1.51 41.15 21.03
C VAL E 264 -1.66 40.75 19.55
N ALA E 265 -1.35 39.50 19.21
CA ALA E 265 -1.45 39.02 17.84
C ALA E 265 -2.89 39.08 17.35
N ASN E 266 -3.86 38.69 18.20
CA ASN E 266 -5.26 38.71 17.85
C ASN E 266 -5.82 40.11 17.73
N ALA E 267 -5.32 41.09 18.51
CA ALA E 267 -5.77 42.49 18.33
C ALA E 267 -5.35 42.97 16.93
N VAL E 268 -4.15 42.63 16.48
CA VAL E 268 -3.67 42.99 15.15
C VAL E 268 -4.48 42.26 14.08
N LEU E 269 -4.72 40.95 14.25
CA LEU E 269 -5.52 40.18 13.29
C LEU E 269 -6.98 40.66 13.23
N ASP E 270 -7.53 41.16 14.36
CA ASP E 270 -8.88 41.73 14.42
C ASP E 270 -8.98 42.98 13.55
N GLY E 271 -7.89 43.73 13.42
CA GLY E 271 -7.87 44.94 12.61
C GLY E 271 -7.53 46.20 13.38
N ALA E 272 -6.94 46.09 14.59
CA ALA E 272 -6.61 47.27 15.37
C ALA E 272 -5.53 48.10 14.69
N ASP E 273 -5.69 49.41 14.66
CA ASP E 273 -4.67 50.30 14.11
C ASP E 273 -3.52 50.46 15.10
N CYS E 274 -3.83 50.52 16.40
CA CYS E 274 -2.86 50.72 17.47
C CYS E 274 -3.05 49.69 18.57
N ILE E 275 -1.97 49.37 19.25
CA ILE E 275 -1.98 48.54 20.45
C ILE E 275 -1.34 49.38 21.57
N MET E 276 -1.78 49.18 22.81
CA MET E 276 -1.33 50.01 23.92
C MET E 276 -0.70 49.25 25.07
N LEU E 277 0.18 49.95 25.81
CA LEU E 277 0.81 49.48 27.05
C LEU E 277 0.47 50.51 28.13
N SER E 278 0.02 50.05 29.29
CA SER E 278 -0.35 50.94 30.38
C SER E 278 0.65 50.77 31.53
N GLY E 279 0.34 49.98 32.56
CA GLY E 279 1.25 49.72 33.67
C GLY E 279 2.54 49.10 33.24
N GLU E 280 2.54 48.38 32.09
CA GLU E 280 3.74 47.73 31.53
C GLU E 280 4.84 48.74 31.27
N THR E 281 4.48 49.97 30.88
CA THR E 281 5.51 51.00 30.64
C THR E 281 5.45 52.12 31.68
N ALA E 282 4.29 52.37 32.28
CA ALA E 282 4.14 53.45 33.25
C ALA E 282 4.86 53.15 34.56
N LYS E 283 4.72 51.93 35.10
CA LYS E 283 5.28 51.59 36.39
C LYS E 283 6.04 50.28 36.48
N GLY E 284 6.01 49.47 35.43
CA GLY E 284 6.63 48.15 35.46
C GLY E 284 8.14 48.11 35.43
N ASN E 285 8.70 46.93 35.66
CA ASN E 285 10.14 46.70 35.68
C ASN E 285 10.75 46.49 34.32
N PHE E 286 9.92 46.23 33.28
CA PHE E 286 10.46 45.99 31.94
C PHE E 286 9.76 46.85 30.85
N PRO E 287 9.77 48.21 30.97
CA PRO E 287 9.09 49.03 29.96
C PRO E 287 9.61 48.88 28.55
N VAL E 288 10.95 48.85 28.36
CA VAL E 288 11.53 48.74 27.03
C VAL E 288 11.25 47.36 26.44
N GLU E 289 11.37 46.31 27.28
CA GLU E 289 11.11 44.94 26.85
C GLU E 289 9.62 44.77 26.44
N ALA E 290 8.69 45.45 27.13
CA ALA E 290 7.28 45.37 26.77
C ALA E 290 7.02 45.98 25.39
N VAL E 291 7.70 47.09 25.06
CA VAL E 291 7.58 47.72 23.75
C VAL E 291 8.17 46.81 22.69
N LYS E 292 9.35 46.20 22.96
CA LYS E 292 10.00 45.29 22.04
C LYS E 292 9.15 44.06 21.74
N MET E 293 8.46 43.54 22.78
CA MET E 293 7.60 42.39 22.63
C MET E 293 6.40 42.74 21.75
N GLN E 294 5.75 43.90 21.97
CA GLN E 294 4.63 44.31 21.12
C GLN E 294 5.07 44.50 19.69
N HIS E 295 6.28 45.04 19.49
CA HIS E 295 6.81 45.24 18.14
C HIS E 295 7.00 43.88 17.42
N ALA E 296 7.66 42.93 18.10
CA ALA E 296 7.94 41.59 17.54
C ALA E 296 6.64 40.85 17.20
N ILE E 297 5.64 40.88 18.09
CA ILE E 297 4.36 40.20 17.84
C ILE E 297 3.60 40.85 16.68
N ALA E 298 3.49 42.18 16.70
CA ALA E 298 2.76 42.89 15.65
C ALA E 298 3.29 42.63 14.26
N ARG E 299 4.62 42.58 14.08
CA ARG E 299 5.23 42.29 12.79
C ARG E 299 4.84 40.90 12.29
N GLU E 300 4.86 39.91 13.20
CA GLU E 300 4.48 38.55 12.85
C GLU E 300 2.98 38.48 12.47
N ALA E 301 2.13 39.16 13.24
CA ALA E 301 0.67 39.13 13.03
C ALA E 301 0.26 39.87 11.79
N GLU E 302 0.95 40.96 11.42
CA GLU E 302 0.61 41.70 10.21
C GLU E 302 0.87 40.88 8.96
N ALA E 303 1.94 40.08 8.93
CA ALA E 303 2.22 39.20 7.80
C ALA E 303 1.18 38.06 7.71
N ALA E 304 0.57 37.65 8.84
CA ALA E 304 -0.45 36.59 8.90
C ALA E 304 -1.86 37.07 8.56
N VAL E 305 -2.05 38.36 8.26
CA VAL E 305 -3.37 38.87 7.89
C VAL E 305 -3.73 38.26 6.51
N TYR E 306 -4.97 37.78 6.34
CA TYR E 306 -5.39 37.20 5.07
C TYR E 306 -5.88 38.32 4.17
N HIS E 307 -4.94 39.03 3.53
CA HIS E 307 -5.27 40.20 2.70
C HIS E 307 -6.24 39.94 1.57
N ARG E 308 -6.22 38.75 0.98
CA ARG E 308 -7.14 38.42 -0.12
C ARG E 308 -8.61 38.59 0.28
N GLN E 309 -8.98 38.12 1.47
CA GLN E 309 -10.35 38.28 1.93
C GLN E 309 -10.56 39.69 2.48
N LEU E 310 -9.60 40.17 3.27
CA LEU E 310 -9.71 41.48 3.88
C LEU E 310 -9.88 42.60 2.84
N PHE E 311 -9.06 42.64 1.80
CA PHE E 311 -9.17 43.65 0.76
C PHE E 311 -10.48 43.54 0.03
N GLU E 312 -10.91 42.31 -0.35
CA GLU E 312 -12.19 42.12 -1.03
C GLU E 312 -13.35 42.61 -0.21
N GLU E 313 -13.34 42.34 1.10
CA GLU E 313 -14.42 42.78 1.97
C GLU E 313 -14.40 44.30 2.23
N LEU E 314 -13.21 44.88 2.37
CA LEU E 314 -13.10 46.32 2.58
C LEU E 314 -13.52 47.07 1.34
N ARG E 315 -13.06 46.61 0.17
CA ARG E 315 -13.39 47.11 -1.15
C ARG E 315 -14.94 47.08 -1.35
N ARG E 316 -15.60 45.96 -1.08
CA ARG E 316 -17.04 45.78 -1.29
C ARG E 316 -17.89 46.60 -0.33
N ALA E 317 -17.41 46.78 0.88
CA ALA E 317 -18.15 47.55 1.89
C ALA E 317 -17.92 49.06 1.79
N ALA E 318 -16.77 49.53 1.25
CA ALA E 318 -16.47 50.96 1.11
C ALA E 318 -17.39 51.52 0.06
N PRO E 319 -18.15 52.58 0.38
CA PRO E 319 -19.15 53.06 -0.56
C PRO E 319 -18.58 53.64 -1.82
N LEU E 320 -19.39 53.68 -2.88
CA LEU E 320 -18.99 54.34 -4.13
C LEU E 320 -18.76 55.84 -3.83
N SER E 321 -17.80 56.44 -4.52
CA SER E 321 -17.43 57.80 -4.22
C SER E 321 -17.06 58.55 -5.44
N ARG E 322 -17.36 59.83 -5.44
CA ARG E 322 -16.90 60.76 -6.47
C ARG E 322 -15.79 61.69 -5.96
N ASP E 323 -15.21 61.39 -4.77
CA ASP E 323 -14.09 62.14 -4.22
C ASP E 323 -12.82 61.61 -4.85
N PRO E 324 -12.07 62.46 -5.54
CA PRO E 324 -10.86 61.97 -6.23
C PRO E 324 -9.81 61.37 -5.31
N THR E 325 -9.70 61.82 -4.04
CA THR E 325 -8.73 61.22 -3.12
C THR E 325 -9.12 59.77 -2.83
N GLU E 326 -10.41 59.52 -2.55
CA GLU E 326 -10.93 58.19 -2.26
C GLU E 326 -10.76 57.26 -3.51
N VAL E 327 -11.07 57.80 -4.70
CA VAL E 327 -10.95 57.05 -5.96
C VAL E 327 -9.47 56.70 -6.25
N THR E 328 -8.56 57.66 -6.03
CA THR E 328 -7.15 57.43 -6.25
C THR E 328 -6.62 56.41 -5.25
N ALA E 329 -7.05 56.51 -3.97
CA ALA E 329 -6.60 55.61 -2.91
C ALA E 329 -6.90 54.13 -3.23
N ILE E 330 -8.12 53.82 -3.69
CA ILE E 330 -8.45 52.42 -4.00
C ILE E 330 -7.68 51.93 -5.25
N GLY E 331 -7.50 52.81 -6.22
CA GLY E 331 -6.71 52.49 -7.42
C GLY E 331 -5.26 52.22 -7.07
N ALA E 332 -4.69 53.02 -6.15
CA ALA E 332 -3.31 52.86 -5.69
C ALA E 332 -3.12 51.57 -4.91
N VAL E 333 -4.07 51.22 -4.04
CA VAL E 333 -3.97 49.98 -3.25
C VAL E 333 -4.12 48.76 -4.18
N GLU E 334 -5.02 48.83 -5.17
CA GLU E 334 -5.19 47.76 -6.15
C GLU E 334 -3.88 47.59 -6.94
N ALA E 335 -3.30 48.70 -7.41
CA ALA E 335 -2.04 48.69 -8.14
C ALA E 335 -0.90 48.10 -7.27
N ALA E 336 -0.82 48.49 -6.00
CA ALA E 336 0.21 47.99 -5.09
C ALA E 336 0.13 46.46 -4.93
N PHE E 337 -1.07 45.90 -4.75
CA PHE E 337 -1.24 44.44 -4.64
C PHE E 337 -0.84 43.72 -5.93
N LYS E 338 -1.17 44.29 -7.09
CA LYS E 338 -0.89 43.70 -8.38
C LYS E 338 0.62 43.48 -8.64
N CYS E 339 1.45 44.42 -8.18
CA CYS E 339 2.89 44.34 -8.42
C CYS E 339 3.70 44.03 -7.18
N CYS E 340 3.07 43.74 -6.02
CA CYS E 340 3.80 43.50 -4.78
C CYS E 340 4.66 44.71 -4.44
N ALA E 341 4.11 45.92 -4.62
CA ALA E 341 4.84 47.17 -4.37
C ALA E 341 5.45 47.20 -2.98
N ALA E 342 6.70 47.65 -2.86
CA ALA E 342 7.36 47.75 -1.55
C ALA E 342 6.69 48.85 -0.73
N ALA E 343 6.23 49.93 -1.38
CA ALA E 343 5.61 51.06 -0.67
C ALA E 343 4.66 51.85 -1.57
N ILE E 344 3.79 52.63 -0.94
CA ILE E 344 2.94 53.62 -1.57
C ILE E 344 3.44 54.93 -0.94
N ILE E 345 4.05 55.81 -1.74
CA ILE E 345 4.54 57.08 -1.22
C ILE E 345 3.47 58.11 -1.48
N VAL E 346 2.98 58.77 -0.43
CA VAL E 346 1.91 59.74 -0.58
C VAL E 346 2.30 61.09 0.02
N LEU E 347 1.95 62.17 -0.68
CA LEU E 347 2.18 63.51 -0.17
C LEU E 347 0.89 63.91 0.52
N THR E 348 0.98 64.36 1.78
CA THR E 348 -0.22 64.73 2.53
C THR E 348 0.00 65.96 3.43
N THR E 349 -1.02 66.82 3.54
CA THR E 349 -0.93 68.00 4.39
C THR E 349 -1.51 67.70 5.76
N THR E 350 -2.72 67.13 5.79
CA THR E 350 -3.44 66.82 7.03
C THR E 350 -3.33 65.34 7.46
N GLY E 351 -2.81 64.48 6.58
CA GLY E 351 -2.76 63.05 6.80
C GLY E 351 -3.90 62.32 6.10
N ARG E 352 -4.96 63.04 5.62
CA ARG E 352 -6.15 62.43 5.01
C ARG E 352 -5.87 61.47 3.83
N SER E 353 -4.98 61.85 2.89
CA SER E 353 -4.69 60.96 1.76
C SER E 353 -4.05 59.67 2.25
N ALA E 354 -3.23 59.74 3.31
CA ALA E 354 -2.58 58.54 3.85
C ALA E 354 -3.62 57.67 4.58
N GLN E 355 -4.56 58.29 5.29
CA GLN E 355 -5.63 57.60 5.99
C GLN E 355 -6.55 56.87 4.99
N LEU E 356 -6.84 57.47 3.84
CA LEU E 356 -7.69 56.83 2.83
C LEU E 356 -7.00 55.64 2.17
N LEU E 357 -5.66 55.62 2.13
CA LEU E 357 -4.91 54.49 1.61
C LEU E 357 -4.92 53.38 2.67
N SER E 358 -4.66 53.74 3.92
CA SER E 358 -4.58 52.84 5.08
CA SER E 358 -4.59 52.81 5.05
C SER E 358 -5.90 52.06 5.32
N ARG E 359 -7.06 52.69 5.02
CA ARG E 359 -8.34 52.04 5.24
C ARG E 359 -8.50 50.78 4.36
N TYR E 360 -7.76 50.68 3.23
CA TYR E 360 -7.83 49.48 2.37
C TYR E 360 -6.84 48.39 2.77
N ARG E 361 -6.11 48.60 3.88
CA ARG E 361 -5.13 47.69 4.43
C ARG E 361 -4.15 47.13 3.40
N PRO E 362 -3.43 48.00 2.67
CA PRO E 362 -2.44 47.48 1.74
C PRO E 362 -1.32 46.76 2.50
N ARG E 363 -0.70 45.78 1.87
CA ARG E 363 0.45 45.11 2.42
C ARG E 363 1.66 46.08 2.24
N ALA E 364 1.68 46.90 1.18
CA ALA E 364 2.70 47.91 0.95
C ALA E 364 2.65 48.97 2.05
N ALA E 365 3.81 49.38 2.56
CA ALA E 365 3.92 50.44 3.56
C ALA E 365 3.44 51.74 2.94
N VAL E 366 2.69 52.56 3.67
CA VAL E 366 2.26 53.86 3.16
C VAL E 366 3.23 54.89 3.74
N ILE E 367 4.16 55.36 2.93
CA ILE E 367 5.15 56.35 3.38
C ILE E 367 4.55 57.73 3.16
N ALA E 368 4.17 58.42 4.24
CA ALA E 368 3.48 59.71 4.11
C ALA E 368 4.46 60.87 4.32
N VAL E 369 4.68 61.65 3.27
CA VAL E 369 5.58 62.79 3.34
C VAL E 369 4.78 64.03 3.60
N THR E 370 5.09 64.71 4.70
CA THR E 370 4.35 65.91 5.07
C THR E 370 5.26 66.98 5.65
N ARG E 371 4.86 68.26 5.50
CA ARG E 371 5.55 69.39 6.13
C ARG E 371 4.95 69.64 7.53
N SER E 372 3.73 69.18 7.80
CA SER E 372 3.07 69.38 9.06
C SER E 372 3.64 68.45 10.12
N ALA E 373 4.31 69.00 11.14
CA ALA E 373 4.85 68.21 12.23
C ALA E 373 3.72 67.51 13.00
N GLN E 374 2.61 68.21 13.18
CA GLN E 374 1.47 67.64 13.87
C GLN E 374 0.84 66.49 13.08
N ALA E 375 0.64 66.65 11.76
CA ALA E 375 0.09 65.57 10.93
C ALA E 375 1.01 64.36 10.94
N ALA E 376 2.34 64.58 10.91
CA ALA E 376 3.31 63.49 10.96
C ALA E 376 3.15 62.67 12.25
N ARG E 377 2.88 63.33 13.38
CA ARG E 377 2.69 62.64 14.64
C ARG E 377 1.34 61.94 14.66
N GLN E 378 0.27 62.61 14.20
CA GLN E 378 -1.07 62.07 14.24
C GLN E 378 -1.34 60.89 13.30
N VAL E 379 -0.64 60.78 12.16
CA VAL E 379 -0.89 59.66 11.25
C VAL E 379 -0.45 58.31 11.82
N HIS E 380 0.27 58.30 12.97
CA HIS E 380 0.59 57.06 13.68
C HIS E 380 -0.70 56.34 14.12
N LEU E 381 -1.84 57.05 14.22
CA LEU E 381 -3.10 56.43 14.55
C LEU E 381 -3.59 55.49 13.43
N CYS E 382 -3.12 55.65 12.19
CA CYS E 382 -3.55 54.86 11.03
C CYS E 382 -2.58 53.76 10.72
N ARG E 383 -3.05 52.51 10.72
CA ARG E 383 -2.17 51.38 10.46
C ARG E 383 -1.46 51.46 9.13
N GLY E 384 -0.19 51.17 9.14
CA GLY E 384 0.60 51.11 7.93
C GLY E 384 1.04 52.44 7.39
N VAL E 385 0.87 53.53 8.16
CA VAL E 385 1.33 54.85 7.71
C VAL E 385 2.62 55.18 8.44
N PHE E 386 3.69 55.38 7.66
CA PHE E 386 5.02 55.71 8.13
C PHE E 386 5.29 57.18 7.79
N PRO E 387 5.14 58.07 8.80
CA PRO E 387 5.30 59.51 8.54
C PRO E 387 6.73 59.96 8.39
N LEU E 388 6.97 60.83 7.42
CA LEU E 388 8.26 61.44 7.19
C LEU E 388 8.04 62.93 7.23
N LEU E 389 8.70 63.62 8.17
CA LEU E 389 8.58 65.07 8.25
C LEU E 389 9.59 65.75 7.32
N TYR E 390 9.08 66.45 6.29
CA TYR E 390 9.88 67.17 5.31
C TYR E 390 10.15 68.59 5.83
N ARG E 391 11.43 68.98 5.94
CA ARG E 391 11.78 70.26 6.52
C ARG E 391 12.27 71.31 5.52
N GLU E 392 12.56 70.92 4.26
CA GLU E 392 13.08 71.85 3.27
C GLU E 392 12.09 72.91 2.85
N PRO E 393 12.58 74.13 2.57
CA PRO E 393 11.68 75.19 2.11
C PRO E 393 11.18 74.92 0.69
N PRO E 394 9.98 75.42 0.35
CA PRO E 394 9.44 75.15 -0.98
C PRO E 394 10.27 75.62 -2.17
N GLU E 395 10.34 74.78 -3.21
CA GLU E 395 10.99 75.10 -4.48
C GLU E 395 10.15 76.16 -5.21
N ALA E 396 10.79 76.91 -6.13
CA ALA E 396 10.10 77.94 -6.89
C ALA E 396 9.01 77.34 -7.76
N ILE E 397 9.30 76.22 -8.43
CA ILE E 397 8.33 75.54 -9.25
C ILE E 397 7.66 74.44 -8.40
N TRP E 398 6.33 74.54 -8.22
CA TRP E 398 5.57 73.59 -7.40
C TRP E 398 5.78 72.13 -7.82
N ALA E 399 5.78 71.83 -9.13
CA ALA E 399 6.03 70.47 -9.60
C ALA E 399 7.40 69.94 -9.15
N ASP E 400 8.41 70.82 -9.05
CA ASP E 400 9.74 70.41 -8.57
C ASP E 400 9.72 70.15 -7.07
N ASP E 401 8.93 70.93 -6.33
CA ASP E 401 8.78 70.75 -4.88
C ASP E 401 8.11 69.39 -4.60
N VAL E 402 7.11 69.02 -5.41
CA VAL E 402 6.42 67.73 -5.31
C VAL E 402 7.43 66.60 -5.56
N ASP E 403 8.21 66.69 -6.65
CA ASP E 403 9.23 65.71 -6.99
C ASP E 403 10.29 65.56 -5.91
N ARG E 404 10.71 66.68 -5.29
CA ARG E 404 11.70 66.61 -4.21
C ARG E 404 11.15 65.87 -3.01
N ARG E 405 9.86 66.07 -2.69
CA ARG E 405 9.25 65.39 -1.57
C ARG E 405 9.10 63.88 -1.84
N VAL E 406 8.81 63.50 -3.10
CA VAL E 406 8.72 62.09 -3.50
C VAL E 406 10.11 61.45 -3.37
N GLN E 407 11.16 62.17 -3.81
CA GLN E 407 12.56 61.70 -3.71
C GLN E 407 13.02 61.58 -2.26
N PHE E 408 12.52 62.46 -1.38
CA PHE E 408 12.81 62.38 0.04
C PHE E 408 12.20 61.09 0.63
N GLY E 409 10.99 60.73 0.18
CA GLY E 409 10.31 59.51 0.58
C GLY E 409 11.07 58.28 0.13
N ILE E 410 11.59 58.31 -1.10
CA ILE E 410 12.39 57.21 -1.64
C ILE E 410 13.72 57.05 -0.91
N GLU E 411 14.44 58.17 -0.68
CA GLU E 411 15.71 58.13 0.03
C GLU E 411 15.53 57.71 1.48
N SER E 412 14.47 58.17 2.17
CA SER E 412 14.24 57.73 3.55
C SER E 412 13.89 56.24 3.58
N GLY E 413 13.10 55.79 2.60
CA GLY E 413 12.71 54.40 2.48
C GLY E 413 13.90 53.50 2.27
N LYS E 414 14.86 53.93 1.42
CA LYS E 414 16.07 53.16 1.17
C LYS E 414 16.92 53.08 2.44
N LEU E 415 17.11 54.21 3.13
CA LEU E 415 17.90 54.28 4.36
C LEU E 415 17.30 53.41 5.44
N ARG E 416 15.96 53.40 5.57
CA ARG E 416 15.30 52.62 6.62
C ARG E 416 15.07 51.15 6.29
N GLY E 417 15.33 50.73 5.04
CA GLY E 417 15.16 49.33 4.67
C GLY E 417 13.84 48.97 4.01
N PHE E 418 12.92 49.94 3.83
CA PHE E 418 11.64 49.71 3.15
C PHE E 418 11.83 49.45 1.67
N LEU E 419 12.80 50.14 1.04
CA LEU E 419 12.99 50.09 -0.40
C LEU E 419 14.40 49.72 -0.80
N ARG E 420 14.51 49.14 -1.99
CA ARG E 420 15.78 48.80 -2.59
C ARG E 420 15.69 49.11 -4.09
N VAL E 421 16.83 49.17 -4.78
CA VAL E 421 16.86 49.40 -6.23
C VAL E 421 16.16 48.22 -6.92
N GLY E 422 15.29 48.51 -7.87
CA GLY E 422 14.55 47.47 -8.57
C GLY E 422 13.14 47.28 -8.03
N ASP E 423 12.84 47.81 -6.84
CA ASP E 423 11.49 47.70 -6.27
C ASP E 423 10.52 48.57 -7.05
N LEU E 424 9.24 48.22 -7.00
CA LEU E 424 8.21 49.06 -7.60
C LEU E 424 7.52 49.79 -6.45
N VAL E 425 7.24 51.07 -6.63
CA VAL E 425 6.50 51.85 -5.66
C VAL E 425 5.32 52.52 -6.38
N ILE E 426 4.26 52.79 -5.63
CA ILE E 426 3.12 53.53 -6.13
C ILE E 426 3.25 54.92 -5.51
N VAL E 427 3.16 55.98 -6.32
CA VAL E 427 3.31 57.34 -5.82
C VAL E 427 1.98 58.08 -5.96
N VAL E 428 1.46 58.60 -4.84
CA VAL E 428 0.18 59.29 -4.82
C VAL E 428 0.36 60.80 -4.54
N THR E 429 -0.05 61.66 -5.49
CA THR E 429 0.07 63.12 -5.39
C THR E 429 -1.21 63.82 -5.95
N GLY E 430 -1.27 65.16 -5.86
CA GLY E 430 -2.41 65.95 -6.31
C GLY E 430 -2.08 66.87 -7.46
N TRP E 431 -3.10 67.50 -8.02
CA TRP E 431 -2.93 68.33 -9.20
C TRP E 431 -2.61 69.82 -8.89
N ARG E 432 -2.80 70.25 -7.63
CA ARG E 432 -2.52 71.62 -7.22
C ARG E 432 -2.15 71.65 -5.74
N PRO E 433 -1.53 72.74 -5.24
CA PRO E 433 -1.18 72.80 -3.82
C PRO E 433 -2.41 72.83 -2.89
N GLY E 434 -2.18 72.57 -1.62
CA GLY E 434 -3.24 72.59 -0.64
C GLY E 434 -3.89 71.23 -0.47
N SER E 435 -4.52 71.04 0.67
CA SER E 435 -5.22 69.83 1.05
C SER E 435 -6.47 69.58 0.21
N GLY E 436 -6.74 68.31 -0.09
CA GLY E 436 -7.97 67.91 -0.77
C GLY E 436 -7.92 67.71 -2.27
N TYR E 437 -6.73 67.76 -2.87
CA TYR E 437 -6.62 67.65 -4.33
C TYR E 437 -5.85 66.45 -4.84
N THR E 438 -5.67 65.40 -3.99
CA THR E 438 -5.00 64.17 -4.44
C THR E 438 -5.86 63.54 -5.56
N ASN E 439 -5.23 63.18 -6.68
CA ASN E 439 -5.96 62.63 -7.81
C ASN E 439 -5.06 61.85 -8.77
N ILE E 440 -3.80 61.58 -8.40
CA ILE E 440 -2.83 60.97 -9.33
C ILE E 440 -2.11 59.80 -8.67
N MET E 441 -1.96 58.72 -9.43
CA MET E 441 -1.23 57.55 -8.99
CA MET E 441 -1.28 57.50 -9.01
C MET E 441 -0.24 57.17 -10.10
N ARG E 442 1.01 56.92 -9.71
CA ARG E 442 2.07 56.61 -10.65
C ARG E 442 2.78 55.34 -10.23
N VAL E 443 3.18 54.49 -11.20
CA VAL E 443 3.94 53.29 -10.86
C VAL E 443 5.41 53.57 -11.22
N LEU E 444 6.26 53.61 -10.21
CA LEU E 444 7.66 53.99 -10.34
C LEU E 444 8.62 52.89 -9.97
N SER E 445 9.68 52.73 -10.76
CA SER E 445 10.71 51.73 -10.45
CA SER E 445 10.71 51.73 -10.45
C SER E 445 11.83 52.45 -9.69
N ILE E 446 12.26 51.87 -8.57
CA ILE E 446 13.32 52.48 -7.77
C ILE E 446 14.69 52.31 -8.45
N SER E 447 15.39 53.43 -8.67
CA SER E 447 16.72 53.40 -9.29
C SER E 447 17.80 53.88 -8.30
N ALA F 13 -26.05 51.22 1.92
CA ALA F 13 -24.97 51.97 2.56
C ALA F 13 -23.80 52.20 1.61
N ASP F 14 -23.46 51.18 0.81
CA ASP F 14 -22.36 51.27 -0.16
C ASP F 14 -22.68 52.17 -1.36
N VAL F 15 -23.96 52.52 -1.58
CA VAL F 15 -24.35 53.37 -2.70
C VAL F 15 -25.22 54.57 -2.27
N ALA F 16 -25.50 54.75 -0.96
CA ALA F 16 -26.38 55.82 -0.47
C ALA F 16 -25.92 57.24 -0.82
N GLN F 17 -24.65 57.57 -0.57
CA GLN F 17 -24.15 58.91 -0.90
C GLN F 17 -24.16 59.15 -2.41
N LEU F 18 -23.76 58.17 -3.22
CA LEU F 18 -23.76 58.33 -4.66
C LEU F 18 -25.16 58.37 -5.24
N THR F 19 -26.15 57.72 -4.58
CA THR F 19 -27.54 57.73 -4.98
C THR F 19 -28.11 59.12 -4.71
N GLN F 20 -27.76 59.76 -3.59
CA GLN F 20 -28.21 61.11 -3.30
C GLN F 20 -27.63 62.09 -4.33
N GLU F 21 -26.33 61.90 -4.70
CA GLU F 21 -25.63 62.75 -5.66
C GLU F 21 -26.09 62.57 -7.10
N LEU F 22 -26.05 61.32 -7.61
CA LEU F 22 -26.43 61.03 -9.00
C LEU F 22 -27.91 60.82 -9.21
N GLY F 23 -28.65 60.55 -8.14
CA GLY F 23 -30.08 60.36 -8.23
C GLY F 23 -30.51 58.91 -8.37
N THR F 24 -31.75 58.62 -7.97
CA THR F 24 -32.29 57.28 -8.09
C THR F 24 -32.49 56.89 -9.53
N ALA F 25 -32.77 57.86 -10.44
CA ALA F 25 -32.97 57.52 -11.84
C ALA F 25 -31.70 56.95 -12.45
N PHE F 26 -30.52 57.50 -12.07
CA PHE F 26 -29.23 57.01 -12.56
C PHE F 26 -29.04 55.53 -12.19
N PHE F 27 -29.38 55.18 -10.94
CA PHE F 27 -29.20 53.84 -10.42
C PHE F 27 -30.27 52.84 -10.85
N GLN F 28 -31.29 53.27 -11.62
CA GLN F 28 -32.27 52.35 -12.18
C GLN F 28 -31.90 51.94 -13.63
N GLN F 29 -31.11 52.76 -14.33
CA GLN F 29 -30.67 52.49 -15.69
C GLN F 29 -29.49 51.51 -15.72
N GLN F 30 -29.12 51.05 -16.92
CA GLN F 30 -28.02 50.15 -17.26
C GLN F 30 -27.87 48.95 -16.34
N GLN F 31 -29.00 48.39 -15.89
CA GLN F 31 -29.04 47.22 -15.00
C GLN F 31 -28.22 47.41 -13.75
N LEU F 32 -28.12 48.66 -13.25
CA LEU F 32 -27.39 48.91 -12.02
C LEU F 32 -27.99 48.19 -10.80
N PRO F 33 -29.33 48.01 -10.63
CA PRO F 33 -29.80 47.22 -9.49
C PRO F 33 -29.26 45.79 -9.57
N ALA F 34 -29.24 45.17 -10.78
CA ALA F 34 -28.72 43.81 -10.96
C ALA F 34 -27.18 43.78 -10.75
N ALA F 35 -26.49 44.89 -11.08
CA ALA F 35 -25.05 45.02 -10.92
C ALA F 35 -24.63 45.02 -9.46
N MET F 36 -25.46 45.55 -8.57
CA MET F 36 -25.14 45.61 -7.14
C MET F 36 -25.47 44.34 -6.38
N ALA F 37 -26.08 43.32 -7.04
CA ALA F 37 -26.46 42.10 -6.37
C ALA F 37 -25.30 41.35 -5.76
N ASP F 38 -25.55 40.65 -4.66
CA ASP F 38 -24.52 39.92 -3.94
C ASP F 38 -24.24 38.53 -4.49
N THR F 39 -25.17 37.98 -5.30
CA THR F 39 -24.98 36.67 -5.92
C THR F 39 -25.39 36.77 -7.39
N PHE F 40 -24.91 35.83 -8.21
CA PHE F 40 -25.28 35.76 -9.61
C PHE F 40 -26.79 35.48 -9.74
N LEU F 41 -27.34 34.62 -8.87
CA LEU F 41 -28.76 34.32 -8.88
C LEU F 41 -29.60 35.57 -8.62
N GLU F 42 -29.26 36.36 -7.60
CA GLU F 42 -29.97 37.60 -7.30
C GLU F 42 -29.78 38.62 -8.45
N HIS F 43 -28.61 38.62 -9.11
CA HIS F 43 -28.33 39.47 -10.25
C HIS F 43 -29.32 39.15 -11.38
N LEU F 44 -29.56 37.85 -11.66
CA LEU F 44 -30.52 37.46 -12.70
C LEU F 44 -31.93 37.92 -12.32
N CYS F 45 -32.32 37.70 -11.05
CA CYS F 45 -33.63 38.11 -10.54
C CYS F 45 -33.86 39.60 -10.64
N LEU F 46 -32.78 40.41 -10.64
CA LEU F 46 -32.92 41.86 -10.71
C LEU F 46 -32.81 42.44 -12.13
N LEU F 47 -32.62 41.61 -13.16
CA LEU F 47 -32.58 42.11 -14.54
C LEU F 47 -33.96 42.70 -14.89
N ASP F 48 -33.98 43.87 -15.50
CA ASP F 48 -35.18 44.64 -15.70
C ASP F 48 -35.31 45.10 -17.15
N ILE F 49 -36.40 44.74 -17.83
CA ILE F 49 -36.61 45.17 -19.19
C ILE F 49 -36.81 46.71 -19.30
N ASP F 50 -37.19 47.37 -18.20
CA ASP F 50 -37.37 48.82 -18.15
C ASP F 50 -36.09 49.59 -17.79
N SER F 51 -35.00 48.91 -17.49
CA SER F 51 -33.73 49.52 -17.16
C SER F 51 -32.94 49.72 -18.46
N GLU F 52 -33.01 50.94 -19.01
CA GLU F 52 -32.45 51.26 -20.31
C GLU F 52 -30.94 51.33 -20.36
N PRO F 53 -30.33 50.75 -21.41
CA PRO F 53 -28.85 50.86 -21.53
C PRO F 53 -28.45 52.30 -21.77
N VAL F 54 -27.35 52.75 -21.18
CA VAL F 54 -26.88 54.11 -21.31
C VAL F 54 -25.53 54.14 -22.01
N ALA F 55 -24.65 53.19 -21.67
CA ALA F 55 -23.31 53.15 -22.22
C ALA F 55 -23.29 52.94 -23.73
N ALA F 56 -22.20 53.39 -24.38
CA ALA F 56 -22.01 53.15 -25.80
C ALA F 56 -21.75 51.64 -25.99
N ARG F 57 -22.18 51.09 -27.11
CA ARG F 57 -22.02 49.67 -27.39
C ARG F 57 -20.55 49.32 -27.50
N SER F 58 -20.13 48.38 -26.69
CA SER F 58 -18.75 48.02 -26.56
C SER F 58 -18.29 46.78 -27.36
N THR F 59 -19.20 45.85 -27.72
CA THR F 59 -18.83 44.67 -28.51
C THR F 59 -18.83 45.07 -29.97
N SER F 60 -17.70 44.88 -30.67
CA SER F 60 -17.61 45.28 -32.08
C SER F 60 -18.38 44.39 -32.99
N ILE F 61 -18.89 44.96 -34.06
CA ILE F 61 -19.63 44.25 -35.06
C ILE F 61 -18.77 44.09 -36.29
N ILE F 62 -18.60 42.82 -36.72
CA ILE F 62 -17.88 42.52 -37.93
C ILE F 62 -18.93 42.22 -38.99
N ALA F 63 -18.95 42.97 -40.10
CA ALA F 63 -19.94 42.71 -41.16
C ALA F 63 -19.20 42.22 -42.40
N THR F 64 -19.68 41.12 -42.99
CA THR F 64 -19.08 40.58 -44.18
C THR F 64 -19.55 41.39 -45.38
N ILE F 65 -18.59 41.91 -46.17
CA ILE F 65 -18.94 42.74 -47.32
C ILE F 65 -19.05 41.90 -48.57
N GLY F 66 -20.21 41.96 -49.21
CA GLY F 66 -20.48 41.23 -50.44
C GLY F 66 -21.46 41.98 -51.33
N PRO F 67 -22.15 41.28 -52.24
CA PRO F 67 -23.07 41.97 -53.16
C PRO F 67 -24.16 42.84 -52.52
N ALA F 68 -24.68 42.46 -51.36
CA ALA F 68 -25.76 43.25 -50.71
C ALA F 68 -25.28 44.46 -49.95
N SER F 69 -23.97 44.58 -49.70
CA SER F 69 -23.43 45.63 -48.86
C SER F 69 -22.17 46.29 -49.45
N ARG F 70 -22.05 46.30 -50.77
CA ARG F 70 -20.86 46.78 -51.47
C ARG F 70 -20.83 48.22 -51.91
N SER F 71 -21.99 48.79 -52.25
CA SER F 71 -22.06 50.16 -52.72
C SER F 71 -21.64 51.13 -51.63
N VAL F 72 -20.98 52.25 -52.00
CA VAL F 72 -20.51 53.26 -51.07
C VAL F 72 -21.66 53.81 -50.23
N GLU F 73 -22.83 53.99 -50.84
CA GLU F 73 -23.98 54.49 -50.13
C GLU F 73 -24.52 53.49 -49.10
N ARG F 74 -24.47 52.17 -49.40
CA ARG F 74 -24.90 51.17 -48.42
C ARG F 74 -23.87 51.03 -47.31
N LEU F 75 -22.59 51.14 -47.63
CA LEU F 75 -21.52 51.10 -46.64
C LEU F 75 -21.58 52.28 -45.66
N LYS F 76 -22.03 53.46 -46.12
CA LYS F 76 -22.18 54.60 -45.23
C LYS F 76 -23.29 54.32 -44.23
N GLU F 77 -24.39 53.68 -44.68
CA GLU F 77 -25.51 53.31 -43.82
CA GLU F 77 -25.48 53.34 -43.78
C GLU F 77 -25.05 52.27 -42.78
N MET F 78 -24.21 51.32 -43.19
CA MET F 78 -23.71 50.27 -42.30
CA MET F 78 -23.72 50.27 -42.30
C MET F 78 -22.76 50.81 -41.25
N ILE F 79 -21.95 51.82 -41.61
CA ILE F 79 -21.04 52.47 -40.67
C ILE F 79 -21.89 53.20 -39.62
N LYS F 80 -22.94 53.91 -40.07
CA LYS F 80 -23.83 54.65 -39.17
C LYS F 80 -24.61 53.69 -38.26
N ALA F 81 -24.97 52.50 -38.79
CA ALA F 81 -25.68 51.48 -38.01
C ALA F 81 -24.78 50.80 -36.94
N GLY F 82 -23.45 50.84 -37.13
CA GLY F 82 -22.54 50.30 -36.14
C GLY F 82 -21.43 49.38 -36.59
N MET F 83 -21.29 49.12 -37.89
CA MET F 83 -20.20 48.26 -38.38
C MET F 83 -18.82 48.81 -38.01
N ASN F 84 -17.96 48.01 -37.36
CA ASN F 84 -16.64 48.43 -36.93
C ASN F 84 -15.53 47.79 -37.74
N ILE F 85 -15.78 46.55 -38.23
CA ILE F 85 -14.82 45.77 -39.00
C ILE F 85 -15.53 45.23 -40.24
N ALA F 86 -14.95 45.46 -41.41
CA ALA F 86 -15.48 44.92 -42.67
C ALA F 86 -14.70 43.65 -42.94
N ARG F 87 -15.40 42.56 -43.21
CA ARG F 87 -14.76 41.28 -43.48
C ARG F 87 -14.89 40.93 -44.98
N LEU F 88 -13.79 40.49 -45.57
CA LEU F 88 -13.78 40.09 -46.99
C LEU F 88 -13.50 38.62 -47.00
N ASN F 89 -14.45 37.83 -47.43
CA ASN F 89 -14.33 36.39 -47.43
C ASN F 89 -13.69 35.90 -48.75
N PHE F 90 -12.40 35.54 -48.70
CA PHE F 90 -11.69 35.08 -49.88
C PHE F 90 -12.06 33.64 -50.31
N SER F 91 -13.11 33.05 -49.70
CA SER F 91 -13.66 31.78 -50.19
C SER F 91 -14.52 32.06 -51.45
N HIS F 92 -14.96 33.33 -51.66
CA HIS F 92 -15.79 33.75 -52.77
C HIS F 92 -15.15 34.97 -53.48
N GLY F 93 -15.72 35.37 -54.62
CA GLY F 93 -15.25 36.50 -55.41
C GLY F 93 -13.87 36.31 -55.98
N SER F 94 -13.20 37.40 -56.29
CA SER F 94 -11.85 37.38 -56.85
C SER F 94 -11.04 38.54 -56.23
N HIS F 95 -9.74 38.63 -56.53
CA HIS F 95 -8.91 39.73 -56.04
C HIS F 95 -9.47 41.08 -56.51
N GLU F 96 -9.92 41.13 -57.76
CA GLU F 96 -10.48 42.34 -58.37
C GLU F 96 -11.75 42.76 -57.63
N TYR F 97 -12.61 41.79 -57.35
CA TYR F 97 -13.88 42.04 -56.65
C TYR F 97 -13.63 42.58 -55.23
N HIS F 98 -12.76 41.90 -54.48
CA HIS F 98 -12.43 42.31 -53.11
C HIS F 98 -11.70 43.63 -53.06
N ALA F 99 -10.85 43.96 -54.05
CA ALA F 99 -10.17 45.25 -54.06
C ALA F 99 -11.19 46.37 -54.26
N GLU F 100 -12.21 46.14 -55.09
CA GLU F 100 -13.24 47.14 -55.31
C GLU F 100 -14.09 47.34 -54.02
N SER F 101 -14.36 46.24 -53.28
CA SER F 101 -15.10 46.31 -52.02
C SER F 101 -14.28 47.11 -51.00
N ILE F 102 -12.97 46.83 -50.89
CA ILE F 102 -12.07 47.56 -49.98
C ILE F 102 -12.08 49.06 -50.30
N ALA F 103 -11.98 49.41 -51.61
CA ALA F 103 -11.97 50.82 -52.02
C ALA F 103 -13.27 51.50 -51.65
N ASN F 104 -14.41 50.80 -51.78
CA ASN F 104 -15.71 51.34 -51.42
C ASN F 104 -15.84 51.52 -49.91
N VAL F 105 -15.30 50.56 -49.11
CA VAL F 105 -15.30 50.68 -47.65
C VAL F 105 -14.49 51.91 -47.26
N ARG F 106 -13.26 52.03 -47.77
CA ARG F 106 -12.41 53.19 -47.51
C ARG F 106 -13.04 54.53 -47.94
N GLU F 107 -13.75 54.56 -49.08
CA GLU F 107 -14.42 55.78 -49.51
C GLU F 107 -15.57 56.13 -48.57
N ALA F 108 -16.36 55.12 -48.14
CA ALA F 108 -17.46 55.37 -47.21
C ALA F 108 -16.91 55.84 -45.84
N VAL F 109 -15.75 55.29 -45.39
CA VAL F 109 -15.09 55.64 -44.13
C VAL F 109 -14.57 57.08 -44.19
N GLU F 110 -13.94 57.44 -45.31
CA GLU F 110 -13.39 58.77 -45.45
C GLU F 110 -14.44 59.83 -45.70
N SER F 111 -15.67 59.48 -46.12
CA SER F 111 -16.75 60.47 -46.23
C SER F 111 -17.11 61.12 -44.85
N PHE F 112 -16.67 60.53 -43.74
CA PHE F 112 -16.90 61.04 -42.38
C PHE F 112 -15.62 61.64 -41.77
N ALA F 113 -14.50 61.73 -42.52
CA ALA F 113 -13.23 62.25 -42.02
C ALA F 113 -13.16 63.75 -41.74
N GLY F 114 -14.24 64.49 -42.01
CA GLY F 114 -14.24 65.92 -41.79
C GLY F 114 -14.23 66.37 -40.35
N SER F 115 -14.48 65.45 -39.39
CA SER F 115 -14.60 65.83 -37.99
C SER F 115 -14.36 64.64 -37.03
N PRO F 116 -13.91 64.87 -35.78
CA PRO F 116 -13.76 63.74 -34.84
C PRO F 116 -15.11 63.26 -34.27
N LEU F 117 -16.19 64.05 -34.41
CA LEU F 117 -17.55 63.64 -33.99
C LEU F 117 -18.22 62.76 -35.05
N SER F 118 -17.76 62.88 -36.30
CA SER F 118 -18.21 62.23 -37.50
C SER F 118 -17.46 60.90 -37.78
N TYR F 119 -16.11 60.93 -37.66
CA TYR F 119 -15.22 59.86 -38.06
C TYR F 119 -15.31 58.58 -37.26
N ARG F 120 -15.48 57.46 -37.95
CA ARG F 120 -15.44 56.15 -37.30
C ARG F 120 -14.42 55.28 -38.05
N PRO F 121 -13.29 54.97 -37.42
CA PRO F 121 -12.35 54.04 -38.07
C PRO F 121 -13.00 52.66 -38.26
N VAL F 122 -12.75 52.05 -39.42
CA VAL F 122 -13.33 50.75 -39.73
C VAL F 122 -12.18 49.87 -40.18
N ALA F 123 -11.86 48.80 -39.42
CA ALA F 123 -10.81 47.88 -39.77
C ALA F 123 -11.20 47.03 -40.98
N ILE F 124 -10.22 46.54 -41.73
CA ILE F 124 -10.48 45.70 -42.88
C ILE F 124 -9.85 44.37 -42.60
N ALA F 125 -10.66 43.31 -42.62
CA ALA F 125 -10.20 41.98 -42.30
C ALA F 125 -10.31 41.06 -43.51
N LEU F 126 -9.29 40.26 -43.73
CA LEU F 126 -9.30 39.31 -44.83
C LEU F 126 -9.52 37.93 -44.25
N ASP F 127 -10.55 37.22 -44.70
CA ASP F 127 -10.83 35.87 -44.21
C ASP F 127 -10.38 34.89 -45.30
N THR F 128 -9.39 34.05 -44.99
CA THR F 128 -8.82 33.15 -45.98
C THR F 128 -9.72 31.96 -46.36
N LYS F 129 -9.49 31.39 -47.56
CA LYS F 129 -10.23 30.21 -48.02
C LYS F 129 -9.90 29.00 -47.13
N GLY F 130 -8.63 28.84 -46.78
CA GLY F 130 -8.20 27.75 -45.92
C GLY F 130 -7.37 26.70 -46.64
N PRO F 131 -6.97 25.61 -45.94
CA PRO F 131 -6.06 24.61 -46.51
C PRO F 131 -6.67 23.50 -47.38
N GLY F 132 -7.98 23.35 -47.34
CA GLY F 132 -8.65 22.18 -47.95
C GLY F 132 -8.13 20.88 -47.36
N SER F 133 -7.61 19.99 -48.22
CA SER F 133 -7.13 18.66 -47.75
C SER F 133 -5.62 18.68 -47.58
N GLY F 134 -5.00 19.82 -47.88
CA GLY F 134 -3.55 19.93 -47.68
C GLY F 134 -3.21 20.13 -46.23
N PRO F 135 -2.14 19.49 -45.70
CA PRO F 135 -1.70 19.76 -44.35
C PRO F 135 -0.67 20.86 -44.57
N GLY F 136 -1.10 22.12 -44.47
CA GLY F 136 -0.16 23.20 -44.79
C GLY F 136 -0.86 24.39 -45.43
N LEU F 137 -0.16 25.51 -45.51
CA LEU F 137 -0.75 26.71 -46.09
C LEU F 137 -0.92 26.50 -47.59
N SER F 138 -2.13 26.67 -48.10
CA SER F 138 -2.42 26.46 -49.51
C SER F 138 -1.79 27.56 -50.38
N GLU F 139 -1.60 27.27 -51.69
CA GLU F 139 -1.03 28.25 -52.62
C GLU F 139 -1.96 29.43 -52.82
N GLN F 140 -3.29 29.19 -52.81
CA GLN F 140 -4.26 30.28 -52.93
C GLN F 140 -4.18 31.21 -51.70
N ASP F 141 -4.00 30.63 -50.51
CA ASP F 141 -3.85 31.42 -49.29
C ASP F 141 -2.60 32.28 -49.36
N VAL F 142 -1.49 31.75 -49.89
CA VAL F 142 -0.25 32.54 -50.03
C VAL F 142 -0.50 33.78 -50.92
N ARG F 143 -1.22 33.60 -52.03
CA ARG F 143 -1.53 34.71 -52.92
C ARG F 143 -2.51 35.72 -52.29
N ASP F 144 -3.55 35.21 -51.59
CA ASP F 144 -4.54 36.06 -50.93
C ASP F 144 -3.91 36.83 -49.78
N LEU F 145 -3.00 36.22 -49.04
CA LEU F 145 -2.31 36.90 -47.95
C LEU F 145 -1.40 37.99 -48.49
N ARG F 146 -0.74 37.74 -49.64
CA ARG F 146 0.07 38.76 -50.31
C ARG F 146 -0.82 39.93 -50.76
N PHE F 147 -2.04 39.63 -51.27
CA PHE F 147 -3.03 40.64 -51.66
C PHE F 147 -3.37 41.52 -50.44
N GLY F 148 -3.56 40.88 -49.28
CA GLY F 148 -3.88 41.57 -48.05
C GLY F 148 -2.83 42.57 -47.64
N VAL F 149 -1.56 42.15 -47.68
CA VAL F 149 -0.44 43.04 -47.36
C VAL F 149 -0.39 44.22 -48.35
N GLU F 150 -0.52 43.93 -49.64
CA GLU F 150 -0.47 44.98 -50.66
C GLU F 150 -1.64 45.95 -50.55
N HIS F 151 -2.81 45.48 -50.09
CA HIS F 151 -3.96 46.34 -49.92
C HIS F 151 -4.11 46.94 -48.50
N GLY F 152 -3.13 46.73 -47.64
CA GLY F 152 -3.12 47.29 -46.29
C GLY F 152 -4.21 46.82 -45.35
N VAL F 153 -4.55 45.52 -45.40
CA VAL F 153 -5.57 45.00 -44.47
C VAL F 153 -5.03 45.05 -43.05
N ASP F 154 -5.93 45.21 -42.08
CA ASP F 154 -5.54 45.33 -40.68
C ASP F 154 -5.50 43.97 -39.99
N ILE F 155 -6.36 43.04 -40.43
CA ILE F 155 -6.53 41.77 -39.74
C ILE F 155 -6.64 40.63 -40.74
N VAL F 156 -6.17 39.47 -40.34
CA VAL F 156 -6.37 38.25 -41.12
C VAL F 156 -7.17 37.27 -40.22
N PHE F 157 -8.27 36.74 -40.73
CA PHE F 157 -9.02 35.70 -40.05
C PHE F 157 -8.52 34.44 -40.75
N ALA F 158 -7.58 33.72 -40.13
CA ALA F 158 -6.98 32.54 -40.74
C ALA F 158 -7.85 31.31 -40.58
N SER F 159 -8.42 30.81 -41.68
CA SER F 159 -9.29 29.65 -41.66
C SER F 159 -8.56 28.36 -41.29
N PHE F 160 -9.30 27.47 -40.61
CA PHE F 160 -8.88 26.14 -40.21
C PHE F 160 -7.50 26.05 -39.56
N VAL F 161 -7.26 26.88 -38.52
CA VAL F 161 -5.99 26.80 -37.78
C VAL F 161 -6.08 25.57 -36.88
N ARG F 162 -5.13 24.65 -37.01
CA ARG F 162 -5.11 23.39 -36.24
C ARG F 162 -3.96 23.26 -35.24
N LYS F 163 -2.93 24.08 -35.40
CA LYS F 163 -1.75 24.02 -34.55
C LYS F 163 -0.94 25.33 -34.67
N ALA F 164 0.01 25.55 -33.75
CA ALA F 164 0.85 26.75 -33.76
C ALA F 164 1.60 26.97 -35.08
N SER F 165 2.04 25.90 -35.75
CA SER F 165 2.78 26.04 -37.01
C SER F 165 1.93 26.60 -38.15
N ASP F 166 0.59 26.44 -38.07
CA ASP F 166 -0.30 27.02 -39.08
C ASP F 166 -0.28 28.57 -38.96
N VAL F 167 -0.19 29.09 -37.74
CA VAL F 167 -0.14 30.53 -37.50
C VAL F 167 1.22 31.05 -38.00
N ALA F 168 2.32 30.32 -37.73
CA ALA F 168 3.66 30.72 -38.21
C ALA F 168 3.70 30.79 -39.73
N ALA F 169 3.04 29.86 -40.41
CA ALA F 169 2.98 29.87 -41.87
C ALA F 169 2.25 31.10 -42.39
N VAL F 170 1.12 31.48 -41.74
CA VAL F 170 0.37 32.68 -42.14
C VAL F 170 1.24 33.93 -41.92
N ARG F 171 1.94 33.98 -40.78
CA ARG F 171 2.81 35.09 -40.42
CA ARG F 171 2.81 35.10 -40.43
C ARG F 171 3.94 35.23 -41.45
N ALA F 172 4.51 34.10 -41.90
CA ALA F 172 5.59 34.11 -42.90
C ALA F 172 5.06 34.59 -44.25
N ALA F 173 3.87 34.13 -44.66
CA ALA F 173 3.28 34.54 -45.93
C ALA F 173 2.91 36.03 -45.98
N LEU F 174 2.73 36.68 -44.81
CA LEU F 174 2.47 38.12 -44.77
C LEU F 174 3.80 38.91 -45.03
N GLY F 175 4.95 38.28 -44.74
CA GLY F 175 6.26 38.86 -44.98
C GLY F 175 6.71 39.96 -44.04
N PRO F 176 7.80 40.67 -44.43
CA PRO F 176 8.32 41.75 -43.59
C PRO F 176 7.43 42.98 -43.56
N GLU F 177 6.57 43.18 -44.58
CA GLU F 177 5.68 44.33 -44.61
C GLU F 177 4.34 44.13 -43.86
N GLY F 178 4.02 42.89 -43.49
CA GLY F 178 2.77 42.60 -42.79
C GLY F 178 2.93 42.24 -41.33
N HIS F 179 4.07 42.56 -40.73
CA HIS F 179 4.32 42.26 -39.33
C HIS F 179 3.29 42.90 -38.37
N GLY F 180 2.70 44.02 -38.79
CA GLY F 180 1.72 44.74 -37.99
C GLY F 180 0.29 44.24 -38.10
N ILE F 181 0.02 43.33 -39.04
CA ILE F 181 -1.31 42.77 -39.26
C ILE F 181 -1.68 41.80 -38.11
N LYS F 182 -2.91 41.92 -37.56
CA LYS F 182 -3.33 41.01 -36.49
C LYS F 182 -3.79 39.67 -37.09
N ILE F 183 -3.32 38.57 -36.52
CA ILE F 183 -3.76 37.25 -36.98
C ILE F 183 -4.75 36.69 -35.97
N ILE F 184 -5.99 36.54 -36.39
CA ILE F 184 -7.05 35.96 -35.58
C ILE F 184 -7.23 34.55 -36.10
N SER F 185 -6.86 33.55 -35.30
CA SER F 185 -6.98 32.16 -35.74
C SER F 185 -8.42 31.66 -35.62
N LYS F 186 -8.96 31.10 -36.71
CA LYS F 186 -10.31 30.54 -36.68
C LYS F 186 -10.21 29.09 -36.21
N ILE F 187 -10.97 28.72 -35.16
CA ILE F 187 -10.98 27.36 -34.63
C ILE F 187 -12.23 26.74 -35.22
N GLU F 188 -12.03 25.76 -36.11
CA GLU F 188 -13.12 25.20 -36.89
C GLU F 188 -13.25 23.68 -36.83
N ASN F 189 -12.39 22.99 -36.09
CA ASN F 189 -12.47 21.54 -36.03
C ASN F 189 -11.97 20.99 -34.68
N HIS F 190 -12.04 19.66 -34.49
CA HIS F 190 -11.63 19.03 -33.25
C HIS F 190 -10.17 19.29 -32.90
N GLU F 191 -9.27 19.18 -33.88
CA GLU F 191 -7.86 19.43 -33.62
C GLU F 191 -7.56 20.86 -33.12
N GLY F 192 -8.21 21.85 -33.73
CA GLY F 192 -8.06 23.23 -33.30
C GLY F 192 -8.50 23.45 -31.87
N VAL F 193 -9.60 22.79 -31.46
CA VAL F 193 -10.11 22.89 -30.08
C VAL F 193 -9.15 22.23 -29.12
N LYS F 194 -8.66 21.01 -29.49
CA LYS F 194 -7.73 20.28 -28.63
C LYS F 194 -6.37 20.96 -28.50
N ARG F 195 -5.90 21.60 -29.57
CA ARG F 195 -4.63 22.32 -29.56
C ARG F 195 -4.82 23.84 -29.29
N PHE F 196 -5.98 24.24 -28.74
CA PHE F 196 -6.31 25.64 -28.51
C PHE F 196 -5.23 26.45 -27.78
N ASP F 197 -4.68 25.94 -26.66
CA ASP F 197 -3.69 26.71 -25.89
C ASP F 197 -2.46 27.06 -26.70
N GLU F 198 -1.94 26.12 -27.50
CA GLU F 198 -0.76 26.42 -28.31
C GLU F 198 -1.08 27.40 -29.45
N ILE F 199 -2.32 27.38 -29.96
CA ILE F 199 -2.75 28.29 -31.02
C ILE F 199 -2.95 29.71 -30.48
N LEU F 200 -3.63 29.83 -29.33
CA LEU F 200 -3.87 31.13 -28.70
C LEU F 200 -2.54 31.81 -28.33
N GLU F 201 -1.58 31.02 -27.84
CA GLU F 201 -0.26 31.53 -27.46
C GLU F 201 0.43 32.32 -28.56
N VAL F 202 0.33 31.85 -29.82
CA VAL F 202 0.99 32.53 -30.94
C VAL F 202 0.07 33.43 -31.77
N SER F 203 -1.24 33.46 -31.47
CA SER F 203 -2.18 34.26 -32.24
C SER F 203 -2.46 35.58 -31.53
N ASP F 204 -2.94 36.56 -32.30
CA ASP F 204 -3.38 37.81 -31.69
C ASP F 204 -4.80 37.68 -31.06
N GLY F 205 -5.56 36.68 -31.52
CA GLY F 205 -6.91 36.40 -31.06
C GLY F 205 -7.51 35.20 -31.72
N ILE F 206 -8.79 34.91 -31.42
CA ILE F 206 -9.44 33.72 -31.92
C ILE F 206 -10.81 34.04 -32.49
N MET F 207 -11.22 33.30 -33.49
CA MET F 207 -12.56 33.34 -33.98
C MET F 207 -13.17 31.95 -33.72
N VAL F 208 -14.31 31.91 -33.01
CA VAL F 208 -15.06 30.64 -32.82
C VAL F 208 -15.93 30.52 -34.08
N ALA F 209 -15.45 29.77 -35.06
CA ALA F 209 -16.07 29.61 -36.36
C ALA F 209 -17.06 28.47 -36.30
N ARG F 210 -18.28 28.77 -35.85
CA ARG F 210 -19.30 27.79 -35.56
C ARG F 210 -19.85 27.03 -36.75
N GLY F 211 -19.79 27.60 -37.95
CA GLY F 211 -20.27 26.90 -39.16
C GLY F 211 -19.55 25.59 -39.38
N ASP F 212 -18.23 25.63 -39.58
CA ASP F 212 -17.45 24.42 -39.75
C ASP F 212 -17.38 23.63 -38.46
N LEU F 213 -17.23 24.29 -37.31
CA LEU F 213 -17.15 23.60 -36.02
C LEU F 213 -18.40 22.70 -35.78
N GLY F 214 -19.58 23.19 -36.16
CA GLY F 214 -20.83 22.47 -36.05
C GLY F 214 -21.00 21.28 -36.99
N ILE F 215 -20.10 21.12 -37.96
CA ILE F 215 -20.05 20.00 -38.90
C ILE F 215 -18.88 19.06 -38.51
N GLU F 216 -17.79 19.62 -38.00
CA GLU F 216 -16.60 18.86 -37.61
C GLU F 216 -16.79 18.14 -36.29
N ILE F 217 -17.53 18.74 -35.34
CA ILE F 217 -17.83 18.12 -34.05
C ILE F 217 -19.37 18.04 -33.93
N PRO F 218 -19.94 17.20 -33.05
CA PRO F 218 -21.42 17.16 -32.90
C PRO F 218 -21.99 18.56 -32.66
N ALA F 219 -23.07 18.92 -33.35
CA ALA F 219 -23.68 20.24 -33.27
C ALA F 219 -24.03 20.64 -31.83
N GLU F 220 -24.46 19.66 -31.01
CA GLU F 220 -24.83 19.90 -29.63
C GLU F 220 -23.64 20.19 -28.71
N LYS F 221 -22.40 20.08 -29.20
CA LYS F 221 -21.20 20.35 -28.41
C LYS F 221 -20.57 21.72 -28.73
N VAL F 222 -21.01 22.41 -29.80
CA VAL F 222 -20.43 23.69 -30.17
C VAL F 222 -20.46 24.73 -29.06
N PHE F 223 -21.55 24.82 -28.30
CA PHE F 223 -21.64 25.79 -27.20
C PHE F 223 -20.55 25.58 -26.15
N LEU F 224 -20.10 24.33 -25.93
CA LEU F 224 -19.05 24.05 -24.95
C LEU F 224 -17.74 24.60 -25.46
N ALA F 225 -17.45 24.39 -26.77
CA ALA F 225 -16.23 24.89 -27.40
C ALA F 225 -16.25 26.42 -27.39
N GLN F 226 -17.39 27.03 -27.72
CA GLN F 226 -17.52 28.49 -27.72
C GLN F 226 -17.27 29.08 -26.31
N LYS F 227 -17.92 28.53 -25.28
CA LYS F 227 -17.77 29.05 -23.92
C LYS F 227 -16.36 28.84 -23.37
N MET F 228 -15.74 27.70 -23.66
CA MET F 228 -14.38 27.40 -23.25
C MET F 228 -13.38 28.38 -23.89
N MET F 229 -13.48 28.59 -25.20
CA MET F 229 -12.54 29.46 -25.93
C MET F 229 -12.70 30.90 -25.56
N ILE F 230 -13.94 31.36 -25.32
CA ILE F 230 -14.18 32.72 -24.90
C ILE F 230 -13.59 32.92 -23.50
N GLY F 231 -13.82 31.98 -22.59
CA GLY F 231 -13.26 32.05 -21.24
C GLY F 231 -11.73 32.08 -21.25
N ARG F 232 -11.09 31.23 -22.09
CA ARG F 232 -9.63 31.20 -22.16
C ARG F 232 -9.06 32.45 -22.79
N CYS F 233 -9.76 33.05 -23.78
CA CYS F 233 -9.31 34.30 -24.39
C CYS F 233 -9.46 35.44 -23.40
N ASN F 234 -10.55 35.46 -22.63
CA ASN F 234 -10.77 36.49 -21.60
C ASN F 234 -9.65 36.40 -20.53
N LEU F 235 -9.29 35.17 -20.14
CA LEU F 235 -8.24 34.96 -19.16
C LEU F 235 -6.86 35.38 -19.74
N ALA F 236 -6.60 35.14 -21.03
CA ALA F 236 -5.35 35.55 -21.69
C ALA F 236 -5.32 37.05 -22.05
N GLY F 237 -6.46 37.73 -22.02
CA GLY F 237 -6.54 39.13 -22.40
C GLY F 237 -6.42 39.31 -23.91
N LYS F 238 -6.85 38.30 -24.71
CA LYS F 238 -6.80 38.38 -26.17
C LYS F 238 -8.19 38.40 -26.81
N PRO F 239 -8.39 39.15 -27.90
CA PRO F 239 -9.72 39.22 -28.52
C PRO F 239 -10.30 37.89 -29.00
N VAL F 240 -11.60 37.72 -28.83
CA VAL F 240 -12.28 36.53 -29.28
C VAL F 240 -13.54 36.99 -30.04
N VAL F 241 -13.78 36.40 -31.21
CA VAL F 241 -14.93 36.70 -32.05
C VAL F 241 -15.90 35.53 -32.01
N CYS F 242 -17.20 35.80 -31.85
CA CYS F 242 -18.20 34.75 -32.00
C CYS F 242 -18.75 34.91 -33.42
N ALA F 243 -18.80 33.82 -34.21
CA ALA F 243 -19.24 33.94 -35.58
C ALA F 243 -20.22 32.87 -36.04
N THR F 244 -20.99 33.18 -37.11
CA THR F 244 -21.81 32.32 -37.96
C THR F 244 -23.22 32.00 -37.46
N GLN F 245 -24.22 32.35 -38.29
CA GLN F 245 -25.64 32.11 -38.10
C GLN F 245 -26.23 32.77 -36.88
N MET F 246 -25.62 33.90 -36.43
CA MET F 246 -26.12 34.64 -35.27
C MET F 246 -27.50 35.21 -35.53
N LEU F 247 -27.75 35.75 -36.73
CA LEU F 247 -29.05 36.32 -37.10
C LEU F 247 -29.44 35.79 -38.49
N GLU F 248 -29.17 34.50 -38.75
CA GLU F 248 -29.38 33.83 -40.02
C GLU F 248 -30.72 34.15 -40.71
N SER F 249 -31.85 34.07 -40.00
CA SER F 249 -33.16 34.33 -40.61
C SER F 249 -33.30 35.76 -41.18
N MET F 250 -32.47 36.72 -40.70
CA MET F 250 -32.49 38.08 -41.23
C MET F 250 -31.90 38.20 -42.65
N ILE F 251 -31.43 37.08 -43.24
CA ILE F 251 -31.01 37.06 -44.63
C ILE F 251 -32.27 37.36 -45.50
N THR F 252 -33.45 36.82 -45.11
CA THR F 252 -34.68 37.04 -45.86
C THR F 252 -35.78 37.75 -45.07
N LYS F 253 -35.69 37.79 -43.73
CA LYS F 253 -36.74 38.41 -42.91
C LYS F 253 -36.28 39.68 -42.21
N PRO F 254 -37.16 40.69 -42.03
CA PRO F 254 -36.72 41.94 -41.41
C PRO F 254 -36.46 41.87 -39.91
N ARG F 255 -36.98 40.82 -39.23
CA ARG F 255 -36.84 40.60 -37.77
C ARG F 255 -36.28 39.21 -37.52
N PRO F 256 -35.42 39.05 -36.51
CA PRO F 256 -34.84 37.71 -36.25
C PRO F 256 -35.73 36.80 -35.41
N THR F 257 -35.35 35.54 -35.26
CA THR F 257 -36.08 34.61 -34.41
C THR F 257 -35.67 34.85 -32.92
N ARG F 258 -36.40 34.23 -31.99
CA ARG F 258 -36.11 34.38 -30.56
C ARG F 258 -34.81 33.71 -30.20
N ALA F 259 -34.42 32.62 -30.90
CA ALA F 259 -33.18 31.93 -30.68
C ALA F 259 -32.00 32.80 -31.13
N GLU F 260 -32.15 33.54 -32.21
CA GLU F 260 -31.13 34.42 -32.74
C GLU F 260 -30.80 35.60 -31.84
N THR F 261 -31.81 36.29 -31.31
CA THR F 261 -31.53 37.40 -30.37
C THR F 261 -30.86 36.88 -29.11
N SER F 262 -31.30 35.70 -28.64
CA SER F 262 -30.75 35.05 -27.48
C SER F 262 -29.28 34.69 -27.75
N ASP F 263 -28.97 34.15 -28.92
CA ASP F 263 -27.61 33.76 -29.29
C ASP F 263 -26.65 34.94 -29.27
N VAL F 264 -27.08 36.09 -29.82
CA VAL F 264 -26.26 37.31 -29.84
C VAL F 264 -26.04 37.77 -28.40
N ALA F 265 -27.11 37.83 -27.60
CA ALA F 265 -27.00 38.28 -26.21
C ALA F 265 -26.08 37.37 -25.41
N ASN F 266 -26.20 36.03 -25.58
CA ASN F 266 -25.40 35.07 -24.87
C ASN F 266 -23.95 35.06 -25.31
N ALA F 267 -23.64 35.40 -26.57
CA ALA F 267 -22.23 35.54 -27.00
C ALA F 267 -21.58 36.70 -26.24
N VAL F 268 -22.31 37.80 -26.08
CA VAL F 268 -21.82 38.97 -25.34
C VAL F 268 -21.68 38.63 -23.86
N LEU F 269 -22.70 37.94 -23.27
CA LEU F 269 -22.60 37.55 -21.85
C LEU F 269 -21.49 36.53 -21.62
N ASP F 270 -21.18 35.69 -22.61
CA ASP F 270 -20.09 34.71 -22.50
C ASP F 270 -18.73 35.44 -22.38
N GLY F 271 -18.61 36.62 -22.98
CA GLY F 271 -17.39 37.43 -22.96
C GLY F 271 -16.77 37.69 -24.32
N ALA F 272 -17.53 37.55 -25.41
CA ALA F 272 -16.97 37.79 -26.74
C ALA F 272 -16.61 39.25 -26.93
N ASP F 273 -15.47 39.53 -27.53
CA ASP F 273 -15.06 40.91 -27.83
C ASP F 273 -15.79 41.40 -29.04
N CYS F 274 -15.99 40.53 -30.07
CA CYS F 274 -16.66 40.84 -31.32
C CYS F 274 -17.74 39.84 -31.64
N ILE F 275 -18.75 40.28 -32.38
CA ILE F 275 -19.80 39.42 -32.92
C ILE F 275 -19.79 39.65 -34.43
N MET F 276 -20.15 38.60 -35.19
CA MET F 276 -20.06 38.68 -36.64
C MET F 276 -21.34 38.42 -37.39
N LEU F 277 -21.46 39.01 -38.58
CA LEU F 277 -22.53 38.81 -39.54
C LEU F 277 -21.87 38.31 -40.83
N SER F 278 -22.41 37.24 -41.43
CA SER F 278 -21.87 36.65 -42.64
C SER F 278 -22.86 36.88 -43.78
N GLY F 279 -23.69 35.90 -44.13
CA GLY F 279 -24.70 36.04 -45.18
C GLY F 279 -25.70 37.15 -44.91
N GLU F 280 -25.90 37.47 -43.59
CA GLU F 280 -26.82 38.53 -43.17
C GLU F 280 -26.45 39.88 -43.82
N THR F 281 -25.16 40.14 -44.00
CA THR F 281 -24.72 41.39 -44.63
C THR F 281 -24.11 41.17 -46.03
N ALA F 282 -23.53 40.00 -46.28
CA ALA F 282 -22.91 39.71 -47.57
C ALA F 282 -23.91 39.57 -48.70
N LYS F 283 -25.03 38.87 -48.48
CA LYS F 283 -25.98 38.60 -49.54
C LYS F 283 -27.46 38.82 -49.20
N GLY F 284 -27.76 39.06 -47.94
CA GLY F 284 -29.15 39.18 -47.50
C GLY F 284 -29.88 40.43 -47.91
N ASN F 285 -31.19 40.46 -47.66
CA ASN F 285 -32.05 41.60 -47.99
C ASN F 285 -32.06 42.70 -46.94
N PHE F 286 -31.52 42.45 -45.74
CA PHE F 286 -31.53 43.44 -44.68
C PHE F 286 -30.15 43.63 -44.03
N PRO F 287 -29.10 43.95 -44.81
CA PRO F 287 -27.77 44.13 -44.20
C PRO F 287 -27.70 45.20 -43.13
N VAL F 288 -28.30 46.36 -43.37
CA VAL F 288 -28.25 47.47 -42.40
C VAL F 288 -29.08 47.11 -41.16
N GLU F 289 -30.24 46.50 -41.34
CA GLU F 289 -31.11 46.11 -40.23
C GLU F 289 -30.44 45.02 -39.35
N ALA F 290 -29.65 44.12 -39.96
CA ALA F 290 -28.92 43.07 -39.22
C ALA F 290 -27.85 43.72 -38.34
N VAL F 291 -27.17 44.77 -38.85
CA VAL F 291 -26.16 45.48 -38.06
C VAL F 291 -26.87 46.22 -36.90
N LYS F 292 -28.00 46.87 -37.18
CA LYS F 292 -28.76 47.58 -36.15
C LYS F 292 -29.27 46.63 -35.07
N MET F 293 -29.66 45.40 -35.44
CA MET F 293 -30.14 44.41 -34.50
C MET F 293 -29.00 43.92 -33.60
N GLN F 294 -27.80 43.65 -34.18
CA GLN F 294 -26.66 43.26 -33.34
C GLN F 294 -26.26 44.36 -32.40
N HIS F 295 -26.34 45.62 -32.87
CA HIS F 295 -26.02 46.79 -32.04
C HIS F 295 -26.98 46.87 -30.85
N ALA F 296 -28.30 46.79 -31.12
CA ALA F 296 -29.32 46.89 -30.08
C ALA F 296 -29.21 45.78 -29.04
N ILE F 297 -28.97 44.53 -29.49
CA ILE F 297 -28.83 43.41 -28.55
C ILE F 297 -27.57 43.53 -27.72
N ALA F 298 -26.41 43.84 -28.37
CA ALA F 298 -25.15 43.95 -27.64
C ALA F 298 -25.21 45.00 -26.54
N ARG F 299 -25.85 46.14 -26.78
CA ARG F 299 -25.98 47.20 -25.77
C ARG F 299 -26.77 46.69 -24.56
N GLU F 300 -27.87 45.96 -24.80
CA GLU F 300 -28.66 45.40 -23.71
C GLU F 300 -27.87 44.36 -22.94
N ALA F 301 -27.12 43.49 -23.65
CA ALA F 301 -26.36 42.40 -23.02
C ALA F 301 -25.16 42.87 -22.25
N GLU F 302 -24.49 43.94 -22.71
CA GLU F 302 -23.34 44.47 -22.01
C GLU F 302 -23.74 45.04 -20.64
N ALA F 303 -24.92 45.69 -20.56
CA ALA F 303 -25.39 46.21 -19.29
C ALA F 303 -25.76 45.07 -18.32
N ALA F 304 -26.15 43.88 -18.86
CA ALA F 304 -26.56 42.71 -18.07
C ALA F 304 -25.37 41.87 -17.59
N VAL F 305 -24.14 42.23 -17.94
CA VAL F 305 -22.96 41.49 -17.48
C VAL F 305 -22.83 41.67 -15.95
N TYR F 306 -22.55 40.60 -15.22
CA TYR F 306 -22.40 40.67 -13.77
C TYR F 306 -20.94 41.06 -13.45
N HIS F 307 -20.61 42.35 -13.57
CA HIS F 307 -19.24 42.86 -13.38
C HIS F 307 -18.65 42.55 -12.04
N ARG F 308 -19.44 42.48 -10.98
CA ARG F 308 -18.93 42.20 -9.64
C ARG F 308 -18.20 40.88 -9.58
N GLN F 309 -18.77 39.83 -10.19
CA GLN F 309 -18.11 38.53 -10.19
C GLN F 309 -17.03 38.50 -11.26
N LEU F 310 -17.32 39.04 -12.45
CA LEU F 310 -16.37 39.05 -13.55
C LEU F 310 -15.05 39.73 -13.18
N PHE F 311 -15.10 40.94 -12.60
CA PHE F 311 -13.90 41.66 -12.21
C PHE F 311 -13.13 40.92 -11.14
N GLU F 312 -13.83 40.40 -10.12
CA GLU F 312 -13.18 39.64 -9.06
C GLU F 312 -12.49 38.37 -9.58
N GLU F 313 -13.12 37.67 -10.53
CA GLU F 313 -12.54 36.48 -11.09
C GLU F 313 -11.37 36.79 -12.02
N LEU F 314 -11.46 37.87 -12.83
CA LEU F 314 -10.36 38.29 -13.72
C LEU F 314 -9.15 38.67 -12.87
N ARG F 315 -9.39 39.37 -11.75
CA ARG F 315 -8.33 39.76 -10.82
C ARG F 315 -7.71 38.54 -10.09
N ARG F 316 -8.51 37.63 -9.55
CA ARG F 316 -7.99 36.42 -8.88
C ARG F 316 -7.19 35.53 -9.83
N ALA F 317 -7.63 35.42 -11.09
CA ALA F 317 -6.96 34.55 -12.05
C ALA F 317 -5.74 35.18 -12.71
N ALA F 318 -5.71 36.51 -12.81
CA ALA F 318 -4.59 37.18 -13.46
C ALA F 318 -3.39 37.13 -12.51
N PRO F 319 -2.24 36.72 -13.03
CA PRO F 319 -1.06 36.63 -12.17
C PRO F 319 -0.52 38.00 -11.79
N LEU F 320 0.31 38.07 -10.73
CA LEU F 320 0.95 39.32 -10.34
C LEU F 320 1.81 39.84 -11.51
N SER F 321 1.90 41.15 -11.65
CA SER F 321 2.66 41.71 -12.75
C SER F 321 3.54 42.81 -12.31
N ARG F 322 4.72 42.88 -12.89
CA ARG F 322 5.62 43.98 -12.63
C ARG F 322 5.71 44.94 -13.82
N ASP F 323 4.80 44.79 -14.82
CA ASP F 323 4.73 45.66 -15.98
C ASP F 323 3.87 46.85 -15.57
N PRO F 324 4.45 48.07 -15.65
CA PRO F 324 3.69 49.26 -15.22
C PRO F 324 2.40 49.53 -16.00
N THR F 325 2.33 49.12 -17.27
CA THR F 325 1.10 49.31 -18.05
C THR F 325 -0.02 48.44 -17.45
N GLU F 326 0.30 47.19 -17.13
CA GLU F 326 -0.64 46.25 -16.56
C GLU F 326 -1.08 46.70 -15.16
N VAL F 327 -0.14 47.15 -14.34
CA VAL F 327 -0.40 47.65 -12.99
C VAL F 327 -1.28 48.91 -13.03
N THR F 328 -0.99 49.84 -13.97
CA THR F 328 -1.78 51.05 -14.12
C THR F 328 -3.19 50.70 -14.60
N ALA F 329 -3.31 49.77 -15.54
CA ALA F 329 -4.60 49.34 -16.09
C ALA F 329 -5.57 48.81 -15.01
N ILE F 330 -5.10 47.95 -14.10
CA ILE F 330 -5.97 47.42 -13.04
C ILE F 330 -6.34 48.52 -12.03
N GLY F 331 -5.41 49.41 -11.73
CA GLY F 331 -5.65 50.56 -10.86
C GLY F 331 -6.70 51.47 -11.46
N ALA F 332 -6.59 51.74 -12.77
CA ALA F 332 -7.54 52.59 -13.49
C ALA F 332 -8.95 51.98 -13.56
N VAL F 333 -9.06 50.67 -13.80
CA VAL F 333 -10.35 49.99 -13.85
C VAL F 333 -10.99 49.97 -12.45
N GLU F 334 -10.18 49.74 -11.41
CA GLU F 334 -10.67 49.76 -10.03
CA GLU F 334 -10.67 49.76 -10.03
C GLU F 334 -11.19 51.15 -9.70
N ALA F 335 -10.42 52.21 -10.06
CA ALA F 335 -10.81 53.60 -9.84
C ALA F 335 -12.10 53.93 -10.60
N ALA F 336 -12.24 53.49 -11.85
CA ALA F 336 -13.45 53.75 -12.64
C ALA F 336 -14.70 53.13 -11.98
N PHE F 337 -14.61 51.88 -11.45
CA PHE F 337 -15.75 51.25 -10.79
C PHE F 337 -16.12 51.99 -9.49
N LYS F 338 -15.11 52.49 -8.75
CA LYS F 338 -15.31 53.19 -7.48
C LYS F 338 -16.17 54.45 -7.63
N CYS F 339 -16.01 55.18 -8.73
CA CYS F 339 -16.76 56.42 -8.95
C CYS F 339 -17.80 56.37 -10.05
N CYS F 340 -18.07 55.18 -10.62
CA CYS F 340 -19.00 55.03 -11.75
C CYS F 340 -18.52 55.88 -12.93
N ALA F 341 -17.18 55.92 -13.18
CA ALA F 341 -16.61 56.75 -14.25
C ALA F 341 -17.29 56.57 -15.58
N ALA F 342 -17.51 57.69 -16.25
CA ALA F 342 -18.15 57.67 -17.55
C ALA F 342 -17.20 57.06 -18.61
N ALA F 343 -15.89 57.30 -18.47
CA ALA F 343 -14.91 56.84 -19.44
C ALA F 343 -13.48 56.77 -18.83
N ILE F 344 -12.60 56.01 -19.48
CA ILE F 344 -11.18 55.91 -19.17
C ILE F 344 -10.51 56.38 -20.47
N ILE F 345 -9.81 57.51 -20.44
CA ILE F 345 -9.15 58.05 -21.63
C ILE F 345 -7.72 57.58 -21.57
N VAL F 346 -7.26 56.88 -22.61
CA VAL F 346 -5.92 56.34 -22.62
C VAL F 346 -5.17 56.77 -23.88
N LEU F 347 -3.90 57.15 -23.73
CA LEU F 347 -3.07 57.50 -24.87
C LEU F 347 -2.35 56.23 -25.26
N THR F 348 -2.39 55.85 -26.54
CA THR F 348 -1.75 54.61 -26.96
C THR F 348 -1.15 54.72 -28.36
N THR F 349 -0.01 54.07 -28.58
CA THR F 349 0.63 54.07 -29.89
C THR F 349 0.21 52.81 -30.67
N THR F 350 0.33 51.64 -30.03
CA THR F 350 0.02 50.36 -30.67
C THR F 350 -1.37 49.80 -30.33
N GLY F 351 -2.03 50.40 -29.34
CA GLY F 351 -3.30 49.91 -28.85
C GLY F 351 -3.15 49.09 -27.57
N ARG F 352 -1.90 48.67 -27.23
CA ARG F 352 -1.66 47.80 -26.07
C ARG F 352 -2.19 48.33 -24.72
N SER F 353 -1.99 49.61 -24.38
CA SER F 353 -2.48 50.15 -23.12
C SER F 353 -4.03 50.08 -23.08
N ALA F 354 -4.71 50.27 -24.22
CA ALA F 354 -6.16 50.19 -24.27
C ALA F 354 -6.60 48.70 -24.10
N GLN F 355 -5.85 47.77 -24.71
CA GLN F 355 -6.13 46.34 -24.62
C GLN F 355 -6.00 45.87 -23.17
N LEU F 356 -4.99 46.35 -22.43
CA LEU F 356 -4.81 45.96 -21.04
C LEU F 356 -5.93 46.51 -20.13
N LEU F 357 -6.56 47.62 -20.50
CA LEU F 357 -7.68 48.16 -19.74
C LEU F 357 -8.92 47.27 -20.07
N SER F 358 -9.14 46.99 -21.36
CA SER F 358 -10.23 46.17 -21.87
C SER F 358 -10.28 44.74 -21.25
N ARG F 359 -9.13 44.13 -20.96
CA ARG F 359 -9.09 42.79 -20.39
C ARG F 359 -9.76 42.71 -18.99
N TYR F 360 -9.85 43.85 -18.26
CA TYR F 360 -10.52 43.86 -16.95
C TYR F 360 -12.00 44.15 -17.04
N ARG F 361 -12.54 44.27 -18.26
CA ARG F 361 -13.93 44.50 -18.56
C ARG F 361 -14.53 45.65 -17.73
N PRO F 362 -13.98 46.88 -17.84
CA PRO F 362 -14.61 47.99 -17.15
C PRO F 362 -15.98 48.29 -17.75
N ARG F 363 -16.87 48.81 -16.92
CA ARG F 363 -18.16 49.28 -17.42
C ARG F 363 -17.92 50.64 -18.17
N ALA F 364 -16.93 51.43 -17.72
CA ALA F 364 -16.55 52.70 -18.34
C ALA F 364 -15.99 52.45 -19.76
N ALA F 365 -16.40 53.28 -20.74
CA ALA F 365 -15.87 53.24 -22.11
C ALA F 365 -14.38 53.55 -22.08
N VAL F 366 -13.57 52.83 -22.86
CA VAL F 366 -12.14 53.11 -22.95
C VAL F 366 -11.94 53.93 -24.22
N ILE F 367 -11.72 55.24 -24.07
CA ILE F 367 -11.51 56.13 -25.22
C ILE F 367 -10.00 56.14 -25.51
N ALA F 368 -9.58 55.51 -26.62
CA ALA F 368 -8.15 55.40 -26.93
C ALA F 368 -7.72 56.46 -27.96
N VAL F 369 -6.85 57.38 -27.53
CA VAL F 369 -6.37 58.45 -28.39
C VAL F 369 -5.06 58.02 -29.00
N THR F 370 -5.03 57.91 -30.34
CA THR F 370 -3.84 57.43 -31.02
C THR F 370 -3.58 58.20 -32.29
N ARG F 371 -2.30 58.30 -32.67
CA ARG F 371 -1.90 58.88 -33.96
C ARG F 371 -1.86 57.78 -35.05
N SER F 372 -1.74 56.50 -34.65
CA SER F 372 -1.66 55.40 -35.60
C SER F 372 -3.03 55.07 -36.17
N ALA F 373 -3.24 55.32 -37.47
CA ALA F 373 -4.49 55.00 -38.14
C ALA F 373 -4.74 53.47 -38.09
N GLN F 374 -3.68 52.67 -38.23
CA GLN F 374 -3.81 51.21 -38.15
C GLN F 374 -4.21 50.75 -36.75
N ALA F 375 -3.57 51.28 -35.68
CA ALA F 375 -3.94 50.91 -34.32
C ALA F 375 -5.37 51.32 -34.02
N ALA F 376 -5.81 52.49 -34.53
CA ALA F 376 -7.18 52.94 -34.33
C ALA F 376 -8.19 51.93 -34.93
N ARG F 377 -7.86 51.36 -36.09
CA ARG F 377 -8.73 50.35 -36.71
C ARG F 377 -8.66 49.02 -35.95
N GLN F 378 -7.46 48.57 -35.58
CA GLN F 378 -7.27 47.29 -34.92
C GLN F 378 -7.82 47.20 -33.51
N VAL F 379 -7.87 48.31 -32.72
CA VAL F 379 -8.38 48.24 -31.36
C VAL F 379 -9.88 47.91 -31.29
N HIS F 380 -10.59 47.94 -32.43
CA HIS F 380 -11.98 47.48 -32.50
C HIS F 380 -12.07 46.00 -32.08
N LEU F 381 -10.96 45.24 -32.15
CA LEU F 381 -10.97 43.85 -31.73
C LEU F 381 -11.17 43.71 -30.21
N CYS F 382 -10.87 44.76 -29.42
CA CYS F 382 -10.95 44.74 -27.96
C CYS F 382 -12.22 45.37 -27.48
N ARG F 383 -13.01 44.60 -26.70
CA ARG F 383 -14.27 45.10 -26.19
C ARG F 383 -14.14 46.40 -25.42
N GLY F 384 -15.02 47.33 -25.73
CA GLY F 384 -15.09 48.58 -24.99
C GLY F 384 -14.05 49.62 -25.34
N VAL F 385 -13.28 49.41 -26.42
CA VAL F 385 -12.28 50.39 -26.84
C VAL F 385 -12.84 51.22 -27.99
N PHE F 386 -12.93 52.54 -27.79
CA PHE F 386 -13.43 53.52 -28.75
C PHE F 386 -12.24 54.34 -29.26
N PRO F 387 -11.77 54.02 -30.48
CA PRO F 387 -10.58 54.71 -31.00
C PRO F 387 -10.86 56.13 -31.50
N LEU F 388 -9.97 57.07 -31.15
CA LEU F 388 -10.03 58.45 -31.63
C LEU F 388 -8.72 58.70 -32.34
N LEU F 389 -8.79 58.98 -33.64
CA LEU F 389 -7.59 59.21 -34.41
C LEU F 389 -7.19 60.69 -34.29
N TYR F 390 -6.04 60.96 -33.65
CA TYR F 390 -5.51 62.29 -33.45
C TYR F 390 -4.63 62.63 -34.66
N ARG F 391 -4.93 63.73 -35.34
CA ARG F 391 -4.17 64.07 -36.56
C ARG F 391 -3.22 65.27 -36.41
N GLU F 392 -3.28 66.01 -35.30
CA GLU F 392 -2.44 67.20 -35.13
C GLU F 392 -0.96 66.88 -35.02
N PRO F 393 -0.11 67.76 -35.59
CA PRO F 393 1.34 67.54 -35.46
C PRO F 393 1.81 67.77 -34.03
N PRO F 394 2.88 67.07 -33.63
CA PRO F 394 3.35 67.18 -32.25
C PRO F 394 3.74 68.59 -31.79
N GLU F 395 3.35 68.93 -30.55
CA GLU F 395 3.72 70.18 -29.89
C GLU F 395 5.23 70.13 -29.60
N ALA F 396 5.86 71.32 -29.44
CA ALA F 396 7.29 71.42 -29.15
C ALA F 396 7.59 70.78 -27.79
N ILE F 397 6.74 71.03 -26.80
CA ILE F 397 6.93 70.45 -25.48
C ILE F 397 6.07 69.18 -25.40
N TRP F 398 6.72 68.02 -25.19
CA TRP F 398 6.03 66.72 -25.12
C TRP F 398 4.90 66.71 -24.10
N ALA F 399 5.11 67.26 -22.89
CA ALA F 399 4.04 67.32 -21.88
C ALA F 399 2.79 68.07 -22.40
N ASP F 400 2.98 69.10 -23.24
CA ASP F 400 1.87 69.84 -23.82
C ASP F 400 1.17 69.01 -24.88
N ASP F 401 1.92 68.22 -25.65
CA ASP F 401 1.36 67.35 -26.66
C ASP F 401 0.46 66.27 -26.01
N VAL F 402 0.91 65.72 -24.86
CA VAL F 402 0.16 64.74 -24.08
C VAL F 402 -1.15 65.37 -23.60
N ASP F 403 -1.07 66.59 -23.00
CA ASP F 403 -2.23 67.32 -22.53
C ASP F 403 -3.22 67.63 -23.62
N ARG F 404 -2.74 67.99 -24.81
CA ARG F 404 -3.63 68.29 -25.94
C ARG F 404 -4.39 67.05 -26.38
N ARG F 405 -3.72 65.89 -26.37
CA ARG F 405 -4.37 64.64 -26.75
C ARG F 405 -5.42 64.25 -25.72
N VAL F 406 -5.15 64.45 -24.41
CA VAL F 406 -6.12 64.15 -23.35
C VAL F 406 -7.35 65.05 -23.51
N GLN F 407 -7.11 66.36 -23.78
CA GLN F 407 -8.18 67.34 -23.98
C GLN F 407 -8.99 67.04 -25.22
N PHE F 408 -8.36 66.51 -26.28
CA PHE F 408 -9.03 66.09 -27.52
C PHE F 408 -10.01 64.95 -27.17
N GLY F 409 -9.56 63.99 -26.33
CA GLY F 409 -10.38 62.87 -25.89
C GLY F 409 -11.58 63.35 -25.09
N ILE F 410 -11.36 64.36 -24.20
CA ILE F 410 -12.42 64.93 -23.37
C ILE F 410 -13.43 65.68 -24.19
N GLU F 411 -12.95 66.54 -25.10
CA GLU F 411 -13.84 67.32 -25.97
C GLU F 411 -14.61 66.46 -26.92
N SER F 412 -13.96 65.48 -27.55
CA SER F 412 -14.67 64.57 -28.46
C SER F 412 -15.69 63.72 -27.68
N GLY F 413 -15.33 63.31 -26.47
CA GLY F 413 -16.23 62.54 -25.60
C GLY F 413 -17.45 63.34 -25.19
N LYS F 414 -17.28 64.64 -24.88
CA LYS F 414 -18.41 65.50 -24.49
C LYS F 414 -19.31 65.81 -25.67
N LEU F 415 -18.72 66.05 -26.85
CA LEU F 415 -19.51 66.32 -28.04
C LEU F 415 -20.16 65.05 -28.61
N ARG F 416 -19.65 63.85 -28.24
CA ARG F 416 -20.27 62.60 -28.66
C ARG F 416 -21.23 62.02 -27.57
N GLY F 417 -21.41 62.71 -26.44
CA GLY F 417 -22.29 62.23 -25.38
C GLY F 417 -21.71 61.16 -24.46
N PHE F 418 -20.45 60.77 -24.69
CA PHE F 418 -19.76 59.82 -23.83
C PHE F 418 -19.53 60.42 -22.45
N LEU F 419 -19.28 61.73 -22.39
CA LEU F 419 -18.99 62.47 -21.17
C LEU F 419 -19.96 63.62 -21.02
N ARG F 420 -20.25 63.93 -19.79
CA ARG F 420 -21.14 65.00 -19.41
C ARG F 420 -20.39 65.85 -18.34
N VAL F 421 -20.70 67.18 -18.27
CA VAL F 421 -20.06 68.03 -17.25
C VAL F 421 -20.43 67.51 -15.85
N GLY F 422 -19.45 67.38 -14.97
CA GLY F 422 -19.67 66.81 -13.65
C GLY F 422 -19.27 65.36 -13.53
N ASP F 423 -19.06 64.68 -14.67
CA ASP F 423 -18.63 63.29 -14.67
C ASP F 423 -17.18 63.19 -14.21
N LEU F 424 -16.82 62.00 -13.72
CA LEU F 424 -15.43 61.71 -13.40
C LEU F 424 -14.89 60.84 -14.52
N VAL F 425 -13.65 61.12 -14.89
CA VAL F 425 -12.96 60.40 -15.95
C VAL F 425 -11.61 59.93 -15.42
N ILE F 426 -11.17 58.76 -15.86
CA ILE F 426 -9.88 58.23 -15.45
C ILE F 426 -8.98 58.43 -16.66
N VAL F 427 -7.81 59.02 -16.50
CA VAL F 427 -6.90 59.31 -17.62
C VAL F 427 -5.63 58.53 -17.44
N VAL F 428 -5.27 57.74 -18.45
CA VAL F 428 -4.11 56.86 -18.41
C VAL F 428 -3.06 57.31 -19.43
N THR F 429 -1.88 57.66 -18.93
CA THR F 429 -0.75 58.17 -19.72
C THR F 429 0.55 57.51 -19.22
N GLY F 430 1.69 57.83 -19.88
CA GLY F 430 3.00 57.35 -19.53
C GLY F 430 4.00 58.48 -19.27
N TRP F 431 5.16 58.13 -18.72
CA TRP F 431 6.17 59.07 -18.26
C TRP F 431 7.14 59.61 -19.32
N ARG F 432 7.28 58.92 -20.44
CA ARG F 432 8.13 59.33 -21.54
C ARG F 432 7.51 58.92 -22.90
N PRO F 433 7.92 59.55 -24.02
CA PRO F 433 7.34 59.18 -25.34
C PRO F 433 7.63 57.75 -25.79
N GLY F 434 6.90 57.28 -26.80
CA GLY F 434 7.07 55.94 -27.33
C GLY F 434 6.24 54.90 -26.60
N SER F 435 6.02 53.76 -27.26
CA SER F 435 5.25 52.65 -26.72
C SER F 435 5.91 51.99 -25.53
N GLY F 436 5.12 51.51 -24.58
CA GLY F 436 5.61 50.72 -23.46
C GLY F 436 5.88 51.41 -22.16
N TYR F 437 5.56 52.70 -22.06
CA TYR F 437 5.86 53.46 -20.84
C TYR F 437 4.66 53.99 -20.06
N THR F 438 3.42 53.47 -20.32
CA THR F 438 2.23 53.86 -19.54
C THR F 438 2.46 53.52 -18.08
N ASN F 439 2.33 54.51 -17.17
CA ASN F 439 2.52 54.27 -15.73
C ASN F 439 1.71 55.26 -14.85
N ILE F 440 0.82 56.06 -15.45
CA ILE F 440 0.09 57.10 -14.74
C ILE F 440 -1.44 57.00 -14.85
N MET F 441 -2.12 57.20 -13.73
CA MET F 441 -3.57 57.22 -13.71
CA MET F 441 -3.57 57.18 -13.66
C MET F 441 -3.99 58.47 -12.96
N ARG F 442 -4.87 59.25 -13.56
CA ARG F 442 -5.36 60.49 -12.95
C ARG F 442 -6.89 60.49 -12.92
N VAL F 443 -7.46 61.06 -11.87
CA VAL F 443 -8.89 61.18 -11.72
C VAL F 443 -9.23 62.65 -12.02
N LEU F 444 -9.98 62.88 -13.09
CA LEU F 444 -10.34 64.22 -13.51
CA LEU F 444 -10.32 64.22 -13.52
C LEU F 444 -11.83 64.47 -13.47
N SER F 445 -12.25 65.66 -13.04
CA SER F 445 -13.66 66.03 -13.03
C SER F 445 -13.91 66.80 -14.34
N ILE F 446 -14.93 66.42 -15.09
CA ILE F 446 -15.21 67.05 -16.37
CA ILE F 446 -15.20 67.04 -16.38
C ILE F 446 -15.90 68.40 -16.21
N SER F 447 -15.32 69.45 -16.78
CA SER F 447 -15.89 70.80 -16.71
C SER F 447 -16.31 71.28 -18.11
N ALA G 25 -37.55 37.42 18.64
CA ALA G 25 -36.71 37.21 19.82
C ALA G 25 -35.67 36.11 19.60
N PHE G 26 -36.11 35.01 18.95
CA PHE G 26 -35.25 33.88 18.61
C PHE G 26 -34.06 34.35 17.74
N PHE G 27 -34.36 35.20 16.75
CA PHE G 27 -33.36 35.69 15.81
C PHE G 27 -32.45 36.78 16.35
N GLN G 28 -32.67 37.25 17.59
CA GLN G 28 -31.78 38.22 18.18
C GLN G 28 -30.73 37.55 19.10
N GLN G 29 -31.02 36.32 19.61
CA GLN G 29 -30.14 35.54 20.46
C GLN G 29 -29.06 34.82 19.65
N GLN G 30 -28.06 34.22 20.35
CA GLN G 30 -26.93 33.42 19.86
C GLN G 30 -26.23 34.00 18.63
N GLN G 31 -26.08 35.34 18.60
CA GLN G 31 -25.46 36.09 17.52
C GLN G 31 -26.02 35.76 16.14
N LEU G 32 -27.34 35.45 16.08
CA LEU G 32 -27.97 35.14 14.79
C LEU G 32 -27.92 36.32 13.80
N PRO G 33 -28.04 37.61 14.19
CA PRO G 33 -27.84 38.69 13.19
C PRO G 33 -26.44 38.64 12.57
N ALA G 34 -25.38 38.39 13.39
CA ALA G 34 -24.01 38.27 12.90
C ALA G 34 -23.82 37.01 12.03
N ALA G 35 -24.57 35.94 12.34
CA ALA G 35 -24.55 34.68 11.61
C ALA G 35 -25.09 34.82 10.20
N MET G 36 -26.06 35.71 9.99
CA MET G 36 -26.64 35.91 8.66
C MET G 36 -25.84 36.83 7.76
N ALA G 37 -24.77 37.46 8.26
CA ALA G 37 -23.99 38.42 7.48
C ALA G 37 -23.39 37.83 6.22
N ASP G 38 -23.26 38.65 5.18
CA ASP G 38 -22.72 38.22 3.90
C ASP G 38 -21.21 38.23 3.81
N THR G 39 -20.53 38.92 4.72
CA THR G 39 -19.07 38.92 4.77
C THR G 39 -18.60 38.72 6.23
N PHE G 40 -17.35 38.31 6.40
CA PHE G 40 -16.76 38.15 7.73
C PHE G 40 -16.69 39.53 8.43
N LEU G 41 -16.34 40.59 7.68
CA LEU G 41 -16.27 41.94 8.23
C LEU G 41 -17.62 42.39 8.75
N GLU G 42 -18.71 42.18 7.97
CA GLU G 42 -20.07 42.52 8.41
CA GLU G 42 -20.07 42.52 8.41
C GLU G 42 -20.47 41.68 9.61
N HIS G 43 -20.03 40.41 9.66
CA HIS G 43 -20.30 39.50 10.76
C HIS G 43 -19.71 40.08 12.06
N LEU G 44 -18.45 40.58 12.00
CA LEU G 44 -17.82 41.19 13.18
C LEU G 44 -18.61 42.43 13.62
N CYS G 45 -18.99 43.28 12.65
CA CYS G 45 -19.76 44.51 12.90
C CYS G 45 -21.10 44.25 13.55
N LEU G 46 -21.66 43.03 13.35
CA LEU G 46 -22.97 42.69 13.90
C LEU G 46 -22.92 41.95 15.23
N LEU G 47 -21.72 41.67 15.77
CA LEU G 47 -21.61 40.99 17.07
C LEU G 47 -22.20 41.90 18.15
N ASP G 48 -23.01 41.33 19.02
CA ASP G 48 -23.77 42.09 19.99
C ASP G 48 -23.59 41.54 21.38
N ILE G 49 -23.11 42.38 22.32
CA ILE G 49 -22.94 41.97 23.72
C ILE G 49 -24.28 41.64 24.41
N ASP G 50 -25.41 42.11 23.86
CA ASP G 50 -26.73 41.80 24.41
C ASP G 50 -27.36 40.55 23.79
N SER G 51 -26.74 39.94 22.79
CA SER G 51 -27.25 38.73 22.17
C SER G 51 -26.78 37.57 23.03
N GLU G 52 -27.68 36.99 23.82
CA GLU G 52 -27.33 35.95 24.77
C GLU G 52 -27.12 34.59 24.15
N PRO G 53 -26.09 33.87 24.61
CA PRO G 53 -25.88 32.51 24.08
C PRO G 53 -27.00 31.61 24.59
N VAL G 54 -27.50 30.75 23.72
CA VAL G 54 -28.58 29.84 24.11
C VAL G 54 -28.09 28.41 24.07
N ALA G 55 -27.32 28.07 23.04
CA ALA G 55 -26.75 26.74 22.89
C ALA G 55 -25.85 26.34 24.08
N ALA G 56 -25.80 25.04 24.36
CA ALA G 56 -24.93 24.52 25.40
C ALA G 56 -23.47 24.72 24.95
N ARG G 57 -22.56 24.89 25.92
CA ARG G 57 -21.16 25.10 25.64
C ARG G 57 -20.56 23.87 24.99
N SER G 58 -20.00 24.03 23.82
CA SER G 58 -19.53 22.94 22.99
C SER G 58 -18.00 22.62 23.07
N THR G 59 -17.16 23.57 23.48
CA THR G 59 -15.72 23.35 23.59
C THR G 59 -15.47 22.70 24.94
N SER G 60 -14.87 21.51 24.96
CA SER G 60 -14.61 20.82 26.23
C SER G 60 -13.55 21.46 27.06
N ILE G 61 -13.69 21.34 28.37
CA ILE G 61 -12.74 21.90 29.29
C ILE G 61 -11.94 20.76 29.91
N ILE G 62 -10.62 20.84 29.78
CA ILE G 62 -9.74 19.87 30.40
C ILE G 62 -9.18 20.56 31.66
N ALA G 63 -9.36 19.95 32.83
CA ALA G 63 -8.81 20.52 34.06
C ALA G 63 -7.74 19.60 34.60
N THR G 64 -6.58 20.16 34.94
CA THR G 64 -5.49 19.36 35.49
C THR G 64 -5.78 19.12 36.96
N ILE G 65 -5.79 17.86 37.38
CA ILE G 65 -6.10 17.50 38.75
C ILE G 65 -4.84 17.41 39.59
N GLY G 66 -4.78 18.21 40.64
CA GLY G 66 -3.66 18.24 41.56
C GLY G 66 -4.09 18.57 42.98
N PRO G 67 -3.15 19.07 43.81
CA PRO G 67 -3.50 19.38 45.22
C PRO G 67 -4.70 20.30 45.44
N ALA G 68 -4.91 21.30 44.57
CA ALA G 68 -6.04 22.22 44.73
C ALA G 68 -7.40 21.69 44.28
N SER G 69 -7.42 20.57 43.55
CA SER G 69 -8.66 20.07 42.96
C SER G 69 -8.84 18.56 43.10
N ARG G 70 -8.28 17.97 44.14
CA ARG G 70 -8.27 16.53 44.32
C ARG G 70 -9.37 15.93 45.14
N SER G 71 -9.93 16.69 46.08
CA SER G 71 -10.96 16.13 46.96
C SER G 71 -12.23 15.83 46.20
N VAL G 72 -12.99 14.83 46.66
CA VAL G 72 -14.24 14.42 46.05
C VAL G 72 -15.23 15.57 46.03
N GLU G 73 -15.29 16.37 47.11
CA GLU G 73 -16.21 17.49 47.16
C GLU G 73 -15.85 18.61 46.19
N ARG G 74 -14.55 18.86 46.04
CA ARG G 74 -14.06 19.88 45.12
C ARG G 74 -14.33 19.40 43.67
N LEU G 75 -14.07 18.12 43.38
CA LEU G 75 -14.30 17.53 42.08
C LEU G 75 -15.77 17.56 41.65
N LYS G 76 -16.71 17.41 42.62
CA LYS G 76 -18.14 17.53 42.30
C LYS G 76 -18.46 18.94 41.85
N GLU G 77 -17.86 19.95 42.50
CA GLU G 77 -18.05 21.34 42.09
C GLU G 77 -17.45 21.62 40.71
N MET G 78 -16.30 21.01 40.41
CA MET G 78 -15.66 21.20 39.10
CA MET G 78 -15.66 21.20 39.10
C MET G 78 -16.45 20.54 37.98
N ILE G 79 -17.09 19.40 38.24
CA ILE G 79 -17.93 18.72 37.26
C ILE G 79 -19.16 19.60 36.99
N LYS G 80 -19.76 20.17 38.06
CA LYS G 80 -20.92 21.06 37.91
C LYS G 80 -20.54 22.36 37.19
N ALA G 81 -19.32 22.85 37.41
CA ALA G 81 -18.81 24.05 36.76
C ALA G 81 -18.55 23.85 35.25
N GLY G 82 -18.32 22.60 34.83
CA GLY G 82 -18.12 22.30 33.42
C GLY G 82 -16.94 21.45 33.01
N MET G 83 -16.14 20.93 33.97
CA MET G 83 -15.00 20.08 33.63
C MET G 83 -15.47 18.81 32.90
N ASN G 84 -14.90 18.54 31.74
CA ASN G 84 -15.28 17.35 30.95
C ASN G 84 -14.18 16.27 30.95
N ILE G 85 -12.91 16.71 31.04
CA ILE G 85 -11.77 15.82 31.02
C ILE G 85 -10.86 16.16 32.20
N ALA G 86 -10.49 15.16 32.99
CA ALA G 86 -9.56 15.33 34.12
C ALA G 86 -8.17 14.92 33.63
N ARG G 87 -7.22 15.83 33.66
CA ARG G 87 -5.87 15.57 33.20
C ARG G 87 -4.96 15.27 34.40
N LEU G 88 -4.19 14.19 34.32
CA LEU G 88 -3.22 13.83 35.35
C LEU G 88 -1.86 14.02 34.75
N ASN G 89 -1.09 14.96 35.28
CA ASN G 89 0.21 15.28 34.75
C ASN G 89 1.28 14.43 35.43
N PHE G 90 1.78 13.43 34.70
CA PHE G 90 2.78 12.51 35.25
C PHE G 90 4.20 13.11 35.32
N SER G 91 4.35 14.43 35.04
CA SER G 91 5.61 15.11 35.29
C SER G 91 5.76 15.33 36.82
N HIS G 92 4.65 15.28 37.60
CA HIS G 92 4.63 15.50 39.04
C HIS G 92 3.88 14.35 39.74
N GLY G 93 3.98 14.29 41.05
CA GLY G 93 3.31 13.27 41.85
C GLY G 93 3.91 11.91 41.67
N SER G 94 3.17 10.88 42.01
CA SER G 94 3.61 9.50 41.89
C SER G 94 2.41 8.65 41.39
N HIS G 95 2.63 7.35 41.09
CA HIS G 95 1.56 6.46 40.67
C HIS G 95 0.48 6.38 41.76
N GLU G 96 0.89 6.32 43.03
CA GLU G 96 -0.03 6.23 44.15
C GLU G 96 -0.88 7.48 44.23
N TYR G 97 -0.24 8.65 44.08
CA TYR G 97 -0.91 9.93 44.16
C TYR G 97 -1.96 10.05 43.02
N HIS G 98 -1.55 9.77 41.79
CA HIS G 98 -2.44 9.82 40.64
C HIS G 98 -3.57 8.79 40.69
N ALA G 99 -3.32 7.60 41.25
CA ALA G 99 -4.38 6.60 41.37
C ALA G 99 -5.46 7.10 42.34
N GLU G 100 -5.05 7.80 43.41
CA GLU G 100 -5.98 8.36 44.38
CA GLU G 100 -6.00 8.33 44.37
C GLU G 100 -6.80 9.47 43.73
N SER G 101 -6.16 10.31 42.92
CA SER G 101 -6.86 11.39 42.22
C SER G 101 -7.91 10.79 41.24
N ILE G 102 -7.54 9.74 40.47
CA ILE G 102 -8.45 9.04 39.55
C ILE G 102 -9.65 8.49 40.32
N ALA G 103 -9.41 7.83 41.47
CA ALA G 103 -10.47 7.25 42.30
C ALA G 103 -11.42 8.33 42.80
N ASN G 104 -10.89 9.51 43.17
CA ASN G 104 -11.71 10.64 43.61
C ASN G 104 -12.52 11.23 42.48
N VAL G 105 -11.92 11.33 41.25
CA VAL G 105 -12.67 11.78 40.07
C VAL G 105 -13.84 10.83 39.81
N ARG G 106 -13.57 9.51 39.76
CA ARG G 106 -14.61 8.52 39.54
C ARG G 106 -15.69 8.53 40.61
N GLU G 107 -15.32 8.77 41.88
CA GLU G 107 -16.31 8.83 42.95
C GLU G 107 -17.20 10.06 42.77
N ALA G 108 -16.59 11.21 42.42
CA ALA G 108 -17.34 12.44 42.19
C ALA G 108 -18.25 12.30 40.97
N VAL G 109 -17.77 11.67 39.89
CA VAL G 109 -18.56 11.47 38.67
C VAL G 109 -19.75 10.52 38.92
N GLU G 110 -19.49 9.40 39.60
CA GLU G 110 -20.55 8.43 39.88
C GLU G 110 -21.55 8.88 40.94
N SER G 111 -21.25 9.95 41.68
CA SER G 111 -22.20 10.50 42.65
C SER G 111 -23.45 11.09 41.95
N PHE G 112 -23.38 11.38 40.64
CA PHE G 112 -24.51 11.90 39.87
C PHE G 112 -25.20 10.81 39.01
N ALA G 113 -24.71 9.55 39.05
CA ALA G 113 -25.26 8.45 38.23
C ALA G 113 -26.68 8.01 38.59
N GLY G 114 -27.17 8.43 39.77
CA GLY G 114 -28.53 8.14 40.23
C GLY G 114 -29.61 8.82 39.41
N SER G 115 -29.24 9.87 38.65
CA SER G 115 -30.17 10.55 37.75
C SER G 115 -29.60 10.40 36.32
N PRO G 116 -29.97 9.31 35.61
CA PRO G 116 -29.39 9.05 34.29
C PRO G 116 -29.64 10.10 33.20
N LEU G 117 -30.74 10.87 33.29
CA LEU G 117 -31.04 11.90 32.27
C LEU G 117 -30.14 13.13 32.37
N SER G 118 -29.43 13.32 33.51
CA SER G 118 -28.56 14.46 33.71
C SER G 118 -27.08 14.09 33.97
N TYR G 119 -26.78 12.76 34.08
CA TYR G 119 -25.42 12.24 34.32
C TYR G 119 -24.42 12.74 33.27
N ARG G 120 -23.30 13.30 33.75
CA ARG G 120 -22.25 13.78 32.86
C ARG G 120 -21.00 12.92 32.93
N PRO G 121 -20.66 12.22 31.83
CA PRO G 121 -19.41 11.43 31.81
C PRO G 121 -18.19 12.36 31.86
N VAL G 122 -17.09 11.90 32.47
CA VAL G 122 -15.87 12.71 32.57
C VAL G 122 -14.70 11.83 32.17
N ALA G 123 -13.91 12.28 31.20
CA ALA G 123 -12.80 11.50 30.70
C ALA G 123 -11.59 11.58 31.65
N ILE G 124 -10.69 10.63 31.55
CA ILE G 124 -9.45 10.65 32.34
C ILE G 124 -8.32 10.60 31.37
N ALA G 125 -7.51 11.64 31.35
CA ALA G 125 -6.40 11.75 30.44
C ALA G 125 -5.07 11.69 31.22
N LEU G 126 -4.10 10.97 30.67
CA LEU G 126 -2.79 10.87 31.30
C LEU G 126 -1.83 11.69 30.45
N ASP G 127 -1.13 12.67 31.07
CA ASP G 127 -0.18 13.48 30.36
C ASP G 127 1.23 12.98 30.75
N THR G 128 1.99 12.49 29.78
CA THR G 128 3.30 11.91 30.06
C THR G 128 4.41 12.93 30.40
N LYS G 129 5.48 12.46 31.04
CA LYS G 129 6.62 13.35 31.39
C LYS G 129 7.37 13.78 30.13
N GLY G 130 7.63 12.84 29.22
CA GLY G 130 8.33 13.18 27.97
C GLY G 130 9.62 12.42 27.79
N PRO G 131 10.35 12.61 26.67
CA PRO G 131 11.55 11.81 26.37
C PRO G 131 12.75 12.30 27.18
N GLY G 132 12.65 13.49 27.73
CA GLY G 132 13.70 14.13 28.53
C GLY G 132 14.86 14.52 27.64
N SER G 133 16.07 14.08 27.99
CA SER G 133 17.25 14.34 27.14
C SER G 133 17.39 13.18 26.16
N GLY G 134 16.52 12.18 26.27
CA GLY G 134 16.70 10.96 25.48
C GLY G 134 16.09 11.03 24.11
N PRO G 135 16.35 10.02 23.26
CA PRO G 135 15.85 10.01 21.89
C PRO G 135 14.43 9.45 21.73
N GLY G 136 14.20 8.23 22.22
CA GLY G 136 12.91 7.59 22.04
C GLY G 136 11.99 7.74 23.23
N LEU G 137 11.07 6.80 23.38
CA LEU G 137 10.16 6.78 24.53
C LEU G 137 10.99 6.46 25.79
N SER G 138 10.87 7.29 26.81
CA SER G 138 11.61 7.11 28.05
C SER G 138 11.10 5.91 28.85
N GLU G 139 11.93 5.40 29.76
CA GLU G 139 11.56 4.27 30.62
C GLU G 139 10.41 4.64 31.56
N GLN G 140 10.39 5.88 32.03
CA GLN G 140 9.31 6.33 32.93
C GLN G 140 7.99 6.40 32.15
N ASP G 141 8.07 6.88 30.90
CA ASP G 141 6.87 6.92 30.07
C ASP G 141 6.32 5.54 29.84
N VAL G 142 7.17 4.52 29.62
CA VAL G 142 6.68 3.15 29.43
C VAL G 142 5.92 2.67 30.67
N ARG G 143 6.43 2.99 31.87
CA ARG G 143 5.77 2.60 33.11
C ARG G 143 4.49 3.38 33.37
N ASP G 144 4.49 4.68 33.07
CA ASP G 144 3.32 5.53 33.26
C ASP G 144 2.22 5.14 32.25
N LEU G 145 2.59 4.80 31.02
CA LEU G 145 1.62 4.35 30.02
C LEU G 145 0.99 3.04 30.45
N ARG G 146 1.79 2.14 31.08
CA ARG G 146 1.27 0.87 31.61
C ARG G 146 0.28 1.15 32.74
N PHE G 147 0.61 2.14 33.59
CA PHE G 147 -0.28 2.56 34.68
C PHE G 147 -1.62 3.04 34.08
N GLY G 148 -1.57 3.82 33.03
CA GLY G 148 -2.77 4.32 32.35
C GLY G 148 -3.67 3.22 31.85
N VAL G 149 -3.09 2.21 31.20
CA VAL G 149 -3.86 1.06 30.70
C VAL G 149 -4.48 0.29 31.88
N GLU G 150 -3.70 0.06 32.95
CA GLU G 150 -4.21 -0.67 34.12
C GLU G 150 -5.30 0.08 34.85
N HIS G 151 -5.24 1.42 34.83
CA HIS G 151 -6.24 2.24 35.49
C HIS G 151 -7.39 2.69 34.57
N GLY G 152 -7.43 2.18 33.35
CA GLY G 152 -8.51 2.48 32.40
C GLY G 152 -8.63 3.91 31.93
N VAL G 153 -7.50 4.58 31.67
CA VAL G 153 -7.55 5.95 31.20
C VAL G 153 -8.12 5.97 29.76
N ASP G 154 -8.75 7.07 29.41
CA ASP G 154 -9.38 7.19 28.10
C ASP G 154 -8.45 7.81 27.08
N ILE G 155 -7.60 8.72 27.49
CA ILE G 155 -6.75 9.50 26.60
C ILE G 155 -5.32 9.59 27.11
N VAL G 156 -4.37 9.70 26.19
CA VAL G 156 -2.97 9.95 26.54
C VAL G 156 -2.57 11.25 25.83
N PHE G 157 -2.06 12.24 26.58
CA PHE G 157 -1.49 13.44 26.00
C PHE G 157 0.03 13.14 25.97
N ALA G 158 0.56 12.76 24.82
CA ALA G 158 1.97 12.36 24.69
C ALA G 158 2.89 13.55 24.55
N SER G 159 3.72 13.80 25.57
CA SER G 159 4.63 14.95 25.56
C SER G 159 5.73 14.85 24.52
N PHE G 160 6.15 16.02 24.02
CA PHE G 160 7.25 16.20 23.06
C PHE G 160 7.25 15.22 21.88
N VAL G 161 6.13 15.10 21.16
CA VAL G 161 6.08 14.29 19.96
C VAL G 161 6.81 15.07 18.85
N ARG G 162 7.83 14.48 18.23
CA ARG G 162 8.62 15.16 17.19
C ARG G 162 8.50 14.54 15.79
N LYS G 163 7.99 13.31 15.70
CA LYS G 163 7.89 12.58 14.44
C LYS G 163 6.90 11.43 14.59
N ALA G 164 6.46 10.82 13.47
CA ALA G 164 5.50 9.72 13.48
C ALA G 164 5.97 8.54 14.30
N SER G 165 7.28 8.25 14.34
CA SER G 165 7.78 7.10 15.12
C SER G 165 7.62 7.27 16.62
N ASP G 166 7.55 8.52 17.11
CA ASP G 166 7.28 8.78 18.53
C ASP G 166 5.85 8.32 18.89
N VAL G 167 4.89 8.54 17.96
CA VAL G 167 3.51 8.11 18.19
C VAL G 167 3.41 6.59 18.12
N ALA G 168 4.14 5.94 17.19
CA ALA G 168 4.16 4.47 17.09
C ALA G 168 4.70 3.85 18.37
N ALA G 169 5.72 4.48 18.98
CA ALA G 169 6.27 4.00 20.24
C ALA G 169 5.24 4.09 21.36
N VAL G 170 4.47 5.19 21.42
CA VAL G 170 3.41 5.35 22.43
C VAL G 170 2.32 4.31 22.21
N ARG G 171 1.91 4.05 20.92
CA ARG G 171 0.92 3.05 20.52
C ARG G 171 1.34 1.67 20.95
N ALA G 172 2.58 1.30 20.64
CA ALA G 172 3.13 -0.01 21.00
C ALA G 172 3.13 -0.20 22.50
N ALA G 173 3.43 0.86 23.27
CA ALA G 173 3.47 0.86 24.74
C ALA G 173 2.09 0.78 25.39
N LEU G 174 1.00 1.03 24.63
CA LEU G 174 -0.32 0.87 25.21
C LEU G 174 -0.76 -0.63 25.22
N GLY G 175 0.26 -1.51 25.23
CA GLY G 175 0.25 -2.96 25.44
C GLY G 175 -0.82 -3.62 24.66
N PRO G 176 -1.28 -4.77 25.14
CA PRO G 176 -2.34 -5.47 24.39
C PRO G 176 -3.76 -4.96 24.73
N GLU G 177 -3.96 -4.36 25.92
CA GLU G 177 -5.28 -4.01 26.35
C GLU G 177 -5.61 -2.51 26.28
N GLY G 178 -4.73 -1.69 25.73
CA GLY G 178 -4.97 -0.24 25.63
C GLY G 178 -5.05 0.34 24.24
N HIS G 179 -5.41 -0.47 23.24
CA HIS G 179 -5.50 0.02 21.85
C HIS G 179 -6.64 1.03 21.60
N GLY G 180 -7.70 1.00 22.40
CA GLY G 180 -8.83 1.94 22.27
C GLY G 180 -8.58 3.30 22.90
N ILE G 181 -7.42 3.49 23.57
CA ILE G 181 -7.07 4.76 24.20
C ILE G 181 -6.69 5.78 23.12
N LYS G 182 -7.20 7.02 23.23
CA LYS G 182 -6.90 8.03 22.23
C LYS G 182 -5.53 8.64 22.48
N ILE G 183 -4.71 8.77 21.46
CA ILE G 183 -3.40 9.39 21.60
C ILE G 183 -3.45 10.78 21.03
N ILE G 184 -3.32 11.78 21.88
CA ILE G 184 -3.28 13.17 21.47
C ILE G 184 -1.80 13.57 21.54
N SER G 185 -1.17 13.82 20.40
CA SER G 185 0.24 14.20 20.37
C SER G 185 0.43 15.66 20.75
N LYS G 186 1.30 15.93 21.74
CA LYS G 186 1.61 17.31 22.12
C LYS G 186 2.72 17.83 21.23
N ILE G 187 2.50 18.98 20.57
CA ILE G 187 3.51 19.59 19.71
C ILE G 187 4.13 20.70 20.56
N GLU G 188 5.41 20.52 20.91
CA GLU G 188 6.07 21.40 21.86
C GLU G 188 7.38 22.01 21.39
N ASN G 189 7.81 21.73 20.17
CA ASN G 189 9.08 22.26 19.69
C ASN G 189 9.07 22.48 18.18
N HIS G 190 10.16 23.02 17.62
CA HIS G 190 10.28 23.31 16.20
C HIS G 190 10.11 22.06 15.34
N GLU G 191 10.76 20.96 15.71
CA GLU G 191 10.66 19.73 14.92
C GLU G 191 9.21 19.20 14.85
N GLY G 192 8.48 19.23 15.96
CA GLY G 192 7.09 18.82 16.00
C GLY G 192 6.22 19.62 15.06
N VAL G 193 6.46 20.95 14.99
CA VAL G 193 5.73 21.85 14.09
C VAL G 193 6.07 21.54 12.65
N LYS G 194 7.37 21.36 12.35
CA LYS G 194 7.82 21.06 10.99
C LYS G 194 7.38 19.69 10.49
N ARG G 195 7.32 18.71 11.38
CA ARG G 195 6.84 17.37 11.01
C ARG G 195 5.39 17.14 11.40
N PHE G 196 4.61 18.23 11.56
CA PHE G 196 3.20 18.17 11.97
C PHE G 196 2.34 17.21 11.13
N ASP G 197 2.41 17.29 9.80
CA ASP G 197 1.57 16.45 8.95
C ASP G 197 1.75 14.97 9.19
N GLU G 198 3.01 14.51 9.33
CA GLU G 198 3.25 13.09 9.57
C GLU G 198 2.79 12.66 10.98
N ILE G 199 2.83 13.58 11.94
CA ILE G 199 2.40 13.31 13.30
C ILE G 199 0.86 13.22 13.36
N LEU G 200 0.18 14.19 12.75
CA LEU G 200 -1.28 14.22 12.75
C LEU G 200 -1.85 12.97 12.07
N GLU G 201 -1.22 12.53 10.98
CA GLU G 201 -1.64 11.34 10.24
C GLU G 201 -1.76 10.10 11.12
N VAL G 202 -0.84 9.89 12.05
CA VAL G 202 -0.87 8.71 12.91
C VAL G 202 -1.44 8.96 14.33
N SER G 203 -1.78 10.20 14.67
CA SER G 203 -2.33 10.50 15.99
C SER G 203 -3.84 10.58 15.94
N ASP G 204 -4.49 10.46 17.10
CA ASP G 204 -5.94 10.69 17.17
C ASP G 204 -6.27 12.18 17.24
N GLY G 205 -5.31 13.01 17.63
CA GLY G 205 -5.49 14.44 17.75
C GLY G 205 -4.22 15.12 18.20
N ILE G 206 -4.28 16.42 18.46
CA ILE G 206 -3.10 17.20 18.75
C ILE G 206 -3.35 18.14 19.91
N MET G 207 -2.31 18.41 20.70
CA MET G 207 -2.37 19.44 21.71
C MET G 207 -1.35 20.51 21.31
N VAL G 208 -1.75 21.78 21.26
CA VAL G 208 -0.80 22.89 21.02
C VAL G 208 -0.27 23.20 22.43
N ALA G 209 0.90 22.66 22.77
CA ALA G 209 1.47 22.79 24.13
C ALA G 209 2.31 24.07 24.14
N ARG G 210 1.65 25.20 24.37
CA ARG G 210 2.26 26.52 24.26
C ARG G 210 3.36 26.84 25.27
N GLY G 211 3.40 26.18 26.41
CA GLY G 211 4.43 26.41 27.41
C GLY G 211 5.80 26.11 26.87
N ASP G 212 6.07 24.85 26.48
CA ASP G 212 7.33 24.47 25.88
C ASP G 212 7.51 25.11 24.53
N LEU G 213 6.46 25.17 23.71
CA LEU G 213 6.55 25.77 22.39
C LEU G 213 7.05 27.24 22.44
N GLY G 214 6.59 27.99 23.43
CA GLY G 214 6.99 29.37 23.63
C GLY G 214 8.43 29.57 24.13
N ILE G 215 9.10 28.48 24.53
CA ILE G 215 10.51 28.47 24.94
C ILE G 215 11.37 27.84 23.82
N GLU G 216 10.82 26.87 23.06
CA GLU G 216 11.52 26.20 21.97
C GLU G 216 11.59 27.04 20.71
N ILE G 217 10.55 27.85 20.43
CA ILE G 217 10.53 28.75 19.29
C ILE G 217 10.34 30.18 19.83
N PRO G 218 10.59 31.25 19.03
CA PRO G 218 10.37 32.62 19.55
C PRO G 218 8.92 32.78 20.04
N ALA G 219 8.73 33.38 21.22
CA ALA G 219 7.42 33.54 21.83
C ALA G 219 6.41 34.22 20.91
N GLU G 220 6.86 35.17 20.09
CA GLU G 220 6.02 35.91 19.15
C GLU G 220 5.57 35.07 17.95
N LYS G 221 6.06 33.83 17.81
CA LYS G 221 5.64 32.96 16.71
C LYS G 221 4.63 31.89 17.17
N VAL G 222 4.40 31.72 18.49
CA VAL G 222 3.48 30.68 18.98
C VAL G 222 2.07 30.79 18.37
N PHE G 223 1.52 32.00 18.23
CA PHE G 223 0.18 32.16 17.66
C PHE G 223 0.08 31.59 16.21
N LEU G 224 1.19 31.63 15.43
CA LEU G 224 1.20 31.12 14.07
C LEU G 224 1.11 29.59 14.13
N ALA G 225 1.88 28.97 15.05
CA ALA G 225 1.88 27.52 15.19
C ALA G 225 0.50 27.06 15.68
N GLN G 226 -0.10 27.79 16.64
CA GLN G 226 -1.43 27.45 17.16
C GLN G 226 -2.48 27.52 16.05
N LYS G 227 -2.54 28.62 15.31
CA LYS G 227 -3.53 28.79 14.25
C LYS G 227 -3.37 27.80 13.11
N MET G 228 -2.11 27.48 12.75
CA MET G 228 -1.83 26.53 11.69
C MET G 228 -2.28 25.12 12.10
N MET G 229 -1.91 24.67 13.30
CA MET G 229 -2.24 23.33 13.78
C MET G 229 -3.73 23.16 13.99
N ILE G 230 -4.40 24.18 14.49
CA ILE G 230 -5.85 24.12 14.67
C ILE G 230 -6.54 24.02 13.29
N GLY G 231 -6.11 24.85 12.33
CA GLY G 231 -6.66 24.79 10.99
C GLY G 231 -6.46 23.43 10.34
N ARG G 232 -5.26 22.84 10.47
CA ARG G 232 -4.97 21.54 9.89
C ARG G 232 -5.74 20.41 10.56
N CYS G 233 -5.94 20.50 11.88
CA CYS G 233 -6.74 19.49 12.60
C CYS G 233 -8.21 19.61 12.22
N ASN G 234 -8.72 20.83 12.06
CA ASN G 234 -10.10 21.06 11.63
C ASN G 234 -10.30 20.45 10.24
N LEU G 235 -9.33 20.64 9.35
CA LEU G 235 -9.39 20.11 8.01
C LEU G 235 -9.36 18.57 8.02
N ALA G 236 -8.56 17.97 8.90
CA ALA G 236 -8.45 16.52 9.04
C ALA G 236 -9.60 15.90 9.81
N GLY G 237 -10.41 16.69 10.51
CA GLY G 237 -11.49 16.14 11.32
C GLY G 237 -11.00 15.46 12.58
N LYS G 238 -9.88 15.96 13.13
CA LYS G 238 -9.30 15.37 14.34
C LYS G 238 -9.23 16.40 15.47
N PRO G 239 -9.50 15.97 16.71
CA PRO G 239 -9.48 16.93 17.83
C PRO G 239 -8.17 17.72 18.02
N VAL G 240 -8.29 18.98 18.40
CA VAL G 240 -7.14 19.81 18.72
C VAL G 240 -7.41 20.52 20.06
N VAL G 241 -6.43 20.47 20.97
CA VAL G 241 -6.53 21.09 22.28
C VAL G 241 -5.67 22.35 22.31
N CYS G 242 -6.19 23.48 22.84
CA CYS G 242 -5.32 24.63 23.06
C CYS G 242 -4.94 24.56 24.54
N ALA G 243 -3.63 24.64 24.85
CA ALA G 243 -3.21 24.51 26.24
C ALA G 243 -2.21 25.56 26.70
N THR G 244 -2.15 25.77 28.03
CA THR G 244 -1.15 26.48 28.83
C THR G 244 -1.28 27.99 28.89
N GLN G 245 -1.37 28.49 30.15
CA GLN G 245 -1.45 29.89 30.54
C GLN G 245 -2.67 30.61 30.00
N MET G 246 -3.76 29.87 29.72
CA MET G 246 -4.97 30.52 29.21
C MET G 246 -5.58 31.50 30.21
N LEU G 247 -5.58 31.13 31.51
CA LEU G 247 -6.10 31.97 32.60
C LEU G 247 -5.07 32.01 33.74
N GLU G 248 -3.78 32.07 33.40
CA GLU G 248 -2.64 32.02 34.33
C GLU G 248 -2.79 32.87 35.60
N SER G 249 -3.21 34.14 35.47
CA SER G 249 -3.36 35.01 36.62
C SER G 249 -4.38 34.49 37.65
N MET G 250 -5.33 33.61 37.22
CA MET G 250 -6.32 33.03 38.13
C MET G 250 -5.71 31.98 39.09
N ILE G 251 -4.41 31.70 39.00
CA ILE G 251 -3.74 30.85 39.97
C ILE G 251 -3.77 31.58 41.35
N THR G 252 -3.58 32.92 41.34
CA THR G 252 -3.61 33.69 42.56
C THR G 252 -4.75 34.70 42.64
N LYS G 253 -5.37 35.08 41.50
CA LYS G 253 -6.44 36.09 41.51
C LYS G 253 -7.82 35.54 41.16
N PRO G 254 -8.90 36.08 41.76
CA PRO G 254 -10.24 35.53 41.48
C PRO G 254 -10.81 35.85 40.09
N ARG G 255 -10.24 36.85 39.40
CA ARG G 255 -10.69 37.26 38.06
C ARG G 255 -9.49 37.28 37.10
N PRO G 256 -9.71 36.92 35.83
CA PRO G 256 -8.57 36.90 34.88
C PRO G 256 -8.29 38.26 34.27
N THR G 257 -7.15 38.39 33.57
CA THR G 257 -6.82 39.61 32.87
C THR G 257 -7.62 39.70 31.52
N ARG G 258 -7.60 40.87 30.89
CA ARG G 258 -8.28 41.08 29.63
C ARG G 258 -7.63 40.25 28.51
N ALA G 259 -6.32 40.02 28.58
CA ALA G 259 -5.62 39.20 27.59
C ALA G 259 -6.03 37.73 27.71
N GLU G 260 -6.25 37.26 28.95
CA GLU G 260 -6.64 35.90 29.22
C GLU G 260 -8.05 35.56 28.71
N THR G 261 -9.05 36.43 28.93
CA THR G 261 -10.38 36.16 28.40
C THR G 261 -10.37 36.18 26.87
N SER G 262 -9.59 37.07 26.29
CA SER G 262 -9.41 37.20 24.86
C SER G 262 -8.75 35.93 24.29
N ASP G 263 -7.75 35.40 24.99
CA ASP G 263 -7.04 34.19 24.57
C ASP G 263 -7.99 32.98 24.53
N VAL G 264 -8.83 32.82 25.55
CA VAL G 264 -9.79 31.72 25.58
C VAL G 264 -10.79 31.87 24.43
N ALA G 265 -11.31 33.08 24.24
CA ALA G 265 -12.27 33.32 23.17
C ALA G 265 -11.68 33.06 21.81
N ASN G 266 -10.41 33.51 21.59
CA ASN G 266 -9.73 33.35 20.32
C ASN G 266 -9.33 31.91 20.06
N ALA G 267 -9.03 31.11 21.07
CA ALA G 267 -8.76 29.68 20.85
C ALA G 267 -10.05 29.00 20.30
N VAL G 268 -11.21 29.35 20.86
CA VAL G 268 -12.48 28.81 20.38
C VAL G 268 -12.77 29.31 18.95
N LEU G 269 -12.56 30.62 18.68
CA LEU G 269 -12.77 31.15 17.33
C LEU G 269 -11.79 30.58 16.30
N ASP G 270 -10.57 30.20 16.74
CA ASP G 270 -9.56 29.58 15.89
C ASP G 270 -10.04 28.20 15.42
N GLY G 271 -10.82 27.50 16.24
CA GLY G 271 -11.35 26.18 15.94
C GLY G 271 -10.95 25.09 16.89
N ALA G 272 -10.47 25.44 18.11
CA ALA G 272 -10.05 24.42 19.07
C ALA G 272 -11.22 23.59 19.53
N ASP G 273 -11.04 22.26 19.62
CA ASP G 273 -12.08 21.39 20.13
C ASP G 273 -12.12 21.45 21.65
N CYS G 274 -10.94 21.56 22.30
CA CYS G 274 -10.81 21.60 23.75
C CYS G 274 -9.93 22.77 24.18
N ILE G 275 -10.20 23.27 25.38
CA ILE G 275 -9.36 24.27 26.02
C ILE G 275 -8.91 23.67 27.36
N MET G 276 -7.72 24.05 27.83
CA MET G 276 -7.16 23.44 29.02
C MET G 276 -6.82 24.42 30.13
N LEU G 277 -6.82 23.91 31.36
CA LEU G 277 -6.38 24.59 32.57
C LEU G 277 -5.29 23.71 33.17
N SER G 278 -4.17 24.33 33.57
CA SER G 278 -3.06 23.60 34.14
CA SER G 278 -3.06 23.59 34.14
C SER G 278 -2.89 23.99 35.61
N GLY G 279 -1.99 24.92 35.94
CA GLY G 279 -1.80 25.38 37.31
C GLY G 279 -3.05 26.03 37.87
N GLU G 280 -3.93 26.57 36.99
CA GLU G 280 -5.18 27.19 37.40
C GLU G 280 -6.06 26.23 38.19
N THR G 281 -6.03 24.92 37.85
CA THR G 281 -6.82 23.95 38.62
C THR G 281 -5.96 23.01 39.44
N ALA G 282 -4.72 22.75 39.02
CA ALA G 282 -3.84 21.82 39.72
C ALA G 282 -3.37 22.36 41.06
N LYS G 283 -2.95 23.63 41.12
CA LYS G 283 -2.38 24.19 42.34
C LYS G 283 -2.90 25.57 42.72
N GLY G 284 -3.73 26.20 41.91
CA GLY G 284 -4.21 27.54 42.18
C GLY G 284 -5.25 27.68 43.28
N ASN G 285 -5.54 28.92 43.64
CA ASN G 285 -6.50 29.23 44.70
C ASN G 285 -7.94 29.28 44.23
N PHE G 286 -8.18 29.31 42.89
CA PHE G 286 -9.53 29.40 42.36
C PHE G 286 -9.81 28.34 41.26
N PRO G 287 -9.64 27.02 41.56
CA PRO G 287 -9.87 26.02 40.51
C PRO G 287 -11.28 26.00 39.93
N VAL G 288 -12.32 26.09 40.79
CA VAL G 288 -13.70 26.06 40.33
C VAL G 288 -14.04 27.31 39.52
N GLU G 289 -13.57 28.47 39.99
CA GLU G 289 -13.79 29.74 39.31
C GLU G 289 -13.11 29.75 37.92
N ALA G 290 -11.94 29.12 37.81
CA ALA G 290 -11.23 29.05 36.52
C ALA G 290 -12.03 28.22 35.50
N VAL G 291 -12.65 27.12 35.96
CA VAL G 291 -13.48 26.29 35.09
C VAL G 291 -14.72 27.07 34.67
N LYS G 292 -15.35 27.79 35.62
CA LYS G 292 -16.53 28.60 35.33
C LYS G 292 -16.22 29.71 34.32
N MET G 293 -15.03 30.30 34.42
CA MET G 293 -14.61 31.36 33.51
C MET G 293 -14.41 30.80 32.09
N GLN G 294 -13.76 29.63 31.96
CA GLN G 294 -13.60 29.01 30.64
C GLN G 294 -14.93 28.66 30.02
N HIS G 295 -15.87 28.17 30.85
CA HIS G 295 -17.21 27.85 30.42
C HIS G 295 -17.93 29.09 29.87
N ALA G 296 -17.95 30.18 30.66
CA ALA G 296 -18.62 31.42 30.27
C ALA G 296 -18.08 32.01 28.97
N ILE G 297 -16.72 32.06 28.83
CA ILE G 297 -16.12 32.61 27.63
C ILE G 297 -16.40 31.73 26.41
N ALA G 298 -16.22 30.39 26.53
CA ALA G 298 -16.44 29.48 25.41
C ALA G 298 -17.87 29.55 24.87
N ARG G 299 -18.89 29.66 25.75
CA ARG G 299 -20.27 29.81 25.29
C ARG G 299 -20.47 31.05 24.42
N GLU G 300 -19.89 32.18 24.85
CA GLU G 300 -19.96 33.43 24.10
C GLU G 300 -19.24 33.31 22.77
N ALA G 301 -18.05 32.69 22.78
CA ALA G 301 -17.23 32.59 21.57
C ALA G 301 -17.80 31.63 20.55
N GLU G 302 -18.44 30.55 20.99
CA GLU G 302 -19.03 29.59 20.05
C GLU G 302 -20.19 30.21 19.27
N ALA G 303 -20.99 31.09 19.91
CA ALA G 303 -22.06 31.78 19.20
C ALA G 303 -21.50 32.79 18.18
N ALA G 304 -20.30 33.31 18.42
CA ALA G 304 -19.64 34.29 17.56
C ALA G 304 -18.89 33.67 16.37
N VAL G 305 -18.88 32.34 16.25
CA VAL G 305 -18.23 31.68 15.12
C VAL G 305 -19.02 32.00 13.83
N TYR G 306 -18.33 32.35 12.73
CA TYR G 306 -19.01 32.69 11.49
C TYR G 306 -19.25 31.38 10.71
N HIS G 307 -20.27 30.62 11.11
CA HIS G 307 -20.58 29.33 10.51
C HIS G 307 -20.79 29.35 9.00
N ARG G 308 -21.31 30.45 8.44
CA ARG G 308 -21.56 30.53 6.99
C ARG G 308 -20.29 30.30 6.20
N GLN G 309 -19.18 30.91 6.64
CA GLN G 309 -17.91 30.73 5.95
C GLN G 309 -17.26 29.43 6.38
N LEU G 310 -17.28 29.13 7.67
CA LEU G 310 -16.67 27.92 8.20
C LEU G 310 -17.22 26.65 7.54
N PHE G 311 -18.55 26.51 7.47
CA PHE G 311 -19.18 25.36 6.85
C PHE G 311 -18.84 25.27 5.37
N GLU G 312 -18.91 26.38 4.63
CA GLU G 312 -18.56 26.41 3.20
C GLU G 312 -17.11 25.98 2.97
N GLU G 313 -16.19 26.45 3.82
CA GLU G 313 -14.77 26.08 3.68
C GLU G 313 -14.49 24.62 4.08
N LEU G 314 -15.16 24.12 5.13
CA LEU G 314 -14.97 22.73 5.54
C LEU G 314 -15.53 21.80 4.45
N ARG G 315 -16.69 22.15 3.88
CA ARG G 315 -17.32 21.45 2.76
C ARG G 315 -16.37 21.42 1.55
N ARG G 316 -15.92 22.58 1.06
CA ARG G 316 -15.03 22.68 -0.11
C ARG G 316 -13.74 21.90 0.06
N ALA G 317 -13.16 21.91 1.26
CA ALA G 317 -11.90 21.24 1.50
C ALA G 317 -12.02 19.74 1.75
N ALA G 318 -13.17 19.28 2.27
CA ALA G 318 -13.35 17.86 2.52
C ALA G 318 -13.53 17.13 1.20
N PRO G 319 -12.80 16.03 0.99
CA PRO G 319 -12.90 15.31 -0.28
C PRO G 319 -14.22 14.55 -0.40
N LEU G 320 -14.56 14.11 -1.63
CA LEU G 320 -15.72 13.26 -1.87
C LEU G 320 -15.54 11.96 -1.09
N SER G 321 -16.63 11.39 -0.60
CA SER G 321 -16.54 10.18 0.17
C SER G 321 -17.61 9.21 -0.23
N ARG G 322 -17.29 7.94 -0.21
CA ARG G 322 -18.25 6.87 -0.44
C ARG G 322 -18.59 6.14 0.88
N ASP G 323 -18.14 6.67 2.05
CA ASP G 323 -18.43 6.10 3.34
C ASP G 323 -19.79 6.63 3.77
N PRO G 324 -20.78 5.74 3.98
CA PRO G 324 -22.12 6.19 4.36
C PRO G 324 -22.19 7.01 5.63
N THR G 325 -21.30 6.78 6.62
CA THR G 325 -21.32 7.58 7.83
C THR G 325 -20.94 9.02 7.51
N GLU G 326 -19.88 9.21 6.70
CA GLU G 326 -19.41 10.53 6.31
CA GLU G 326 -19.42 10.54 6.32
C GLU G 326 -20.49 11.25 5.46
N VAL G 327 -21.10 10.53 4.52
CA VAL G 327 -22.13 11.11 3.63
C VAL G 327 -23.38 11.51 4.46
N THR G 328 -23.78 10.66 5.42
CA THR G 328 -24.92 10.96 6.29
C THR G 328 -24.60 12.16 7.17
N ALA G 329 -23.36 12.25 7.69
CA ALA G 329 -22.95 13.34 8.56
C ALA G 329 -23.06 14.71 7.90
N ILE G 330 -22.58 14.85 6.64
CA ILE G 330 -22.67 16.14 5.96
C ILE G 330 -24.11 16.50 5.62
N GLY G 331 -24.93 15.49 5.29
CA GLY G 331 -26.34 15.69 5.01
C GLY G 331 -27.06 16.17 6.25
N ALA G 332 -26.75 15.56 7.40
CA ALA G 332 -27.34 15.91 8.68
C ALA G 332 -26.97 17.32 9.13
N VAL G 333 -25.73 17.72 8.93
CA VAL G 333 -25.28 19.06 9.31
C VAL G 333 -25.91 20.10 8.37
N GLU G 334 -26.03 19.80 7.07
CA GLU G 334 -26.70 20.70 6.12
CA GLU G 334 -26.70 20.69 6.12
C GLU G 334 -28.17 20.86 6.53
N ALA G 335 -28.86 19.73 6.86
CA ALA G 335 -30.25 19.77 7.32
C ALA G 335 -30.40 20.58 8.61
N ALA G 336 -29.47 20.41 9.57
CA ALA G 336 -29.55 21.13 10.83
C ALA G 336 -29.43 22.65 10.60
N PHE G 337 -28.51 23.11 9.73
CA PHE G 337 -28.37 24.54 9.44
C PHE G 337 -29.67 25.10 8.76
N LYS G 338 -30.27 24.33 7.87
CA LYS G 338 -31.48 24.75 7.15
C LYS G 338 -32.67 25.04 8.09
N CYS G 339 -32.85 24.25 9.16
CA CYS G 339 -33.98 24.47 10.05
C CYS G 339 -33.59 25.11 11.41
N CYS G 340 -32.29 25.42 11.62
CA CYS G 340 -31.74 25.92 12.91
C CYS G 340 -32.11 24.89 13.99
N ALA G 341 -31.86 23.59 13.71
CA ALA G 341 -32.19 22.49 14.59
C ALA G 341 -31.56 22.70 15.94
N ALA G 342 -32.28 22.40 16.99
CA ALA G 342 -31.78 22.54 18.35
C ALA G 342 -30.66 21.51 18.61
N ALA G 343 -30.73 20.32 17.99
CA ALA G 343 -29.74 19.28 18.20
C ALA G 343 -29.73 18.27 17.05
N ILE G 344 -28.63 17.52 16.92
CA ILE G 344 -28.47 16.36 16.06
C ILE G 344 -28.28 15.21 17.07
N ILE G 345 -29.24 14.30 17.18
CA ILE G 345 -29.11 13.16 18.08
C ILE G 345 -28.53 12.01 17.30
N VAL G 346 -27.40 11.46 17.75
CA VAL G 346 -26.74 10.38 17.02
C VAL G 346 -26.53 9.17 17.93
N LEU G 347 -26.76 7.98 17.39
CA LEU G 347 -26.48 6.75 18.11
C LEU G 347 -25.07 6.35 17.68
N THR G 348 -24.21 6.05 18.66
CA THR G 348 -22.82 5.69 18.35
C THR G 348 -22.27 4.69 19.35
N THR G 349 -21.47 3.72 18.89
CA THR G 349 -20.87 2.73 19.80
C THR G 349 -19.43 3.11 20.09
N THR G 350 -18.70 3.56 19.08
CA THR G 350 -17.29 3.93 19.22
C THR G 350 -17.07 5.45 19.33
N GLY G 351 -18.09 6.25 19.00
CA GLY G 351 -17.99 7.70 18.95
C GLY G 351 -17.76 8.24 17.54
N ARG G 352 -17.43 7.35 16.58
CA ARG G 352 -17.09 7.79 15.23
C ARG G 352 -18.18 8.58 14.48
N SER G 353 -19.46 8.14 14.56
CA SER G 353 -20.54 8.87 13.89
C SER G 353 -20.68 10.28 14.47
N ALA G 354 -20.43 10.44 15.79
CA ALA G 354 -20.51 11.76 16.42
C ALA G 354 -19.33 12.64 15.97
N GLN G 355 -18.15 12.03 15.85
CA GLN G 355 -16.96 12.74 15.42
C GLN G 355 -17.12 13.25 13.99
N LEU G 356 -17.71 12.43 13.11
CA LEU G 356 -17.92 12.86 11.71
C LEU G 356 -18.94 13.99 11.59
N LEU G 357 -19.89 14.10 12.55
CA LEU G 357 -20.82 15.22 12.57
C LEU G 357 -20.07 16.48 13.04
N SER G 358 -19.30 16.34 14.14
CA SER G 358 -18.53 17.40 14.75
C SER G 358 -17.53 18.08 13.78
N ARG G 359 -16.92 17.32 12.87
CA ARG G 359 -15.95 17.86 11.93
C ARG G 359 -16.55 18.94 10.99
N TYR G 360 -17.90 18.94 10.78
CA TYR G 360 -18.54 19.96 9.97
C TYR G 360 -19.00 21.16 10.74
N ARG G 361 -18.69 21.22 12.03
CA ARG G 361 -18.98 22.32 12.93
C ARG G 361 -20.42 22.81 12.87
N PRO G 362 -21.38 21.90 13.16
CA PRO G 362 -22.77 22.36 13.21
C PRO G 362 -22.97 23.32 14.37
N ARG G 363 -23.93 24.22 14.24
CA ARG G 363 -24.31 25.08 15.36
C ARG G 363 -25.14 24.22 16.34
N ALA G 364 -25.94 23.27 15.81
CA ALA G 364 -26.77 22.36 16.60
C ALA G 364 -25.87 21.48 17.45
N ALA G 365 -26.27 21.24 18.70
CA ALA G 365 -25.53 20.37 19.62
C ALA G 365 -25.61 18.94 19.10
N VAL G 366 -24.51 18.18 19.13
CA VAL G 366 -24.53 16.79 18.72
C VAL G 366 -24.70 15.94 19.98
N ILE G 367 -25.90 15.43 20.22
CA ILE G 367 -26.18 14.64 21.39
C ILE G 367 -25.86 13.20 21.04
N ALA G 368 -24.82 12.61 21.63
CA ALA G 368 -24.40 11.26 21.27
C ALA G 368 -24.87 10.26 22.30
N VAL G 369 -25.75 9.33 21.91
CA VAL G 369 -26.25 8.32 22.81
C VAL G 369 -25.47 7.04 22.61
N THR G 370 -24.85 6.56 23.69
CA THR G 370 -24.03 5.37 23.60
C THR G 370 -24.15 4.51 24.84
N ARG G 371 -23.97 3.20 24.66
CA ARG G 371 -23.88 2.22 25.76
C ARG G 371 -22.38 2.01 26.20
N SER G 372 -21.41 2.55 25.42
CA SER G 372 -20.00 2.44 25.78
C SER G 372 -19.63 3.58 26.72
N ALA G 373 -19.31 3.26 27.97
CA ALA G 373 -18.87 4.25 28.94
C ALA G 373 -17.56 4.91 28.45
N GLN G 374 -16.66 4.16 27.82
CA GLN G 374 -15.43 4.73 27.30
C GLN G 374 -15.69 5.70 26.14
N ALA G 375 -16.55 5.33 25.18
CA ALA G 375 -16.85 6.22 24.07
C ALA G 375 -17.51 7.49 24.56
N ALA G 376 -18.40 7.38 25.57
CA ALA G 376 -19.04 8.56 26.17
C ALA G 376 -17.99 9.53 26.74
N ARG G 377 -16.94 9.00 27.36
CA ARG G 377 -15.89 9.86 27.90
C ARG G 377 -15.03 10.43 26.78
N GLN G 378 -14.66 9.62 25.80
CA GLN G 378 -13.75 10.06 24.74
C GLN G 378 -14.30 11.07 23.76
N VAL G 379 -15.64 11.04 23.51
CA VAL G 379 -16.20 12.01 22.55
C VAL G 379 -16.13 13.45 23.05
N HIS G 380 -15.77 13.66 24.37
CA HIS G 380 -15.55 15.03 24.86
C HIS G 380 -14.42 15.71 24.06
N LEU G 381 -13.55 14.95 23.40
CA LEU G 381 -12.48 15.53 22.59
C LEU G 381 -13.03 16.25 21.35
N CYS G 382 -14.25 15.94 20.91
CA CYS G 382 -14.83 16.51 19.70
C CYS G 382 -15.75 17.62 20.02
N ARG G 383 -15.51 18.81 19.46
CA ARG G 383 -16.36 19.97 19.75
C ARG G 383 -17.81 19.73 19.43
N GLY G 384 -18.66 20.15 20.35
CA GLY G 384 -20.09 20.08 20.18
C GLY G 384 -20.69 18.73 20.39
N VAL G 385 -19.94 17.76 20.94
CA VAL G 385 -20.51 16.45 21.20
C VAL G 385 -20.83 16.34 22.67
N PHE G 386 -22.13 16.09 22.98
CA PHE G 386 -22.66 15.96 24.33
C PHE G 386 -22.98 14.49 24.53
N PRO G 387 -22.12 13.77 25.26
CA PRO G 387 -22.35 12.32 25.43
C PRO G 387 -23.38 11.98 26.48
N LEU G 388 -24.20 10.97 26.17
CA LEU G 388 -25.21 10.48 27.08
C LEU G 388 -24.99 9.00 27.20
N LEU G 389 -24.75 8.52 28.40
CA LEU G 389 -24.51 7.10 28.64
C LEU G 389 -25.83 6.39 28.93
N TYR G 390 -26.21 5.45 28.07
CA TYR G 390 -27.45 4.72 28.18
C TYR G 390 -27.18 3.40 28.93
N ARG G 391 -27.89 3.20 30.02
CA ARG G 391 -27.73 2.03 30.91
C ARG G 391 -28.97 1.15 31.00
N GLU G 392 -30.02 1.45 30.23
CA GLU G 392 -31.25 0.69 30.31
C GLU G 392 -31.09 -0.73 29.75
N PRO G 393 -31.92 -1.68 30.22
CA PRO G 393 -31.87 -3.03 29.67
C PRO G 393 -32.35 -3.07 28.20
N PRO G 394 -31.86 -4.06 27.44
CA PRO G 394 -32.18 -4.11 26.00
C PRO G 394 -33.62 -4.45 25.67
N GLU G 395 -34.13 -3.84 24.58
CA GLU G 395 -35.45 -4.20 24.07
C GLU G 395 -35.27 -5.43 23.18
N ALA G 396 -36.30 -6.28 23.10
CA ALA G 396 -36.21 -7.48 22.29
C ALA G 396 -36.10 -7.13 20.82
N ILE G 397 -36.86 -6.12 20.38
CA ILE G 397 -36.86 -5.69 18.99
C ILE G 397 -35.88 -4.54 18.80
N TRP G 398 -34.95 -4.72 17.85
CA TRP G 398 -33.92 -3.73 17.58
C TRP G 398 -34.44 -2.31 17.27
N ALA G 399 -35.40 -2.16 16.35
CA ALA G 399 -35.94 -0.85 16.03
C ALA G 399 -36.57 -0.18 17.26
N ASP G 400 -37.13 -0.96 18.22
CA ASP G 400 -37.69 -0.43 19.47
C ASP G 400 -36.59 0.07 20.41
N ASP G 401 -35.49 -0.65 20.45
CA ASP G 401 -34.31 -0.32 21.22
C ASP G 401 -33.65 0.96 20.67
N VAL G 402 -33.66 1.12 19.35
CA VAL G 402 -33.14 2.32 18.71
C VAL G 402 -34.03 3.50 19.06
N ASP G 403 -35.36 3.34 18.98
CA ASP G 403 -36.30 4.41 19.34
C ASP G 403 -36.16 4.79 20.78
N ARG G 404 -35.97 3.83 21.68
CA ARG G 404 -35.82 4.15 23.12
C ARG G 404 -34.60 5.01 23.37
N ARG G 405 -33.52 4.73 22.65
CA ARG G 405 -32.28 5.48 22.75
C ARG G 405 -32.38 6.88 22.19
N VAL G 406 -33.10 7.02 21.08
CA VAL G 406 -33.38 8.35 20.52
C VAL G 406 -34.21 9.18 21.50
N GLN G 407 -35.22 8.57 22.10
CA GLN G 407 -36.09 9.24 23.05
C GLN G 407 -35.37 9.56 24.35
N PHE G 408 -34.39 8.73 24.74
CA PHE G 408 -33.53 9.04 25.90
C PHE G 408 -32.72 10.32 25.59
N GLY G 409 -32.28 10.47 24.34
CA GLY G 409 -31.56 11.68 23.95
C GLY G 409 -32.45 12.91 23.98
N ILE G 410 -33.71 12.75 23.55
CA ILE G 410 -34.71 13.83 23.57
C ILE G 410 -35.05 14.22 25.03
N GLU G 411 -35.34 13.23 25.88
CA GLU G 411 -35.67 13.45 27.28
C GLU G 411 -34.52 14.08 28.05
N SER G 412 -33.28 13.62 27.83
CA SER G 412 -32.13 14.24 28.49
C SER G 412 -31.96 15.70 27.99
N GLY G 413 -32.11 15.91 26.67
CA GLY G 413 -32.01 17.23 26.06
C GLY G 413 -33.04 18.20 26.59
N LYS G 414 -34.27 17.71 26.87
CA LYS G 414 -35.34 18.56 27.41
C LYS G 414 -34.98 18.91 28.85
N LEU G 415 -34.56 17.93 29.64
CA LEU G 415 -34.22 18.15 31.05
C LEU G 415 -33.08 19.17 31.18
N ARG G 416 -32.04 19.05 30.31
CA ARG G 416 -30.85 19.91 30.39
C ARG G 416 -31.02 21.28 29.72
N GLY G 417 -32.13 21.51 29.00
CA GLY G 417 -32.35 22.79 28.35
C GLY G 417 -31.96 22.90 26.89
N PHE G 418 -31.43 21.83 26.29
CA PHE G 418 -31.06 21.81 24.88
C PHE G 418 -32.32 21.88 23.97
N LEU G 419 -33.40 21.22 24.39
CA LEU G 419 -34.60 21.03 23.57
C LEU G 419 -35.84 21.43 24.26
N ARG G 420 -36.84 21.80 23.46
CA ARG G 420 -38.17 22.17 23.90
C ARG G 420 -39.16 21.55 22.91
N VAL G 421 -40.41 21.36 23.33
CA VAL G 421 -41.49 20.91 22.46
C VAL G 421 -41.65 21.92 21.30
N GLY G 422 -41.77 21.44 20.08
CA GLY G 422 -41.83 22.31 18.92
C GLY G 422 -40.50 22.49 18.20
N ASP G 423 -39.39 22.15 18.84
CA ASP G 423 -38.07 22.23 18.18
C ASP G 423 -37.95 21.17 17.09
N LEU G 424 -37.08 21.42 16.11
CA LEU G 424 -36.74 20.41 15.13
C LEU G 424 -35.38 19.84 15.53
N VAL G 425 -35.23 18.53 15.45
CA VAL G 425 -33.97 17.85 15.68
C VAL G 425 -33.68 16.96 14.47
N ILE G 426 -32.41 16.70 14.24
CA ILE G 426 -31.98 15.76 13.21
C ILE G 426 -31.54 14.51 13.96
N VAL G 427 -31.96 13.33 13.55
CA VAL G 427 -31.62 12.09 14.22
C VAL G 427 -30.80 11.22 13.27
N VAL G 428 -29.61 10.79 13.70
CA VAL G 428 -28.69 10.01 12.89
C VAL G 428 -28.52 8.61 13.45
N THR G 429 -28.80 7.60 12.64
CA THR G 429 -28.76 6.18 13.02
C THR G 429 -28.24 5.33 11.84
N GLY G 430 -28.15 4.02 12.02
CA GLY G 430 -27.75 3.11 10.96
C GLY G 430 -28.83 2.10 10.64
N TRP G 431 -28.60 1.26 9.62
CA TRP G 431 -29.63 0.34 9.13
C TRP G 431 -29.67 -1.04 9.81
N ARG G 432 -28.63 -1.37 10.56
CA ARG G 432 -28.52 -2.63 11.27
C ARG G 432 -27.69 -2.39 12.53
N PRO G 433 -27.76 -3.30 13.52
CA PRO G 433 -26.95 -3.13 14.74
C PRO G 433 -25.46 -3.23 14.46
N GLY G 434 -24.67 -2.72 15.38
CA GLY G 434 -23.23 -2.73 15.27
C GLY G 434 -22.66 -1.44 14.73
N SER G 435 -21.47 -1.14 15.15
CA SER G 435 -20.70 0.00 14.70
C SER G 435 -20.40 -0.09 13.20
N GLY G 436 -20.27 1.07 12.53
CA GLY G 436 -19.88 1.15 11.12
C GLY G 436 -20.97 1.20 10.06
N TYR G 437 -22.23 1.23 10.47
CA TYR G 437 -23.35 1.22 9.52
C TYR G 437 -24.25 2.45 9.53
N THR G 438 -23.84 3.60 10.11
CA THR G 438 -24.64 4.82 10.09
C THR G 438 -24.90 5.25 8.64
N ASN G 439 -26.16 5.44 8.28
CA ASN G 439 -26.54 5.79 6.91
C ASN G 439 -27.91 6.44 6.85
N ILE G 440 -28.52 6.82 7.98
CA ILE G 440 -29.86 7.38 8.01
C ILE G 440 -29.85 8.73 8.75
N MET G 441 -30.55 9.69 8.18
CA MET G 441 -30.77 10.97 8.80
C MET G 441 -32.29 11.20 8.78
N ARG G 442 -32.88 11.61 9.90
CA ARG G 442 -34.32 11.87 9.99
C ARG G 442 -34.57 13.24 10.57
N VAL G 443 -35.65 13.91 10.17
CA VAL G 443 -36.04 15.20 10.70
C VAL G 443 -37.20 14.99 11.63
N LEU G 444 -37.03 15.27 12.91
CA LEU G 444 -38.05 15.02 13.89
C LEU G 444 -38.52 16.32 14.57
N SER G 445 -39.82 16.46 14.75
CA SER G 445 -40.38 17.58 15.48
C SER G 445 -40.55 17.10 16.93
N ILE G 446 -40.02 17.82 17.92
CA ILE G 446 -40.10 17.42 19.31
C ILE G 446 -41.53 17.57 19.84
N SER G 447 -42.10 16.49 20.35
CA SER G 447 -43.45 16.50 20.93
C SER G 447 -43.37 16.20 22.44
N GLY H 23 -12.35 5.52 -10.21
CA GLY H 23 -11.52 5.51 -11.41
C GLY H 23 -11.28 6.89 -12.00
N THR H 24 -10.16 7.05 -12.70
CA THR H 24 -9.80 8.30 -13.35
C THR H 24 -10.75 8.64 -14.51
N ALA H 25 -11.25 7.59 -15.19
CA ALA H 25 -12.17 7.76 -16.31
C ALA H 25 -13.47 8.39 -15.85
N PHE H 26 -13.96 8.02 -14.65
CA PHE H 26 -15.18 8.56 -14.07
C PHE H 26 -15.06 10.07 -13.92
N PHE H 27 -13.91 10.55 -13.43
CA PHE H 27 -13.67 11.96 -13.17
C PHE H 27 -13.35 12.80 -14.41
N GLN H 28 -13.27 12.18 -15.58
CA GLN H 28 -13.08 12.91 -16.83
C GLN H 28 -14.41 13.16 -17.57
N GLN H 29 -15.44 12.31 -17.31
CA GLN H 29 -16.77 12.41 -17.87
C GLN H 29 -17.62 13.49 -17.17
N GLN H 30 -18.80 13.81 -17.75
CA GLN H 30 -19.84 14.74 -17.28
C GLN H 30 -19.31 16.08 -16.77
N GLN H 31 -18.27 16.60 -17.46
CA GLN H 31 -17.63 17.88 -17.13
C GLN H 31 -17.18 17.97 -15.69
N LEU H 32 -16.76 16.83 -15.08
CA LEU H 32 -16.31 16.82 -13.70
C LEU H 32 -15.05 17.68 -13.49
N PRO H 33 -14.06 17.77 -14.40
CA PRO H 33 -12.96 18.74 -14.19
C PRO H 33 -13.48 20.18 -14.09
N ALA H 34 -14.45 20.59 -14.95
CA ALA H 34 -15.03 21.93 -14.90
C ALA H 34 -15.88 22.13 -13.61
N ALA H 35 -16.49 21.04 -13.12
CA ALA H 35 -17.29 21.06 -11.90
C ALA H 35 -16.48 21.35 -10.67
N MET H 36 -15.21 20.91 -10.64
CA MET H 36 -14.35 21.13 -9.47
C MET H 36 -13.68 22.51 -9.44
N ALA H 37 -13.85 23.34 -10.48
CA ALA H 37 -13.19 24.64 -10.55
C ALA H 37 -13.57 25.58 -9.42
N ASP H 38 -12.63 26.45 -9.02
CA ASP H 38 -12.86 27.38 -7.91
C ASP H 38 -13.54 28.68 -8.32
N THR H 39 -13.59 28.99 -9.63
CA THR H 39 -14.30 30.16 -10.10
C THR H 39 -15.14 29.78 -11.34
N PHE H 40 -16.16 30.58 -11.64
CA PHE H 40 -16.98 30.39 -12.83
C PHE H 40 -16.12 30.53 -14.10
N LEU H 41 -15.19 31.49 -14.11
CA LEU H 41 -14.28 31.68 -15.24
C LEU H 41 -13.41 30.44 -15.48
N GLU H 42 -12.83 29.86 -14.42
CA GLU H 42 -12.02 28.64 -14.56
C GLU H 42 -12.91 27.45 -14.97
N HIS H 43 -14.16 27.42 -14.51
CA HIS H 43 -15.13 26.40 -14.90
C HIS H 43 -15.36 26.43 -16.40
N LEU H 44 -15.53 27.64 -16.97
CA LEU H 44 -15.72 27.77 -18.43
C LEU H 44 -14.47 27.29 -19.16
N CYS H 45 -13.28 27.69 -18.68
CA CYS H 45 -11.99 27.31 -19.28
C CYS H 45 -11.78 25.81 -19.28
N LEU H 46 -12.42 25.07 -18.35
CA LEU H 46 -12.26 23.63 -18.23
C LEU H 46 -13.33 22.80 -18.96
N LEU H 47 -14.31 23.45 -19.61
CA LEU H 47 -15.33 22.73 -20.37
C LEU H 47 -14.65 22.00 -21.53
N ASP H 48 -15.01 20.74 -21.71
CA ASP H 48 -14.34 19.86 -22.64
C ASP H 48 -15.33 19.17 -23.56
N ILE H 49 -15.19 19.35 -24.88
CA ILE H 49 -16.07 18.66 -25.86
C ILE H 49 -15.88 17.13 -25.86
N ASP H 50 -14.78 16.62 -25.28
CA ASP H 50 -14.56 15.19 -25.18
C ASP H 50 -15.08 14.60 -23.89
N SER H 51 -15.59 15.42 -22.95
CA SER H 51 -16.12 14.92 -21.70
C SER H 51 -17.57 14.55 -21.96
N GLU H 52 -17.86 13.25 -22.05
CA GLU H 52 -19.18 12.79 -22.41
C GLU H 52 -20.20 12.84 -21.28
N PRO H 53 -21.45 13.24 -21.60
CA PRO H 53 -22.48 13.26 -20.56
C PRO H 53 -22.82 11.82 -20.16
N VAL H 54 -23.03 11.58 -18.87
CA VAL H 54 -23.32 10.24 -18.36
C VAL H 54 -24.72 10.20 -17.77
N ALA H 55 -25.09 11.23 -17.02
CA ALA H 55 -26.38 11.34 -16.38
C ALA H 55 -27.51 11.39 -17.40
N ALA H 56 -28.69 10.93 -16.97
CA ALA H 56 -29.89 11.00 -17.78
C ALA H 56 -30.27 12.49 -17.95
N ARG H 57 -30.86 12.82 -19.12
CA ARG H 57 -31.29 14.16 -19.45
C ARG H 57 -32.37 14.60 -18.50
N SER H 58 -32.18 15.73 -17.84
CA SER H 58 -33.06 16.18 -16.78
C SER H 58 -34.05 17.30 -17.13
N THR H 59 -33.79 18.08 -18.19
CA THR H 59 -34.74 19.12 -18.62
C THR H 59 -35.84 18.49 -19.44
N SER H 60 -37.13 18.67 -19.08
CA SER H 60 -38.21 18.05 -19.82
C SER H 60 -38.46 18.70 -21.14
N ILE H 61 -38.89 17.88 -22.10
CA ILE H 61 -39.22 18.38 -23.41
C ILE H 61 -40.73 18.42 -23.57
N ILE H 62 -41.25 19.56 -23.95
CA ILE H 62 -42.67 19.72 -24.23
C ILE H 62 -42.81 19.76 -25.75
N ALA H 63 -43.59 18.84 -26.33
CA ALA H 63 -43.79 18.84 -27.79
C ALA H 63 -45.26 19.21 -28.07
N THR H 64 -45.49 20.21 -28.94
CA THR H 64 -46.83 20.60 -29.36
C THR H 64 -47.31 19.60 -30.38
N ILE H 65 -48.53 19.06 -30.17
CA ILE H 65 -49.13 18.06 -30.99
C ILE H 65 -49.88 18.77 -32.13
N GLY H 66 -49.74 18.24 -33.32
CA GLY H 66 -50.45 18.74 -34.47
C GLY H 66 -50.43 17.71 -35.56
N PRO H 67 -50.74 18.15 -36.80
CA PRO H 67 -50.75 17.20 -37.94
C PRO H 67 -49.46 16.43 -38.15
N ALA H 68 -48.31 16.99 -37.75
CA ALA H 68 -47.04 16.27 -37.92
C ALA H 68 -46.79 15.21 -36.83
N SER H 69 -47.57 15.21 -35.76
CA SER H 69 -47.28 14.38 -34.60
C SER H 69 -48.51 13.75 -33.95
N ARG H 70 -49.57 13.59 -34.69
CA ARG H 70 -50.80 13.00 -34.13
C ARG H 70 -50.88 11.50 -34.33
N SER H 71 -50.15 10.96 -35.29
CA SER H 71 -50.14 9.52 -35.54
C SER H 71 -49.72 8.74 -34.27
N VAL H 72 -50.45 7.66 -33.89
CA VAL H 72 -50.10 6.86 -32.72
C VAL H 72 -48.69 6.27 -32.88
N GLU H 73 -48.33 5.84 -34.11
CA GLU H 73 -47.00 5.29 -34.37
C GLU H 73 -45.92 6.34 -34.29
N ARG H 74 -46.21 7.58 -34.72
CA ARG H 74 -45.20 8.64 -34.59
C ARG H 74 -45.09 9.11 -33.11
N LEU H 75 -46.21 9.15 -32.39
CA LEU H 75 -46.20 9.50 -30.98
C LEU H 75 -45.35 8.51 -30.17
N LYS H 76 -45.33 7.23 -30.56
CA LYS H 76 -44.48 6.22 -29.89
C LYS H 76 -43.04 6.56 -30.12
N GLU H 77 -42.68 6.97 -31.35
CA GLU H 77 -41.31 7.37 -31.65
C GLU H 77 -40.91 8.67 -30.90
N MET H 78 -41.83 9.59 -30.71
CA MET H 78 -41.54 10.84 -29.99
CA MET H 78 -41.55 10.84 -29.99
C MET H 78 -41.34 10.58 -28.50
N ILE H 79 -42.08 9.61 -27.93
CA ILE H 79 -41.93 9.22 -26.54
C ILE H 79 -40.55 8.59 -26.36
N LYS H 80 -40.15 7.71 -27.28
CA LYS H 80 -38.82 7.08 -27.24
C LYS H 80 -37.69 8.09 -27.42
N ALA H 81 -37.92 9.13 -28.25
CA ALA H 81 -36.94 10.21 -28.49
C ALA H 81 -36.77 11.15 -27.27
N GLY H 82 -37.77 11.17 -26.37
CA GLY H 82 -37.66 11.99 -25.17
C GLY H 82 -38.79 12.94 -24.82
N MET H 83 -39.92 12.92 -25.57
CA MET H 83 -41.03 13.83 -25.27
C MET H 83 -41.63 13.47 -23.89
N ASN H 84 -41.74 14.45 -23.00
CA ASN H 84 -42.28 14.21 -21.67
C ASN H 84 -43.67 14.80 -21.48
N ILE H 85 -43.96 15.90 -22.18
CA ILE H 85 -45.24 16.61 -22.07
C ILE H 85 -45.75 16.87 -23.47
N ALA H 86 -47.01 16.55 -23.72
CA ALA H 86 -47.69 16.77 -25.00
C ALA H 86 -48.55 18.03 -24.81
N ARG H 87 -48.27 19.07 -25.59
CA ARG H 87 -49.01 20.31 -25.51
C ARG H 87 -50.10 20.36 -26.60
N LEU H 88 -51.32 20.73 -26.21
CA LEU H 88 -52.47 20.89 -27.11
C LEU H 88 -52.74 22.36 -27.17
N ASN H 89 -52.50 22.99 -28.32
CA ASN H 89 -52.69 24.42 -28.48
C ASN H 89 -54.13 24.72 -28.89
N PHE H 90 -54.93 25.22 -27.95
CA PHE H 90 -56.34 25.52 -28.22
C PHE H 90 -56.54 26.81 -29.05
N SER H 91 -55.44 27.42 -29.55
CA SER H 91 -55.55 28.53 -30.50
C SER H 91 -55.93 27.97 -31.89
N HIS H 92 -55.73 26.66 -32.13
CA HIS H 92 -56.05 25.98 -33.39
C HIS H 92 -56.94 24.75 -33.09
N GLY H 93 -57.60 24.27 -34.10
CA GLY H 93 -58.40 23.07 -33.99
C GLY H 93 -59.70 23.29 -33.25
N SER H 94 -60.31 22.21 -32.93
CA SER H 94 -61.60 22.20 -32.26
C SER H 94 -61.55 21.22 -31.09
N HIS H 95 -62.62 21.17 -30.28
CA HIS H 95 -62.69 20.21 -29.17
C HIS H 95 -62.58 18.78 -29.68
N GLU H 96 -63.21 18.48 -30.83
CA GLU H 96 -63.15 17.15 -31.41
C GLU H 96 -61.72 16.82 -31.83
N TYR H 97 -61.02 17.77 -32.44
CA TYR H 97 -59.65 17.57 -32.88
C TYR H 97 -58.75 17.29 -31.65
N HIS H 98 -58.84 18.12 -30.62
CA HIS H 98 -58.02 17.94 -29.43
C HIS H 98 -58.36 16.69 -28.62
N ALA H 99 -59.62 16.25 -28.63
CA ALA H 99 -59.99 15.00 -27.95
C ALA H 99 -59.33 13.81 -28.66
N GLU H 100 -59.25 13.86 -30.01
CA GLU H 100 -58.58 12.84 -30.81
C GLU H 100 -57.10 12.85 -30.49
N SER H 101 -56.50 14.05 -30.34
CA SER H 101 -55.08 14.20 -30.00
C SER H 101 -54.79 13.53 -28.66
N ILE H 102 -55.61 13.80 -27.68
CA ILE H 102 -55.45 13.24 -26.35
C ILE H 102 -55.55 11.72 -26.37
N ALA H 103 -56.55 11.19 -27.08
CA ALA H 103 -56.75 9.73 -27.21
C ALA H 103 -55.55 9.07 -27.90
N ASN H 104 -54.98 9.73 -28.92
CA ASN H 104 -53.80 9.19 -29.62
C ASN H 104 -52.58 9.23 -28.72
N VAL H 105 -52.38 10.32 -27.97
CA VAL H 105 -51.26 10.39 -27.03
C VAL H 105 -51.39 9.27 -25.98
N ARG H 106 -52.54 9.15 -25.34
CA ARG H 106 -52.78 8.11 -24.35
C ARG H 106 -52.59 6.71 -24.91
N GLU H 107 -53.03 6.44 -26.16
CA GLU H 107 -52.82 5.12 -26.75
C GLU H 107 -51.33 4.85 -26.97
N ALA H 108 -50.56 5.84 -27.44
CA ALA H 108 -49.13 5.65 -27.65
C ALA H 108 -48.42 5.45 -26.27
N VAL H 109 -48.81 6.23 -25.25
CA VAL H 109 -48.19 6.13 -23.93
C VAL H 109 -48.49 4.77 -23.30
N GLU H 110 -49.75 4.35 -23.34
CA GLU H 110 -50.16 3.07 -22.73
C GLU H 110 -49.72 1.84 -23.48
N SER H 111 -49.17 2.00 -24.69
CA SER H 111 -48.65 0.86 -25.43
C SER H 111 -47.38 0.30 -24.79
N PHE H 112 -46.73 1.06 -23.89
CA PHE H 112 -45.55 0.66 -23.15
C PHE H 112 -45.86 0.19 -21.71
N ALA H 113 -47.11 0.29 -21.25
CA ALA H 113 -47.52 -0.10 -19.89
C ALA H 113 -47.26 -1.57 -19.55
N GLY H 114 -47.27 -2.45 -20.57
CA GLY H 114 -47.03 -3.87 -20.39
C GLY H 114 -45.67 -4.18 -19.80
N SER H 115 -44.71 -3.24 -19.90
CA SER H 115 -43.37 -3.38 -19.31
C SER H 115 -43.22 -2.25 -18.24
N PRO H 116 -43.70 -2.50 -17.02
CA PRO H 116 -43.68 -1.45 -15.98
C PRO H 116 -42.34 -0.84 -15.61
N LEU H 117 -41.24 -1.56 -15.73
CA LEU H 117 -39.91 -1.04 -15.37
C LEU H 117 -39.34 -0.01 -16.34
N SER H 118 -39.90 0.09 -17.55
CA SER H 118 -39.42 1.05 -18.55
C SER H 118 -40.52 2.04 -19.00
N TYR H 119 -41.79 1.85 -18.54
CA TYR H 119 -42.92 2.71 -18.85
C TYR H 119 -42.61 4.18 -18.53
N ARG H 120 -42.87 5.06 -19.51
CA ARG H 120 -42.64 6.49 -19.30
C ARG H 120 -43.94 7.25 -19.28
N PRO H 121 -44.28 7.86 -18.13
CA PRO H 121 -45.46 8.74 -18.10
C PRO H 121 -45.26 9.94 -19.04
N VAL H 122 -46.35 10.46 -19.62
CA VAL H 122 -46.32 11.63 -20.48
C VAL H 122 -47.45 12.54 -20.07
N ALA H 123 -47.13 13.78 -19.66
CA ALA H 123 -48.20 14.70 -19.27
C ALA H 123 -48.93 15.24 -20.51
N ILE H 124 -50.19 15.72 -20.31
CA ILE H 124 -51.03 16.37 -21.32
C ILE H 124 -51.31 17.77 -20.80
N ALA H 125 -50.86 18.77 -21.55
CA ALA H 125 -51.03 20.16 -21.19
C ALA H 125 -51.95 20.85 -22.18
N LEU H 126 -52.88 21.67 -21.68
CA LEU H 126 -53.79 22.41 -22.53
C LEU H 126 -53.29 23.85 -22.55
N ASP H 127 -53.01 24.41 -23.74
CA ASP H 127 -52.54 25.78 -23.87
C ASP H 127 -53.75 26.58 -24.38
N THR H 128 -54.23 27.54 -23.58
CA THR H 128 -55.41 28.30 -23.93
C THR H 128 -55.21 29.32 -25.06
N LYS H 129 -56.32 29.67 -25.73
CA LYS H 129 -56.30 30.66 -26.79
C LYS H 129 -55.93 32.03 -26.22
N GLY H 130 -56.46 32.37 -25.07
CA GLY H 130 -56.17 33.65 -24.44
C GLY H 130 -57.34 34.60 -24.43
N PRO H 131 -57.17 35.79 -23.77
CA PRO H 131 -58.27 36.73 -23.61
C PRO H 131 -58.51 37.60 -24.86
N GLY H 132 -57.53 37.65 -25.76
CA GLY H 132 -57.67 38.52 -26.95
C GLY H 132 -57.83 39.97 -26.56
N SER H 133 -58.84 40.65 -27.12
CA SER H 133 -59.06 42.09 -26.89
C SER H 133 -59.78 42.32 -25.57
N GLY H 134 -60.14 41.24 -24.88
CA GLY H 134 -60.93 41.38 -23.65
C GLY H 134 -60.09 41.63 -22.42
N PRO H 135 -60.72 42.09 -21.32
CA PRO H 135 -60.04 42.42 -20.07
C PRO H 135 -59.58 41.19 -19.27
N GLY H 136 -60.31 40.08 -19.40
CA GLY H 136 -60.01 38.88 -18.59
C GLY H 136 -60.35 37.57 -19.27
N LEU H 137 -60.82 36.59 -18.48
CA LEU H 137 -61.04 35.22 -19.04
C LEU H 137 -62.14 35.24 -20.09
N SER H 138 -61.80 34.85 -21.30
CA SER H 138 -62.74 34.80 -22.42
C SER H 138 -63.73 33.65 -22.29
N GLU H 139 -64.86 33.74 -23.00
CA GLU H 139 -65.87 32.67 -22.95
C GLU H 139 -65.36 31.39 -23.61
N GLN H 140 -64.53 31.52 -24.65
CA GLN H 140 -63.95 30.34 -25.29
C GLN H 140 -62.97 29.65 -24.30
N ASP H 141 -62.19 30.42 -23.55
CA ASP H 141 -61.29 29.85 -22.55
C ASP H 141 -62.08 29.12 -21.47
N VAL H 142 -63.24 29.64 -21.03
CA VAL H 142 -64.07 28.95 -20.05
C VAL H 142 -64.50 27.57 -20.56
N ARG H 143 -64.90 27.49 -21.83
CA ARG H 143 -65.32 26.23 -22.43
C ARG H 143 -64.15 25.28 -22.62
N ASP H 144 -62.99 25.79 -23.08
CA ASP H 144 -61.79 24.99 -23.28
C ASP H 144 -61.26 24.45 -21.95
N LEU H 145 -61.32 25.24 -20.88
CA LEU H 145 -60.89 24.81 -19.56
C LEU H 145 -61.81 23.72 -19.03
N ARG H 146 -63.13 23.86 -19.27
CA ARG H 146 -64.10 22.83 -18.87
C ARG H 146 -63.81 21.52 -19.65
N PHE H 147 -63.43 21.64 -20.94
CA PHE H 147 -63.05 20.48 -21.77
C PHE H 147 -61.81 19.80 -21.15
N GLY H 148 -60.83 20.59 -20.72
CA GLY H 148 -59.60 20.06 -20.11
C GLY H 148 -59.88 19.24 -18.88
N VAL H 149 -60.72 19.76 -17.97
CA VAL H 149 -61.12 19.04 -16.77
C VAL H 149 -61.83 17.73 -17.12
N GLU H 150 -62.80 17.78 -18.06
CA GLU H 150 -63.54 16.60 -18.48
C GLU H 150 -62.67 15.56 -19.14
N HIS H 151 -61.61 15.98 -19.84
CA HIS H 151 -60.71 15.05 -20.49
C HIS H 151 -59.47 14.69 -19.64
N GLY H 152 -59.40 15.19 -18.40
CA GLY H 152 -58.32 14.84 -17.48
C GLY H 152 -56.93 15.35 -17.85
N VAL H 153 -56.84 16.60 -18.36
CA VAL H 153 -55.51 17.17 -18.65
C VAL H 153 -54.77 17.39 -17.32
N ASP H 154 -53.45 17.35 -17.38
CA ASP H 154 -52.62 17.49 -16.18
C ASP H 154 -52.23 18.92 -15.90
N ILE H 155 -52.05 19.72 -16.96
CA ILE H 155 -51.52 21.05 -16.86
C ILE H 155 -52.31 22.01 -17.74
N VAL H 156 -52.39 23.26 -17.32
CA VAL H 156 -52.93 24.31 -18.15
C VAL H 156 -51.81 25.35 -18.36
N PHE H 157 -51.49 25.68 -19.60
CA PHE H 157 -50.57 26.76 -19.91
C PHE H 157 -51.54 27.91 -20.20
N ALA H 158 -51.72 28.82 -19.24
CA ALA H 158 -52.66 29.94 -19.39
C ALA H 158 -52.05 31.09 -20.17
N SER H 159 -52.57 31.35 -21.38
CA SER H 159 -52.08 32.42 -22.25
C SER H 159 -52.37 33.81 -21.69
N PHE H 160 -51.46 34.72 -21.97
CA PHE H 160 -51.51 36.14 -21.64
C PHE H 160 -51.92 36.44 -20.19
N VAL H 161 -51.23 35.85 -19.21
CA VAL H 161 -51.51 36.13 -17.81
C VAL H 161 -50.88 37.48 -17.49
N ARG H 162 -51.69 38.44 -17.01
CA ARG H 162 -51.21 39.79 -16.75
C ARG H 162 -51.22 40.19 -15.27
N LYS H 163 -51.93 39.43 -14.42
CA LYS H 163 -52.06 39.75 -13.01
C LYS H 163 -52.56 38.52 -12.25
N ALA H 164 -52.48 38.53 -10.92
CA ALA H 164 -52.91 37.42 -10.10
C ALA H 164 -54.37 37.04 -10.30
N SER H 165 -55.25 38.01 -10.56
CA SER H 165 -56.67 37.73 -10.75
C SER H 165 -56.95 36.92 -12.01
N ASP H 166 -56.05 36.98 -13.02
CA ASP H 166 -56.19 36.14 -14.23
C ASP H 166 -56.01 34.68 -13.87
N VAL H 167 -55.08 34.37 -12.94
CA VAL H 167 -54.83 33.01 -12.49
C VAL H 167 -56.03 32.51 -11.69
N ALA H 168 -56.58 33.35 -10.82
CA ALA H 168 -57.76 32.99 -10.00
C ALA H 168 -58.94 32.68 -10.90
N ALA H 169 -59.13 33.43 -11.99
CA ALA H 169 -60.20 33.17 -12.95
C ALA H 169 -60.03 31.81 -13.63
N VAL H 170 -58.77 31.45 -14.00
CA VAL H 170 -58.49 30.14 -14.63
C VAL H 170 -58.77 29.04 -13.62
N ARG H 171 -58.37 29.23 -12.36
N ARG H 171 -58.36 29.23 -12.36
CA ARG H 171 -58.58 28.28 -11.28
CA ARG H 171 -58.58 28.25 -11.31
C ARG H 171 -60.08 28.05 -11.04
C ARG H 171 -60.09 28.05 -11.06
N ALA H 172 -60.87 29.13 -11.07
CA ALA H 172 -62.33 29.04 -10.90
C ALA H 172 -62.97 28.31 -12.07
N ALA H 173 -62.54 28.59 -13.32
CA ALA H 173 -63.07 27.90 -14.50
C ALA H 173 -62.75 26.41 -14.53
N LEU H 174 -61.68 25.98 -13.85
CA LEU H 174 -61.36 24.56 -13.72
C LEU H 174 -62.37 23.84 -12.79
N GLY H 175 -62.99 24.58 -11.85
CA GLY H 175 -64.02 24.05 -10.97
C GLY H 175 -63.52 23.18 -9.84
N PRO H 176 -64.45 22.55 -9.10
CA PRO H 176 -64.03 21.68 -7.98
C PRO H 176 -63.39 20.38 -8.44
N GLU H 177 -63.63 19.95 -9.67
CA GLU H 177 -63.05 18.72 -10.19
C GLU H 177 -61.60 18.93 -10.77
N GLY H 178 -61.20 20.17 -11.00
CA GLY H 178 -59.87 20.46 -11.54
C GLY H 178 -58.90 21.08 -10.57
N HIS H 179 -59.09 20.84 -9.26
CA HIS H 179 -58.20 21.38 -8.21
CA HIS H 179 -58.20 21.39 -8.23
C HIS H 179 -56.77 20.86 -8.33
N GLY H 180 -56.60 19.64 -8.86
CA GLY H 180 -55.28 19.03 -8.98
C GLY H 180 -54.48 19.41 -10.22
N ILE H 181 -55.11 20.14 -11.16
CA ILE H 181 -54.45 20.54 -12.41
C ILE H 181 -53.44 21.64 -12.14
N LYS H 182 -52.22 21.55 -12.72
CA LYS H 182 -51.22 22.58 -12.51
C LYS H 182 -51.46 23.76 -13.43
N ILE H 183 -51.40 24.98 -12.91
CA ILE H 183 -51.56 26.17 -13.74
C ILE H 183 -50.20 26.81 -13.95
N ILE H 184 -49.73 26.82 -15.19
CA ILE H 184 -48.47 27.44 -15.58
C ILE H 184 -48.86 28.71 -16.28
N SER H 185 -48.56 29.87 -15.69
CA SER H 185 -48.92 31.13 -16.30
C SER H 185 -47.94 31.52 -17.39
N LYS H 186 -48.46 31.82 -18.59
CA LYS H 186 -47.61 32.27 -19.68
C LYS H 186 -47.42 33.79 -19.57
N ILE H 187 -46.16 34.25 -19.57
CA ILE H 187 -45.86 35.68 -19.49
C ILE H 187 -45.54 36.08 -20.89
N GLU H 188 -46.44 36.88 -21.50
CA GLU H 188 -46.33 37.22 -22.92
C GLU H 188 -46.30 38.71 -23.23
N ASN H 189 -46.34 39.57 -22.23
CA ASN H 189 -46.36 41.02 -22.50
C ASN H 189 -45.73 41.80 -21.35
N HIS H 190 -45.63 43.13 -21.50
CA HIS H 190 -45.01 43.99 -20.51
C HIS H 190 -45.68 43.90 -19.16
N GLU H 191 -47.01 43.94 -19.10
CA GLU H 191 -47.73 43.87 -17.83
C GLU H 191 -47.43 42.58 -17.05
N GLY H 192 -47.39 41.45 -17.76
CA GLY H 192 -47.07 40.18 -17.14
C GLY H 192 -45.68 40.17 -16.53
N VAL H 193 -44.70 40.80 -17.20
CA VAL H 193 -43.33 40.89 -16.69
C VAL H 193 -43.29 41.80 -15.47
N LYS H 194 -43.98 42.94 -15.53
CA LYS H 194 -44.00 43.88 -14.40
C LYS H 194 -44.76 43.37 -13.19
N ARG H 195 -45.81 42.60 -13.41
CA ARG H 195 -46.55 41.98 -12.31
C ARG H 195 -46.14 40.56 -12.06
N PHE H 196 -44.94 40.15 -12.51
CA PHE H 196 -44.40 38.78 -12.36
C PHE H 196 -44.50 38.21 -10.96
N ASP H 197 -44.05 38.96 -9.94
CA ASP H 197 -44.06 38.42 -8.57
C ASP H 197 -45.43 38.03 -8.07
N GLU H 198 -46.45 38.85 -8.33
CA GLU H 198 -47.81 38.52 -7.91
C GLU H 198 -48.38 37.33 -8.70
N ILE H 199 -47.96 37.16 -9.96
CA ILE H 199 -48.41 36.05 -10.80
C ILE H 199 -47.76 34.74 -10.34
N LEU H 200 -46.43 34.75 -10.11
CA LEU H 200 -45.71 33.56 -9.68
C LEU H 200 -46.24 33.07 -8.34
N GLU H 201 -46.55 34.00 -7.43
CA GLU H 201 -47.07 33.66 -6.11
C GLU H 201 -48.30 32.77 -6.14
N VAL H 202 -49.22 33.01 -7.08
CA VAL H 202 -50.44 32.21 -7.16
C VAL H 202 -50.42 31.12 -8.25
N SER H 203 -49.33 31.03 -9.03
CA SER H 203 -49.25 30.02 -10.10
C SER H 203 -48.44 28.84 -9.63
N ASP H 204 -48.58 27.71 -10.30
CA ASP H 204 -47.73 26.57 -10.05
C ASP H 204 -46.36 26.73 -10.75
N GLY H 205 -46.30 27.54 -11.79
CA GLY H 205 -45.08 27.77 -12.56
C GLY H 205 -45.30 28.80 -13.64
N ILE H 206 -44.24 29.02 -14.45
CA ILE H 206 -44.25 30.05 -15.50
C ILE H 206 -43.76 29.53 -16.86
N MET H 207 -44.32 30.04 -17.95
CA MET H 207 -43.77 29.78 -19.27
C MET H 207 -43.31 31.16 -19.80
N VAL H 208 -42.03 31.30 -20.19
CA VAL H 208 -41.54 32.49 -20.85
C VAL H 208 -42.00 32.30 -22.33
N ALA H 209 -43.12 32.90 -22.70
CA ALA H 209 -43.70 32.78 -24.02
C ALA H 209 -43.07 33.83 -24.93
N ARG H 210 -41.90 33.51 -25.50
CA ARG H 210 -41.07 34.43 -26.26
C ARG H 210 -41.67 34.93 -27.57
N GLY H 211 -42.60 34.17 -28.16
CA GLY H 211 -43.25 34.59 -29.41
C GLY H 211 -43.97 35.92 -29.25
N ASP H 212 -44.99 35.94 -28.38
CA ASP H 212 -45.72 37.17 -28.12
C ASP H 212 -44.87 38.17 -27.39
N LEU H 213 -44.05 37.72 -26.42
CA LEU H 213 -43.18 38.63 -25.68
C LEU H 213 -42.26 39.44 -26.61
N GLY H 214 -41.73 38.80 -27.66
CA GLY H 214 -40.88 39.44 -28.65
C GLY H 214 -41.56 40.43 -29.57
N ILE H 215 -42.90 40.47 -29.55
CA ILE H 215 -43.65 41.47 -30.28
C ILE H 215 -44.27 42.52 -29.33
N GLU H 216 -44.53 42.16 -28.09
CA GLU H 216 -45.07 43.05 -27.08
C GLU H 216 -44.02 43.99 -26.50
N ILE H 217 -42.78 43.51 -26.39
CA ILE H 217 -41.66 44.31 -25.89
C ILE H 217 -40.56 44.27 -26.99
N PRO H 218 -39.57 45.18 -26.98
CA PRO H 218 -38.50 45.12 -27.99
C PRO H 218 -37.84 43.74 -28.02
N ALA H 219 -37.63 43.19 -29.21
CA ALA H 219 -37.06 41.86 -29.37
C ALA H 219 -35.73 41.68 -28.65
N GLU H 220 -34.91 42.73 -28.62
CA GLU H 220 -33.60 42.72 -27.98
C GLU H 220 -33.67 42.70 -26.45
N LYS H 221 -34.87 42.82 -25.86
CA LYS H 221 -35.03 42.78 -24.40
C LYS H 221 -35.56 41.41 -23.90
N VAL H 222 -36.02 40.52 -24.81
CA VAL H 222 -36.59 39.25 -24.39
C VAL H 222 -35.64 38.42 -23.53
N PHE H 223 -34.34 38.38 -23.86
CA PHE H 223 -33.38 37.62 -23.05
C PHE H 223 -33.31 38.10 -21.59
N LEU H 224 -33.54 39.40 -21.32
CA LEU H 224 -33.53 39.92 -19.96
C LEU H 224 -34.74 39.39 -19.21
N ALA H 225 -35.94 39.38 -19.85
CA ALA H 225 -37.16 38.88 -19.25
C ALA H 225 -37.02 37.38 -19.01
N GLN H 226 -36.45 36.62 -19.97
CA GLN H 226 -36.25 35.20 -19.82
C GLN H 226 -35.33 34.90 -18.64
N LYS H 227 -34.16 35.55 -18.56
CA LYS H 227 -33.19 35.29 -17.50
C LYS H 227 -33.72 35.68 -16.13
N MET H 228 -34.44 36.80 -16.07
CA MET H 228 -35.05 37.27 -14.81
C MET H 228 -36.10 36.26 -14.32
N MET H 229 -37.02 35.84 -15.20
CA MET H 229 -38.10 34.95 -14.79
C MET H 229 -37.59 33.56 -14.43
N ILE H 230 -36.58 33.07 -15.13
CA ILE H 230 -36.00 31.77 -14.81
C ILE H 230 -35.31 31.86 -13.43
N GLY H 231 -34.54 32.92 -13.20
CA GLY H 231 -33.87 33.14 -11.92
C GLY H 231 -34.85 33.20 -10.77
N ARG H 232 -35.96 33.95 -10.93
CA ARG H 232 -36.97 34.09 -9.89
C ARG H 232 -37.75 32.79 -9.65
N CYS H 233 -38.00 32.00 -10.70
CA CYS H 233 -38.65 30.72 -10.53
C CYS H 233 -37.71 29.75 -9.82
N ASN H 234 -36.43 29.77 -10.15
CA ASN H 234 -35.43 28.91 -9.49
C ASN H 234 -35.37 29.27 -7.99
N LEU H 235 -35.40 30.55 -7.67
CA LEU H 235 -35.39 31.02 -6.30
C LEU H 235 -36.66 30.58 -5.55
N ALA H 236 -37.82 30.66 -6.20
CA ALA H 236 -39.09 30.24 -5.62
C ALA H 236 -39.30 28.72 -5.61
N GLY H 237 -38.47 27.96 -6.31
CA GLY H 237 -38.62 26.51 -6.40
C GLY H 237 -39.84 26.10 -7.20
N LYS H 238 -40.18 26.88 -8.22
CA LYS H 238 -41.34 26.59 -9.08
C LYS H 238 -40.91 26.39 -10.52
N PRO H 239 -41.56 25.45 -11.24
CA PRO H 239 -41.15 25.19 -12.64
C PRO H 239 -41.21 26.38 -13.59
N VAL H 240 -40.19 26.48 -14.48
CA VAL H 240 -40.19 27.51 -15.50
C VAL H 240 -39.91 26.86 -16.86
N VAL H 241 -40.74 27.19 -17.88
CA VAL H 241 -40.61 26.65 -19.23
C VAL H 241 -40.03 27.72 -20.15
N CYS H 242 -39.04 27.39 -20.98
CA CYS H 242 -38.57 28.31 -21.98
C CYS H 242 -39.26 27.87 -23.29
N ALA H 243 -39.93 28.78 -23.98
CA ALA H 243 -40.69 28.42 -25.17
C ALA H 243 -40.45 29.31 -26.39
N THR H 244 -40.74 28.76 -27.59
CA THR H 244 -40.89 29.40 -28.89
C THR H 244 -39.62 29.70 -29.67
N GLN H 245 -39.56 29.12 -30.89
CA GLN H 245 -38.52 29.28 -31.90
C GLN H 245 -37.16 28.78 -31.46
N MET H 246 -37.11 27.82 -30.51
CA MET H 246 -35.86 27.25 -30.03
C MET H 246 -35.12 26.52 -31.14
N LEU H 247 -35.85 25.78 -32.00
CA LEU H 247 -35.25 25.05 -33.13
C LEU H 247 -36.09 25.33 -34.39
N GLU H 248 -36.52 26.57 -34.58
CA GLU H 248 -37.41 27.01 -35.66
C GLU H 248 -37.05 26.49 -37.06
N SER H 249 -35.77 26.54 -37.43
CA SER H 249 -35.35 26.11 -38.75
C SER H 249 -35.60 24.61 -38.97
N MET H 250 -35.70 23.79 -37.90
CA MET H 250 -35.99 22.36 -38.05
C MET H 250 -37.43 22.05 -38.46
N ILE H 251 -38.29 23.08 -38.64
CA ILE H 251 -39.62 22.85 -39.20
C ILE H 251 -39.42 22.38 -40.69
N THR H 252 -38.42 22.95 -41.40
CA THR H 252 -38.19 22.63 -42.79
C THR H 252 -36.84 21.98 -43.04
N LYS H 253 -35.86 22.09 -42.11
CA LYS H 253 -34.51 21.55 -42.31
C LYS H 253 -34.13 20.45 -41.32
N PRO H 254 -33.29 19.47 -41.76
CA PRO H 254 -32.95 18.35 -40.87
C PRO H 254 -32.07 18.70 -39.67
N ARG H 255 -31.28 19.79 -39.79
CA ARG H 255 -30.35 20.21 -38.73
C ARG H 255 -30.64 21.65 -38.34
N PRO H 256 -30.47 21.99 -37.06
CA PRO H 256 -30.73 23.39 -36.65
C PRO H 256 -29.56 24.33 -36.92
N THR H 257 -29.78 25.64 -36.75
CA THR H 257 -28.72 26.61 -36.95
C THR H 257 -27.85 26.66 -35.68
N ARG H 258 -26.69 27.31 -35.75
CA ARG H 258 -25.80 27.45 -34.62
C ARG H 258 -26.42 28.30 -33.52
N ALA H 259 -27.27 29.27 -33.87
CA ALA H 259 -27.97 30.10 -32.87
C ALA H 259 -29.01 29.27 -32.12
N GLU H 260 -29.68 28.35 -32.81
CA GLU H 260 -30.69 27.49 -32.23
C GLU H 260 -30.13 26.50 -31.20
N THR H 261 -29.01 25.83 -31.49
CA THR H 261 -28.41 24.93 -30.52
C THR H 261 -27.92 25.69 -29.30
N SER H 262 -27.40 26.89 -29.51
CA SER H 262 -26.92 27.75 -28.48
C SER H 262 -28.09 28.22 -27.60
N ASP H 263 -29.23 28.56 -28.20
CA ASP H 263 -30.42 29.00 -27.47
C ASP H 263 -30.93 27.88 -26.54
N VAL H 264 -30.97 26.61 -27.03
CA VAL H 264 -31.44 25.51 -26.21
C VAL H 264 -30.44 25.31 -25.04
N ALA H 265 -29.13 25.29 -25.34
CA ALA H 265 -28.12 25.10 -24.31
C ALA H 265 -28.18 26.20 -23.25
N ASN H 266 -28.32 27.47 -23.69
CA ASN H 266 -28.40 28.61 -22.78
C ASN H 266 -29.68 28.62 -21.98
N ALA H 267 -30.81 28.15 -22.51
CA ALA H 267 -32.05 28.05 -21.70
C ALA H 267 -31.80 27.06 -20.52
N VAL H 268 -31.12 25.93 -20.80
CA VAL H 268 -30.79 24.97 -19.76
C VAL H 268 -29.80 25.57 -18.75
N LEU H 269 -28.73 26.26 -19.23
CA LEU H 269 -27.77 26.89 -18.34
C LEU H 269 -28.40 28.03 -17.53
N ASP H 270 -29.39 28.73 -18.08
CA ASP H 270 -30.13 29.78 -17.36
C ASP H 270 -30.87 29.17 -16.14
N GLY H 271 -31.32 27.92 -16.24
CA GLY H 271 -32.03 27.24 -15.18
C GLY H 271 -33.46 26.82 -15.53
N ALA H 272 -33.79 26.72 -16.84
CA ALA H 272 -35.14 26.32 -17.22
C ALA H 272 -35.41 24.88 -16.82
N ASP H 273 -36.59 24.62 -16.28
CA ASP H 273 -36.97 23.25 -15.94
C ASP H 273 -37.38 22.51 -17.21
N CYS H 274 -38.07 23.19 -18.15
CA CYS H 274 -38.57 22.61 -19.37
C CYS H 274 -38.17 23.45 -20.57
N ILE H 275 -38.09 22.79 -21.73
CA ILE H 275 -37.86 23.47 -22.99
C ILE H 275 -38.99 22.99 -23.91
N MET H 276 -39.42 23.85 -24.84
CA MET H 276 -40.56 23.54 -25.66
C MET H 276 -40.29 23.57 -27.16
N LEU H 277 -41.08 22.78 -27.89
CA LEU H 277 -41.12 22.73 -29.34
C LEU H 277 -42.58 23.06 -29.75
N SER H 278 -42.76 23.94 -30.72
CA SER H 278 -44.08 24.36 -31.18
C SER H 278 -44.24 23.87 -32.61
N GLY H 279 -44.00 24.69 -33.63
CA GLY H 279 -44.15 24.24 -35.01
C GLY H 279 -43.21 23.08 -35.36
N GLU H 280 -42.07 22.99 -34.67
CA GLU H 280 -41.05 21.94 -34.88
C GLU H 280 -41.66 20.56 -34.71
N THR H 281 -42.66 20.41 -33.81
CA THR H 281 -43.33 19.13 -33.64
C THR H 281 -44.76 19.16 -34.11
N ALA H 282 -45.42 20.30 -34.15
CA ALA H 282 -46.84 20.35 -34.53
C ALA H 282 -47.07 20.24 -36.03
N LYS H 283 -46.23 20.89 -36.84
CA LYS H 283 -46.46 20.92 -38.26
C LYS H 283 -45.26 20.65 -39.15
N GLY H 284 -44.06 20.57 -38.58
CA GLY H 284 -42.86 20.43 -39.38
C GLY H 284 -42.59 19.07 -39.99
N ASN H 285 -41.51 18.96 -40.75
CA ASN H 285 -41.14 17.67 -41.36
C ASN H 285 -40.19 16.85 -40.47
N PHE H 286 -39.71 17.40 -39.33
CA PHE H 286 -38.75 16.67 -38.50
C PHE H 286 -39.18 16.63 -37.01
N PRO H 287 -40.43 16.25 -36.65
CA PRO H 287 -40.82 16.28 -35.22
C PRO H 287 -39.97 15.41 -34.29
N VAL H 288 -39.63 14.18 -34.72
CA VAL H 288 -38.85 13.24 -33.93
C VAL H 288 -37.41 13.75 -33.82
N GLU H 289 -36.84 14.22 -34.93
CA GLU H 289 -35.46 14.71 -34.91
C GLU H 289 -35.37 15.97 -34.05
N ALA H 290 -36.43 16.83 -34.01
CA ALA H 290 -36.37 18.04 -33.19
C ALA H 290 -36.37 17.65 -31.70
N VAL H 291 -37.10 16.60 -31.32
CA VAL H 291 -37.13 16.10 -29.94
C VAL H 291 -35.75 15.53 -29.60
N LYS H 292 -35.16 14.75 -30.52
CA LYS H 292 -33.82 14.18 -30.34
C LYS H 292 -32.75 15.26 -30.21
N MET H 293 -32.87 16.35 -30.96
CA MET H 293 -31.91 17.45 -30.90
C MET H 293 -32.00 18.18 -29.56
N GLN H 294 -33.23 18.44 -29.07
CA GLN H 294 -33.36 19.07 -27.75
C GLN H 294 -32.81 18.17 -26.66
N HIS H 295 -33.03 16.86 -26.78
CA HIS H 295 -32.52 15.87 -25.83
C HIS H 295 -31.00 15.91 -25.81
N ALA H 296 -30.35 15.83 -26.97
CA ALA H 296 -28.88 15.82 -27.08
C ALA H 296 -28.26 17.08 -26.52
N ILE H 297 -28.84 18.26 -26.84
CA ILE H 297 -28.30 19.53 -26.33
C ILE H 297 -28.49 19.65 -24.81
N ALA H 298 -29.69 19.35 -24.31
CA ALA H 298 -29.98 19.45 -22.88
C ALA H 298 -29.04 18.57 -22.04
N ARG H 299 -28.73 17.36 -22.48
CA ARG H 299 -27.80 16.48 -21.75
C ARG H 299 -26.42 17.12 -21.64
N GLU H 300 -25.93 17.70 -22.74
CA GLU H 300 -24.62 18.35 -22.74
C GLU H 300 -24.63 19.58 -21.83
N ALA H 301 -25.71 20.39 -21.89
CA ALA H 301 -25.80 21.62 -21.11
C ALA H 301 -25.96 21.37 -19.63
N GLU H 302 -26.68 20.30 -19.24
CA GLU H 302 -26.86 19.99 -17.83
C GLU H 302 -25.53 19.60 -17.17
N ALA H 303 -24.68 18.86 -17.87
CA ALA H 303 -23.35 18.53 -17.34
C ALA H 303 -22.47 19.78 -17.20
N ALA H 304 -22.70 20.82 -18.03
CA ALA H 304 -21.93 22.08 -18.00
C ALA H 304 -22.40 23.08 -16.96
N VAL H 305 -23.45 22.77 -16.19
CA VAL H 305 -23.94 23.66 -15.14
C VAL H 305 -22.87 23.72 -14.03
N TYR H 306 -22.57 24.93 -13.53
CA TYR H 306 -21.58 25.08 -12.47
C TYR H 306 -22.27 24.87 -11.13
N HIS H 307 -22.50 23.60 -10.75
CA HIS H 307 -23.23 23.27 -9.53
C HIS H 307 -22.64 23.85 -8.26
N ARG H 308 -21.31 24.00 -8.19
CA ARG H 308 -20.66 24.54 -6.99
C ARG H 308 -21.21 25.93 -6.63
N GLN H 309 -21.36 26.82 -7.64
CA GLN H 309 -21.90 28.15 -7.37
C GLN H 309 -23.42 28.09 -7.27
N LEU H 310 -24.09 27.34 -8.16
CA LEU H 310 -25.53 27.24 -8.14
C LEU H 310 -26.08 26.73 -6.79
N PHE H 311 -25.52 25.62 -6.26
CA PHE H 311 -25.97 25.08 -4.97
C PHE H 311 -25.71 26.06 -3.81
N GLU H 312 -24.54 26.70 -3.79
CA GLU H 312 -24.20 27.70 -2.77
C GLU H 312 -25.15 28.90 -2.83
N GLU H 313 -25.51 29.35 -4.04
CA GLU H 313 -26.43 30.47 -4.18
C GLU H 313 -27.87 30.11 -3.88
N LEU H 314 -28.32 28.90 -4.23
CA LEU H 314 -29.67 28.44 -3.92
C LEU H 314 -29.83 28.35 -2.40
N ARG H 315 -28.80 27.86 -1.69
CA ARG H 315 -28.93 27.73 -0.25
C ARG H 315 -28.84 29.10 0.44
N ARG H 316 -27.90 29.99 0.02
CA ARG H 316 -27.77 31.33 0.59
C ARG H 316 -29.01 32.19 0.39
N ALA H 317 -29.70 32.01 -0.74
CA ALA H 317 -30.90 32.78 -1.04
C ALA H 317 -32.15 32.21 -0.41
N ALA H 318 -32.23 30.89 -0.28
CA ALA H 318 -33.37 30.23 0.31
C ALA H 318 -33.40 30.52 1.79
N PRO H 319 -34.57 30.95 2.29
CA PRO H 319 -34.67 31.20 3.74
C PRO H 319 -34.67 29.91 4.56
N LEU H 320 -34.48 30.02 5.89
CA LEU H 320 -34.59 28.88 6.78
C LEU H 320 -35.99 28.24 6.64
N SER H 321 -36.09 26.94 6.84
CA SER H 321 -37.36 26.27 6.74
C SER H 321 -37.57 25.36 7.91
N ARG H 322 -38.78 25.30 8.39
CA ARG H 322 -39.15 24.36 9.43
C ARG H 322 -39.99 23.19 8.87
N ASP H 323 -40.12 23.08 7.54
CA ASP H 323 -40.87 22.02 6.91
C ASP H 323 -39.94 20.82 6.76
N PRO H 324 -40.30 19.68 7.37
CA PRO H 324 -39.41 18.52 7.31
C PRO H 324 -39.11 18.00 5.93
N THR H 325 -40.04 18.13 4.96
CA THR H 325 -39.79 17.68 3.61
C THR H 325 -38.67 18.51 2.99
N GLU H 326 -38.73 19.84 3.19
CA GLU H 326 -37.74 20.78 2.66
C GLU H 326 -36.37 20.53 3.34
N VAL H 327 -36.35 20.33 4.67
CA VAL H 327 -35.13 20.06 5.42
C VAL H 327 -34.49 18.73 4.98
N THR H 328 -35.32 17.68 4.76
CA THR H 328 -34.81 16.39 4.30
C THR H 328 -34.25 16.54 2.87
N ALA H 329 -34.95 17.29 2.02
CA ALA H 329 -34.52 17.52 0.63
C ALA H 329 -33.14 18.15 0.51
N ILE H 330 -32.82 19.18 1.30
CA ILE H 330 -31.49 19.81 1.26
C ILE H 330 -30.42 18.86 1.80
N GLY H 331 -30.76 18.08 2.83
CA GLY H 331 -29.84 17.09 3.38
C GLY H 331 -29.55 16.00 2.36
N ALA H 332 -30.59 15.56 1.63
CA ALA H 332 -30.43 14.52 0.62
C ALA H 332 -29.59 15.02 -0.56
N VAL H 333 -29.79 16.27 -0.99
CA VAL H 333 -29.01 16.84 -2.10
C VAL H 333 -27.56 17.04 -1.68
N GLU H 334 -27.33 17.49 -0.45
CA GLU H 334 -25.97 17.62 0.09
C GLU H 334 -25.28 16.25 0.13
N ALA H 335 -25.99 15.22 0.63
CA ALA H 335 -25.48 13.86 0.68
C ALA H 335 -25.19 13.33 -0.71
N ALA H 336 -26.08 13.56 -1.69
CA ALA H 336 -25.86 13.10 -3.06
C ALA H 336 -24.59 13.71 -3.70
N PHE H 337 -24.32 14.99 -3.48
CA PHE H 337 -23.11 15.65 -4.00
C PHE H 337 -21.85 15.09 -3.34
N LYS H 338 -21.92 14.79 -2.03
CA LYS H 338 -20.78 14.27 -1.26
C LYS H 338 -20.25 12.95 -1.83
N CYS H 339 -21.15 12.05 -2.23
CA CYS H 339 -20.77 10.73 -2.69
C CYS H 339 -20.92 10.52 -4.16
N CYS H 340 -21.26 11.57 -4.96
CA CYS H 340 -21.50 11.41 -6.40
C CYS H 340 -22.57 10.37 -6.65
N ALA H 341 -23.66 10.44 -5.86
CA ALA H 341 -24.76 9.46 -5.93
C ALA H 341 -25.31 9.39 -7.36
N ALA H 342 -25.57 8.18 -7.84
CA ALA H 342 -26.13 7.96 -9.17
C ALA H 342 -27.59 8.49 -9.21
N ALA H 343 -28.31 8.42 -8.09
CA ALA H 343 -29.71 8.85 -8.05
C ALA H 343 -30.16 9.16 -6.61
N ILE H 344 -31.25 9.90 -6.47
CA ILE H 344 -31.98 10.14 -5.24
C ILE H 344 -33.36 9.50 -5.54
N ILE H 345 -33.71 8.41 -4.85
CA ILE H 345 -34.99 7.74 -5.06
C ILE H 345 -35.93 8.28 -4.03
N VAL H 346 -37.07 8.84 -4.45
CA VAL H 346 -38.01 9.45 -3.54
C VAL H 346 -39.41 8.90 -3.72
N LEU H 347 -40.11 8.63 -2.62
CA LEU H 347 -41.49 8.19 -2.70
C LEU H 347 -42.34 9.44 -2.59
N THR H 348 -43.30 9.59 -3.49
CA THR H 348 -44.14 10.77 -3.45
C THR H 348 -45.57 10.48 -3.86
N THR H 349 -46.54 11.13 -3.20
CA THR H 349 -47.94 10.95 -3.53
C THR H 349 -48.37 12.07 -4.51
N THR H 350 -48.05 13.32 -4.20
CA THR H 350 -48.45 14.49 -4.99
C THR H 350 -47.34 15.01 -5.92
N GLY H 351 -46.11 14.54 -5.73
CA GLY H 351 -44.94 15.03 -6.43
C GLY H 351 -44.13 16.03 -5.62
N ARG H 352 -44.70 16.55 -4.51
CA ARG H 352 -44.06 17.62 -3.74
C ARG H 352 -42.66 17.29 -3.20
N SER H 353 -42.45 16.08 -2.65
CA SER H 353 -41.11 15.72 -2.15
C SER H 353 -40.08 15.71 -3.30
N ALA H 354 -40.49 15.31 -4.50
CA ALA H 354 -39.58 15.32 -5.65
C ALA H 354 -39.27 16.77 -6.07
N GLN H 355 -40.27 17.62 -6.04
CA GLN H 355 -40.12 19.03 -6.39
C GLN H 355 -39.16 19.74 -5.45
N LEU H 356 -39.24 19.42 -4.15
CA LEU H 356 -38.34 20.05 -3.17
C LEU H 356 -36.89 19.58 -3.34
N LEU H 357 -36.68 18.38 -3.86
CA LEU H 357 -35.32 17.90 -4.17
C LEU H 357 -34.80 18.64 -5.41
N SER H 358 -35.64 18.73 -6.44
CA SER H 358 -35.36 19.35 -7.72
C SER H 358 -34.95 20.85 -7.59
N ARG H 359 -35.55 21.60 -6.66
CA ARG H 359 -35.24 23.00 -6.46
C ARG H 359 -33.77 23.25 -6.05
N TYR H 360 -33.08 22.22 -5.47
CA TYR H 360 -31.66 22.38 -5.12
C TYR H 360 -30.70 21.96 -6.22
N ARG H 361 -31.26 21.60 -7.39
CA ARG H 361 -30.51 21.23 -8.58
C ARG H 361 -29.41 20.20 -8.32
N PRO H 362 -29.79 19.02 -7.82
CA PRO H 362 -28.78 17.97 -7.67
C PRO H 362 -28.30 17.50 -9.03
N ARG H 363 -27.06 17.01 -9.08
CA ARG H 363 -26.54 16.41 -10.28
C ARG H 363 -27.16 14.99 -10.39
N ALA H 364 -27.40 14.30 -9.25
CA ALA H 364 -28.03 12.97 -9.20
C ALA H 364 -29.46 13.06 -9.73
N ALA H 365 -29.87 12.08 -10.52
CA ALA H 365 -31.24 11.99 -11.04
C ALA H 365 -32.21 11.79 -9.85
N VAL H 366 -33.37 12.45 -9.87
CA VAL H 366 -34.37 12.25 -8.81
C VAL H 366 -35.38 11.26 -9.36
N ILE H 367 -35.31 10.01 -8.94
CA ILE H 367 -36.24 8.99 -9.41
C ILE H 367 -37.44 9.01 -8.48
N ALA H 368 -38.60 9.45 -8.96
CA ALA H 368 -39.79 9.60 -8.13
C ALA H 368 -40.74 8.45 -8.32
N VAL H 369 -40.96 7.66 -7.27
CA VAL H 369 -41.85 6.52 -7.34
C VAL H 369 -43.19 6.91 -6.76
N THR H 370 -44.24 6.77 -7.57
CA THR H 370 -45.58 7.17 -7.14
C THR H 370 -46.64 6.25 -7.67
N ARG H 371 -47.77 6.16 -6.95
CA ARG H 371 -48.94 5.43 -7.42
C ARG H 371 -49.90 6.34 -8.18
N SER H 372 -49.77 7.65 -8.03
CA SER H 372 -50.62 8.60 -8.71
C SER H 372 -50.17 8.77 -10.14
N ALA H 373 -51.00 8.32 -11.10
CA ALA H 373 -50.71 8.48 -12.51
C ALA H 373 -50.62 9.98 -12.87
N GLN H 374 -51.48 10.81 -12.28
CA GLN H 374 -51.43 12.26 -12.51
C GLN H 374 -50.14 12.90 -11.97
N ALA H 375 -49.74 12.55 -10.73
CA ALA H 375 -48.50 13.10 -10.18
C ALA H 375 -47.30 12.67 -11.00
N ALA H 376 -47.28 11.43 -11.48
CA ALA H 376 -46.20 10.92 -12.32
C ALA H 376 -46.08 11.78 -13.61
N ARG H 377 -47.20 12.19 -14.20
CA ARG H 377 -47.18 13.03 -15.39
C ARG H 377 -46.75 14.47 -15.04
N GLN H 378 -47.29 15.03 -13.97
CA GLN H 378 -46.99 16.41 -13.58
C GLN H 378 -45.57 16.68 -13.12
N VAL H 379 -44.89 15.72 -12.49
CA VAL H 379 -43.52 15.98 -12.01
C VAL H 379 -42.51 16.23 -13.14
N HIS H 380 -42.90 15.97 -14.39
CA HIS H 380 -42.06 16.29 -15.54
C HIS H 380 -41.80 17.82 -15.61
N LEU H 381 -42.65 18.63 -14.96
CA LEU H 381 -42.43 20.07 -14.91
C LEU H 381 -41.16 20.43 -14.11
N CYS H 382 -40.69 19.54 -13.22
CA CYS H 382 -39.52 19.80 -12.34
C CYS H 382 -38.29 19.19 -12.87
N ARG H 383 -37.26 19.98 -13.13
CA ARG H 383 -36.00 19.46 -13.67
C ARG H 383 -35.41 18.33 -12.87
N GLY H 384 -35.00 17.29 -13.57
CA GLY H 384 -34.29 16.18 -12.98
C GLY H 384 -35.15 15.20 -12.27
N VAL H 385 -36.48 15.28 -12.44
CA VAL H 385 -37.37 14.31 -11.81
C VAL H 385 -37.80 13.28 -12.87
N PHE H 386 -37.48 12.01 -12.64
CA PHE H 386 -37.80 10.88 -13.51
C PHE H 386 -38.91 10.09 -12.82
N PRO H 387 -40.16 10.24 -13.27
CA PRO H 387 -41.27 9.57 -12.57
C PRO H 387 -41.46 8.11 -12.96
N LEU H 388 -41.72 7.28 -11.97
CA LEU H 388 -41.99 5.88 -12.18
C LEU H 388 -43.35 5.61 -11.60
N LEU H 389 -44.27 5.11 -12.42
CA LEU H 389 -45.60 4.80 -11.95
C LEU H 389 -45.64 3.37 -11.38
N TYR H 390 -45.87 3.24 -10.08
CA TYR H 390 -45.94 1.97 -9.37
C TYR H 390 -47.39 1.47 -9.41
N ARG H 391 -47.60 0.25 -9.89
CA ARG H 391 -48.95 -0.26 -10.09
C ARG H 391 -49.40 -1.32 -9.09
N GLU H 392 -48.50 -1.88 -8.30
CA GLU H 392 -48.86 -2.95 -7.35
C GLU H 392 -49.74 -2.44 -6.21
N PRO H 393 -50.70 -3.26 -5.76
CA PRO H 393 -51.51 -2.84 -4.61
C PRO H 393 -50.66 -2.80 -3.32
N PRO H 394 -51.05 -1.98 -2.33
CA PRO H 394 -50.27 -1.89 -1.10
C PRO H 394 -50.10 -3.19 -0.32
N GLU H 395 -48.90 -3.41 0.20
CA GLU H 395 -48.58 -4.53 1.07
C GLU H 395 -49.29 -4.31 2.42
N ALA H 396 -49.53 -5.40 3.16
CA ALA H 396 -50.18 -5.33 4.46
C ALA H 396 -49.28 -4.59 5.47
N ILE H 397 -47.96 -4.83 5.40
CA ILE H 397 -47.03 -4.13 6.26
C ILE H 397 -46.51 -2.90 5.50
N TRP H 398 -46.78 -1.70 6.03
CA TRP H 398 -46.43 -0.45 5.38
C TRP H 398 -44.94 -0.34 5.09
N ALA H 399 -44.06 -0.72 6.04
CA ALA H 399 -42.63 -0.73 5.80
C ALA H 399 -42.23 -1.61 4.58
N ASP H 400 -42.93 -2.73 4.35
CA ASP H 400 -42.68 -3.58 3.19
C ASP H 400 -43.15 -2.89 1.90
N ASP H 401 -44.28 -2.16 1.94
CA ASP H 401 -44.78 -1.45 0.76
C ASP H 401 -43.78 -0.32 0.38
N VAL H 402 -43.19 0.35 1.39
CA VAL H 402 -42.17 1.36 1.17
C VAL H 402 -40.96 0.69 0.49
N ASP H 403 -40.44 -0.43 1.04
CA ASP H 403 -39.28 -1.17 0.50
C ASP H 403 -39.53 -1.68 -0.93
N ARG H 404 -40.72 -2.19 -1.22
CA ARG H 404 -41.04 -2.68 -2.56
C ARG H 404 -40.96 -1.57 -3.59
N ARG H 405 -41.42 -0.35 -3.24
CA ARG H 405 -41.38 0.81 -4.14
C ARG H 405 -39.96 1.29 -4.33
N VAL H 406 -39.11 1.23 -3.27
CA VAL H 406 -37.71 1.61 -3.37
C VAL H 406 -37.02 0.62 -4.33
N GLN H 407 -37.31 -0.69 -4.19
CA GLN H 407 -36.75 -1.74 -5.05
C GLN H 407 -37.25 -1.60 -6.48
N PHE H 408 -38.48 -1.15 -6.68
CA PHE H 408 -39.00 -0.88 -8.02
C PHE H 408 -38.21 0.28 -8.67
N GLY H 409 -37.87 1.32 -7.88
CA GLY H 409 -37.04 2.43 -8.34
C GLY H 409 -35.65 1.98 -8.74
N ILE H 410 -35.05 1.08 -7.95
CA ILE H 410 -33.74 0.50 -8.23
C ILE H 410 -33.77 -0.37 -9.49
N GLU H 411 -34.73 -1.28 -9.59
CA GLU H 411 -34.85 -2.15 -10.75
C GLU H 411 -35.13 -1.37 -12.05
N SER H 412 -35.97 -0.31 -11.98
CA SER H 412 -36.22 0.52 -13.16
C SER H 412 -34.93 1.27 -13.52
N GLY H 413 -34.22 1.79 -12.52
CA GLY H 413 -32.98 2.49 -12.71
C GLY H 413 -31.91 1.64 -13.36
N LYS H 414 -31.83 0.36 -12.96
CA LYS H 414 -30.85 -0.57 -13.53
C LYS H 414 -31.20 -0.86 -14.99
N LEU H 415 -32.47 -1.10 -15.27
CA LEU H 415 -32.95 -1.38 -16.63
C LEU H 415 -32.71 -0.20 -17.57
N ARG H 416 -32.94 1.03 -17.07
CA ARG H 416 -32.81 2.21 -17.90
C ARG H 416 -31.41 2.77 -17.99
N GLY H 417 -30.44 2.24 -17.23
CA GLY H 417 -29.06 2.71 -17.27
C GLY H 417 -28.68 3.76 -16.24
N PHE H 418 -29.61 4.17 -15.37
CA PHE H 418 -29.30 5.14 -14.32
C PHE H 418 -28.37 4.53 -13.24
N LEU H 419 -28.55 3.24 -12.94
CA LEU H 419 -27.88 2.58 -11.82
C LEU H 419 -27.20 1.32 -12.22
N ARG H 420 -26.16 0.99 -11.46
CA ARG H 420 -25.38 -0.22 -11.61
C ARG H 420 -24.99 -0.70 -10.19
N VAL H 421 -24.70 -2.00 -10.05
CA VAL H 421 -24.21 -2.58 -8.79
C VAL H 421 -22.96 -1.83 -8.31
N GLY H 422 -22.94 -1.47 -7.04
CA GLY H 422 -21.83 -0.70 -6.49
C GLY H 422 -22.10 0.79 -6.39
N ASP H 423 -23.13 1.29 -7.09
CA ASP H 423 -23.48 2.70 -7.02
C ASP H 423 -24.05 3.05 -5.64
N LEU H 424 -23.92 4.31 -5.25
CA LEU H 424 -24.55 4.79 -4.04
C LEU H 424 -25.80 5.57 -4.47
N VAL H 425 -26.91 5.35 -3.78
CA VAL H 425 -28.12 6.13 -4.00
C VAL H 425 -28.55 6.75 -2.64
N ILE H 426 -29.28 7.85 -2.73
CA ILE H 426 -29.89 8.47 -1.56
C ILE H 426 -31.38 8.11 -1.66
N VAL H 427 -31.99 7.60 -0.59
CA VAL H 427 -33.40 7.21 -0.62
C VAL H 427 -34.18 8.11 0.34
N VAL H 428 -35.21 8.80 -0.17
CA VAL H 428 -36.03 9.74 0.58
C VAL H 428 -37.44 9.19 0.80
N THR H 429 -37.83 9.07 2.07
CA THR H 429 -39.11 8.51 2.47
C THR H 429 -39.71 9.33 3.64
N GLY H 430 -40.87 8.93 4.13
CA GLY H 430 -41.51 9.56 5.28
C GLY H 430 -41.79 8.57 6.40
N TRP H 431 -42.31 9.06 7.51
CA TRP H 431 -42.49 8.27 8.72
C TRP H 431 -43.89 7.62 8.83
N ARG H 432 -44.85 8.02 8.00
CA ARG H 432 -46.19 7.44 8.02
C ARG H 432 -46.80 7.54 6.59
N PRO H 433 -47.84 6.73 6.32
CA PRO H 433 -48.51 6.82 5.01
C PRO H 433 -49.16 8.20 4.82
N GLY H 434 -49.42 8.53 3.56
CA GLY H 434 -50.06 9.77 3.22
C GLY H 434 -49.07 10.84 2.91
N SER H 435 -49.51 11.81 2.13
CA SER H 435 -48.77 12.97 1.68
C SER H 435 -48.37 13.89 2.83
N GLY H 436 -47.20 14.52 2.71
CA GLY H 436 -46.74 15.55 3.66
C GLY H 436 -45.88 15.10 4.80
N TYR H 437 -45.48 13.82 4.85
CA TYR H 437 -44.68 13.32 5.96
C TYR H 437 -43.27 12.87 5.64
N THR H 438 -42.71 13.34 4.52
CA THR H 438 -41.31 12.97 4.19
C THR H 438 -40.39 13.53 5.25
N ASN H 439 -39.50 12.70 5.79
CA ASN H 439 -38.58 13.19 6.82
C ASN H 439 -37.32 12.32 6.94
N ILE H 440 -37.06 11.39 6.01
CA ILE H 440 -35.94 10.49 6.16
C ILE H 440 -35.15 10.41 4.89
N MET H 441 -33.83 10.43 5.04
CA MET H 441 -32.93 10.20 3.96
C MET H 441 -31.94 9.09 4.38
N ARG H 442 -31.72 8.12 3.51
CA ARG H 442 -30.83 6.99 3.75
CA ARG H 442 -30.79 7.05 3.78
C ARG H 442 -29.79 6.86 2.64
N VAL H 443 -28.56 6.44 2.96
CA VAL H 443 -27.51 6.21 1.97
C VAL H 443 -27.45 4.71 1.71
N LEU H 444 -27.76 4.30 0.49
CA LEU H 444 -27.88 2.89 0.14
C LEU H 444 -26.88 2.49 -0.95
N SER H 445 -26.26 1.32 -0.79
CA SER H 445 -25.35 0.80 -1.80
C SER H 445 -26.13 -0.17 -2.69
N ILE H 446 -26.06 0.00 -4.00
CA ILE H 446 -26.79 -0.86 -4.93
C ILE H 446 -26.18 -2.25 -5.02
N SER H 447 -26.97 -3.29 -4.79
CA SER H 447 -26.54 -4.69 -4.88
C SER H 447 -27.26 -5.41 -6.04
#